data_7D0I
#
_entry.id   7D0I
#
_cell.length_a   1.00
_cell.length_b   1.00
_cell.length_c   1.00
_cell.angle_alpha   90.00
_cell.angle_beta   90.00
_cell.angle_gamma   90.00
#
_symmetry.space_group_name_H-M   'P 1'
#
loop_
_entity.id
_entity.type
_entity.pdbx_description
1 polymer 'Autophagy-related protein 9'
2 non-polymer 'Lauryl Maltose Neopentyl Glycol'
#
_entity_poly.entity_id   1
_entity_poly.type   'polypeptide(L)'
_entity_poly.pdbx_seq_one_letter_code
;MFYQPAQNKKQYDDLADIEAQNNVPNTQEVLEAWQESLDSDEDESSPLEESNGFTISEHDDFVKSVPRKNNPTDLLYSGK
LLDSDEPPSVHGNSSKVPSKHPSPSFPETTSLRNLQNGSKQKPALPNFNDPHFYNEDVTRSGHPNRSIYTQLPRNEFSNA
RVLWNRLSARDRVLWRWANVENLDSFLQQVYTYYTGKGLSCIIVHRLFQILTVSFVIGFTTFITSCIDWPAVTPHGSLAG
VTKSQCIAQMSPITYLVLWLFLSFLLALWIYYLTDIPRLWQMREFYIHALKIATADMPTVSWQRVLYRLLKLKNVNALTA
EDGRVVSLHNMKRLDAYAIANRIMRKDNYFIALINNGIINIELPLLHRRILTHTTEWNINWCIFNFVFDEQGQLRSAFRN
PNSRKRLSEELRRRFIVAGFLNCLFAPIVAIYLVIHNFFRYFNEYHKNPGALSTRRYTPLALWTFREYNELQHFFDERIN
DSYAAASHYVSQFPDFNMIRLFKYISFILGSFTAILVIITVFDPELMVTFEITKDRSVLFYLGLFGSLIAVSRSIIPDET
LVFAPEKALRRVITFTHYMPGWWSDNMHSKAVQQEFCSLYSYRIVNLLWEILGILLTPVLLFFTFPSCSQDIVDFFREHT
INVEGVGYVCSYAVFQDNPPYESVASLVQSRKISPLIQNKPELSRIYFYEQFNTEAPRRDLRGSLEVLFQ
;
_entity_poly.pdbx_strand_id   B,D,F,H,J,L
#
loop_
_chem_comp.id
_chem_comp.type
_chem_comp.name
_chem_comp.formula
LMN non-polymer 'Lauryl Maltose Neopentyl Glycol' 'C47 H88 O22'
#
# COMPACT_ATOMS: atom_id res chain seq x y z
N TRP A 177 35.41 -25.90 -19.88
CA TRP A 177 35.72 -24.58 -19.37
C TRP A 177 36.25 -24.65 -17.94
N ALA A 178 36.43 -25.87 -17.44
CA ALA A 178 36.96 -26.04 -16.10
C ALA A 178 38.43 -25.67 -16.01
N ASN A 179 39.11 -25.46 -17.14
CA ASN A 179 40.53 -25.14 -17.17
C ASN A 179 40.78 -23.74 -17.71
N VAL A 180 39.87 -22.80 -17.42
CA VAL A 180 39.99 -21.46 -17.98
C VAL A 180 41.13 -20.70 -17.33
N GLU A 181 41.07 -20.54 -16.01
CA GLU A 181 42.03 -19.78 -15.21
C GLU A 181 42.15 -18.33 -15.65
N ASN A 182 41.27 -17.88 -16.54
CA ASN A 182 41.18 -16.52 -17.04
C ASN A 182 39.72 -16.07 -17.05
N LEU A 183 39.06 -16.26 -15.91
CA LEU A 183 37.61 -16.13 -15.84
C LEU A 183 37.10 -14.80 -16.36
N ASP A 184 37.87 -13.72 -16.18
CA ASP A 184 37.38 -12.41 -16.58
C ASP A 184 37.17 -12.33 -18.08
N SER A 185 38.18 -12.71 -18.86
CA SER A 185 38.05 -12.65 -20.31
C SER A 185 37.03 -13.66 -20.81
N PHE A 186 36.91 -14.81 -20.15
CA PHE A 186 35.88 -15.77 -20.55
C PHE A 186 34.49 -15.19 -20.36
N LEU A 187 34.25 -14.54 -19.22
CA LEU A 187 32.95 -13.93 -18.98
C LEU A 187 32.69 -12.78 -19.95
N GLN A 188 33.74 -12.00 -20.27
CA GLN A 188 33.57 -10.94 -21.24
C GLN A 188 33.23 -11.49 -22.61
N GLN A 189 33.79 -12.64 -22.97
CA GLN A 189 33.47 -13.22 -24.27
C GLN A 189 32.07 -13.81 -24.29
N VAL A 190 31.66 -14.43 -23.18
CA VAL A 190 30.27 -14.86 -23.04
C VAL A 190 29.34 -13.68 -23.25
N TYR A 191 29.67 -12.54 -22.63
CA TYR A 191 28.78 -11.38 -22.73
C TYR A 191 28.76 -10.80 -24.13
N THR A 192 29.92 -10.71 -24.78
CA THR A 192 29.92 -10.14 -26.13
C THR A 192 29.37 -11.11 -27.16
N TYR A 193 29.33 -12.40 -26.86
CA TYR A 193 28.59 -13.31 -27.72
C TYR A 193 27.10 -13.18 -27.49
N TYR A 194 26.68 -12.86 -26.27
CA TYR A 194 25.28 -12.58 -26.03
C TYR A 194 24.83 -11.32 -26.75
N THR A 195 25.54 -10.21 -26.54
CA THR A 195 25.12 -8.95 -27.14
C THR A 195 25.31 -8.93 -28.64
N GLY A 196 26.23 -9.73 -29.17
CA GLY A 196 26.29 -9.88 -30.61
C GLY A 196 25.20 -10.73 -31.20
N LYS A 197 24.46 -11.44 -30.34
CA LYS A 197 23.32 -12.26 -30.75
C LYS A 197 23.75 -13.42 -31.64
N GLY A 198 24.75 -14.16 -31.19
CA GLY A 198 25.10 -15.41 -31.81
C GLY A 198 26.11 -15.26 -32.93
N LEU A 199 26.72 -16.40 -33.29
CA LEU A 199 27.76 -16.41 -34.31
C LEU A 199 27.22 -15.91 -35.64
N SER A 200 25.99 -16.27 -35.98
CA SER A 200 25.41 -15.84 -37.24
C SER A 200 25.38 -14.33 -37.35
N CYS A 201 24.78 -13.67 -36.35
CA CYS A 201 24.64 -12.22 -36.39
C CYS A 201 26.00 -11.54 -36.30
N ILE A 202 26.91 -12.09 -35.49
CA ILE A 202 28.23 -11.48 -35.36
C ILE A 202 28.97 -11.51 -36.69
N ILE A 203 28.95 -12.67 -37.36
CA ILE A 203 29.63 -12.80 -38.63
C ILE A 203 29.00 -11.91 -39.68
N VAL A 204 27.67 -11.82 -39.70
CA VAL A 204 26.99 -10.98 -40.67
C VAL A 204 27.36 -9.51 -40.46
N HIS A 205 27.38 -9.06 -39.20
CA HIS A 205 27.71 -7.67 -38.94
C HIS A 205 29.15 -7.36 -39.32
N ARG A 206 30.09 -8.24 -38.96
CA ARG A 206 31.47 -8.00 -39.33
C ARG A 206 31.65 -7.99 -40.84
N LEU A 207 30.96 -8.90 -41.53
CA LEU A 207 31.05 -8.96 -42.99
C LEU A 207 30.54 -7.67 -43.62
N PHE A 208 29.37 -7.22 -43.20
CA PHE A 208 28.85 -5.98 -43.78
C PHE A 208 29.67 -4.78 -43.37
N GLN A 209 30.38 -4.86 -42.24
CA GLN A 209 31.26 -3.76 -41.84
C GLN A 209 32.45 -3.64 -42.79
N ILE A 210 33.13 -4.77 -43.05
CA ILE A 210 34.24 -4.71 -44.00
C ILE A 210 33.73 -4.41 -45.40
N LEU A 211 32.52 -4.84 -45.74
CA LEU A 211 31.96 -4.52 -47.05
C LEU A 211 31.68 -3.03 -47.19
N THR A 212 31.17 -2.40 -46.13
CA THR A 212 30.93 -0.96 -46.16
C THR A 212 32.24 -0.20 -46.29
N VAL A 213 33.26 -0.60 -45.52
CA VAL A 213 34.55 0.07 -45.63
C VAL A 213 35.11 -0.07 -47.04
N SER A 214 35.06 -1.29 -47.58
CA SER A 214 35.63 -1.52 -48.92
C SER A 214 34.83 -0.78 -49.99
N PHE A 215 33.51 -0.69 -49.84
CA PHE A 215 32.74 0.06 -50.80
C PHE A 215 33.09 1.54 -50.76
N VAL A 216 33.22 2.10 -49.56
CA VAL A 216 33.63 3.50 -49.47
C VAL A 216 34.97 3.71 -50.16
N ILE A 217 35.92 2.82 -49.90
CA ILE A 217 37.25 2.95 -50.49
C ILE A 217 37.17 2.87 -52.02
N GLY A 218 36.49 1.84 -52.53
CA GLY A 218 36.43 1.66 -53.97
C GLY A 218 35.68 2.77 -54.68
N PHE A 219 34.56 3.20 -54.13
CA PHE A 219 33.78 4.26 -54.75
C PHE A 219 34.53 5.58 -54.72
N THR A 220 35.25 5.86 -53.63
CA THR A 220 36.00 7.11 -53.57
C THR A 220 37.18 7.08 -54.54
N THR A 221 37.82 5.93 -54.70
CA THR A 221 38.90 5.85 -55.67
C THR A 221 38.40 5.76 -57.10
N PHE A 222 37.11 5.47 -57.30
CA PHE A 222 36.53 5.45 -58.63
C PHE A 222 36.06 6.82 -59.08
N ILE A 223 35.23 7.49 -58.28
CA ILE A 223 34.70 8.78 -58.69
C ILE A 223 35.79 9.83 -58.84
N THR A 224 36.96 9.59 -58.26
CA THR A 224 38.10 10.47 -58.44
C THR A 224 39.09 9.98 -59.49
N SER A 225 38.94 8.74 -59.96
CA SER A 225 39.80 8.18 -60.99
C SER A 225 39.17 6.96 -61.65
N PRO A 252 51.22 6.58 -58.29
CA PRO A 252 51.85 7.71 -57.58
C PRO A 252 51.28 7.89 -56.18
N ILE A 253 50.91 9.13 -55.86
CA ILE A 253 50.36 9.42 -54.53
C ILE A 253 49.01 8.74 -54.35
N THR A 254 48.15 8.80 -55.39
CA THR A 254 46.86 8.12 -55.32
C THR A 254 47.03 6.62 -55.14
N TYR A 255 47.93 6.01 -55.92
CA TYR A 255 48.18 4.58 -55.79
C TYR A 255 48.69 4.24 -54.40
N LEU A 256 49.58 5.07 -53.84
CA LEU A 256 50.15 4.77 -52.54
C LEU A 256 49.10 4.87 -51.43
N VAL A 257 48.29 5.92 -51.45
CA VAL A 257 47.29 6.06 -50.40
C VAL A 257 46.21 4.99 -50.55
N LEU A 258 45.87 4.61 -51.78
CA LEU A 258 44.94 3.51 -51.96
C LEU A 258 45.51 2.20 -51.43
N TRP A 259 46.80 1.97 -51.66
CA TRP A 259 47.45 0.77 -51.12
C TRP A 259 47.41 0.78 -49.60
N LEU A 260 47.63 1.95 -48.99
CA LEU A 260 47.56 2.06 -47.54
C LEU A 260 46.17 1.70 -47.02
N PHE A 261 45.14 2.31 -47.61
CA PHE A 261 43.77 2.03 -47.19
C PHE A 261 43.43 0.56 -47.35
N LEU A 262 43.79 -0.04 -48.48
CA LEU A 262 43.45 -1.44 -48.69
C LEU A 262 44.27 -2.36 -47.80
N SER A 263 45.47 -1.94 -47.39
CA SER A 263 46.22 -2.73 -46.43
C SER A 263 45.54 -2.71 -45.06
N PHE A 264 45.00 -1.56 -44.66
CA PHE A 264 44.23 -1.51 -43.42
C PHE A 264 42.99 -2.39 -43.52
N LEU A 265 42.30 -2.33 -44.66
CA LEU A 265 41.15 -3.20 -44.86
C LEU A 265 41.53 -4.67 -44.77
N LEU A 266 42.66 -5.04 -45.37
CA LEU A 266 43.09 -6.44 -45.33
C LEU A 266 43.49 -6.85 -43.92
N ALA A 267 44.07 -5.93 -43.14
CA ALA A 267 44.34 -6.22 -41.74
C ALA A 267 43.06 -6.51 -40.99
N LEU A 268 42.03 -5.68 -41.21
CA LEU A 268 40.73 -5.92 -40.58
C LEU A 268 40.17 -7.29 -40.96
N TRP A 269 40.22 -7.60 -42.26
CA TRP A 269 39.73 -8.89 -42.74
C TRP A 269 40.48 -10.05 -42.07
N ILE A 270 41.80 -9.94 -42.01
CA ILE A 270 42.61 -11.02 -41.45
C ILE A 270 42.30 -11.19 -39.97
N TYR A 271 42.09 -10.09 -39.26
CA TYR A 271 41.73 -10.20 -37.84
C TYR A 271 40.40 -10.92 -37.67
N TYR A 272 39.39 -10.55 -38.47
CA TYR A 272 38.10 -11.20 -38.35
C TYR A 272 38.21 -12.70 -38.63
N LEU A 273 38.93 -13.06 -39.69
CA LEU A 273 39.14 -14.47 -39.99
C LEU A 273 39.88 -15.17 -38.87
N THR A 274 40.80 -14.47 -38.21
CA THR A 274 41.52 -15.06 -37.09
C THR A 274 40.60 -15.30 -35.91
N ASP A 275 39.64 -14.40 -35.69
CA ASP A 275 38.80 -14.49 -34.51
C ASP A 275 37.65 -15.47 -34.65
N ILE A 276 37.27 -15.83 -35.88
CA ILE A 276 36.17 -16.78 -36.09
C ILE A 276 36.24 -18.03 -35.20
N PRO A 277 37.39 -18.70 -35.03
CA PRO A 277 37.39 -19.92 -34.22
C PRO A 277 36.99 -19.71 -32.77
N ARG A 278 37.38 -18.59 -32.16
CA ARG A 278 36.94 -18.30 -30.80
C ARG A 278 35.43 -18.16 -30.74
N LEU A 279 34.85 -17.53 -31.76
CA LEU A 279 33.40 -17.47 -31.86
C LEU A 279 32.79 -18.86 -31.93
N TRP A 280 33.44 -19.78 -32.64
CA TRP A 280 32.88 -21.13 -32.71
C TRP A 280 32.96 -21.81 -31.35
N GLN A 281 34.08 -21.65 -30.64
CA GLN A 281 34.19 -22.21 -29.30
C GLN A 281 33.07 -21.69 -28.40
N MET A 282 32.80 -20.39 -28.48
CA MET A 282 31.77 -19.81 -27.62
C MET A 282 30.37 -20.26 -28.05
N ARG A 283 30.14 -20.44 -29.35
CA ARG A 283 28.85 -20.96 -29.79
C ARG A 283 28.63 -22.37 -29.28
N GLU A 284 29.68 -23.19 -29.29
CA GLU A 284 29.56 -24.53 -28.73
C GLU A 284 29.26 -24.46 -27.23
N PHE A 285 29.97 -23.59 -26.51
CA PHE A 285 29.69 -23.45 -25.08
C PHE A 285 28.26 -22.98 -24.84
N TYR A 286 27.69 -22.18 -25.73
CA TYR A 286 26.34 -21.71 -25.55
C TYR A 286 25.33 -22.82 -25.80
N ILE A 287 25.51 -23.56 -26.89
CA ILE A 287 24.53 -24.60 -27.25
C ILE A 287 24.61 -25.76 -26.27
N HIS A 288 25.81 -26.29 -26.05
CA HIS A 288 25.94 -27.51 -25.26
C HIS A 288 25.84 -27.24 -23.77
N ALA A 289 26.76 -26.43 -23.23
CA ALA A 289 26.82 -26.25 -21.78
C ALA A 289 25.65 -25.41 -21.27
N LEU A 290 25.38 -24.28 -21.91
CA LEU A 290 24.30 -23.41 -21.46
C LEU A 290 22.93 -23.90 -21.89
N LYS A 291 22.86 -24.74 -22.92
CA LYS A 291 21.58 -25.24 -23.46
C LYS A 291 20.67 -24.07 -23.85
N ILE A 292 21.22 -23.15 -24.64
CA ILE A 292 20.46 -22.06 -25.23
C ILE A 292 20.44 -22.28 -26.74
N ALA A 293 19.23 -22.37 -27.30
CA ALA A 293 19.08 -22.71 -28.70
C ALA A 293 19.63 -21.61 -29.60
N THR A 294 20.18 -22.03 -30.74
CA THR A 294 20.69 -21.07 -31.72
C THR A 294 19.60 -20.14 -32.23
N ALA A 295 18.34 -20.57 -32.18
CA ALA A 295 17.23 -19.73 -32.59
C ALA A 295 16.73 -18.83 -31.48
N ASP A 296 17.11 -19.10 -30.24
CA ASP A 296 16.74 -18.27 -29.11
C ASP A 296 17.73 -17.13 -28.87
N MET A 297 18.77 -17.02 -29.70
CA MET A 297 19.80 -16.02 -29.44
C MET A 297 19.29 -14.59 -29.59
N PRO A 298 18.63 -14.20 -30.69
CA PRO A 298 18.24 -12.80 -30.83
C PRO A 298 17.22 -12.32 -29.82
N THR A 299 16.62 -13.22 -29.02
CA THR A 299 15.54 -12.83 -28.13
C THR A 299 15.75 -13.24 -26.68
N VAL A 300 16.75 -14.06 -26.36
CA VAL A 300 16.97 -14.44 -24.98
C VAL A 300 17.50 -13.24 -24.19
N SER A 301 17.18 -13.20 -22.91
CA SER A 301 17.61 -12.12 -22.05
C SER A 301 18.93 -12.48 -21.36
N TRP A 302 19.53 -11.48 -20.72
CA TRP A 302 20.76 -11.73 -19.98
C TRP A 302 20.49 -12.43 -18.66
N GLN A 303 19.32 -12.20 -18.06
CA GLN A 303 19.00 -12.92 -16.84
C GLN A 303 18.83 -14.41 -17.08
N ARG A 304 18.33 -14.80 -18.25
CA ARG A 304 18.23 -16.21 -18.58
C ARG A 304 19.60 -16.83 -18.77
N VAL A 305 20.51 -16.10 -19.41
CA VAL A 305 21.88 -16.59 -19.56
C VAL A 305 22.54 -16.71 -18.20
N LEU A 306 22.30 -15.75 -17.31
CA LEU A 306 22.85 -15.84 -15.96
C LEU A 306 22.29 -17.04 -15.22
N TYR A 307 20.99 -17.30 -15.37
CA TYR A 307 20.37 -18.45 -14.74
C TYR A 307 21.03 -19.74 -15.20
N ARG A 308 21.16 -19.91 -16.53
CA ARG A 308 21.81 -21.11 -17.05
C ARG A 308 23.26 -21.20 -16.58
N LEU A 309 23.95 -20.07 -16.51
CA LEU A 309 25.36 -20.10 -16.16
C LEU A 309 25.57 -20.45 -14.69
N LEU A 310 24.66 -19.99 -13.82
CA LEU A 310 24.74 -20.40 -12.42
C LEU A 310 24.37 -21.86 -12.26
N LYS A 311 23.39 -22.34 -13.04
CA LYS A 311 23.08 -23.76 -13.04
C LYS A 311 24.30 -24.59 -13.38
N LEU A 312 24.99 -24.23 -14.47
CA LEU A 312 26.16 -24.99 -14.89
C LEU A 312 27.22 -25.06 -13.79
N LYS A 313 27.41 -23.98 -13.05
CA LYS A 313 28.41 -23.97 -12.00
C LYS A 313 28.03 -23.01 -10.87
N LYS A 332 35.45 -18.17 -8.10
CA LYS A 332 34.97 -18.54 -6.78
C LYS A 332 33.46 -18.40 -6.67
N ARG A 333 32.94 -17.31 -7.22
CA ARG A 333 31.51 -17.02 -7.18
C ARG A 333 31.05 -16.58 -8.56
N LEU A 334 29.79 -16.89 -8.87
CA LEU A 334 29.22 -16.53 -10.16
C LEU A 334 27.84 -15.93 -9.98
N ASP A 335 27.67 -15.09 -8.95
CA ASP A 335 26.47 -14.31 -8.80
C ASP A 335 26.31 -13.36 -9.99
N ALA A 336 25.13 -12.76 -10.10
CA ALA A 336 24.93 -11.74 -11.13
C ALA A 336 25.84 -10.55 -10.89
N TYR A 337 25.91 -10.09 -9.64
CA TYR A 337 26.74 -8.93 -9.31
C TYR A 337 28.22 -9.24 -9.49
N ALA A 338 28.64 -10.45 -9.16
CA ALA A 338 30.04 -10.81 -9.35
C ALA A 338 30.40 -10.86 -10.83
N ILE A 339 29.51 -11.40 -11.65
CA ILE A 339 29.80 -11.46 -13.07
C ILE A 339 29.79 -10.07 -13.69
N ALA A 340 28.93 -9.19 -13.20
CA ALA A 340 28.98 -7.80 -13.65
C ALA A 340 30.27 -7.13 -13.24
N ASN A 341 30.77 -7.40 -12.04
CA ASN A 341 32.04 -6.81 -11.62
C ASN A 341 33.21 -7.37 -12.40
N ARG A 342 33.11 -8.59 -12.89
CA ARG A 342 34.21 -9.16 -13.66
C ARG A 342 34.16 -8.75 -15.12
N ILE A 343 32.98 -8.54 -15.69
CA ILE A 343 32.88 -8.07 -17.06
C ILE A 343 33.27 -6.61 -17.15
N MET A 344 32.82 -5.79 -16.20
CA MET A 344 33.04 -4.37 -16.21
C MET A 344 34.18 -3.94 -15.30
N ARG A 345 35.21 -4.77 -15.16
CA ARG A 345 36.25 -4.45 -14.18
C ARG A 345 37.05 -3.25 -14.62
N LYS A 346 37.31 -3.10 -15.91
CA LYS A 346 38.02 -1.94 -16.42
C LYS A 346 37.08 -0.80 -16.79
N ASP A 347 35.85 -1.11 -17.20
CA ASP A 347 34.90 -0.06 -17.49
C ASP A 347 34.53 0.71 -16.24
N ASN A 348 34.57 0.08 -15.07
CA ASN A 348 34.32 0.82 -13.84
C ASN A 348 35.44 1.81 -13.56
N TYR A 349 36.68 1.40 -13.77
CA TYR A 349 37.77 2.35 -13.64
C TYR A 349 37.67 3.47 -14.64
N PHE A 350 37.18 3.19 -15.84
CA PHE A 350 37.01 4.24 -16.84
C PHE A 350 35.92 5.22 -16.42
N ILE A 351 34.78 4.71 -15.97
CA ILE A 351 33.72 5.58 -15.47
C ILE A 351 34.23 6.45 -14.34
N ALA A 352 35.05 5.89 -13.46
CA ALA A 352 35.53 6.65 -12.31
C ALA A 352 36.63 7.64 -12.68
N LEU A 353 37.42 7.34 -13.71
CA LEU A 353 38.39 8.32 -14.19
C LEU A 353 37.69 9.49 -14.88
N ILE A 354 36.69 9.19 -15.70
CA ILE A 354 36.05 10.24 -16.48
C ILE A 354 35.15 11.09 -15.60
N ASN A 355 34.34 10.46 -14.75
CA ASN A 355 33.35 11.21 -14.00
C ASN A 355 33.96 12.00 -12.85
N ASN A 356 35.10 11.54 -12.33
CA ASN A 356 35.73 12.21 -11.20
C ASN A 356 36.89 13.10 -11.62
N GLY A 357 37.08 13.32 -12.91
CA GLY A 357 38.10 14.25 -13.35
C GLY A 357 39.52 13.84 -13.04
N ILE A 358 39.77 12.56 -12.77
CA ILE A 358 41.13 12.10 -12.53
C ILE A 358 41.99 12.35 -13.76
N ILE A 359 41.41 12.19 -14.95
CA ILE A 359 42.09 12.43 -16.20
C ILE A 359 41.41 13.62 -16.88
N ASN A 360 42.22 14.49 -17.45
CA ASN A 360 41.72 15.75 -18.00
C ASN A 360 41.52 15.60 -19.51
N ILE A 361 40.26 15.58 -19.93
CA ILE A 361 39.93 15.49 -21.35
C ILE A 361 39.45 16.83 -21.89
N GLU A 362 39.84 17.94 -21.25
CA GLU A 362 39.42 19.26 -21.68
C GLU A 362 40.51 19.86 -22.57
N LEU A 363 40.12 20.31 -23.75
CA LEU A 363 41.09 20.84 -24.69
C LEU A 363 41.74 22.09 -24.12
N PRO A 364 43.04 22.28 -24.36
CA PRO A 364 43.73 23.44 -23.76
C PRO A 364 43.21 24.78 -24.23
N LEU A 365 42.87 24.90 -25.51
CA LEU A 365 42.46 26.18 -26.07
C LEU A 365 40.96 26.28 -26.27
N LEU A 366 40.35 25.30 -26.94
CA LEU A 366 38.91 25.35 -27.20
C LEU A 366 38.09 25.27 -25.93
N HIS A 367 38.66 24.77 -24.83
CA HIS A 367 38.00 24.72 -23.53
C HIS A 367 36.73 23.88 -23.58
N ARG A 368 36.89 22.64 -24.02
CA ARG A 368 35.77 21.73 -24.17
C ARG A 368 36.20 20.31 -23.83
N ARG A 369 35.36 19.61 -23.09
CA ARG A 369 35.60 18.20 -22.76
C ARG A 369 35.06 17.35 -23.90
N ILE A 370 35.95 16.75 -24.68
CA ILE A 370 35.58 15.88 -25.79
C ILE A 370 36.03 14.47 -25.46
N LEU A 371 35.15 13.50 -25.69
CA LEU A 371 35.44 12.09 -25.50
C LEU A 371 34.98 11.38 -26.77
N THR A 372 35.87 11.33 -27.77
CA THR A 372 35.58 10.62 -29.01
C THR A 372 35.69 9.12 -28.77
N HIS A 373 35.55 8.34 -29.83
CA HIS A 373 35.83 6.92 -29.71
C HIS A 373 37.32 6.65 -29.78
N THR A 374 38.06 7.46 -30.53
CA THR A 374 39.52 7.31 -30.54
C THR A 374 40.13 7.73 -29.23
N THR A 375 39.54 8.72 -28.55
CA THR A 375 40.02 9.09 -27.23
C THR A 375 39.96 7.90 -26.28
N GLU A 376 38.84 7.19 -26.26
CA GLU A 376 38.72 6.08 -25.33
C GLU A 376 39.49 4.87 -25.80
N TRP A 377 39.69 4.70 -27.11
CA TRP A 377 40.62 3.67 -27.57
C TRP A 377 42.03 3.95 -27.07
N ASN A 378 42.47 5.20 -27.15
CA ASN A 378 43.80 5.54 -26.69
C ASN A 378 43.92 5.40 -25.18
N ILE A 379 42.87 5.76 -24.45
CA ILE A 379 42.90 5.58 -23.01
C ILE A 379 42.99 4.09 -22.66
N ASN A 380 42.25 3.25 -23.38
CA ASN A 380 42.29 1.82 -23.07
C ASN A 380 43.61 1.19 -23.49
N TRP A 381 44.30 1.75 -24.47
CA TRP A 381 45.59 1.16 -24.83
C TRP A 381 46.72 1.68 -23.95
N CYS A 382 46.76 2.98 -23.68
CA CYS A 382 47.84 3.54 -22.88
C CYS A 382 47.75 3.07 -21.44
N ILE A 383 46.58 3.22 -20.83
CA ILE A 383 46.42 2.98 -19.40
C ILE A 383 46.08 1.53 -19.12
N PHE A 384 44.95 1.06 -19.63
CA PHE A 384 44.43 -0.23 -19.18
C PHE A 384 45.22 -1.41 -19.72
N ASN A 385 46.03 -1.23 -20.77
CA ASN A 385 46.98 -2.27 -21.14
C ASN A 385 48.21 -2.25 -20.27
N PHE A 386 48.52 -1.12 -19.65
CA PHE A 386 49.69 -0.97 -18.81
C PHE A 386 49.40 -1.25 -17.36
N VAL A 387 48.17 -1.04 -16.94
CA VAL A 387 47.80 -1.18 -15.54
C VAL A 387 47.32 -2.58 -15.21
N PHE A 388 46.74 -3.29 -16.17
CA PHE A 388 46.11 -4.58 -15.91
C PHE A 388 46.92 -5.71 -16.55
N ASP A 389 46.88 -6.86 -15.90
CA ASP A 389 47.62 -8.04 -16.35
C ASP A 389 47.16 -8.45 -17.74
N GLU A 390 47.92 -9.35 -18.34
CA GLU A 390 47.39 -10.10 -19.48
C GLU A 390 46.25 -11.01 -19.03
N GLN A 391 46.34 -11.52 -17.80
CA GLN A 391 45.24 -12.28 -17.22
C GLN A 391 44.08 -11.40 -16.81
N GLY A 392 44.24 -10.08 -16.88
CA GLY A 392 43.13 -9.16 -16.69
C GLY A 392 42.86 -8.79 -15.25
N GLN A 393 43.87 -8.32 -14.53
CA GLN A 393 43.67 -7.90 -13.16
C GLN A 393 44.76 -6.93 -12.77
N LEU A 394 44.45 -6.06 -11.82
CA LEU A 394 45.34 -4.98 -11.43
C LEU A 394 46.71 -5.52 -11.05
N ARG A 395 47.73 -5.08 -11.77
CA ARG A 395 49.08 -5.54 -11.50
C ARG A 395 49.49 -5.21 -10.07
N SER A 396 50.42 -6.00 -9.54
CA SER A 396 50.81 -5.84 -8.14
C SER A 396 51.54 -4.53 -7.91
N ALA A 397 52.33 -4.07 -8.88
CA ALA A 397 53.14 -2.88 -8.69
C ALA A 397 52.32 -1.62 -8.51
N PHE A 398 51.00 -1.68 -8.69
CA PHE A 398 50.16 -0.50 -8.63
C PHE A 398 49.48 -0.30 -7.29
N ARG A 399 49.78 -1.15 -6.30
CA ARG A 399 49.38 -0.88 -4.93
C ARG A 399 50.56 -0.62 -4.01
N ASN A 400 51.78 -0.79 -4.51
CA ASN A 400 53.01 -0.50 -3.76
C ASN A 400 53.30 0.99 -3.82
N PRO A 401 53.18 1.72 -2.71
CA PRO A 401 53.32 3.18 -2.76
C PRO A 401 54.73 3.64 -3.07
N ASN A 402 55.73 2.77 -3.04
CA ASN A 402 57.10 3.20 -3.32
C ASN A 402 57.39 3.25 -4.81
N SER A 403 56.64 2.51 -5.62
CA SER A 403 56.84 2.49 -7.06
C SER A 403 56.01 3.55 -7.77
N ARG A 404 55.42 4.49 -7.03
CA ARG A 404 54.57 5.50 -7.63
C ARG A 404 55.33 6.48 -8.51
N LYS A 405 56.65 6.51 -8.44
CA LYS A 405 57.44 7.40 -9.28
C LYS A 405 57.96 6.72 -10.53
N ARG A 406 58.11 5.39 -10.51
CA ARG A 406 58.54 4.68 -11.71
C ARG A 406 57.37 4.47 -12.66
N LEU A 407 56.22 4.06 -12.13
CA LEU A 407 55.05 3.84 -12.98
C LEU A 407 54.54 5.15 -13.56
N SER A 408 54.51 6.20 -12.76
CA SER A 408 54.06 7.51 -13.23
C SER A 408 55.00 8.16 -14.17
N GLU A 409 56.08 7.49 -14.56
CA GLU A 409 56.93 7.97 -15.63
C GLU A 409 57.06 6.98 -16.77
N GLU A 410 56.75 5.71 -16.56
CA GLU A 410 56.56 4.78 -17.65
C GLU A 410 55.19 4.92 -18.28
N LEU A 411 54.32 5.77 -17.71
CA LEU A 411 53.02 6.03 -18.29
C LEU A 411 53.03 7.24 -19.21
N ARG A 412 53.91 8.22 -18.96
CA ARG A 412 54.07 9.30 -19.91
C ARG A 412 54.75 8.83 -21.18
N ARG A 413 55.69 7.89 -21.05
CA ARG A 413 56.34 7.32 -22.22
C ARG A 413 55.43 6.38 -23.00
N ARG A 414 54.17 6.21 -22.57
CA ARG A 414 53.14 5.58 -23.36
C ARG A 414 52.20 6.59 -24.00
N PHE A 415 51.83 7.63 -23.26
CA PHE A 415 51.06 8.71 -23.84
C PHE A 415 51.79 9.34 -25.02
N ILE A 416 53.11 9.47 -24.91
CA ILE A 416 53.87 10.09 -26.00
C ILE A 416 53.88 9.20 -27.24
N VAL A 417 54.08 7.90 -27.06
CA VAL A 417 54.09 6.99 -28.20
C VAL A 417 52.71 6.95 -28.86
N ALA A 418 51.64 6.94 -28.06
CA ALA A 418 50.31 6.94 -28.63
C ALA A 418 50.03 8.24 -29.36
N GLY A 419 50.50 9.36 -28.83
CA GLY A 419 50.36 10.61 -29.54
C GLY A 419 51.09 10.61 -30.86
N PHE A 420 52.27 10.01 -30.90
CA PHE A 420 53.01 9.92 -32.17
C PHE A 420 52.27 9.06 -33.18
N LEU A 421 51.73 7.91 -32.74
CA LEU A 421 50.99 7.06 -33.66
C LEU A 421 49.70 7.73 -34.11
N ASN A 422 49.07 8.52 -33.24
CA ASN A 422 47.85 9.20 -33.65
C ASN A 422 48.13 10.35 -34.59
N CYS A 423 49.24 11.06 -34.42
CA CYS A 423 49.58 12.09 -35.39
C CYS A 423 49.85 11.54 -36.78
N LEU A 424 49.92 10.21 -36.93
CA LEU A 424 50.06 9.57 -38.22
C LEU A 424 48.79 8.90 -38.71
N PHE A 425 47.99 8.34 -37.81
CA PHE A 425 46.78 7.63 -38.21
C PHE A 425 45.50 8.43 -38.01
N ALA A 426 45.57 9.66 -37.51
CA ALA A 426 44.39 10.48 -37.29
C ALA A 426 43.93 11.19 -38.56
N PRO A 427 44.84 11.74 -39.38
CA PRO A 427 44.36 12.29 -40.66
C PRO A 427 43.64 11.27 -41.52
N ILE A 428 44.24 10.09 -41.70
CA ILE A 428 43.65 9.08 -42.59
C ILE A 428 42.51 8.32 -41.95
N VAL A 429 42.13 8.66 -40.72
CA VAL A 429 40.90 8.17 -40.12
C VAL A 429 39.81 9.23 -40.15
N ALA A 430 40.16 10.48 -39.88
CA ALA A 430 39.19 11.57 -40.01
C ALA A 430 38.74 11.73 -41.44
N ILE A 431 39.64 11.51 -42.40
CA ILE A 431 39.27 11.60 -43.82
C ILE A 431 38.25 10.51 -44.16
N TYR A 432 38.55 9.27 -43.80
CA TYR A 432 37.60 8.19 -44.06
C TYR A 432 36.28 8.46 -43.36
N LEU A 433 36.33 9.01 -42.14
CA LEU A 433 35.10 9.20 -41.39
C LEU A 433 34.23 10.28 -42.03
N VAL A 434 34.85 11.37 -42.48
CA VAL A 434 34.04 12.41 -43.11
C VAL A 434 33.50 11.93 -44.45
N ILE A 435 34.25 11.11 -45.19
CA ILE A 435 33.74 10.56 -46.43
C ILE A 435 32.56 9.62 -46.17
N HIS A 436 32.71 8.74 -45.19
CA HIS A 436 31.64 7.80 -44.86
C HIS A 436 30.40 8.53 -44.42
N ASN A 437 30.55 9.52 -43.55
CA ASN A 437 29.39 10.23 -43.04
C ASN A 437 28.73 11.07 -44.12
N PHE A 438 29.52 11.67 -45.01
CA PHE A 438 28.95 12.36 -46.16
C PHE A 438 28.12 11.42 -47.00
N PHE A 439 28.71 10.31 -47.42
CA PHE A 439 27.97 9.35 -48.25
C PHE A 439 26.71 8.88 -47.56
N ARG A 440 26.76 8.66 -46.24
CA ARG A 440 25.59 8.09 -45.58
C ARG A 440 24.50 9.11 -45.36
N TYR A 441 24.85 10.35 -45.05
CA TYR A 441 23.86 11.30 -44.55
C TYR A 441 23.53 12.44 -45.51
N PHE A 442 24.21 12.54 -46.66
CA PHE A 442 23.91 13.63 -47.57
C PHE A 442 22.48 13.53 -48.09
N ASN A 443 22.06 12.33 -48.47
CA ASN A 443 20.72 12.14 -48.99
C ASN A 443 19.66 12.62 -47.99
N GLU A 444 19.78 12.17 -46.73
CA GLU A 444 18.76 12.51 -45.75
C GLU A 444 18.84 13.97 -45.32
N TYR A 445 20.04 14.53 -45.25
CA TYR A 445 20.20 15.90 -44.77
C TYR A 445 20.07 16.94 -45.87
N HIS A 446 19.88 16.55 -47.12
CA HIS A 446 19.50 17.50 -48.15
C HIS A 446 18.16 17.20 -48.81
N LYS A 447 17.55 16.04 -48.53
CA LYS A 447 16.24 15.72 -49.08
C LYS A 447 15.24 15.36 -47.99
N ASN A 448 15.57 15.61 -46.73
CA ASN A 448 14.66 15.37 -45.61
C ASN A 448 15.13 16.19 -44.40
N PRO A 449 14.99 17.52 -44.44
CA PRO A 449 15.47 18.33 -43.32
C PRO A 449 14.76 18.05 -42.00
N GLY A 450 13.61 17.37 -42.04
CA GLY A 450 12.97 16.98 -40.80
C GLY A 450 13.85 16.09 -39.93
N ALA A 451 14.69 15.27 -40.56
CA ALA A 451 15.67 14.46 -39.85
C ALA A 451 17.02 15.16 -39.75
N LEU A 452 17.03 16.49 -39.75
CA LEU A 452 18.24 17.24 -39.42
C LEU A 452 18.28 17.66 -37.96
N SER A 453 17.13 17.80 -37.32
CA SER A 453 17.06 18.14 -35.91
C SER A 453 16.99 16.92 -35.01
N THR A 454 17.38 15.75 -35.51
CA THR A 454 17.42 14.56 -34.68
C THR A 454 18.54 14.71 -33.65
N ARG A 455 18.17 14.72 -32.38
CA ARG A 455 19.12 14.93 -31.31
C ARG A 455 19.48 13.60 -30.66
N ARG A 456 20.74 13.50 -30.25
CA ARG A 456 21.28 12.33 -29.59
C ARG A 456 22.21 12.79 -28.48
N TYR A 457 22.51 11.90 -27.54
CA TYR A 457 23.44 12.23 -26.48
C TYR A 457 24.87 12.17 -27.02
N THR A 458 25.68 13.15 -26.63
CA THR A 458 27.08 13.15 -27.03
C THR A 458 27.80 11.98 -26.37
N PRO A 459 28.89 11.51 -26.97
CA PRO A 459 29.64 10.40 -26.36
C PRO A 459 30.12 10.67 -24.95
N LEU A 460 30.30 11.94 -24.57
CA LEU A 460 30.65 12.25 -23.20
C LEU A 460 29.43 12.25 -22.30
N ALA A 461 28.25 12.49 -22.84
CA ALA A 461 27.04 12.37 -22.05
C ALA A 461 26.71 10.92 -21.75
N LEU A 462 27.18 10.00 -22.58
CA LEU A 462 26.90 8.59 -22.35
C LEU A 462 27.86 7.95 -21.36
N TRP A 463 28.96 8.63 -21.02
CA TRP A 463 29.81 8.20 -19.92
C TRP A 463 29.51 8.94 -18.63
N THR A 464 28.80 10.06 -18.72
CA THR A 464 28.32 10.75 -17.53
C THR A 464 27.09 10.08 -16.96
N PHE A 465 26.26 9.49 -17.81
CA PHE A 465 25.05 8.82 -17.35
C PHE A 465 25.33 7.40 -16.90
N ARG A 466 26.45 6.82 -17.30
CA ARG A 466 26.70 5.42 -17.04
C ARG A 466 26.91 5.18 -15.56
N GLU A 467 26.33 4.10 -15.06
CA GLU A 467 26.52 3.65 -13.69
C GLU A 467 27.51 2.52 -13.65
N TYR A 468 28.03 2.26 -12.46
CA TYR A 468 28.98 1.17 -12.30
C TYR A 468 28.27 -0.17 -12.35
N ASN A 469 28.94 -1.15 -12.92
CA ASN A 469 28.46 -2.51 -13.07
C ASN A 469 27.15 -2.59 -13.86
N GLU A 470 26.76 -1.51 -14.52
CA GLU A 470 25.62 -1.54 -15.42
C GLU A 470 26.11 -1.99 -16.79
N LEU A 471 25.79 -3.24 -17.14
CA LEU A 471 26.26 -3.80 -18.38
C LEU A 471 25.75 -2.99 -19.56
N GLN A 472 26.44 -3.13 -20.69
CA GLN A 472 26.21 -2.21 -21.80
C GLN A 472 24.76 -2.24 -22.29
N HIS A 473 24.16 -3.43 -22.37
CA HIS A 473 22.84 -3.49 -22.99
C HIS A 473 21.75 -2.95 -22.07
N PHE A 474 21.91 -3.06 -20.76
CA PHE A 474 20.97 -2.40 -19.85
C PHE A 474 21.04 -0.89 -20.02
N PHE A 475 22.26 -0.36 -20.12
CA PHE A 475 22.45 1.06 -20.33
C PHE A 475 21.84 1.51 -21.65
N ASP A 476 22.00 0.71 -22.69
CA ASP A 476 21.42 1.04 -23.98
C ASP A 476 19.90 1.05 -23.91
N GLU A 477 19.30 0.07 -23.23
CA GLU A 477 17.86 0.06 -23.07
C GLU A 477 17.39 1.32 -22.36
N ARG A 478 17.99 1.64 -21.22
CA ARG A 478 17.49 2.77 -20.45
C ARG A 478 17.88 4.12 -21.03
N ILE A 479 18.81 4.17 -21.98
CA ILE A 479 19.08 5.41 -22.68
C ILE A 479 18.16 5.58 -23.88
N ASN A 480 17.90 4.50 -24.63
CA ASN A 480 16.93 4.59 -25.70
C ASN A 480 15.54 4.89 -25.18
N ASP A 481 15.20 4.37 -24.01
CA ASP A 481 13.91 4.68 -23.42
C ASP A 481 13.84 6.08 -22.84
N SER A 482 14.84 6.91 -23.09
CA SER A 482 14.88 8.27 -22.57
C SER A 482 14.79 9.33 -23.65
N TYR A 483 14.88 8.95 -24.92
CA TYR A 483 14.88 9.96 -25.98
C TYR A 483 13.52 10.60 -26.14
N ALA A 484 12.44 9.85 -25.89
CA ALA A 484 11.12 10.45 -25.91
C ALA A 484 10.99 11.52 -24.84
N ALA A 485 11.41 11.20 -23.62
CA ALA A 485 11.36 12.17 -22.54
C ALA A 485 12.24 13.38 -22.82
N ALA A 486 13.41 13.16 -23.42
CA ALA A 486 14.30 14.29 -23.69
C ALA A 486 13.76 15.18 -24.79
N SER A 487 13.19 14.58 -25.84
CA SER A 487 12.60 15.36 -26.91
C SER A 487 11.42 16.16 -26.38
N HIS A 488 10.64 15.57 -25.46
CA HIS A 488 9.56 16.31 -24.84
C HIS A 488 10.10 17.48 -24.01
N TYR A 489 11.13 17.22 -23.20
CA TYR A 489 11.64 18.24 -22.31
C TYR A 489 12.16 19.45 -23.08
N VAL A 490 12.94 19.22 -24.13
CA VAL A 490 13.60 20.34 -24.79
C VAL A 490 12.60 21.23 -25.51
N SER A 491 11.34 20.83 -25.55
CA SER A 491 10.31 21.60 -26.24
C SER A 491 9.46 22.44 -25.30
N GLN A 492 9.66 22.32 -23.99
CA GLN A 492 8.85 23.03 -23.01
C GLN A 492 9.28 24.47 -22.81
N PHE A 493 10.13 25.01 -23.68
CA PHE A 493 10.67 26.36 -23.52
C PHE A 493 10.37 27.18 -24.77
N PRO A 494 9.12 27.56 -24.98
CA PRO A 494 8.78 28.35 -26.15
C PRO A 494 9.10 29.82 -25.94
N ASP A 495 9.07 30.58 -27.03
CA ASP A 495 9.37 32.00 -27.00
C ASP A 495 8.05 32.75 -27.12
N PHE A 496 7.50 33.18 -25.98
CA PHE A 496 6.18 33.77 -25.98
C PHE A 496 6.16 35.10 -26.71
N ASN A 497 7.21 35.89 -26.59
CA ASN A 497 7.29 37.16 -27.31
C ASN A 497 7.38 36.96 -28.82
N MET A 498 7.73 35.76 -29.26
CA MET A 498 7.76 35.43 -30.68
C MET A 498 6.50 34.74 -31.14
N ILE A 499 5.93 33.89 -30.28
CA ILE A 499 4.62 33.31 -30.55
C ILE A 499 3.59 34.41 -30.74
N ARG A 500 3.65 35.45 -29.92
CA ARG A 500 2.70 36.54 -30.03
C ARG A 500 2.87 37.29 -31.35
N LEU A 501 4.12 37.56 -31.74
CA LEU A 501 4.36 38.23 -33.02
C LEU A 501 3.84 37.43 -34.19
N PHE A 502 4.09 36.12 -34.19
CA PHE A 502 3.63 35.31 -35.31
C PHE A 502 2.12 35.16 -35.29
N LYS A 503 1.50 35.16 -34.11
CA LYS A 503 0.05 35.20 -34.05
C LYS A 503 -0.50 36.47 -34.70
N TYR A 504 0.14 37.60 -34.42
CA TYR A 504 -0.28 38.86 -35.02
C TYR A 504 -0.11 38.83 -36.55
N ILE A 505 1.03 38.33 -37.02
CA ILE A 505 1.27 38.28 -38.45
C ILE A 505 0.27 37.36 -39.14
N SER A 506 0.00 36.21 -38.53
CA SER A 506 -1.00 35.31 -39.07
C SER A 506 -2.37 35.98 -39.12
N PHE A 507 -2.69 36.80 -38.12
CA PHE A 507 -3.97 37.51 -38.13
C PHE A 507 -4.04 38.49 -39.29
N ILE A 508 -2.97 39.26 -39.51
CA ILE A 508 -2.95 40.21 -40.61
C ILE A 508 -3.13 39.50 -41.94
N LEU A 509 -2.32 38.47 -42.19
CA LEU A 509 -2.39 37.76 -43.45
C LEU A 509 -3.73 37.06 -43.63
N GLY A 510 -4.35 36.61 -42.54
CA GLY A 510 -5.65 35.99 -42.63
C GLY A 510 -6.73 37.00 -42.99
N SER A 511 -6.62 38.22 -42.47
CA SER A 511 -7.55 39.28 -42.86
C SER A 511 -7.41 39.58 -44.36
N PHE A 512 -6.17 39.74 -44.82
CA PHE A 512 -5.95 39.98 -46.25
C PHE A 512 -6.53 38.85 -47.09
N THR A 513 -6.26 37.60 -46.70
CA THR A 513 -6.74 36.46 -47.46
C THR A 513 -8.26 36.37 -47.45
N ALA A 514 -8.88 36.70 -46.32
CA ALA A 514 -10.33 36.71 -46.25
C ALA A 514 -10.91 37.72 -47.24
N ILE A 515 -10.35 38.93 -47.26
CA ILE A 515 -10.83 39.93 -48.22
C ILE A 515 -10.63 39.44 -49.65
N LEU A 516 -9.47 38.86 -49.94
CA LEU A 516 -9.19 38.43 -51.31
C LEU A 516 -10.13 37.32 -51.75
N VAL A 517 -10.38 36.34 -50.88
CA VAL A 517 -11.27 35.24 -51.24
C VAL A 517 -12.70 35.72 -51.37
N ILE A 518 -13.12 36.65 -50.50
CA ILE A 518 -14.49 37.16 -50.59
C ILE A 518 -14.67 38.13 -51.75
N ILE A 519 -13.57 38.63 -52.33
CA ILE A 519 -13.67 39.47 -53.51
C ILE A 519 -13.47 38.69 -54.81
N THR A 520 -12.82 37.52 -54.76
CA THR A 520 -12.69 36.72 -55.97
C THR A 520 -13.92 35.86 -56.25
N VAL A 521 -14.78 35.66 -55.25
CA VAL A 521 -16.06 34.99 -55.49
C VAL A 521 -17.08 35.91 -56.12
N PHE A 522 -16.72 37.18 -56.35
CA PHE A 522 -17.55 38.10 -57.12
C PHE A 522 -16.84 38.63 -58.36
N ASP A 523 -15.52 38.46 -58.47
CA ASP A 523 -14.74 38.88 -59.65
C ASP A 523 -13.73 37.80 -59.97
N PRO A 524 -14.17 36.66 -60.51
CA PRO A 524 -13.25 35.56 -60.82
C PRO A 524 -12.26 35.90 -61.91
N SER A 537 -2.47 40.23 -60.25
CA SER A 537 -1.89 38.97 -59.82
C SER A 537 -2.37 38.59 -58.42
N VAL A 538 -3.68 38.57 -58.23
CA VAL A 538 -4.24 38.31 -56.91
C VAL A 538 -4.03 36.85 -56.51
N LEU A 539 -3.94 35.94 -57.49
CA LEU A 539 -3.70 34.54 -57.16
C LEU A 539 -2.29 34.34 -56.63
N PHE A 540 -1.32 35.09 -57.15
CA PHE A 540 0.03 35.04 -56.60
C PHE A 540 0.04 35.46 -55.14
N TYR A 541 -0.67 36.55 -54.82
CA TYR A 541 -0.74 37.01 -53.44
C TYR A 541 -1.47 36.00 -52.56
N LEU A 542 -2.53 35.39 -53.09
CA LEU A 542 -3.25 34.39 -52.31
C LEU A 542 -2.37 33.20 -51.99
N GLY A 543 -1.60 32.72 -52.97
CA GLY A 543 -0.69 31.62 -52.72
C GLY A 543 0.41 31.98 -51.74
N LEU A 544 0.99 33.18 -51.89
CA LEU A 544 2.04 33.62 -50.98
C LEU A 544 1.52 33.72 -49.56
N PHE A 545 0.31 34.28 -49.39
CA PHE A 545 -0.25 34.42 -48.06
C PHE A 545 -0.61 33.06 -47.46
N GLY A 546 -1.13 32.15 -48.29
CA GLY A 546 -1.36 30.79 -47.80
C GLY A 546 -0.08 30.14 -47.32
N SER A 547 1.01 30.33 -48.06
CA SER A 547 2.29 29.76 -47.65
C SER A 547 2.76 30.37 -46.32
N LEU A 548 2.68 31.70 -46.21
CA LEU A 548 3.13 32.36 -44.99
C LEU A 548 2.28 31.97 -43.78
N ILE A 549 0.98 31.81 -43.98
CA ILE A 549 0.11 31.42 -42.89
C ILE A 549 0.37 29.97 -42.48
N ALA A 550 0.63 29.10 -43.45
CA ALA A 550 1.03 27.73 -43.11
C ALA A 550 2.34 27.70 -42.37
N VAL A 551 3.25 28.62 -42.69
CA VAL A 551 4.50 28.72 -41.94
C VAL A 551 4.21 29.15 -40.50
N SER A 552 3.34 30.16 -40.34
CA SER A 552 3.09 30.72 -39.01
C SER A 552 2.37 29.73 -38.12
N ARG A 553 1.42 28.96 -38.66
CA ARG A 553 0.67 28.01 -37.84
C ARG A 553 1.58 26.96 -37.22
N SER A 554 2.75 26.71 -37.80
CA SER A 554 3.63 25.69 -37.25
C SER A 554 4.33 26.18 -35.98
N ILE A 555 4.64 27.47 -35.89
CA ILE A 555 5.30 28.00 -34.72
C ILE A 555 4.34 28.12 -33.56
N ILE A 556 3.15 28.65 -33.82
CA ILE A 556 2.13 28.88 -32.80
C ILE A 556 1.70 27.53 -32.21
N PRO A 557 1.95 27.29 -30.93
CA PRO A 557 1.54 26.02 -30.33
C PRO A 557 0.02 25.95 -30.21
N ASP A 558 -0.46 24.76 -29.83
CA ASP A 558 -1.87 24.59 -29.58
C ASP A 558 -2.30 25.44 -28.39
N GLU A 559 -3.58 25.81 -28.38
CA GLU A 559 -4.09 26.56 -27.23
C GLU A 559 -4.10 25.70 -25.98
N THR A 560 -4.69 24.51 -26.07
CA THR A 560 -4.82 23.64 -24.91
C THR A 560 -3.55 22.84 -24.67
N LEU A 561 -2.41 23.51 -24.62
CA LEU A 561 -1.12 22.87 -24.40
C LEU A 561 -0.53 23.44 -23.12
N VAL A 562 -0.15 22.57 -22.20
CA VAL A 562 0.34 22.96 -20.90
C VAL A 562 1.83 22.71 -20.87
N PHE A 563 2.61 23.78 -20.76
CA PHE A 563 4.06 23.68 -20.68
C PHE A 563 4.48 23.53 -19.23
N ALA A 564 5.24 22.49 -18.93
CA ALA A 564 5.71 22.22 -17.58
C ALA A 564 7.12 21.67 -17.66
N PRO A 565 8.14 22.53 -17.70
CA PRO A 565 9.50 22.03 -17.86
C PRO A 565 10.01 21.20 -16.69
N GLU A 566 9.56 21.47 -15.46
CA GLU A 566 10.15 20.77 -14.33
C GLU A 566 9.74 19.30 -14.30
N LYS A 567 8.48 18.99 -14.58
CA LYS A 567 8.09 17.59 -14.55
C LYS A 567 8.57 16.85 -15.78
N ALA A 568 8.73 17.54 -16.91
CA ALA A 568 9.41 16.93 -18.05
C ALA A 568 10.85 16.58 -17.70
N LEU A 569 11.54 17.49 -17.00
CA LEU A 569 12.91 17.22 -16.61
C LEU A 569 12.98 16.06 -15.62
N ARG A 570 12.04 15.98 -14.69
CA ARG A 570 12.05 14.84 -13.78
C ARG A 570 11.76 13.54 -14.50
N ARG A 571 10.88 13.58 -15.51
CA ARG A 571 10.63 12.40 -16.33
C ARG A 571 11.88 11.98 -17.08
N VAL A 572 12.70 12.94 -17.50
CA VAL A 572 13.98 12.60 -18.14
C VAL A 572 14.93 11.97 -17.12
N ILE A 573 15.04 12.59 -15.95
CA ILE A 573 16.00 12.15 -14.96
C ILE A 573 15.66 10.77 -14.43
N THR A 574 14.40 10.37 -14.48
CA THR A 574 14.08 9.00 -14.10
C THR A 574 14.75 7.98 -15.02
N PHE A 575 15.24 8.40 -16.17
CA PHE A 575 15.97 7.53 -17.09
C PHE A 575 17.46 7.80 -17.07
N THR A 576 17.87 9.06 -17.19
CA THR A 576 19.30 9.34 -17.23
C THR A 576 19.95 9.20 -15.86
N HIS A 577 19.18 9.27 -14.78
CA HIS A 577 19.69 9.19 -13.41
C HIS A 577 20.74 10.24 -13.12
N TYR A 578 20.78 11.31 -13.88
CA TYR A 578 21.83 12.32 -13.78
C TYR A 578 21.20 13.66 -13.49
N MET A 579 21.32 14.12 -12.24
CA MET A 579 20.90 15.45 -11.84
C MET A 579 22.01 16.07 -11.02
N PRO A 580 22.78 16.98 -11.59
CA PRO A 580 23.82 17.67 -10.82
C PRO A 580 23.27 18.32 -9.58
N GLY A 581 24.17 18.70 -8.66
CA GLY A 581 23.71 19.29 -7.41
C GLY A 581 22.98 20.60 -7.61
N TRP A 582 23.48 21.43 -8.52
CA TRP A 582 22.92 22.76 -8.69
C TRP A 582 21.67 22.78 -9.55
N TRP A 583 21.25 21.64 -10.09
CA TRP A 583 19.93 21.58 -10.73
C TRP A 583 18.82 21.61 -9.71
N SER A 584 19.05 20.99 -8.53
CA SER A 584 17.97 20.81 -7.56
C SER A 584 17.37 22.11 -7.08
N ASP A 585 18.06 23.24 -7.28
CA ASP A 585 17.46 24.53 -6.99
C ASP A 585 16.40 24.87 -8.03
N ASN A 586 16.81 24.99 -9.29
CA ASN A 586 15.95 25.49 -10.36
C ASN A 586 15.90 24.48 -11.50
N MET A 587 15.00 23.51 -11.39
CA MET A 587 14.79 22.57 -12.49
C MET A 587 13.83 23.12 -13.53
N HIS A 588 13.16 24.22 -13.23
CA HIS A 588 12.38 24.97 -14.21
C HIS A 588 13.24 25.90 -15.04
N SER A 589 14.54 25.97 -14.75
CA SER A 589 15.36 27.07 -15.25
C SER A 589 15.63 26.91 -16.73
N LYS A 590 16.17 27.98 -17.31
CA LYS A 590 16.66 27.97 -18.67
C LYS A 590 18.13 27.59 -18.75
N ALA A 591 18.90 27.91 -17.70
CA ALA A 591 20.29 27.48 -17.65
C ALA A 591 20.40 25.96 -17.58
N VAL A 592 19.50 25.34 -16.82
CA VAL A 592 19.47 23.88 -16.78
C VAL A 592 19.19 23.31 -18.17
N GLN A 593 18.33 23.97 -18.93
CA GLN A 593 18.05 23.49 -20.28
C GLN A 593 19.24 23.71 -21.19
N GLN A 594 19.98 24.81 -21.00
CA GLN A 594 21.19 25.02 -21.79
C GLN A 594 22.20 23.92 -21.52
N GLU A 595 22.38 23.54 -20.26
CA GLU A 595 23.29 22.46 -19.93
C GLU A 595 22.81 21.14 -20.52
N PHE A 596 21.54 20.81 -20.33
CA PHE A 596 21.03 19.56 -20.86
C PHE A 596 21.11 19.51 -22.37
N CYS A 597 21.03 20.65 -23.05
CA CYS A 597 21.23 20.64 -24.48
C CYS A 597 22.70 20.63 -24.86
N SER A 598 23.60 20.93 -23.92
CA SER A 598 24.99 20.59 -24.14
C SER A 598 25.22 19.09 -24.05
N LEU A 599 24.43 18.41 -23.22
CA LEU A 599 24.53 16.95 -23.14
C LEU A 599 23.77 16.25 -24.27
N TYR A 600 22.69 16.84 -24.74
CA TYR A 600 21.77 16.22 -25.70
C TYR A 600 21.79 17.08 -26.96
N SER A 601 22.73 16.80 -27.85
CA SER A 601 23.04 17.70 -28.96
C SER A 601 22.38 17.22 -30.24
N TYR A 602 22.62 17.95 -31.32
CA TYR A 602 22.19 17.51 -32.64
C TYR A 602 23.12 16.43 -33.15
N ARG A 603 22.57 15.53 -33.96
CA ARG A 603 23.39 14.44 -34.47
C ARG A 603 24.47 14.95 -35.42
N ILE A 604 24.18 16.01 -36.17
CA ILE A 604 25.17 16.54 -37.10
C ILE A 604 26.30 17.22 -36.33
N VAL A 605 25.97 17.89 -35.23
CA VAL A 605 27.01 18.46 -34.38
C VAL A 605 27.85 17.34 -33.77
N ASN A 606 27.21 16.24 -33.38
CA ASN A 606 27.96 15.10 -32.89
C ASN A 606 28.90 14.55 -33.94
N LEU A 607 28.48 14.55 -35.21
CA LEU A 607 29.38 14.09 -36.27
C LEU A 607 30.56 15.03 -36.44
N LEU A 608 30.29 16.33 -36.49
CA LEU A 608 31.38 17.30 -36.62
C LEU A 608 32.38 17.14 -35.48
N TRP A 609 31.90 16.91 -34.27
CA TRP A 609 32.83 16.77 -33.15
C TRP A 609 33.50 15.41 -33.12
N GLU A 610 32.84 14.34 -33.56
CA GLU A 610 33.49 13.05 -33.66
C GLU A 610 34.55 13.03 -34.76
N ILE A 611 34.50 13.99 -35.67
CA ILE A 611 35.55 14.13 -36.67
C ILE A 611 36.65 15.06 -36.19
N LEU A 612 36.30 16.15 -35.50
CA LEU A 612 37.32 17.05 -35.01
C LEU A 612 38.08 16.47 -33.82
N GLY A 613 37.45 15.57 -33.06
CA GLY A 613 38.14 14.97 -31.94
C GLY A 613 39.17 13.97 -32.36
N ILE A 614 38.94 13.25 -33.46
CA ILE A 614 39.98 12.36 -33.97
C ILE A 614 41.21 13.15 -34.32
N LEU A 615 41.06 14.42 -34.70
CA LEU A 615 42.20 15.26 -34.99
C LEU A 615 42.82 15.82 -33.72
N LEU A 616 42.00 16.19 -32.75
CA LEU A 616 42.51 16.86 -31.56
C LEU A 616 42.91 15.93 -30.43
N THR A 617 42.77 14.61 -30.60
CA THR A 617 43.20 13.71 -29.54
C THR A 617 44.72 13.68 -29.35
N PRO A 618 45.54 13.82 -30.39
CA PRO A 618 46.97 13.98 -30.14
C PRO A 618 47.31 15.18 -29.27
N VAL A 619 46.52 16.25 -29.35
CA VAL A 619 46.72 17.38 -28.44
C VAL A 619 46.60 16.91 -26.99
N LEU A 620 45.57 16.12 -26.70
CA LEU A 620 45.41 15.56 -25.37
C LEU A 620 46.58 14.65 -25.01
N LEU A 621 46.88 13.69 -25.88
CA LEU A 621 47.93 12.72 -25.59
C LEU A 621 49.31 13.35 -25.48
N PHE A 622 49.48 14.59 -25.93
CA PHE A 622 50.77 15.25 -25.81
C PHE A 622 50.83 16.26 -24.68
N PHE A 623 49.73 16.92 -24.36
CA PHE A 623 49.82 18.06 -23.44
C PHE A 623 49.01 17.91 -22.17
N THR A 624 47.80 17.37 -22.23
CA THR A 624 46.99 17.28 -21.03
C THR A 624 47.10 15.92 -20.34
N PHE A 625 47.34 14.85 -21.08
CA PHE A 625 47.39 13.53 -20.45
C PHE A 625 48.66 13.31 -19.66
N PRO A 626 49.86 13.61 -20.18
CA PRO A 626 51.06 13.38 -19.36
C PRO A 626 51.04 14.12 -18.03
N SER A 627 50.60 15.38 -18.03
CA SER A 627 50.52 16.15 -16.80
C SER A 627 49.59 15.48 -15.79
N CYS A 628 48.67 14.63 -16.23
CA CYS A 628 47.76 13.93 -15.35
C CYS A 628 48.15 12.48 -15.14
N SER A 629 49.38 12.11 -15.48
CA SER A 629 49.78 10.71 -15.36
C SER A 629 49.91 10.30 -13.90
N GLN A 630 50.63 11.10 -13.11
CA GLN A 630 50.83 10.78 -11.70
C GLN A 630 49.51 10.45 -11.01
N ASP A 631 48.56 11.40 -11.05
CA ASP A 631 47.25 11.19 -10.46
C ASP A 631 46.68 9.83 -10.84
N ILE A 632 46.74 9.50 -12.13
CA ILE A 632 46.16 8.24 -12.59
C ILE A 632 46.74 7.07 -11.80
N VAL A 633 48.07 7.01 -11.71
CA VAL A 633 48.69 5.96 -10.92
C VAL A 633 48.15 5.95 -9.50
N ASP A 634 48.12 7.11 -8.87
CA ASP A 634 47.61 7.19 -7.50
C ASP A 634 46.16 6.74 -7.44
N PHE A 635 45.38 7.07 -8.46
CA PHE A 635 43.98 6.65 -8.47
C PHE A 635 43.87 5.13 -8.41
N PHE A 636 44.77 4.42 -9.08
CA PHE A 636 44.68 2.97 -9.06
C PHE A 636 45.16 2.38 -7.76
N ARG A 637 45.85 3.15 -6.94
CA ARG A 637 46.31 2.68 -5.64
C ARG A 637 45.36 3.08 -4.52
N GLU A 638 44.91 4.33 -4.49
CA GLU A 638 43.99 4.76 -3.46
C GLU A 638 42.64 4.08 -3.61
N HIS A 639 42.04 4.13 -4.79
CA HIS A 639 40.63 3.79 -4.98
C HIS A 639 40.43 2.39 -5.50
N THR A 640 41.25 1.44 -5.08
CA THR A 640 41.08 0.02 -5.39
C THR A 640 40.74 -0.72 -4.11
N ILE A 641 39.68 -1.52 -4.16
CA ILE A 641 39.25 -2.29 -3.00
C ILE A 641 39.11 -3.75 -3.41
N ASN A 642 39.44 -4.65 -2.49
CA ASN A 642 39.38 -6.08 -2.77
C ASN A 642 38.03 -6.61 -2.30
N VAL A 643 37.19 -6.98 -3.25
CA VAL A 643 35.92 -7.62 -2.95
C VAL A 643 36.13 -9.13 -3.03
N GLU A 644 35.73 -9.84 -1.97
CA GLU A 644 36.08 -11.24 -1.83
C GLU A 644 35.32 -12.09 -2.85
N GLY A 645 36.07 -12.90 -3.59
CA GLY A 645 35.51 -13.71 -4.63
C GLY A 645 35.54 -13.08 -6.01
N VAL A 646 35.69 -11.77 -6.08
CA VAL A 646 35.82 -11.07 -7.35
C VAL A 646 37.28 -10.72 -7.57
N GLY A 647 37.84 -9.92 -6.68
CA GLY A 647 39.21 -9.49 -6.84
C GLY A 647 39.35 -8.02 -6.54
N TYR A 648 40.34 -7.36 -7.14
CA TYR A 648 40.53 -5.93 -6.94
C TYR A 648 39.63 -5.18 -7.91
N VAL A 649 38.64 -4.48 -7.38
CA VAL A 649 37.73 -3.68 -8.17
C VAL A 649 37.94 -2.22 -7.82
N CYS A 650 37.31 -1.34 -8.59
CA CYS A 650 37.31 0.07 -8.27
C CYS A 650 36.56 0.28 -6.97
N SER A 651 37.04 1.20 -6.15
CA SER A 651 36.36 1.47 -4.88
C SER A 651 35.07 2.26 -5.08
N TYR A 652 34.85 2.84 -6.26
CA TYR A 652 33.60 3.54 -6.51
C TYR A 652 32.50 2.58 -6.93
N ALA A 653 32.88 1.46 -7.54
CA ALA A 653 31.89 0.49 -7.98
C ALA A 653 31.16 -0.14 -6.81
N VAL A 654 31.79 -0.17 -5.63
CA VAL A 654 31.18 -0.81 -4.47
C VAL A 654 30.30 0.14 -3.68
N PHE A 655 30.41 1.45 -3.89
CA PHE A 655 29.48 2.39 -3.28
C PHE A 655 28.19 2.47 -4.08
N GLN A 656 28.28 2.92 -5.33
CA GLN A 656 27.11 3.05 -6.19
C GLN A 656 27.35 2.43 -7.56
N TRP B 177 -44.12 -11.91 -15.34
CA TRP B 177 -43.05 -12.89 -15.47
C TRP B 177 -43.03 -13.83 -14.28
N ALA B 178 -44.01 -13.68 -13.39
CA ALA B 178 -44.10 -14.57 -12.23
C ALA B 178 -44.50 -15.99 -12.62
N ASN B 179 -44.94 -16.21 -13.86
CA ASN B 179 -45.39 -17.52 -14.32
C ASN B 179 -44.47 -18.07 -15.41
N VAL B 180 -43.18 -17.80 -15.32
CA VAL B 180 -42.26 -18.21 -16.38
C VAL B 180 -42.03 -19.72 -16.33
N GLU B 181 -41.55 -20.23 -15.20
CA GLU B 181 -41.21 -21.63 -14.99
C GLU B 181 -40.16 -22.13 -15.98
N ASN B 182 -39.56 -21.24 -16.76
CA ASN B 182 -38.50 -21.51 -17.72
C ASN B 182 -37.42 -20.47 -17.58
N LEU B 183 -36.96 -20.26 -16.35
CA LEU B 183 -36.12 -19.13 -16.01
C LEU B 183 -34.87 -19.03 -16.89
N ASP B 184 -34.32 -20.17 -17.32
CA ASP B 184 -33.08 -20.12 -18.09
C ASP B 184 -33.28 -19.42 -19.41
N SER B 185 -34.28 -19.83 -20.18
CA SER B 185 -34.52 -19.19 -21.48
C SER B 185 -34.97 -17.74 -21.31
N PHE B 186 -35.71 -17.44 -20.24
CA PHE B 186 -36.08 -16.06 -20.00
C PHE B 186 -34.86 -15.18 -19.75
N LEU B 187 -33.92 -15.66 -18.94
CA LEU B 187 -32.71 -14.90 -18.69
C LEU B 187 -31.87 -14.79 -19.94
N GLN B 188 -31.82 -15.84 -20.76
CA GLN B 188 -31.08 -15.75 -22.00
C GLN B 188 -31.70 -14.74 -22.94
N GLN B 189 -33.02 -14.62 -22.94
CA GLN B 189 -33.66 -13.64 -23.80
C GLN B 189 -33.45 -12.23 -23.28
N VAL B 190 -33.50 -12.05 -21.96
CA VAL B 190 -33.13 -10.76 -21.37
C VAL B 190 -31.73 -10.37 -21.82
N TYR B 191 -30.79 -11.33 -21.78
CA TYR B 191 -29.41 -11.01 -22.11
C TYR B 191 -29.26 -10.70 -23.60
N THR B 192 -29.91 -11.45 -24.47
CA THR B 192 -29.78 -11.17 -25.89
C THR B 192 -30.55 -9.94 -26.31
N TYR B 193 -31.54 -9.51 -25.53
CA TYR B 193 -32.14 -8.22 -25.78
C TYR B 193 -31.22 -7.10 -25.32
N TYR B 194 -30.46 -7.34 -24.26
CA TYR B 194 -29.46 -6.35 -23.84
C TYR B 194 -28.36 -6.21 -24.88
N THR B 195 -27.75 -7.32 -25.28
CA THR B 195 -26.63 -7.24 -26.22
C THR B 195 -27.08 -6.85 -27.62
N GLY B 196 -28.32 -7.10 -27.98
CA GLY B 196 -28.82 -6.55 -29.22
C GLY B 196 -29.13 -5.09 -29.17
N LYS B 197 -29.15 -4.51 -27.97
CA LYS B 197 -29.36 -3.07 -27.76
C LYS B 197 -30.75 -2.64 -28.20
N GLY B 198 -31.75 -3.35 -27.73
CA GLY B 198 -33.12 -2.91 -27.87
C GLY B 198 -33.77 -3.40 -29.15
N LEU B 199 -35.10 -3.32 -29.16
CA LEU B 199 -35.89 -3.80 -30.29
C LEU B 199 -35.53 -3.06 -31.56
N SER B 200 -35.29 -1.75 -31.46
CA SER B 200 -34.95 -0.97 -32.63
C SER B 200 -33.69 -1.50 -33.31
N CYS B 201 -32.61 -1.63 -32.53
CA CYS B 201 -31.34 -2.07 -33.11
C CYS B 201 -31.44 -3.51 -33.59
N ILE B 202 -32.16 -4.36 -32.85
CA ILE B 202 -32.27 -5.76 -33.26
C ILE B 202 -32.99 -5.86 -34.60
N ILE B 203 -34.10 -5.14 -34.73
CA ILE B 203 -34.87 -5.18 -35.97
C ILE B 203 -34.06 -4.61 -37.12
N VAL B 204 -33.33 -3.52 -36.88
CA VAL B 204 -32.52 -2.92 -37.94
C VAL B 204 -31.44 -3.89 -38.40
N HIS B 205 -30.77 -4.55 -37.45
CA HIS B 205 -29.71 -5.48 -37.83
C HIS B 205 -30.27 -6.66 -38.61
N ARG B 206 -31.38 -7.24 -38.15
CA ARG B 206 -31.96 -8.36 -38.88
C ARG B 206 -32.41 -7.94 -40.28
N LEU B 207 -32.99 -6.74 -40.39
CA LEU B 207 -33.43 -6.25 -41.68
C LEU B 207 -32.26 -6.09 -42.63
N PHE B 208 -31.20 -5.44 -42.18
CA PHE B 208 -30.05 -5.29 -43.07
C PHE B 208 -29.36 -6.60 -43.35
N GLN B 209 -29.50 -7.59 -42.47
CA GLN B 209 -28.94 -8.90 -42.74
C GLN B 209 -29.66 -9.59 -43.89
N ILE B 210 -30.99 -9.62 -43.83
CA ILE B 210 -31.73 -10.22 -44.94
C ILE B 210 -31.57 -9.38 -46.20
N LEU B 211 -31.41 -8.07 -46.07
CA LEU B 211 -31.17 -7.24 -47.24
C LEU B 211 -29.83 -7.54 -47.89
N THR B 212 -28.79 -7.76 -47.07
CA THR B 212 -27.49 -8.10 -47.61
C THR B 212 -27.53 -9.46 -48.32
N VAL B 213 -28.19 -10.44 -47.69
CA VAL B 213 -28.31 -11.76 -48.33
C VAL B 213 -29.05 -11.63 -49.66
N SER B 214 -30.17 -10.90 -49.67
CA SER B 214 -30.96 -10.79 -50.88
C SER B 214 -30.22 -10.02 -51.95
N PHE B 215 -29.44 -9.01 -51.57
CA PHE B 215 -28.66 -8.28 -52.57
C PHE B 215 -27.60 -9.18 -53.19
N VAL B 216 -26.91 -9.97 -52.36
CA VAL B 216 -25.92 -10.90 -52.91
C VAL B 216 -26.59 -11.83 -53.90
N ILE B 217 -27.74 -12.38 -53.53
CA ILE B 217 -28.45 -13.32 -54.40
C ILE B 217 -28.83 -12.65 -55.71
N GLY B 218 -29.48 -11.49 -55.63
CA GLY B 218 -29.95 -10.82 -56.83
C GLY B 218 -28.81 -10.36 -57.73
N PHE B 219 -27.77 -9.80 -57.15
CA PHE B 219 -26.65 -9.33 -57.97
C PHE B 219 -25.92 -10.49 -58.61
N THR B 220 -25.78 -11.62 -57.91
CA THR B 220 -25.11 -12.77 -58.50
C THR B 220 -25.95 -13.37 -59.61
N THR B 221 -27.27 -13.40 -59.44
CA THR B 221 -28.11 -13.91 -60.52
C THR B 221 -28.28 -12.90 -61.65
N PHE B 222 -27.92 -11.64 -61.43
CA PHE B 222 -27.97 -10.64 -62.49
C PHE B 222 -26.70 -10.63 -63.33
N ILE B 223 -25.54 -10.50 -62.69
CA ILE B 223 -24.29 -10.40 -63.45
C ILE B 223 -24.01 -11.67 -64.22
N THR B 224 -24.66 -12.77 -63.88
CA THR B 224 -24.53 -14.02 -64.62
C THR B 224 -25.69 -14.25 -65.58
N SER B 225 -26.75 -13.46 -65.49
CA SER B 225 -27.91 -13.58 -66.38
C SER B 225 -28.75 -12.32 -66.36
N PRO B 252 -34.29 -23.54 -65.83
CA PRO B 252 -33.50 -24.78 -65.77
C PRO B 252 -32.72 -24.91 -64.47
N ILE B 253 -31.43 -25.20 -64.57
CA ILE B 253 -30.58 -25.35 -63.38
C ILE B 253 -30.43 -24.01 -62.67
N THR B 254 -30.21 -22.93 -63.43
CA THR B 254 -30.11 -21.61 -62.83
C THR B 254 -31.40 -21.23 -62.11
N TYR B 255 -32.54 -21.45 -62.76
CA TYR B 255 -33.83 -21.15 -62.15
C TYR B 255 -34.03 -21.95 -60.88
N LEU B 256 -33.65 -23.23 -60.90
CA LEU B 256 -33.87 -24.09 -59.74
C LEU B 256 -33.00 -23.67 -58.57
N VAL B 257 -31.71 -23.39 -58.81
CA VAL B 257 -30.85 -23.00 -57.71
C VAL B 257 -31.23 -21.62 -57.19
N LEU B 258 -31.69 -20.72 -58.06
CA LEU B 258 -32.18 -19.43 -57.60
C LEU B 258 -33.41 -19.60 -56.74
N TRP B 259 -34.32 -20.50 -57.14
CA TRP B 259 -35.50 -20.78 -56.32
C TRP B 259 -35.11 -21.33 -54.96
N LEU B 260 -34.10 -22.20 -54.92
CA LEU B 260 -33.62 -22.73 -53.64
C LEU B 260 -33.10 -21.61 -52.74
N PHE B 261 -32.22 -20.76 -53.28
CA PHE B 261 -31.66 -19.67 -52.50
C PHE B 261 -32.76 -18.74 -51.99
N LEU B 262 -33.71 -18.38 -52.84
CA LEU B 262 -34.75 -17.47 -52.42
C LEU B 262 -35.71 -18.13 -51.43
N SER B 263 -35.86 -19.46 -51.49
CA SER B 263 -36.67 -20.14 -50.48
C SER B 263 -35.98 -20.09 -49.13
N PHE B 264 -34.66 -20.24 -49.10
CA PHE B 264 -33.94 -20.08 -47.84
C PHE B 264 -34.07 -18.66 -47.32
N LEU B 265 -33.94 -17.67 -48.21
CA LEU B 265 -34.13 -16.28 -47.81
C LEU B 265 -35.53 -16.06 -47.23
N LEU B 266 -36.55 -16.63 -47.87
CA LEU B 266 -37.91 -16.46 -47.37
C LEU B 266 -38.12 -17.16 -46.04
N ALA B 267 -37.45 -18.30 -45.83
CA ALA B 267 -37.50 -18.95 -44.53
C ALA B 267 -36.91 -18.04 -43.45
N LEU B 268 -35.77 -17.41 -43.75
CA LEU B 268 -35.17 -16.47 -42.82
C LEU B 268 -36.11 -15.33 -42.50
N TRP B 269 -36.71 -14.74 -43.55
CA TRP B 269 -37.65 -13.64 -43.37
C TRP B 269 -38.82 -14.06 -42.49
N ILE B 270 -39.39 -15.24 -42.76
CA ILE B 270 -40.55 -15.71 -42.01
C ILE B 270 -40.17 -15.94 -40.55
N TYR B 271 -38.98 -16.46 -40.30
CA TYR B 271 -38.57 -16.64 -38.91
C TYR B 271 -38.44 -15.31 -38.19
N TYR B 272 -37.84 -14.31 -38.84
CA TYR B 272 -37.70 -13.01 -38.19
C TYR B 272 -39.06 -12.42 -37.87
N LEU B 273 -39.99 -12.47 -38.84
CA LEU B 273 -41.34 -11.98 -38.62
C LEU B 273 -42.02 -12.75 -37.49
N THR B 274 -41.74 -14.05 -37.37
CA THR B 274 -42.32 -14.84 -36.29
C THR B 274 -41.77 -14.41 -34.94
N ASP B 275 -40.48 -14.04 -34.89
CA ASP B 275 -39.86 -13.75 -33.62
C ASP B 275 -40.14 -12.34 -33.11
N ILE B 276 -40.54 -11.42 -33.99
CA ILE B 276 -40.82 -10.05 -33.57
C ILE B 276 -41.69 -9.95 -32.30
N PRO B 277 -42.77 -10.71 -32.15
CA PRO B 277 -43.60 -10.53 -30.93
C PRO B 277 -42.87 -10.83 -29.63
N ARG B 278 -41.99 -11.83 -29.61
CA ARG B 278 -41.20 -12.09 -28.41
C ARG B 278 -40.31 -10.90 -28.09
N LEU B 279 -39.73 -10.27 -29.12
CA LEU B 279 -38.99 -9.04 -28.92
C LEU B 279 -39.87 -7.96 -28.29
N TRP B 280 -41.12 -7.87 -28.72
CA TRP B 280 -41.99 -6.85 -28.12
C TRP B 280 -42.27 -7.15 -26.66
N GLN B 281 -42.52 -8.42 -26.33
CA GLN B 281 -42.72 -8.79 -24.94
C GLN B 281 -41.51 -8.41 -24.11
N MET B 282 -40.30 -8.66 -24.62
CA MET B 282 -39.10 -8.35 -23.85
C MET B 282 -38.88 -6.84 -23.75
N ARG B 283 -39.23 -6.08 -24.79
CA ARG B 283 -39.12 -4.63 -24.72
C ARG B 283 -40.06 -4.09 -23.66
N GLU B 284 -41.28 -4.62 -23.58
CA GLU B 284 -42.19 -4.21 -22.51
C GLU B 284 -41.62 -4.56 -21.15
N PHE B 285 -41.07 -5.76 -20.99
CA PHE B 285 -40.47 -6.12 -19.71
C PHE B 285 -39.31 -5.20 -19.35
N TYR B 286 -38.58 -4.70 -20.35
CA TYR B 286 -37.46 -3.82 -20.08
C TYR B 286 -37.95 -2.44 -19.65
N ILE B 287 -38.91 -1.89 -20.38
CA ILE B 287 -39.37 -0.54 -20.08
C ILE B 287 -40.15 -0.50 -18.77
N HIS B 288 -41.12 -1.39 -18.61
CA HIS B 288 -42.02 -1.31 -17.46
C HIS B 288 -41.38 -1.90 -16.21
N ALA B 289 -41.04 -3.19 -16.25
CA ALA B 289 -40.56 -3.86 -15.04
C ALA B 289 -39.17 -3.39 -14.66
N LEU B 290 -38.24 -3.37 -15.61
CA LEU B 290 -36.88 -2.98 -15.31
C LEU B 290 -36.70 -1.47 -15.21
N LYS B 291 -37.61 -0.69 -15.78
CA LYS B 291 -37.51 0.77 -15.80
C LYS B 291 -36.19 1.22 -16.40
N ILE B 292 -35.89 0.70 -17.58
CA ILE B 292 -34.74 1.12 -18.38
C ILE B 292 -35.28 1.80 -19.63
N ALA B 293 -34.88 3.04 -19.84
CA ALA B 293 -35.43 3.84 -20.93
C ALA B 293 -35.01 3.28 -22.28
N THR B 294 -35.91 3.42 -23.26
CA THR B 294 -35.61 2.99 -24.61
C THR B 294 -34.41 3.72 -25.20
N ALA B 295 -34.13 4.92 -24.71
CA ALA B 295 -32.97 5.68 -25.17
C ALA B 295 -31.70 5.33 -24.43
N ASP B 296 -31.81 4.65 -23.29
CA ASP B 296 -30.66 4.19 -22.52
C ASP B 296 -30.15 2.84 -22.97
N MET B 297 -30.78 2.23 -23.98
CA MET B 297 -30.40 0.87 -24.36
C MET B 297 -28.99 0.80 -24.94
N PRO B 298 -28.60 1.61 -25.93
CA PRO B 298 -27.28 1.43 -26.52
C PRO B 298 -26.13 1.72 -25.58
N THR B 299 -26.38 2.27 -24.40
CA THR B 299 -25.31 2.68 -23.51
C THR B 299 -25.40 2.13 -22.09
N VAL B 300 -26.50 1.50 -21.71
CA VAL B 300 -26.60 0.95 -20.36
C VAL B 300 -25.68 -0.27 -20.25
N SER B 301 -25.18 -0.49 -19.05
CA SER B 301 -24.29 -1.62 -18.80
C SER B 301 -25.07 -2.83 -18.32
N TRP B 302 -24.38 -3.97 -18.27
CA TRP B 302 -25.03 -5.18 -17.78
C TRP B 302 -25.16 -5.17 -16.26
N GLN B 303 -24.24 -4.50 -15.57
CA GLN B 303 -24.38 -4.43 -14.11
C GLN B 303 -25.59 -3.61 -13.72
N ARG B 304 -25.95 -2.59 -14.51
CA ARG B 304 -27.15 -1.82 -14.22
C ARG B 304 -28.40 -2.65 -14.45
N VAL B 305 -28.41 -3.46 -15.51
CA VAL B 305 -29.53 -4.37 -15.75
C VAL B 305 -29.64 -5.38 -14.63
N LEU B 306 -28.51 -5.89 -14.16
CA LEU B 306 -28.52 -6.83 -13.04
C LEU B 306 -29.06 -6.16 -11.77
N TYR B 307 -28.66 -4.91 -11.54
CA TYR B 307 -29.16 -4.17 -10.38
C TYR B 307 -30.67 -4.04 -10.44
N ARG B 308 -31.20 -3.59 -11.59
CA ARG B 308 -32.65 -3.47 -11.73
C ARG B 308 -33.33 -4.82 -11.57
N LEU B 309 -32.72 -5.87 -12.11
CA LEU B 309 -33.36 -7.18 -12.09
C LEU B 309 -33.41 -7.76 -10.69
N LEU B 310 -32.37 -7.51 -9.89
CA LEU B 310 -32.41 -7.95 -8.50
C LEU B 310 -33.39 -7.12 -7.70
N LYS B 311 -33.49 -5.81 -8.00
CA LYS B 311 -34.52 -4.98 -7.38
C LYS B 311 -35.91 -5.55 -7.62
N LEU B 312 -36.21 -5.87 -8.88
CA LEU B 312 -37.53 -6.39 -9.23
C LEU B 312 -37.85 -7.65 -8.45
N LYS B 313 -36.87 -8.53 -8.25
CA LYS B 313 -37.11 -9.77 -7.53
C LYS B 313 -35.85 -10.25 -6.81
N LYS B 332 -34.86 -19.42 -7.83
CA LYS B 332 -34.60 -19.37 -6.40
C LYS B 332 -33.71 -18.20 -6.03
N ARG B 333 -32.67 -17.98 -6.83
CA ARG B 333 -31.71 -16.93 -6.61
C ARG B 333 -31.45 -16.18 -7.91
N LEU B 334 -31.15 -14.89 -7.80
CA LEU B 334 -30.87 -14.07 -8.96
C LEU B 334 -29.64 -13.22 -8.73
N ASP B 335 -28.63 -13.80 -8.11
CA ASP B 335 -27.32 -13.16 -8.01
C ASP B 335 -26.75 -12.94 -9.41
N ALA B 336 -25.69 -12.15 -9.50
CA ALA B 336 -24.98 -12.00 -10.77
C ALA B 336 -24.40 -13.32 -11.21
N TYR B 337 -23.74 -14.04 -10.30
CA TYR B 337 -23.11 -15.31 -10.63
C TYR B 337 -24.15 -16.36 -11.00
N ALA B 338 -25.29 -16.36 -10.31
CA ALA B 338 -26.34 -17.32 -10.65
C ALA B 338 -26.91 -17.05 -12.02
N ILE B 339 -27.12 -15.79 -12.37
CA ILE B 339 -27.65 -15.46 -13.68
C ILE B 339 -26.64 -15.78 -14.76
N ALA B 340 -25.35 -15.59 -14.48
CA ALA B 340 -24.34 -16.00 -15.44
C ALA B 340 -24.33 -17.50 -15.63
N ASN B 341 -24.52 -18.27 -14.54
CA ASN B 341 -24.56 -19.72 -14.67
C ASN B 341 -25.79 -20.19 -15.41
N ARG B 342 -26.88 -19.43 -15.35
CA ARG B 342 -28.09 -19.85 -16.05
C ARG B 342 -28.08 -19.42 -17.52
N ILE B 343 -27.45 -18.29 -17.84
CA ILE B 343 -27.34 -17.88 -19.23
C ILE B 343 -26.34 -18.75 -19.96
N MET B 344 -25.21 -19.05 -19.33
CA MET B 344 -24.13 -19.80 -19.95
C MET B 344 -24.13 -21.27 -19.54
N ARG B 345 -25.30 -21.85 -19.32
CA ARG B 345 -25.32 -23.21 -18.80
C ARG B 345 -24.82 -24.21 -19.84
N LYS B 346 -25.14 -24.00 -21.11
CA LYS B 346 -24.65 -24.84 -22.18
C LYS B 346 -23.33 -24.37 -22.74
N ASP B 347 -23.08 -23.07 -22.72
CA ASP B 347 -21.79 -22.57 -23.18
C ASP B 347 -20.66 -23.05 -22.29
N ASN B 348 -20.93 -23.26 -21.00
CA ASN B 348 -19.89 -23.81 -20.14
C ASN B 348 -19.56 -25.24 -20.51
N TYR B 349 -20.56 -26.04 -20.83
CA TYR B 349 -20.30 -27.39 -21.30
C TYR B 349 -19.55 -27.37 -22.62
N PHE B 350 -19.84 -26.39 -23.48
CA PHE B 350 -19.12 -26.28 -24.74
C PHE B 350 -17.65 -25.92 -24.52
N ILE B 351 -17.40 -24.94 -23.66
CA ILE B 351 -16.03 -24.57 -23.32
C ILE B 351 -15.28 -25.76 -22.76
N ALA B 352 -15.94 -26.57 -21.94
CA ALA B 352 -15.28 -27.70 -21.32
C ALA B 352 -15.09 -28.86 -22.27
N LEU B 353 -15.98 -29.03 -23.25
CA LEU B 353 -15.77 -30.05 -24.27
C LEU B 353 -14.62 -29.67 -25.18
N ILE B 354 -14.57 -28.40 -25.58
CA ILE B 354 -13.55 -27.98 -26.55
C ILE B 354 -12.19 -27.90 -25.91
N ASN B 355 -12.10 -27.29 -24.73
CA ASN B 355 -10.80 -27.03 -24.12
C ASN B 355 -10.18 -28.29 -23.54
N ASN B 356 -10.99 -29.26 -23.14
CA ASN B 356 -10.48 -30.47 -22.53
C ASN B 356 -10.42 -31.64 -23.50
N GLY B 357 -10.64 -31.41 -24.78
CA GLY B 357 -10.50 -32.46 -25.76
C GLY B 357 -11.48 -33.61 -25.64
N ILE B 358 -12.59 -33.41 -24.94
CA ILE B 358 -13.59 -34.47 -24.85
C ILE B 358 -14.10 -34.82 -26.24
N ILE B 359 -14.24 -33.83 -27.11
CA ILE B 359 -14.69 -34.02 -28.47
C ILE B 359 -13.53 -33.67 -29.39
N ASN B 360 -13.34 -34.48 -30.42
CA ASN B 360 -12.18 -34.35 -31.30
C ASN B 360 -12.58 -33.54 -32.54
N ILE B 361 -12.05 -32.33 -32.65
CA ILE B 361 -12.31 -31.48 -33.80
C ILE B 361 -11.08 -31.41 -34.71
N GLU B 362 -10.21 -32.40 -34.65
CA GLU B 362 -9.00 -32.42 -35.47
C GLU B 362 -9.27 -33.22 -36.73
N LEU B 363 -8.97 -32.63 -37.88
CA LEU B 363 -9.25 -33.31 -39.13
C LEU B 363 -8.40 -34.56 -39.25
N PRO B 364 -8.94 -35.64 -39.83
CA PRO B 364 -8.18 -36.89 -39.89
C PRO B 364 -6.91 -36.81 -40.72
N LEU B 365 -6.96 -36.09 -41.84
CA LEU B 365 -5.82 -36.04 -42.76
C LEU B 365 -5.03 -34.74 -42.65
N LEU B 366 -5.71 -33.60 -42.73
CA LEU B 366 -5.02 -32.32 -42.67
C LEU B 366 -4.35 -32.08 -41.32
N HIS B 367 -4.79 -32.76 -40.27
CA HIS B 367 -4.18 -32.69 -38.95
C HIS B 367 -4.26 -31.27 -38.38
N ARG B 368 -5.49 -30.74 -38.32
CA ARG B 368 -5.72 -29.38 -37.86
C ARG B 368 -7.03 -29.32 -37.10
N ARG B 369 -7.02 -28.61 -35.97
CA ARG B 369 -8.22 -28.38 -35.19
C ARG B 369 -8.95 -27.17 -35.76
N ILE B 370 -10.08 -27.39 -36.41
CA ILE B 370 -10.88 -26.32 -36.98
C ILE B 370 -12.21 -26.26 -36.23
N LEU B 371 -12.62 -25.05 -35.88
CA LEU B 371 -13.90 -24.81 -35.22
C LEU B 371 -14.56 -23.68 -35.97
N THR B 372 -15.28 -24.01 -37.04
CA THR B 372 -16.02 -23.03 -37.80
C THR B 372 -17.28 -22.63 -37.03
N HIS B 373 -18.11 -21.79 -37.64
CA HIS B 373 -19.41 -21.52 -37.04
C HIS B 373 -20.40 -22.63 -37.33
N THR B 374 -20.27 -23.29 -38.48
CA THR B 374 -21.13 -24.45 -38.75
C THR B 374 -20.76 -25.62 -37.86
N THR B 375 -19.49 -25.77 -37.51
CA THR B 375 -19.10 -26.82 -36.58
C THR B 375 -19.82 -26.66 -35.25
N GLU B 376 -19.85 -25.45 -34.72
CA GLU B 376 -20.49 -25.25 -33.43
C GLU B 376 -22.00 -25.24 -33.54
N TRP B 377 -22.55 -24.85 -34.69
CA TRP B 377 -23.99 -25.05 -34.90
C TRP B 377 -24.34 -26.54 -34.87
N ASN B 378 -23.54 -27.36 -35.54
CA ASN B 378 -23.81 -28.79 -35.54
C ASN B 378 -23.61 -29.40 -34.16
N ILE B 379 -22.62 -28.94 -33.42
CA ILE B 379 -22.44 -29.43 -32.06
C ILE B 379 -23.63 -29.06 -31.19
N ASN B 380 -24.14 -27.84 -31.34
CA ASN B 380 -25.27 -27.41 -30.53
C ASN B 380 -26.55 -28.12 -30.93
N TRP B 381 -26.66 -28.55 -32.18
CA TRP B 381 -27.89 -29.26 -32.55
C TRP B 381 -27.81 -30.75 -32.21
N CYS B 382 -26.69 -31.39 -32.49
CA CYS B 382 -26.57 -32.82 -32.22
C CYS B 382 -26.56 -33.10 -30.73
N ILE B 383 -25.71 -32.41 -29.99
CA ILE B 383 -25.48 -32.72 -28.58
C ILE B 383 -26.45 -31.96 -27.69
N PHE B 384 -26.40 -30.63 -27.72
CA PHE B 384 -27.10 -29.86 -26.71
C PHE B 384 -28.61 -29.86 -26.90
N ASN B 385 -29.12 -30.23 -28.08
CA ASN B 385 -30.55 -30.46 -28.21
C ASN B 385 -30.95 -31.83 -27.70
N PHE B 386 -30.00 -32.76 -27.67
CA PHE B 386 -30.26 -34.12 -27.23
C PHE B 386 -30.00 -34.31 -25.75
N VAL B 387 -29.10 -33.52 -25.19
CA VAL B 387 -28.70 -33.69 -23.80
C VAL B 387 -29.55 -32.85 -22.85
N PHE B 388 -30.08 -31.73 -23.32
CA PHE B 388 -30.78 -30.79 -22.45
C PHE B 388 -32.27 -30.78 -22.76
N ASP B 389 -33.05 -30.54 -21.71
CA ASP B 389 -34.50 -30.52 -21.81
C ASP B 389 -34.96 -29.45 -22.80
N GLU B 390 -36.24 -29.51 -23.15
CA GLU B 390 -36.87 -28.34 -23.76
C GLU B 390 -36.95 -27.20 -22.76
N GLN B 391 -37.11 -27.52 -21.48
CA GLN B 391 -37.07 -26.53 -20.41
C GLN B 391 -35.65 -26.05 -20.14
N GLY B 392 -34.65 -26.68 -20.76
CA GLY B 392 -33.29 -26.19 -20.71
C GLY B 392 -32.50 -26.64 -19.50
N GLN B 393 -32.43 -27.95 -19.26
CA GLN B 393 -31.66 -28.46 -18.15
C GLN B 393 -31.29 -29.91 -18.43
N LEU B 394 -30.18 -30.34 -17.84
CA LEU B 394 -29.64 -31.66 -18.11
C LEU B 394 -30.68 -32.74 -17.85
N ARG B 395 -31.01 -33.50 -18.90
CA ARG B 395 -32.00 -34.56 -18.77
C ARG B 395 -31.57 -35.57 -17.71
N SER B 396 -32.56 -36.24 -17.13
CA SER B 396 -32.29 -37.15 -16.02
C SER B 396 -31.50 -38.38 -16.48
N ALA B 397 -31.76 -38.85 -17.71
CA ALA B 397 -31.13 -40.07 -18.18
C ALA B 397 -29.62 -39.94 -18.34
N PHE B 398 -29.06 -38.75 -18.17
CA PHE B 398 -27.64 -38.53 -18.40
C PHE B 398 -26.82 -38.54 -17.13
N ARG B 399 -27.43 -38.83 -15.99
CA ARG B 399 -26.67 -39.11 -14.77
C ARG B 399 -26.83 -40.55 -14.32
N ASN B 400 -27.70 -41.33 -14.95
CA ASN B 400 -27.89 -42.74 -14.67
C ASN B 400 -26.82 -43.56 -15.37
N PRO B 401 -25.88 -44.15 -14.63
CA PRO B 401 -24.75 -44.85 -15.29
C PRO B 401 -25.14 -46.09 -16.05
N ASN B 402 -26.36 -46.59 -15.89
CA ASN B 402 -26.76 -47.80 -16.60
C ASN B 402 -27.21 -47.51 -18.02
N SER B 403 -27.66 -46.29 -18.30
CA SER B 403 -28.11 -45.89 -19.62
C SER B 403 -26.99 -45.36 -20.49
N ARG B 404 -25.74 -45.51 -20.07
CA ARG B 404 -24.61 -44.97 -20.82
C ARG B 404 -24.39 -45.66 -22.14
N LYS B 405 -25.02 -46.81 -22.38
CA LYS B 405 -24.88 -47.51 -23.65
C LYS B 405 -26.00 -47.20 -24.62
N ARG B 406 -27.17 -46.82 -24.12
CA ARG B 406 -28.27 -46.44 -25.00
C ARG B 406 -28.09 -45.02 -25.52
N LEU B 407 -27.73 -44.09 -24.64
CA LEU B 407 -27.53 -42.71 -25.05
C LEU B 407 -26.32 -42.58 -25.97
N SER B 408 -25.25 -43.28 -25.66
CA SER B 408 -24.04 -43.23 -26.49
C SER B 408 -24.20 -43.92 -27.80
N GLU B 409 -25.39 -44.40 -28.12
CA GLU B 409 -25.68 -44.92 -29.44
C GLU B 409 -26.85 -44.21 -30.10
N GLU B 410 -27.70 -43.53 -29.35
CA GLU B 410 -28.63 -42.58 -29.93
C GLU B 410 -27.98 -41.26 -30.26
N LEU B 411 -26.72 -41.08 -29.89
CA LEU B 411 -25.98 -39.87 -30.22
C LEU B 411 -25.19 -40.01 -31.52
N ARG B 412 -24.77 -41.23 -31.87
CA ARG B 412 -24.17 -41.43 -33.18
C ARG B 412 -25.22 -41.35 -34.28
N ARG B 413 -26.43 -41.81 -34.00
CA ARG B 413 -27.51 -41.68 -34.96
C ARG B 413 -28.03 -40.26 -35.08
N ARG B 414 -27.43 -39.30 -34.37
CA ARG B 414 -27.64 -37.88 -34.60
C ARG B 414 -26.49 -37.26 -35.37
N PHE B 415 -25.25 -37.63 -35.03
CA PHE B 415 -24.10 -37.20 -35.80
C PHE B 415 -24.23 -37.62 -37.26
N ILE B 416 -24.77 -38.82 -37.51
CA ILE B 416 -24.89 -39.29 -38.88
C ILE B 416 -25.92 -38.48 -39.64
N VAL B 417 -27.08 -38.20 -39.02
CA VAL B 417 -28.11 -37.42 -39.70
C VAL B 417 -27.62 -36.01 -39.97
N ALA B 418 -26.90 -35.41 -39.01
CA ALA B 418 -26.37 -34.07 -39.24
C ALA B 418 -25.32 -34.06 -40.33
N GLY B 419 -24.50 -35.11 -40.40
CA GLY B 419 -23.56 -35.22 -41.49
C GLY B 419 -24.25 -35.33 -42.84
N PHE B 420 -25.34 -36.08 -42.90
CA PHE B 420 -26.09 -36.18 -44.15
C PHE B 420 -26.68 -34.84 -44.55
N LEU B 421 -27.26 -34.10 -43.59
CA LEU B 421 -27.82 -32.79 -43.93
C LEU B 421 -26.73 -31.80 -44.31
N ASN B 422 -25.54 -31.92 -43.71
CA ASN B 422 -24.47 -31.01 -44.07
C ASN B 422 -23.88 -31.35 -45.43
N CYS B 423 -23.81 -32.62 -45.79
CA CYS B 423 -23.35 -32.96 -47.13
C CYS B 423 -24.28 -32.43 -48.21
N LEU B 424 -25.45 -31.92 -47.84
CA LEU B 424 -26.36 -31.29 -48.79
C LEU B 424 -26.42 -29.78 -48.68
N PHE B 425 -26.26 -29.22 -47.49
CA PHE B 425 -26.33 -27.78 -47.31
C PHE B 425 -24.98 -27.10 -47.16
N ALA B 426 -23.89 -27.84 -47.21
CA ALA B 426 -22.56 -27.25 -47.08
C ALA B 426 -22.05 -26.67 -48.39
N PRO B 427 -22.24 -27.33 -49.53
CA PRO B 427 -21.84 -26.67 -50.80
C PRO B 427 -22.54 -25.34 -51.00
N ILE B 428 -23.88 -25.30 -50.84
CA ILE B 428 -24.63 -24.08 -51.11
C ILE B 428 -24.54 -23.06 -49.99
N VAL B 429 -23.76 -23.35 -48.94
CA VAL B 429 -23.42 -22.35 -47.96
C VAL B 429 -22.00 -21.84 -48.15
N ALA B 430 -21.06 -22.73 -48.48
CA ALA B 430 -19.71 -22.30 -48.80
C ALA B 430 -19.70 -21.43 -50.06
N ILE B 431 -20.56 -21.75 -51.02
CA ILE B 431 -20.65 -20.94 -52.24
C ILE B 431 -21.11 -19.53 -51.90
N TYR B 432 -22.22 -19.42 -51.16
CA TYR B 432 -22.70 -18.11 -50.76
C TYR B 432 -21.65 -17.37 -49.95
N LEU B 433 -20.92 -18.08 -49.09
CA LEU B 433 -19.96 -17.41 -48.23
C LEU B 433 -18.80 -16.87 -49.03
N VAL B 434 -18.30 -17.64 -50.00
CA VAL B 434 -17.19 -17.15 -50.79
C VAL B 434 -17.64 -15.99 -51.68
N ILE B 435 -18.88 -16.03 -52.18
CA ILE B 435 -19.37 -14.91 -52.97
C ILE B 435 -19.50 -13.66 -52.11
N HIS B 436 -20.08 -13.80 -50.92
CA HIS B 436 -20.25 -12.65 -50.03
C HIS B 436 -18.90 -12.06 -49.65
N ASN B 437 -17.95 -12.91 -49.30
CA ASN B 437 -16.65 -12.41 -48.87
C ASN B 437 -15.89 -11.78 -50.02
N PHE B 438 -16.00 -12.35 -51.22
CA PHE B 438 -15.40 -11.72 -52.39
C PHE B 438 -15.99 -10.32 -52.59
N PHE B 439 -17.31 -10.22 -52.67
CA PHE B 439 -17.93 -8.92 -52.87
C PHE B 439 -17.53 -7.92 -51.79
N ARG B 440 -17.42 -8.37 -50.54
CA ARG B 440 -17.16 -7.43 -49.48
C ARG B 440 -15.71 -6.99 -49.43
N TYR B 441 -14.77 -7.90 -49.72
CA TYR B 441 -13.37 -7.63 -49.43
C TYR B 441 -12.49 -7.44 -50.66
N PHE B 442 -13.02 -7.63 -51.88
CA PHE B 442 -12.18 -7.46 -53.05
C PHE B 442 -11.67 -6.02 -53.17
N ASN B 443 -12.55 -5.06 -52.95
CA ASN B 443 -12.18 -3.65 -53.04
C ASN B 443 -11.01 -3.34 -52.11
N GLU B 444 -11.13 -3.72 -50.84
CA GLU B 444 -10.10 -3.38 -49.86
C GLU B 444 -8.83 -4.18 -50.06
N TYR B 445 -8.94 -5.44 -50.49
CA TYR B 445 -7.76 -6.29 -50.62
C TYR B 445 -7.09 -6.19 -51.99
N HIS B 446 -7.63 -5.39 -52.90
CA HIS B 446 -6.91 -5.07 -54.12
C HIS B 446 -6.64 -3.58 -54.30
N LYS B 447 -7.23 -2.71 -53.47
CA LYS B 447 -6.98 -1.28 -53.54
C LYS B 447 -6.51 -0.70 -52.22
N ASN B 448 -6.16 -1.56 -51.25
CA ASN B 448 -5.64 -1.13 -49.97
C ASN B 448 -4.90 -2.29 -49.32
N PRO B 449 -3.73 -2.68 -49.84
CA PRO B 449 -3.03 -3.83 -49.25
C PRO B 449 -2.59 -3.62 -47.81
N GLY B 450 -2.58 -2.38 -47.33
CA GLY B 450 -2.30 -2.15 -45.92
C GLY B 450 -3.26 -2.86 -45.00
N ALA B 451 -4.51 -3.01 -45.42
CA ALA B 451 -5.51 -3.78 -44.68
C ALA B 451 -5.58 -5.22 -45.15
N LEU B 452 -4.48 -5.76 -45.67
CA LEU B 452 -4.38 -7.19 -45.94
C LEU B 452 -3.71 -7.94 -44.80
N SER B 453 -2.84 -7.27 -44.04
CA SER B 453 -2.18 -7.87 -42.89
C SER B 453 -2.96 -7.67 -41.59
N THR B 454 -4.24 -7.35 -41.68
CA THR B 454 -5.05 -7.23 -40.47
C THR B 454 -5.24 -8.61 -39.85
N ARG B 455 -4.74 -8.79 -38.65
CA ARG B 455 -4.79 -10.07 -37.97
C ARG B 455 -5.91 -10.09 -36.95
N ARG B 456 -6.52 -11.26 -36.81
CA ARG B 456 -7.61 -11.50 -35.89
C ARG B 456 -7.42 -12.88 -35.28
N TYR B 457 -8.08 -13.12 -34.15
CA TYR B 457 -8.02 -14.45 -33.54
C TYR B 457 -8.91 -15.41 -34.31
N THR B 458 -8.40 -16.62 -34.52
CA THR B 458 -9.20 -17.64 -35.18
C THR B 458 -10.37 -18.03 -34.29
N PRO B 459 -11.46 -18.54 -34.89
CA PRO B 459 -12.61 -18.96 -34.07
C PRO B 459 -12.28 -20.00 -33.02
N LEU B 460 -11.23 -20.79 -33.21
CA LEU B 460 -10.81 -21.72 -32.18
C LEU B 460 -9.99 -21.04 -31.10
N ALA B 461 -9.32 -19.94 -31.43
CA ALA B 461 -8.63 -19.17 -30.41
C ALA B 461 -9.60 -18.45 -29.51
N LEU B 462 -10.80 -18.15 -29.98
CA LEU B 462 -11.78 -17.45 -29.17
C LEU B 462 -12.54 -18.39 -28.25
N TRP B 463 -12.46 -19.69 -28.44
CA TRP B 463 -12.97 -20.65 -27.48
C TRP B 463 -11.89 -21.18 -26.55
N THR B 464 -10.63 -20.99 -26.92
CA THR B 464 -9.52 -21.31 -26.02
C THR B 464 -9.33 -20.23 -24.98
N PHE B 465 -9.60 -18.98 -25.32
CA PHE B 465 -9.46 -17.88 -24.39
C PHE B 465 -10.66 -17.72 -23.48
N ARG B 466 -11.80 -18.28 -23.87
CA ARG B 466 -13.03 -18.04 -23.14
C ARG B 466 -12.98 -18.67 -21.77
N GLU B 467 -13.47 -17.94 -20.77
CA GLU B 467 -13.59 -18.45 -19.42
C GLU B 467 -15.03 -18.84 -19.15
N TYR B 468 -15.22 -19.62 -18.10
CA TYR B 468 -16.55 -20.05 -17.74
C TYR B 468 -17.32 -18.91 -17.11
N ASN B 469 -18.62 -18.88 -17.38
CA ASN B 469 -19.55 -17.87 -16.88
C ASN B 469 -19.15 -16.45 -17.27
N GLU B 470 -18.21 -16.29 -18.20
CA GLU B 470 -17.88 -14.99 -18.74
C GLU B 470 -18.83 -14.71 -19.89
N LEU B 471 -19.79 -13.82 -19.65
CA LEU B 471 -20.80 -13.52 -20.65
C LEU B 471 -20.15 -12.97 -21.90
N GLN B 472 -20.88 -13.07 -23.01
CA GLN B 472 -20.29 -12.82 -24.32
C GLN B 472 -19.71 -11.42 -24.42
N HIS B 473 -20.40 -10.41 -23.90
CA HIS B 473 -19.95 -9.04 -24.14
C HIS B 473 -18.73 -8.70 -23.30
N PHE B 474 -18.58 -9.27 -22.11
CA PHE B 474 -17.35 -9.10 -21.36
C PHE B 474 -16.17 -9.68 -22.11
N PHE B 475 -16.36 -10.87 -22.67
CA PHE B 475 -15.32 -11.51 -23.46
C PHE B 475 -14.96 -10.69 -24.68
N ASP B 476 -15.96 -10.11 -25.33
CA ASP B 476 -15.70 -9.27 -26.49
C ASP B 476 -14.93 -8.02 -26.10
N GLU B 477 -15.28 -7.40 -24.98
CA GLU B 477 -14.51 -6.24 -24.52
C GLU B 477 -13.07 -6.61 -24.27
N ARG B 478 -12.82 -7.67 -23.51
CA ARG B 478 -11.46 -7.99 -23.16
C ARG B 478 -10.67 -8.62 -24.29
N ILE B 479 -11.32 -9.07 -25.35
CA ILE B 479 -10.59 -9.53 -26.52
C ILE B 479 -10.29 -8.37 -27.46
N ASN B 480 -11.23 -7.45 -27.66
CA ASN B 480 -10.93 -6.26 -28.44
C ASN B 480 -9.86 -5.40 -27.78
N ASP B 481 -9.83 -5.36 -26.46
CA ASP B 481 -8.79 -4.62 -25.77
C ASP B 481 -7.46 -5.33 -25.79
N SER B 482 -7.32 -6.41 -26.56
CA SER B 482 -6.08 -7.16 -26.64
C SER B 482 -5.42 -7.11 -28.00
N TYR B 483 -6.08 -6.56 -29.00
CA TYR B 483 -5.51 -6.55 -30.34
C TYR B 483 -4.33 -5.60 -30.44
N ALA B 484 -4.36 -4.50 -29.68
CA ALA B 484 -3.19 -3.61 -29.65
C ALA B 484 -1.98 -4.33 -29.09
N ALA B 485 -2.16 -5.03 -27.97
CA ALA B 485 -1.07 -5.77 -27.36
C ALA B 485 -0.58 -6.88 -28.27
N ALA B 486 -1.49 -7.56 -28.98
CA ALA B 486 -1.07 -8.64 -29.86
C ALA B 486 -0.32 -8.12 -31.08
N SER B 487 -0.79 -7.02 -31.65
CA SER B 487 -0.09 -6.42 -32.78
C SER B 487 1.29 -5.95 -32.37
N HIS B 488 1.40 -5.41 -31.16
CA HIS B 488 2.72 -5.03 -30.65
C HIS B 488 3.61 -6.25 -30.48
N TYR B 489 3.08 -7.31 -29.88
CA TYR B 489 3.89 -8.49 -29.60
C TYR B 489 4.45 -9.11 -30.86
N VAL B 490 3.61 -9.28 -31.89
CA VAL B 490 4.06 -10.03 -33.05
C VAL B 490 5.12 -9.27 -33.83
N SER B 491 5.41 -8.04 -33.44
CA SER B 491 6.40 -7.22 -34.13
C SER B 491 7.75 -7.19 -33.42
N GLN B 492 7.86 -7.81 -32.25
CA GLN B 492 9.10 -7.77 -31.48
C GLN B 492 10.12 -8.79 -31.96
N PHE B 493 9.95 -9.38 -33.13
CA PHE B 493 10.83 -10.42 -33.63
C PHE B 493 11.36 -10.04 -35.01
N PRO B 494 12.25 -9.05 -35.07
CA PRO B 494 12.80 -8.63 -36.36
C PRO B 494 13.91 -9.57 -36.80
N ASP B 495 14.29 -9.42 -38.07
CA ASP B 495 15.34 -10.25 -38.67
C ASP B 495 16.59 -9.39 -38.78
N PHE B 496 17.48 -9.53 -37.81
CA PHE B 496 18.65 -8.65 -37.75
C PHE B 496 19.58 -8.88 -38.92
N ASN B 497 19.75 -10.13 -39.35
CA ASN B 497 20.60 -10.42 -40.50
C ASN B 497 20.02 -9.86 -41.80
N MET B 498 18.73 -9.52 -41.81
CA MET B 498 18.10 -8.88 -42.95
C MET B 498 18.04 -7.36 -42.82
N ILE B 499 17.84 -6.87 -41.59
CA ILE B 499 17.94 -5.45 -41.33
C ILE B 499 19.32 -4.95 -41.71
N ARG B 500 20.35 -5.73 -41.38
CA ARG B 500 21.71 -5.32 -41.70
C ARG B 500 21.93 -5.26 -43.21
N LEU B 501 21.43 -6.25 -43.94
CA LEU B 501 21.57 -6.26 -45.39
C LEU B 501 20.87 -5.05 -46.01
N PHE B 502 19.65 -4.75 -45.55
CA PHE B 502 18.94 -3.62 -46.14
C PHE B 502 19.59 -2.30 -45.74
N LYS B 503 20.18 -2.22 -44.55
CA LYS B 503 20.95 -1.05 -44.19
C LYS B 503 22.12 -0.84 -45.15
N TYR B 504 22.82 -1.93 -45.48
CA TYR B 504 23.92 -1.85 -46.43
C TYR B 504 23.45 -1.40 -47.81
N ILE B 505 22.35 -1.98 -48.28
CA ILE B 505 21.84 -1.63 -49.61
C ILE B 505 21.41 -0.17 -49.64
N SER B 506 20.72 0.28 -48.59
CA SER B 506 20.35 1.68 -48.50
C SER B 506 21.59 2.58 -48.51
N PHE B 507 22.66 2.15 -47.86
CA PHE B 507 23.88 2.94 -47.87
C PHE B 507 24.46 3.06 -49.28
N ILE B 508 24.52 1.93 -50.00
CA ILE B 508 25.03 1.95 -51.37
C ILE B 508 24.20 2.89 -52.25
N LEU B 509 22.89 2.71 -52.23
CA LEU B 509 22.03 3.53 -53.08
C LEU B 509 22.08 4.99 -52.67
N GLY B 510 22.26 5.27 -51.38
CA GLY B 510 22.39 6.65 -50.95
C GLY B 510 23.68 7.28 -51.43
N SER B 511 24.77 6.51 -51.46
CA SER B 511 26.00 7.03 -52.03
C SER B 511 25.84 7.35 -53.50
N PHE B 512 25.24 6.43 -54.26
CA PHE B 512 24.96 6.68 -55.67
C PHE B 512 24.12 7.93 -55.85
N THR B 513 23.05 8.05 -55.08
CA THR B 513 22.15 9.20 -55.21
C THR B 513 22.85 10.49 -54.83
N ALA B 514 23.70 10.46 -53.82
CA ALA B 514 24.45 11.64 -53.44
C ALA B 514 25.34 12.10 -54.59
N ILE B 515 26.06 11.16 -55.21
CA ILE B 515 26.90 11.52 -56.35
C ILE B 515 26.05 12.09 -57.48
N LEU B 516 24.91 11.47 -57.77
CA LEU B 516 24.09 11.92 -58.89
C LEU B 516 23.53 13.31 -58.64
N VAL B 517 23.05 13.58 -57.43
CA VAL B 517 22.48 14.89 -57.14
C VAL B 517 23.57 15.95 -57.12
N ILE B 518 24.76 15.61 -56.61
CA ILE B 518 25.84 16.59 -56.60
C ILE B 518 26.47 16.79 -57.97
N ILE B 519 26.19 15.89 -58.93
CA ILE B 519 26.65 16.09 -60.29
C ILE B 519 25.59 16.72 -61.19
N THR B 520 24.31 16.62 -60.84
CA THR B 520 23.28 17.28 -61.63
C THR B 520 23.11 18.74 -61.27
N VAL B 521 23.62 19.18 -60.11
CA VAL B 521 23.65 20.60 -59.79
C VAL B 521 24.78 21.33 -60.50
N PHE B 522 25.59 20.62 -61.27
CA PHE B 522 26.58 21.22 -62.15
C PHE B 522 26.37 20.90 -63.62
N ASP B 523 25.54 19.90 -63.94
CA ASP B 523 25.22 19.54 -65.31
C ASP B 523 23.73 19.22 -65.40
N PRO B 524 22.88 20.26 -65.34
CA PRO B 524 21.43 20.04 -65.39
C PRO B 524 20.95 19.47 -66.72
N SER B 537 20.06 8.93 -69.05
CA SER B 537 18.82 8.78 -68.30
C SER B 537 19.08 8.80 -66.80
N VAL B 538 19.78 9.85 -66.34
CA VAL B 538 20.15 9.92 -64.92
C VAL B 538 18.93 10.17 -64.06
N LEU B 539 17.90 10.83 -64.59
CA LEU B 539 16.69 11.04 -63.81
C LEU B 539 15.94 9.74 -63.55
N PHE B 540 15.96 8.83 -64.51
CA PHE B 540 15.38 7.51 -64.30
C PHE B 540 16.08 6.79 -63.16
N TYR B 541 17.42 6.82 -63.15
CA TYR B 541 18.16 6.20 -62.07
C TYR B 541 17.90 6.88 -60.74
N LEU B 542 17.79 8.20 -60.74
CA LEU B 542 17.51 8.91 -59.49
C LEU B 542 16.15 8.52 -58.94
N GLY B 543 15.14 8.43 -59.79
CA GLY B 543 13.83 8.01 -59.34
C GLY B 543 13.82 6.58 -58.85
N LEU B 544 14.49 5.67 -59.57
CA LEU B 544 14.55 4.28 -59.16
C LEU B 544 15.24 4.14 -57.81
N PHE B 545 16.34 4.86 -57.61
CA PHE B 545 17.06 4.78 -56.35
C PHE B 545 16.26 5.40 -55.22
N GLY B 546 15.56 6.50 -55.48
CA GLY B 546 14.67 7.05 -54.48
C GLY B 546 13.60 6.04 -54.06
N SER B 547 13.03 5.34 -55.03
CA SER B 547 12.02 4.33 -54.72
C SER B 547 12.62 3.20 -53.88
N LEU B 548 13.79 2.70 -54.27
CA LEU B 548 14.40 1.60 -53.54
C LEU B 548 14.79 2.02 -52.13
N ILE B 549 15.27 3.25 -51.97
CA ILE B 549 15.64 3.73 -50.64
C ILE B 549 14.41 3.92 -49.76
N ALA B 550 13.32 4.40 -50.35
CA ALA B 550 12.07 4.49 -49.60
C ALA B 550 11.56 3.12 -49.20
N VAL B 551 11.78 2.11 -50.05
CA VAL B 551 11.44 0.74 -49.68
C VAL B 551 12.29 0.27 -48.51
N SER B 552 13.59 0.55 -48.57
CA SER B 552 14.50 0.04 -47.54
C SER B 552 14.25 0.70 -46.20
N ARG B 553 13.97 2.00 -46.18
CA ARG B 553 13.74 2.69 -44.91
C ARG B 553 12.57 2.12 -44.15
N SER B 554 11.63 1.45 -44.82
CA SER B 554 10.48 0.90 -44.11
C SER B 554 10.85 -0.35 -43.33
N ILE B 555 11.78 -1.16 -43.83
CA ILE B 555 12.17 -2.36 -43.12
C ILE B 555 13.04 -2.03 -41.92
N ILE B 556 14.02 -1.14 -42.11
CA ILE B 556 14.96 -0.76 -41.06
C ILE B 556 14.21 -0.09 -39.91
N PRO B 557 14.18 -0.68 -38.73
CA PRO B 557 13.47 -0.06 -37.61
C PRO B 557 14.20 1.19 -37.14
N ASP B 558 13.55 1.90 -36.24
CA ASP B 558 14.17 3.07 -35.63
C ASP B 558 15.38 2.64 -34.81
N GLU B 559 16.33 3.56 -34.67
CA GLU B 559 17.48 3.27 -33.82
C GLU B 559 17.08 3.14 -32.37
N THR B 560 16.36 4.13 -31.85
CA THR B 560 15.98 4.16 -30.45
C THR B 560 14.74 3.32 -30.19
N LEU B 561 14.74 2.08 -30.66
CA LEU B 561 13.62 1.17 -30.50
C LEU B 561 14.10 -0.03 -29.71
N VAL B 562 13.41 -0.35 -28.62
CA VAL B 562 13.81 -1.41 -27.71
C VAL B 562 12.85 -2.57 -27.91
N PHE B 563 13.39 -3.68 -28.41
CA PHE B 563 12.60 -4.90 -28.61
C PHE B 563 12.61 -5.73 -27.35
N ALA B 564 11.44 -6.07 -26.84
CA ALA B 564 11.32 -6.87 -25.63
C ALA B 564 10.12 -7.80 -25.79
N PRO B 565 10.33 -8.98 -26.38
CA PRO B 565 9.18 -9.87 -26.63
C PRO B 565 8.52 -10.39 -25.37
N GLU B 566 9.26 -10.59 -24.28
CA GLU B 566 8.66 -11.23 -23.11
C GLU B 566 7.65 -10.33 -22.42
N LYS B 567 7.97 -9.04 -22.28
CA LYS B 567 6.99 -8.17 -21.62
C LYS B 567 5.84 -7.81 -22.54
N ALA B 568 6.07 -7.80 -23.86
CA ALA B 568 4.95 -7.70 -24.78
C ALA B 568 4.02 -8.90 -24.65
N LEU B 569 4.60 -10.10 -24.53
CA LEU B 569 3.78 -11.30 -24.36
C LEU B 569 3.02 -11.26 -23.05
N ARG B 570 3.65 -10.79 -21.98
CA ARG B 570 2.92 -10.70 -20.72
C ARG B 570 1.81 -9.66 -20.79
N ARG B 571 2.05 -8.57 -21.52
CA ARG B 571 0.99 -7.59 -21.73
C ARG B 571 -0.17 -8.18 -22.52
N VAL B 572 0.10 -9.09 -23.45
CA VAL B 572 -0.96 -9.79 -24.17
C VAL B 572 -1.71 -10.71 -23.22
N ILE B 573 -0.97 -11.50 -22.44
CA ILE B 573 -1.57 -12.51 -21.58
C ILE B 573 -2.43 -11.88 -20.50
N THR B 574 -2.14 -10.63 -20.11
CA THR B 574 -3.03 -9.97 -19.17
C THR B 574 -4.44 -9.79 -19.73
N PHE B 575 -4.61 -9.93 -21.04
CA PHE B 575 -5.92 -9.85 -21.67
C PHE B 575 -6.43 -11.21 -22.08
N THR B 576 -5.62 -12.01 -22.78
CA THR B 576 -6.11 -13.30 -23.23
C THR B 576 -6.22 -14.31 -22.10
N HIS B 577 -5.52 -14.11 -20.99
CA HIS B 577 -5.52 -15.01 -19.85
C HIS B 577 -5.09 -16.41 -20.22
N TYR B 578 -4.40 -16.57 -21.34
CA TYR B 578 -4.07 -17.89 -21.86
C TYR B 578 -2.56 -18.01 -21.98
N MET B 579 -1.95 -18.76 -21.08
CA MET B 579 -0.52 -19.08 -21.14
C MET B 579 -0.36 -20.57 -20.90
N PRO B 580 -0.14 -21.36 -21.93
CA PRO B 580 0.10 -22.79 -21.73
C PRO B 580 1.23 -23.07 -20.76
N GLY B 581 1.31 -24.31 -20.29
CA GLY B 581 2.32 -24.62 -19.30
C GLY B 581 3.73 -24.46 -19.83
N TRP B 582 3.96 -24.87 -21.07
CA TRP B 582 5.30 -24.85 -21.63
C TRP B 582 5.74 -23.49 -22.14
N TRP B 583 4.87 -22.47 -22.07
CA TRP B 583 5.33 -21.12 -22.34
C TRP B 583 6.15 -20.58 -21.19
N SER B 584 5.82 -20.96 -19.95
CA SER B 584 6.42 -20.35 -18.77
C SER B 584 7.92 -20.55 -18.72
N ASP B 585 8.47 -21.49 -19.50
CA ASP B 585 9.92 -21.60 -19.60
C ASP B 585 10.48 -20.46 -20.45
N ASN B 586 10.06 -20.38 -21.71
CA ASN B 586 10.64 -19.45 -22.67
C ASN B 586 9.56 -18.58 -23.28
N MET B 587 9.22 -17.49 -22.61
CA MET B 587 8.29 -16.52 -23.17
C MET B 587 8.97 -15.55 -24.12
N HIS B 588 10.29 -15.54 -24.14
CA HIS B 588 11.07 -14.81 -25.13
C HIS B 588 11.21 -15.58 -26.43
N SER B 589 10.69 -16.81 -26.48
CA SER B 589 11.08 -17.74 -27.52
C SER B 589 10.45 -17.36 -28.85
N LYS B 590 10.93 -18.01 -29.91
CA LYS B 590 10.35 -17.90 -31.23
C LYS B 590 9.28 -18.96 -31.46
N ALA B 591 9.41 -20.12 -30.82
CA ALA B 591 8.37 -21.13 -30.91
C ALA B 591 7.08 -20.66 -30.27
N VAL B 592 7.19 -19.93 -29.16
CA VAL B 592 6.00 -19.35 -28.55
C VAL B 592 5.34 -18.38 -29.51
N GLN B 593 6.13 -17.62 -30.26
CA GLN B 593 5.54 -16.70 -31.21
C GLN B 593 4.91 -17.44 -32.38
N GLN B 594 5.50 -18.56 -32.80
CA GLN B 594 4.87 -19.36 -33.85
C GLN B 594 3.52 -19.87 -33.40
N GLU B 595 3.43 -20.35 -32.16
CA GLU B 595 2.15 -20.81 -31.64
C GLU B 595 1.14 -19.68 -31.55
N PHE B 596 1.56 -18.55 -30.97
CA PHE B 596 0.64 -17.43 -30.84
C PHE B 596 0.20 -16.90 -32.20
N CYS B 597 1.02 -17.03 -33.23
CA CYS B 597 0.57 -16.66 -34.56
C CYS B 597 -0.27 -17.74 -35.21
N SER B 598 -0.24 -18.96 -34.68
CA SER B 598 -1.27 -19.92 -35.06
C SER B 598 -2.61 -19.55 -34.43
N LEU B 599 -2.59 -18.93 -33.25
CA LEU B 599 -3.83 -18.47 -32.63
C LEU B 599 -4.30 -17.14 -33.20
N TYR B 600 -3.39 -16.27 -33.62
CA TYR B 600 -3.67 -14.91 -34.04
C TYR B 600 -3.28 -14.79 -35.50
N SER B 601 -4.19 -15.13 -36.40
CA SER B 601 -3.86 -15.33 -37.80
C SER B 601 -4.24 -14.10 -38.62
N TYR B 602 -4.02 -14.19 -39.92
CA TYR B 602 -4.48 -13.16 -40.84
C TYR B 602 -5.97 -13.31 -41.08
N ARG B 603 -6.64 -12.20 -41.32
CA ARG B 603 -8.08 -12.27 -41.54
C ARG B 603 -8.42 -13.01 -42.82
N ILE B 604 -7.58 -12.90 -43.84
CA ILE B 604 -7.86 -13.59 -45.10
C ILE B 604 -7.67 -15.10 -44.92
N VAL B 605 -6.69 -15.51 -44.13
CA VAL B 605 -6.53 -16.92 -43.82
C VAL B 605 -7.73 -17.41 -43.02
N ASN B 606 -8.23 -16.59 -42.10
CA ASN B 606 -9.44 -16.95 -41.37
C ASN B 606 -10.61 -17.13 -42.30
N LEU B 607 -10.72 -16.30 -43.35
CA LEU B 607 -11.81 -16.47 -44.31
C LEU B 607 -11.66 -17.77 -45.09
N LEU B 608 -10.45 -18.04 -45.58
CA LEU B 608 -10.22 -19.28 -46.31
C LEU B 608 -10.58 -20.49 -45.46
N TRP B 609 -10.23 -20.45 -44.17
CA TRP B 609 -10.55 -21.59 -43.31
C TRP B 609 -12.01 -21.63 -42.91
N GLU B 610 -12.67 -20.49 -42.74
CA GLU B 610 -14.10 -20.50 -42.46
C GLU B 610 -14.89 -20.95 -43.66
N ILE B 611 -14.30 -20.94 -44.85
CA ILE B 611 -14.95 -21.51 -46.02
C ILE B 611 -14.61 -22.98 -46.19
N LEU B 612 -13.37 -23.37 -45.93
CA LEU B 612 -12.99 -24.77 -46.06
C LEU B 612 -13.58 -25.62 -44.95
N GLY B 613 -13.83 -25.04 -43.78
CA GLY B 613 -14.40 -25.79 -42.68
C GLY B 613 -15.86 -26.11 -42.89
N ILE B 614 -16.60 -25.21 -43.54
CA ILE B 614 -17.98 -25.53 -43.88
C ILE B 614 -18.03 -26.75 -44.78
N LEU B 615 -16.98 -26.97 -45.58
CA LEU B 615 -16.93 -28.17 -46.41
C LEU B 615 -16.47 -29.38 -45.62
N LEU B 616 -15.51 -29.21 -44.72
CA LEU B 616 -14.91 -30.34 -44.03
C LEU B 616 -15.63 -30.73 -42.74
N THR B 617 -16.69 -30.03 -42.36
CA THR B 617 -17.40 -30.44 -41.15
C THR B 617 -18.13 -31.77 -41.30
N PRO B 618 -18.68 -32.13 -42.47
CA PRO B 618 -19.21 -33.49 -42.61
C PRO B 618 -18.17 -34.56 -42.38
N VAL B 619 -16.90 -34.29 -42.69
CA VAL B 619 -15.85 -35.25 -42.36
C VAL B 619 -15.81 -35.51 -40.85
N LEU B 620 -15.90 -34.44 -40.06
CA LEU B 620 -15.96 -34.59 -38.62
C LEU B 620 -17.21 -35.35 -38.20
N LEU B 621 -18.38 -34.89 -38.67
CA LEU B 621 -19.63 -35.49 -38.25
C LEU B 621 -19.77 -36.94 -38.70
N PHE B 622 -18.94 -37.40 -39.62
CA PHE B 622 -19.00 -38.80 -40.06
C PHE B 622 -17.91 -39.67 -39.46
N PHE B 623 -16.73 -39.13 -39.17
CA PHE B 623 -15.62 -40.00 -38.83
C PHE B 623 -15.02 -39.73 -37.47
N THR B 624 -14.89 -38.48 -37.04
CA THR B 624 -14.27 -38.22 -35.74
C THR B 624 -15.29 -38.04 -34.63
N PHE B 625 -16.48 -37.53 -34.92
CA PHE B 625 -17.45 -37.29 -33.85
C PHE B 625 -18.08 -38.57 -33.34
N PRO B 626 -18.55 -39.51 -34.18
CA PRO B 626 -19.14 -40.73 -33.62
C PRO B 626 -18.20 -41.50 -32.72
N SER B 627 -16.93 -41.63 -33.12
CA SER B 627 -15.96 -42.33 -32.29
C SER B 627 -15.80 -41.67 -30.93
N CYS B 628 -16.15 -40.40 -30.80
CA CYS B 628 -16.06 -39.69 -29.53
C CYS B 628 -17.42 -39.52 -28.86
N SER B 629 -18.42 -40.28 -29.29
CA SER B 629 -19.76 -40.10 -28.72
C SER B 629 -19.81 -40.59 -27.28
N GLN B 630 -19.31 -41.81 -27.04
CA GLN B 630 -19.34 -42.39 -25.70
C GLN B 630 -18.79 -41.41 -24.67
N ASP B 631 -17.54 -40.98 -24.88
CA ASP B 631 -16.91 -40.01 -23.97
C ASP B 631 -17.84 -38.86 -23.66
N ILE B 632 -18.47 -38.29 -24.70
CA ILE B 632 -19.34 -37.13 -24.50
C ILE B 632 -20.40 -37.45 -23.46
N VAL B 633 -21.09 -38.59 -23.63
CA VAL B 633 -22.10 -38.99 -22.66
C VAL B 633 -21.49 -39.05 -21.26
N ASP B 634 -20.35 -39.74 -21.15
CA ASP B 634 -19.71 -39.84 -19.85
C ASP B 634 -19.34 -38.48 -19.30
N PHE B 635 -18.92 -37.57 -20.18
CA PHE B 635 -18.57 -36.23 -19.71
C PHE B 635 -19.76 -35.56 -19.05
N PHE B 636 -20.97 -35.78 -19.56
CA PHE B 636 -22.11 -35.13 -18.96
C PHE B 636 -22.54 -35.80 -17.66
N ARG B 637 -22.05 -37.00 -17.37
CA ARG B 637 -22.35 -37.69 -16.13
C ARG B 637 -21.28 -37.46 -15.08
N GLU B 638 -20.01 -37.60 -15.45
CA GLU B 638 -18.93 -37.37 -14.50
C GLU B 638 -18.87 -35.92 -14.07
N HIS B 639 -18.81 -34.99 -15.02
CA HIS B 639 -18.43 -33.62 -14.74
C HIS B 639 -19.63 -32.69 -14.62
N THR B 640 -20.73 -33.16 -14.05
CA THR B 640 -21.89 -32.35 -13.73
C THR B 640 -22.03 -32.24 -12.23
N ILE B 641 -22.17 -31.02 -11.73
CA ILE B 641 -22.32 -30.80 -10.30
C ILE B 641 -23.56 -29.95 -10.06
N ASN B 642 -24.25 -30.21 -8.97
CA ASN B 642 -25.48 -29.50 -8.64
C ASN B 642 -25.13 -28.33 -7.73
N VAL B 643 -25.26 -27.11 -8.24
CA VAL B 643 -25.09 -25.91 -7.44
C VAL B 643 -26.46 -25.47 -6.97
N GLU B 644 -26.59 -25.25 -5.66
CA GLU B 644 -27.89 -25.04 -5.07
C GLU B 644 -28.47 -23.69 -5.48
N GLY B 645 -29.69 -23.72 -5.99
CA GLY B 645 -30.35 -22.54 -6.48
C GLY B 645 -30.17 -22.29 -7.96
N VAL B 646 -29.17 -22.92 -8.58
CA VAL B 646 -28.95 -22.81 -10.01
C VAL B 646 -29.45 -24.10 -10.67
N GLY B 647 -28.85 -25.22 -10.30
CA GLY B 647 -29.21 -26.48 -10.92
C GLY B 647 -27.99 -27.29 -11.24
N TYR B 648 -28.07 -28.14 -12.25
CA TYR B 648 -26.94 -28.94 -12.68
C TYR B 648 -26.10 -28.12 -13.65
N VAL B 649 -24.89 -27.77 -13.23
CA VAL B 649 -23.96 -27.02 -14.04
C VAL B 649 -22.76 -27.91 -14.35
N CYS B 650 -21.92 -27.43 -15.25
CA CYS B 650 -20.66 -28.13 -15.51
C CYS B 650 -19.79 -28.06 -14.26
N SER B 651 -19.07 -29.14 -13.99
CA SER B 651 -18.20 -29.14 -12.83
C SER B 651 -16.95 -28.31 -13.03
N TYR B 652 -16.64 -27.91 -14.26
CA TYR B 652 -15.49 -27.04 -14.49
C TYR B 652 -15.85 -25.58 -14.26
N ALA B 653 -17.12 -25.22 -14.45
CA ALA B 653 -17.54 -23.85 -14.24
C ALA B 653 -17.41 -23.44 -12.78
N VAL B 654 -17.46 -24.39 -11.86
CA VAL B 654 -17.41 -24.07 -10.45
C VAL B 654 -15.98 -23.99 -9.91
N PHE B 655 -15.01 -24.52 -10.63
CA PHE B 655 -13.62 -24.34 -10.25
C PHE B 655 -13.09 -22.99 -10.72
N GLN B 656 -13.07 -22.77 -12.04
CA GLN B 656 -12.58 -21.53 -12.60
C GLN B 656 -13.55 -20.96 -13.64
N TRP C 177 8.36 47.44 0.44
CA TRP C 177 6.99 46.96 0.48
C TRP C 177 6.48 46.86 1.91
N ALA C 178 7.31 47.31 2.86
CA ALA C 178 6.90 47.28 4.26
C ALA C 178 5.82 48.32 4.56
N ASN C 179 5.55 49.24 3.64
CA ASN C 179 4.57 50.30 3.84
C ASN C 179 3.39 50.16 2.88
N VAL C 180 2.99 48.93 2.57
CA VAL C 180 1.94 48.72 1.58
C VAL C 180 0.58 49.10 2.18
N GLU C 181 0.20 48.46 3.28
CA GLU C 181 -1.09 48.64 3.94
C GLU C 181 -2.27 48.34 3.02
N ASN C 182 -2.00 47.77 1.85
CA ASN C 182 -3.01 47.36 0.86
C ASN C 182 -2.64 45.99 0.33
N LEU C 183 -2.39 45.06 1.26
CA LEU C 183 -1.78 43.77 0.92
C LEU C 183 -2.53 43.02 -0.16
N ASP C 184 -3.86 43.17 -0.23
CA ASP C 184 -4.63 42.39 -1.21
C ASP C 184 -4.26 42.79 -2.63
N SER C 185 -4.29 44.08 -2.92
CA SER C 185 -3.96 44.51 -4.28
C SER C 185 -2.50 44.27 -4.60
N PHE C 186 -1.61 44.37 -3.60
CA PHE C 186 -0.21 44.06 -3.85
C PHE C 186 -0.03 42.60 -4.23
N LEU C 187 -0.70 41.69 -3.52
CA LEU C 187 -0.60 40.28 -3.87
C LEU C 187 -1.24 39.99 -5.22
N GLN C 188 -2.34 40.67 -5.54
CA GLN C 188 -2.94 40.49 -6.85
C GLN C 188 -2.00 40.96 -7.95
N GLN C 189 -1.26 42.04 -7.70
CA GLN C 189 -0.33 42.51 -8.72
C GLN C 189 0.87 41.60 -8.85
N VAL C 190 1.36 41.06 -7.74
CA VAL C 190 2.39 40.02 -7.80
C VAL C 190 1.91 38.87 -8.65
N TYR C 191 0.67 38.44 -8.45
CA TYR C 191 0.16 37.28 -9.19
C TYR C 191 -0.02 37.59 -10.66
N THR C 192 -0.54 38.77 -11.00
CA THR C 192 -0.72 39.08 -12.41
C THR C 192 0.59 39.41 -13.10
N TYR C 193 1.62 39.78 -12.36
CA TYR C 193 2.95 39.86 -12.96
C TYR C 193 3.53 38.49 -13.18
N TYR C 194 3.22 37.53 -12.31
CA TYR C 194 3.64 36.17 -12.54
C TYR C 194 2.96 35.57 -13.77
N THR C 195 1.63 35.64 -13.82
CA THR C 195 0.92 35.03 -14.94
C THR C 195 1.12 35.77 -16.24
N GLY C 196 1.45 37.05 -16.19
CA GLY C 196 1.84 37.74 -17.40
C GLY C 196 3.23 37.40 -17.87
N LYS C 197 4.02 36.74 -17.03
CA LYS C 197 5.36 36.27 -17.35
C LYS C 197 6.31 37.45 -17.61
N GLY C 198 6.32 38.39 -16.68
CA GLY C 198 7.33 39.42 -16.70
C GLY C 198 6.94 40.65 -17.50
N LEU C 199 7.66 41.74 -17.24
CA LEU C 199 7.37 43.00 -17.89
C LEU C 199 7.51 42.89 -19.41
N SER C 200 8.50 42.15 -19.87
CA SER C 200 8.69 42.00 -21.31
C SER C 200 7.46 41.40 -21.98
N CYS C 201 7.01 40.25 -21.48
CA CYS C 201 5.87 39.58 -22.09
C CYS C 201 4.60 40.39 -21.93
N ILE C 202 4.42 41.05 -20.78
CA ILE C 202 3.22 41.85 -20.57
C ILE C 202 3.17 43.00 -21.56
N ILE C 203 4.28 43.70 -21.73
CA ILE C 203 4.32 44.83 -22.65
C ILE C 203 4.11 44.36 -24.08
N VAL C 204 4.72 43.23 -24.45
CA VAL C 204 4.57 42.72 -25.81
C VAL C 204 3.12 42.36 -26.08
N HIS C 205 2.45 41.70 -25.12
CA HIS C 205 1.06 41.32 -25.32
C HIS C 205 0.16 42.52 -25.43
N ARG C 206 0.35 43.52 -24.56
CA ARG C 206 -0.48 44.72 -24.64
C ARG C 206 -0.24 45.46 -25.95
N LEU C 207 1.01 45.53 -26.39
CA LEU C 207 1.32 46.19 -27.65
C LEU C 207 0.65 45.50 -28.82
N PHE C 208 0.76 44.19 -28.90
CA PHE C 208 0.11 43.51 -30.01
C PHE C 208 -1.40 43.53 -29.89
N GLN C 209 -1.93 43.71 -28.69
CA GLN C 209 -3.38 43.85 -28.52
C GLN C 209 -3.87 45.16 -29.12
N ILE C 210 -3.22 46.27 -28.77
CA ILE C 210 -3.62 47.54 -29.37
C ILE C 210 -3.31 47.55 -30.85
N LEU C 211 -2.26 46.84 -31.30
CA LEU C 211 -1.98 46.78 -32.72
C LEU C 211 -3.06 46.01 -33.47
N THR C 212 -3.55 44.92 -32.88
CA THR C 212 -4.62 44.16 -33.52
C THR C 212 -5.90 44.99 -33.60
N VAL C 213 -6.24 45.69 -32.51
CA VAL C 213 -7.43 46.54 -32.54
C VAL C 213 -7.29 47.61 -33.61
N SER C 214 -6.13 48.27 -33.66
CA SER C 214 -5.93 49.36 -34.62
C SER C 214 -5.92 48.84 -36.05
N PHE C 215 -5.37 47.64 -36.27
CA PHE C 215 -5.40 47.08 -37.62
C PHE C 215 -6.82 46.78 -38.04
N VAL C 216 -7.62 46.19 -37.16
CA VAL C 216 -9.02 45.93 -37.50
C VAL C 216 -9.71 47.23 -37.86
N ILE C 217 -9.51 48.27 -37.05
CA ILE C 217 -10.15 49.55 -37.32
C ILE C 217 -9.72 50.11 -38.67
N GLY C 218 -8.41 50.17 -38.91
CA GLY C 218 -7.92 50.76 -40.14
C GLY C 218 -8.32 49.98 -41.38
N PHE C 219 -8.23 48.65 -41.31
CA PHE C 219 -8.59 47.84 -42.46
C PHE C 219 -10.08 47.91 -42.75
N THR C 220 -10.91 47.97 -41.70
CA THR C 220 -12.35 48.08 -41.94
C THR C 220 -12.71 49.45 -42.50
N THR C 221 -12.04 50.49 -42.05
CA THR C 221 -12.31 51.81 -42.62
C THR C 221 -11.66 51.99 -43.99
N PHE C 222 -10.74 51.11 -44.37
CA PHE C 222 -10.14 51.17 -45.70
C PHE C 222 -10.96 50.41 -46.73
N ILE C 223 -11.27 49.14 -46.47
CA ILE C 223 -11.99 48.34 -47.46
C ILE C 223 -13.39 48.88 -47.71
N THR C 224 -13.90 49.73 -46.82
CA THR C 224 -15.18 50.39 -47.03
C THR C 224 -15.03 51.82 -47.54
N SER C 225 -13.82 52.38 -47.54
CA SER C 225 -13.58 53.72 -48.04
C SER C 225 -12.09 53.94 -48.32
N PRO C 252 -18.57 62.76 -42.24
CA PRO C 252 -19.96 62.55 -41.87
C PRO C 252 -20.15 61.45 -40.82
N ILE C 253 -21.07 60.52 -41.09
CA ILE C 253 -21.31 59.42 -40.14
C ILE C 253 -20.09 58.50 -40.06
N THR C 254 -19.49 58.19 -41.21
CA THR C 254 -18.29 57.36 -41.21
C THR C 254 -17.17 58.03 -40.45
N TYR C 255 -16.94 59.32 -40.70
CA TYR C 255 -15.90 60.04 -39.99
C TYR C 255 -16.16 60.05 -38.49
N LEU C 256 -17.42 60.24 -38.09
CA LEU C 256 -17.74 60.33 -36.67
C LEU C 256 -17.53 58.98 -35.97
N VAL C 257 -18.00 57.89 -36.59
CA VAL C 257 -17.84 56.59 -35.94
C VAL C 257 -16.37 56.18 -35.93
N LEU C 258 -15.61 56.54 -36.97
CA LEU C 258 -14.17 56.27 -36.95
C LEU C 258 -13.49 57.06 -35.85
N TRP C 259 -13.89 58.31 -35.65
CA TRP C 259 -13.34 59.12 -34.56
C TRP C 259 -13.65 58.48 -33.21
N LEU C 260 -14.87 57.96 -33.05
CA LEU C 260 -15.24 57.28 -31.81
C LEU C 260 -14.34 56.06 -31.56
N PHE C 261 -14.21 55.20 -32.57
CA PHE C 261 -13.38 54.01 -32.43
C PHE C 261 -11.94 54.38 -32.09
N LEU C 262 -11.38 55.36 -32.79
CA LEU C 262 -9.99 55.72 -32.53
C LEU C 262 -9.83 56.42 -31.19
N SER C 263 -10.87 57.08 -30.69
CA SER C 263 -10.79 57.63 -29.35
C SER C 263 -10.76 56.53 -28.30
N PHE C 264 -11.54 55.47 -28.51
CA PHE C 264 -11.45 54.32 -27.61
C PHE C 264 -10.08 53.68 -27.66
N LEU C 265 -9.53 53.54 -28.87
CA LEU C 265 -8.18 53.00 -29.02
C LEU C 265 -7.16 53.87 -28.30
N LEU C 266 -7.28 55.19 -28.41
CA LEU C 266 -6.35 56.08 -27.74
C LEU C 266 -6.50 56.03 -26.23
N ALA C 267 -7.73 55.83 -25.74
CA ALA C 267 -7.93 55.63 -24.31
C ALA C 267 -7.20 54.37 -23.84
N LEU C 268 -7.32 53.28 -24.60
CA LEU C 268 -6.61 52.06 -24.27
C LEU C 268 -5.10 52.28 -24.23
N TRP C 269 -4.58 52.96 -25.26
CA TRP C 269 -3.16 53.26 -25.32
C TRP C 269 -2.70 54.07 -24.11
N ILE C 270 -3.47 55.11 -23.78
CA ILE C 270 -3.11 55.98 -22.67
C ILE C 270 -3.12 55.21 -21.35
N TYR C 271 -4.10 54.31 -21.18
CA TYR C 271 -4.11 53.51 -19.97
C TYR C 271 -2.88 52.61 -19.87
N TYR C 272 -2.51 51.95 -20.97
CA TYR C 272 -1.34 51.09 -20.94
C TYR C 272 -0.08 51.89 -20.58
N LEU C 273 0.09 53.05 -21.23
CA LEU C 273 1.23 53.91 -20.92
C LEU C 273 1.20 54.35 -19.47
N THR C 274 0.01 54.58 -18.92
CA THR C 274 -0.09 54.97 -17.52
C THR C 274 0.31 53.83 -16.60
N ASP C 275 0.00 52.60 -16.98
CA ASP C 275 0.24 51.46 -16.09
C ASP C 275 1.68 50.97 -16.13
N ILE C 276 2.43 51.27 -17.18
CA ILE C 276 3.81 50.82 -17.29
C ILE C 276 4.65 51.02 -16.01
N PRO C 277 4.58 52.18 -15.33
CA PRO C 277 5.43 52.35 -14.14
C PRO C 277 5.15 51.35 -13.02
N ARG C 278 3.88 50.99 -12.79
CA ARG C 278 3.57 49.98 -11.80
C ARG C 278 4.20 48.64 -12.18
N LEU C 279 4.18 48.32 -13.47
CA LEU C 279 4.89 47.13 -13.93
C LEU C 279 6.37 47.21 -13.61
N TRP C 280 6.97 48.39 -13.75
CA TRP C 280 8.39 48.50 -13.44
C TRP C 280 8.64 48.30 -11.95
N GLN C 281 7.79 48.88 -11.09
CA GLN C 281 7.91 48.66 -9.66
C GLN C 281 7.84 47.18 -9.33
N MET C 282 6.91 46.47 -9.96
CA MET C 282 6.76 45.04 -9.66
C MET C 282 7.93 44.24 -10.21
N ARG C 283 8.48 44.62 -11.36
CA ARG C 283 9.65 43.94 -11.89
C ARG C 283 10.83 44.12 -10.95
N GLU C 284 11.00 45.32 -10.39
CA GLU C 284 12.06 45.52 -9.41
C GLU C 284 11.83 44.66 -8.17
N PHE C 285 10.59 44.61 -7.69
CA PHE C 285 10.31 43.76 -6.53
C PHE C 285 10.59 42.30 -6.83
N TYR C 286 10.39 41.87 -8.08
CA TYR C 286 10.64 40.48 -8.42
C TYR C 286 12.13 40.19 -8.48
N ILE C 287 12.90 41.06 -9.13
CA ILE C 287 14.33 40.81 -9.29
C ILE C 287 15.06 40.95 -7.96
N HIS C 288 14.84 42.06 -7.27
CA HIS C 288 15.63 42.35 -6.08
C HIS C 288 15.13 41.57 -4.87
N ALA C 289 13.89 41.80 -4.46
CA ALA C 289 13.38 41.20 -3.23
C ALA C 289 13.17 39.70 -3.38
N LEU C 290 12.50 39.28 -4.44
CA LEU C 290 12.22 37.86 -4.62
C LEU C 290 13.41 37.09 -5.16
N LYS C 291 14.37 37.77 -5.78
CA LYS C 291 15.53 37.12 -6.39
C LYS C 291 15.10 36.06 -7.39
N ILE C 292 14.23 36.45 -8.32
CA ILE C 292 13.82 35.63 -9.45
C ILE C 292 14.35 36.30 -10.71
N ALA C 293 15.14 35.55 -11.47
CA ALA C 293 15.81 36.11 -12.64
C ALA C 293 14.80 36.49 -13.72
N THR C 294 15.12 37.56 -14.45
CA THR C 294 14.28 37.98 -15.56
C THR C 294 14.15 36.92 -16.63
N ALA C 295 15.13 36.02 -16.73
CA ALA C 295 15.08 34.93 -17.69
C ALA C 295 14.34 33.71 -17.16
N ASP C 296 14.12 33.65 -15.86
CA ASP C 296 13.35 32.57 -15.24
C ASP C 296 11.86 32.84 -15.22
N MET C 297 11.41 33.98 -15.75
CA MET C 297 10.00 34.34 -15.64
C MET C 297 9.10 33.41 -16.44
N PRO C 298 9.34 33.13 -17.72
CA PRO C 298 8.38 32.30 -18.48
C PRO C 298 8.30 30.87 -18.00
N THR C 299 9.17 30.43 -17.10
CA THR C 299 9.20 29.02 -16.70
C THR C 299 9.12 28.79 -15.20
N VAL C 300 9.24 29.81 -14.37
CA VAL C 300 9.16 29.60 -12.93
C VAL C 300 7.72 29.26 -12.56
N SER C 301 7.56 28.47 -11.50
CA SER C 301 6.26 28.06 -11.04
C SER C 301 5.74 29.02 -9.96
N TRP C 302 4.47 28.86 -9.61
CA TRP C 302 3.91 29.69 -8.56
C TRP C 302 4.35 29.23 -7.19
N GLN C 303 4.62 27.94 -7.02
CA GLN C 303 5.11 27.47 -5.73
C GLN C 303 6.49 28.02 -5.43
N ARG C 304 7.31 28.22 -6.46
CA ARG C 304 8.63 28.83 -6.24
C ARG C 304 8.50 30.29 -5.84
N VAL C 305 7.56 31.01 -6.47
CA VAL C 305 7.31 32.40 -6.09
C VAL C 305 6.80 32.46 -4.66
N LEU C 306 5.93 31.52 -4.29
CA LEU C 306 5.43 31.48 -2.91
C LEU C 306 6.56 31.19 -1.93
N TYR C 307 7.46 30.28 -2.29
CA TYR C 307 8.60 29.98 -1.45
C TYR C 307 9.45 31.22 -1.22
N ARG C 308 9.81 31.92 -2.30
CA ARG C 308 10.59 33.14 -2.16
C ARG C 308 9.84 34.19 -1.35
N LEU C 309 8.53 34.29 -1.54
CA LEU C 309 7.77 35.33 -0.87
C LEU C 309 7.64 35.06 0.62
N LEU C 310 7.53 33.80 1.01
CA LEU C 310 7.53 33.47 2.43
C LEU C 310 8.91 33.67 3.03
N LYS C 311 9.97 33.36 2.27
CA LYS C 311 11.33 33.66 2.74
C LYS C 311 11.48 35.15 3.03
N LEU C 312 11.05 36.01 2.10
CA LEU C 312 11.19 37.44 2.29
C LEU C 312 10.48 37.91 3.56
N LYS C 313 9.32 37.35 3.86
CA LYS C 313 8.57 37.76 5.04
C LYS C 313 7.73 36.62 5.59
N LYS C 332 -0.65 39.75 8.07
CA LYS C 332 -0.38 38.97 9.28
C LYS C 332 0.25 37.63 8.95
N ARG C 333 -0.29 36.97 7.92
CA ARG C 333 0.17 35.67 7.50
C ARG C 333 0.34 35.65 5.99
N LEU C 334 1.30 34.85 5.51
CA LEU C 334 1.56 34.75 4.09
C LEU C 334 1.72 33.28 3.69
N ASP C 335 0.88 32.42 4.25
CA ASP C 335 0.79 31.04 3.81
C ASP C 335 0.33 31.01 2.34
N ALA C 336 0.46 29.83 1.72
CA ALA C 336 -0.08 29.67 0.38
C ALA C 336 -1.59 29.86 0.37
N TYR C 337 -2.28 29.24 1.32
CA TYR C 337 -3.73 29.33 1.38
C TYR C 337 -4.19 30.75 1.71
N ALA C 338 -3.45 31.46 2.56
CA ALA C 338 -3.82 32.83 2.87
C ALA C 338 -3.64 33.73 1.66
N ILE C 339 -2.57 33.53 0.90
CA ILE C 339 -2.36 34.36 -0.28
C ILE C 339 -3.38 34.04 -1.35
N ALA C 340 -3.79 32.78 -1.45
CA ALA C 340 -4.88 32.44 -2.37
C ALA C 340 -6.18 33.09 -1.94
N ASN C 341 -6.45 33.14 -0.64
CA ASN C 341 -7.68 33.79 -0.17
C ASN C 341 -7.65 35.29 -0.38
N ARG C 342 -6.46 35.89 -0.39
CA ARG C 342 -6.37 37.32 -0.59
C ARG C 342 -6.38 37.70 -2.06
N ILE C 343 -5.83 36.85 -2.93
CA ILE C 343 -5.89 37.13 -4.36
C ILE C 343 -7.29 36.91 -4.89
N MET C 344 -7.94 35.83 -4.46
CA MET C 344 -9.25 35.46 -4.95
C MET C 344 -10.37 35.87 -4.01
N ARG C 345 -10.23 36.99 -3.33
CA ARG C 345 -11.23 37.35 -2.32
C ARG C 345 -12.55 37.71 -2.97
N LYS C 346 -12.52 38.37 -4.12
CA LYS C 346 -13.74 38.70 -4.84
C LYS C 346 -14.14 37.61 -5.83
N ASP C 347 -13.18 36.88 -6.37
CA ASP C 347 -13.51 35.78 -7.26
C ASP C 347 -14.26 34.68 -6.53
N ASN C 348 -13.99 34.50 -5.24
CA ASN C 348 -14.74 33.52 -4.47
C ASN C 348 -16.19 33.94 -4.32
N TYR C 349 -16.43 35.21 -4.06
CA TYR C 349 -17.80 35.69 -4.02
C TYR C 349 -18.48 35.56 -5.37
N PHE C 350 -17.73 35.73 -6.44
CA PHE C 350 -18.31 35.56 -7.77
C PHE C 350 -18.68 34.12 -8.04
N ILE C 351 -17.77 33.19 -7.72
CA ILE C 351 -18.07 31.77 -7.86
C ILE C 351 -19.30 31.40 -7.05
N ALA C 352 -19.44 31.96 -5.86
CA ALA C 352 -20.56 31.61 -5.00
C ALA C 352 -21.86 32.27 -5.43
N LEU C 353 -21.80 33.44 -6.05
CA LEU C 353 -22.99 34.04 -6.61
C LEU C 353 -23.48 33.27 -7.83
N ILE C 354 -22.55 32.88 -8.70
CA ILE C 354 -22.93 32.25 -9.95
C ILE C 354 -23.38 30.81 -9.70
N ASN C 355 -22.63 30.06 -8.91
CA ASN C 355 -22.91 28.63 -8.75
C ASN C 355 -24.13 28.39 -7.87
N ASN C 356 -24.43 29.30 -6.97
CA ASN C 356 -25.54 29.11 -6.05
C ASN C 356 -26.79 29.87 -6.47
N GLY C 357 -26.80 30.47 -7.66
CA GLY C 357 -27.99 31.12 -8.14
C GLY C 357 -28.43 32.34 -7.37
N ILE C 358 -27.54 32.94 -6.59
CA ILE C 358 -27.90 34.16 -5.87
C ILE C 358 -28.27 35.25 -6.86
N ILE C 359 -27.59 35.30 -7.99
CA ILE C 359 -27.86 36.27 -9.04
C ILE C 359 -28.38 35.50 -10.26
N ASN C 360 -29.39 36.05 -10.91
CA ASN C 360 -30.08 35.36 -11.99
C ASN C 360 -29.52 35.85 -13.33
N ILE C 361 -28.79 34.97 -14.01
CA ILE C 361 -28.24 35.29 -15.32
C ILE C 361 -29.01 34.58 -16.43
N GLU C 362 -30.26 34.20 -16.18
CA GLU C 362 -31.07 33.51 -17.16
C GLU C 362 -31.92 34.52 -17.91
N LEU C 363 -31.86 34.48 -19.23
CA LEU C 363 -32.58 35.44 -20.04
C LEU C 363 -34.08 35.27 -19.83
N PRO C 364 -34.86 36.36 -19.81
CA PRO C 364 -36.28 36.22 -19.53
C PRO C 364 -37.05 35.45 -20.59
N LEU C 365 -36.70 35.63 -21.86
CA LEU C 365 -37.46 35.00 -22.95
C LEU C 365 -36.73 33.78 -23.53
N LEU C 366 -35.46 33.94 -23.90
CA LEU C 366 -34.73 32.84 -24.51
C LEU C 366 -34.52 31.68 -23.55
N HIS C 367 -34.61 31.92 -22.23
CA HIS C 367 -34.53 30.88 -21.22
C HIS C 367 -33.18 30.18 -21.25
N ARG C 368 -32.12 30.99 -21.14
CA ARG C 368 -30.76 30.47 -21.21
C ARG C 368 -29.87 31.27 -20.26
N ARG C 369 -29.01 30.56 -19.54
CA ARG C 369 -28.02 31.18 -18.67
C ARG C 369 -26.80 31.53 -19.50
N ILE C 370 -26.58 32.81 -19.74
CA ILE C 370 -25.43 33.28 -20.50
C ILE C 370 -24.54 34.09 -19.56
N LEU C 371 -23.24 33.83 -19.63
CA LEU C 371 -22.24 34.57 -18.85
C LEU C 371 -21.15 34.97 -19.83
N THR C 372 -21.34 36.10 -20.49
CA THR C 372 -20.34 36.64 -21.40
C THR C 372 -19.19 37.24 -20.59
N HIS C 373 -18.23 37.85 -21.28
CA HIS C 373 -17.21 38.60 -20.57
C HIS C 373 -17.71 39.97 -20.17
N THR C 374 -18.61 40.56 -20.97
CA THR C 374 -19.22 41.83 -20.57
C THR C 374 -20.16 41.64 -19.39
N THR C 375 -20.83 40.50 -19.31
CA THR C 375 -21.68 40.23 -18.14
C THR C 375 -20.86 40.27 -16.87
N GLU C 376 -19.69 39.62 -16.87
CA GLU C 376 -18.90 39.60 -15.64
C GLU C 376 -18.17 40.91 -15.41
N TRP C 377 -17.86 41.66 -16.47
CA TRP C 377 -17.36 43.02 -16.27
C TRP C 377 -18.41 43.88 -15.58
N ASN C 378 -19.66 43.78 -16.03
CA ASN C 378 -20.72 44.57 -15.41
C ASN C 378 -20.99 44.12 -13.99
N ILE C 379 -20.91 42.81 -13.72
CA ILE C 379 -21.08 42.35 -12.34
C ILE C 379 -19.97 42.88 -11.46
N ASN C 380 -18.73 42.89 -11.97
CA ASN C 380 -17.62 43.36 -11.15
C ASN C 380 -17.66 44.87 -10.95
N TRP C 381 -18.28 45.60 -11.88
CA TRP C 381 -18.35 47.04 -11.66
C TRP C 381 -19.54 47.43 -10.79
N CYS C 382 -20.71 46.84 -11.03
CA CYS C 382 -21.89 47.21 -10.25
C CYS C 382 -21.76 46.74 -8.82
N ILE C 383 -21.44 45.48 -8.61
CA ILE C 383 -21.45 44.87 -7.29
C ILE C 383 -20.13 45.06 -6.58
N PHE C 384 -19.05 44.51 -7.13
CA PHE C 384 -17.81 44.42 -6.38
C PHE C 384 -17.11 45.76 -6.22
N ASN C 385 -17.45 46.77 -7.02
CA ASN C 385 -16.97 48.11 -6.73
C ASN C 385 -17.79 48.79 -5.65
N PHE C 386 -19.02 48.35 -5.46
CA PHE C 386 -19.93 48.92 -4.48
C PHE C 386 -19.85 48.23 -3.15
N VAL C 387 -19.50 46.95 -3.15
CA VAL C 387 -19.51 46.16 -1.94
C VAL C 387 -18.15 46.18 -1.22
N PHE C 388 -17.06 46.36 -1.96
CA PHE C 388 -15.73 46.26 -1.41
C PHE C 388 -15.05 47.62 -1.35
N ASP C 389 -14.21 47.80 -0.34
CA ASP C 389 -13.49 49.04 -0.14
C ASP C 389 -12.61 49.38 -1.34
N GLU C 390 -12.11 50.61 -1.34
CA GLU C 390 -10.98 50.91 -2.20
C GLU C 390 -9.74 50.16 -1.75
N GLN C 391 -9.61 49.95 -0.44
CA GLN C 391 -8.55 49.11 0.11
C GLN C 391 -8.80 47.63 -0.15
N GLY C 392 -9.96 47.27 -0.66
CA GLY C 392 -10.22 45.92 -1.11
C GLY C 392 -10.69 44.97 -0.03
N GLN C 393 -11.75 45.34 0.69
CA GLN C 393 -12.29 44.47 1.71
C GLN C 393 -13.74 44.83 1.96
N LEU C 394 -14.52 43.85 2.41
CA LEU C 394 -15.95 44.01 2.56
C LEU C 394 -16.27 45.20 3.44
N ARG C 395 -17.00 46.17 2.88
CA ARG C 395 -17.35 47.36 3.64
C ARG C 395 -18.15 47.00 4.88
N SER C 396 -18.07 47.88 5.88
CA SER C 396 -18.70 47.58 7.16
C SER C 396 -20.22 47.58 7.06
N ALA C 397 -20.78 48.43 6.21
CA ALA C 397 -22.23 48.56 6.12
C ALA C 397 -22.91 47.30 5.62
N PHE C 398 -22.16 46.30 5.16
CA PHE C 398 -22.73 45.11 4.56
C PHE C 398 -22.84 43.94 5.52
N ARG C 399 -22.50 44.13 6.78
CA ARG C 399 -22.81 43.16 7.82
C ARG C 399 -23.82 43.68 8.83
N ASN C 400 -24.20 44.95 8.76
CA ASN C 400 -25.21 45.56 9.61
C ASN C 400 -26.59 45.23 9.07
N PRO C 401 -27.37 44.40 9.75
CA PRO C 401 -28.66 43.96 9.20
C PRO C 401 -29.69 45.07 9.08
N ASN C 402 -29.47 46.23 9.69
CA ASN C 402 -30.46 47.30 9.61
C ASN C 402 -30.33 48.10 8.34
N SER C 403 -29.16 48.11 7.71
CA SER C 403 -28.93 48.84 6.47
C SER C 403 -29.25 48.02 5.23
N ARG C 404 -29.91 46.86 5.40
CA ARG C 404 -30.18 45.98 4.27
C ARG C 404 -31.21 46.57 3.31
N LYS C 405 -31.91 47.64 3.69
CA LYS C 405 -32.87 48.26 2.79
C LYS C 405 -32.30 49.46 2.06
N ARG C 406 -31.27 50.10 2.61
CA ARG C 406 -30.63 51.21 1.91
C ARG C 406 -29.66 50.71 0.85
N LEU C 407 -28.86 49.70 1.20
CA LEU C 407 -27.90 49.15 0.23
C LEU C 407 -28.61 48.44 -0.89
N SER C 408 -29.66 47.69 -0.59
CA SER C 408 -30.41 46.97 -1.60
C SER C 408 -31.23 47.86 -2.46
N GLU C 409 -31.13 49.17 -2.29
CA GLU C 409 -31.74 50.12 -3.21
C GLU C 409 -30.73 51.07 -3.83
N GLU C 410 -29.55 51.24 -3.23
CA GLU C 410 -28.44 51.87 -3.92
C GLU C 410 -27.73 50.93 -4.88
N LEU C 411 -28.12 49.65 -4.89
CA LEU C 411 -27.57 48.70 -5.84
C LEU C 411 -28.39 48.59 -7.10
N ARG C 412 -29.70 48.83 -7.04
CA ARG C 412 -30.50 48.90 -8.26
C ARG C 412 -30.17 50.16 -9.04
N ARG C 413 -29.88 51.26 -8.34
CA ARG C 413 -29.48 52.48 -9.01
C ARG C 413 -28.07 52.40 -9.58
N ARG C 414 -27.39 51.26 -9.44
CA ARG C 414 -26.16 50.97 -10.16
C ARG C 414 -26.41 50.05 -11.34
N PHE C 415 -27.24 49.03 -11.16
CA PHE C 415 -27.64 48.19 -12.28
C PHE C 415 -28.28 49.01 -13.38
N ILE C 416 -29.07 50.02 -13.02
CA ILE C 416 -29.75 50.82 -14.03
C ILE C 416 -28.75 51.67 -14.81
N VAL C 417 -27.79 52.29 -14.11
CA VAL C 417 -26.79 53.10 -14.79
C VAL C 417 -25.92 52.24 -15.69
N ALA C 418 -25.55 51.05 -15.24
CA ALA C 418 -24.75 50.16 -16.08
C ALA C 418 -25.54 49.69 -17.28
N GLY C 419 -26.84 49.44 -17.11
CA GLY C 419 -27.66 49.10 -18.25
C GLY C 419 -27.73 50.23 -19.26
N PHE C 420 -27.83 51.47 -18.78
CA PHE C 420 -27.85 52.60 -19.70
C PHE C 420 -26.54 52.73 -20.45
N LEU C 421 -25.41 52.57 -19.76
CA LEU C 421 -24.13 52.66 -20.46
C LEU C 421 -23.93 51.50 -21.42
N ASN C 422 -24.47 50.33 -21.11
CA ASN C 422 -24.33 49.20 -22.01
C ASN C 422 -25.23 49.35 -23.22
N CYS C 423 -26.42 49.92 -23.06
CA CYS C 423 -27.25 50.18 -24.22
C CYS C 423 -26.62 51.16 -25.19
N LEU C 424 -25.52 51.81 -24.81
CA LEU C 424 -24.78 52.69 -25.70
C LEU C 424 -23.47 52.10 -26.19
N PHE C 425 -22.79 51.29 -25.37
CA PHE C 425 -21.51 50.73 -25.77
C PHE C 425 -21.57 49.27 -26.19
N ALA C 426 -22.75 48.66 -26.19
CA ALA C 426 -22.89 47.27 -26.59
C ALA C 426 -22.97 47.10 -28.10
N PRO C 427 -23.71 47.96 -28.83
CA PRO C 427 -23.66 47.85 -30.30
C PRO C 427 -22.26 48.00 -30.85
N ILE C 428 -21.53 49.04 -30.43
CA ILE C 428 -20.20 49.30 -30.99
C ILE C 428 -19.13 48.40 -30.40
N VAL C 429 -19.50 47.46 -29.53
CA VAL C 429 -18.59 46.41 -29.11
C VAL C 429 -18.92 45.10 -29.80
N ALA C 430 -20.21 44.79 -29.95
CA ALA C 430 -20.58 43.59 -30.71
C ALA C 430 -20.18 43.73 -32.17
N ILE C 431 -20.26 44.93 -32.72
CA ILE C 431 -19.84 45.15 -34.10
C ILE C 431 -18.35 44.86 -34.25
N TYR C 432 -17.53 45.48 -33.39
CA TYR C 432 -16.10 45.21 -33.44
C TYR C 432 -15.81 43.74 -33.24
N LEU C 433 -16.55 43.09 -32.35
CA LEU C 433 -16.25 41.69 -32.06
C LEU C 433 -16.58 40.80 -33.24
N VAL C 434 -17.70 41.05 -33.91
CA VAL C 434 -18.04 40.22 -35.06
C VAL C 434 -17.06 40.49 -36.21
N ILE C 435 -16.61 41.73 -36.37
CA ILE C 435 -15.63 42.01 -37.41
C ILE C 435 -14.31 41.31 -37.10
N HIS C 436 -13.85 41.40 -35.86
CA HIS C 436 -12.59 40.76 -35.48
C HIS C 436 -12.67 39.26 -35.66
N ASN C 437 -13.77 38.64 -35.22
CA ASN C 437 -13.89 37.20 -35.31
C ASN C 437 -14.02 36.75 -36.76
N PHE C 438 -14.73 37.52 -37.58
CA PHE C 438 -14.79 37.21 -39.00
C PHE C 438 -13.39 37.24 -39.61
N PHE C 439 -12.67 38.34 -39.43
CA PHE C 439 -11.33 38.43 -39.98
C PHE C 439 -10.43 37.30 -39.50
N ARG C 440 -10.56 36.91 -38.23
CA ARG C 440 -9.63 35.91 -37.71
C ARG C 440 -9.98 34.51 -38.16
N TYR C 441 -11.27 34.17 -38.26
CA TYR C 441 -11.67 32.79 -38.42
C TYR C 441 -12.26 32.45 -39.78
N PHE C 442 -12.44 33.42 -40.68
CA PHE C 442 -13.01 33.09 -41.98
C PHE C 442 -12.09 32.15 -42.76
N ASN C 443 -10.79 32.44 -42.75
CA ASN C 443 -9.84 31.60 -43.46
C ASN C 443 -9.93 30.15 -43.01
N GLU C 444 -9.88 29.92 -41.70
CA GLU C 444 -9.86 28.56 -41.19
C GLU C 444 -11.21 27.88 -41.34
N TYR C 445 -12.31 28.61 -41.20
CA TYR C 445 -13.63 28.00 -41.23
C TYR C 445 -14.21 27.92 -42.64
N HIS C 446 -13.51 28.41 -43.65
CA HIS C 446 -13.89 28.13 -45.03
C HIS C 446 -12.82 27.40 -45.84
N LYS C 447 -11.61 27.25 -45.31
CA LYS C 447 -10.56 26.50 -45.99
C LYS C 447 -9.99 25.39 -45.13
N ASN C 448 -10.63 25.06 -44.01
CA ASN C 448 -10.22 23.97 -43.14
C ASN C 448 -11.40 23.56 -42.27
N PRO C 449 -12.43 22.93 -42.83
CA PRO C 449 -13.59 22.55 -42.01
C PRO C 449 -13.28 21.56 -40.91
N GLY C 450 -12.13 20.89 -40.96
CA GLY C 450 -11.74 20.03 -39.87
C GLY C 450 -11.63 20.77 -38.54
N ALA C 451 -11.24 22.04 -38.59
CA ALA C 451 -11.20 22.90 -37.41
C ALA C 451 -12.48 23.69 -37.25
N LEU C 452 -13.60 23.18 -37.74
CA LEU C 452 -14.91 23.75 -37.45
C LEU C 452 -15.59 23.05 -36.29
N SER C 453 -15.27 21.78 -36.04
CA SER C 453 -15.82 21.03 -34.93
C SER C 453 -14.95 21.11 -33.68
N THR C 454 -14.07 22.09 -33.60
CA THR C 454 -13.27 22.28 -32.40
C THR C 454 -14.17 22.73 -31.26
N ARG C 455 -14.28 21.92 -30.22
CA ARG C 455 -15.16 22.21 -29.10
C ARG C 455 -14.37 22.78 -27.94
N ARG C 456 -15.01 23.70 -27.22
CA ARG C 456 -14.43 24.34 -26.06
C ARG C 456 -15.53 24.50 -25.02
N TYR C 457 -15.14 24.73 -23.77
CA TYR C 457 -16.10 24.96 -22.72
C TYR C 457 -16.67 26.37 -22.82
N THR C 458 -17.97 26.49 -22.64
CA THR C 458 -18.58 27.81 -22.66
C THR C 458 -18.12 28.62 -21.46
N PRO C 459 -18.15 29.95 -21.56
CA PRO C 459 -17.73 30.77 -20.41
C PRO C 459 -18.50 30.50 -19.14
N LEU C 460 -19.73 30.00 -19.23
CA LEU C 460 -20.46 29.62 -18.03
C LEU C 460 -20.04 28.26 -17.52
N ALA C 461 -19.53 27.39 -18.39
CA ALA C 461 -18.98 26.13 -17.93
C ALA C 461 -17.67 26.32 -17.20
N LEU C 462 -16.95 27.39 -17.48
CA LEU C 462 -15.68 27.64 -16.81
C LEU C 462 -15.86 28.30 -15.46
N TRP C 463 -17.03 28.80 -15.13
CA TRP C 463 -17.34 29.24 -13.78
C TRP C 463 -18.09 28.20 -12.98
N THR C 464 -18.65 27.20 -13.66
CA THR C 464 -19.24 26.06 -12.97
C THR C 464 -18.18 25.07 -12.50
N PHE C 465 -17.09 24.95 -13.25
CA PHE C 465 -16.02 24.05 -12.89
C PHE C 465 -15.07 24.65 -11.88
N ARG C 466 -15.07 25.98 -11.74
CA ARG C 466 -14.07 26.65 -10.92
C ARG C 466 -14.28 26.32 -9.46
N GLU C 467 -13.20 26.07 -8.76
CA GLU C 467 -13.22 25.86 -7.32
C GLU C 467 -12.78 27.13 -6.60
N TYR C 468 -13.07 27.19 -5.32
CA TYR C 468 -12.68 28.35 -4.54
C TYR C 468 -11.20 28.31 -4.25
N ASN C 469 -10.58 29.49 -4.22
CA ASN C 469 -9.16 29.68 -3.97
C ASN C 469 -8.28 28.95 -4.96
N GLU C 470 -8.83 28.45 -6.05
CA GLU C 470 -8.05 27.87 -7.13
C GLU C 470 -7.62 28.99 -8.05
N LEU C 471 -6.34 29.36 -7.98
CA LEU C 471 -5.84 30.47 -8.76
C LEU C 471 -6.01 30.19 -10.25
N GLN C 472 -6.00 31.26 -11.04
CA GLN C 472 -6.41 31.14 -12.44
C GLN C 472 -5.56 30.15 -13.21
N HIS C 473 -4.24 30.15 -12.99
CA HIS C 473 -3.39 29.33 -13.84
C HIS C 473 -3.51 27.85 -13.49
N PHE C 474 -3.76 27.51 -12.23
CA PHE C 474 -4.05 26.12 -11.90
C PHE C 474 -5.31 25.64 -12.59
N PHE C 475 -6.34 26.48 -12.59
CA PHE C 475 -7.58 26.15 -13.26
C PHE C 475 -7.37 25.98 -14.76
N ASP C 476 -6.55 26.85 -15.35
CA ASP C 476 -6.26 26.74 -16.77
C ASP C 476 -5.52 25.45 -17.09
N GLU C 477 -4.54 25.08 -16.26
CA GLU C 477 -3.84 23.81 -16.46
C GLU C 477 -4.81 22.65 -16.42
N ARG C 478 -5.63 22.57 -15.37
CA ARG C 478 -6.49 21.41 -15.23
C ARG C 478 -7.68 21.43 -16.16
N ILE C 479 -7.99 22.55 -16.79
CA ILE C 479 -9.02 22.55 -17.83
C ILE C 479 -8.44 22.20 -19.19
N ASN C 480 -7.25 22.71 -19.51
CA ASN C 480 -6.61 22.30 -20.75
C ASN C 480 -6.26 20.81 -20.73
N ASP C 481 -5.91 20.28 -19.57
CA ASP C 481 -5.64 18.85 -19.47
C ASP C 481 -6.90 18.00 -19.50
N SER C 482 -8.05 18.60 -19.79
CA SER C 482 -9.32 17.89 -19.83
C SER C 482 -9.93 17.82 -21.22
N TYR C 483 -9.39 18.55 -22.19
CA TYR C 483 -10.00 18.56 -23.51
C TYR C 483 -9.81 17.25 -24.23
N ALA C 484 -8.70 16.55 -23.98
CA ALA C 484 -8.53 15.22 -24.56
C ALA C 484 -9.59 14.27 -24.03
N ALA C 485 -9.80 14.27 -22.72
CA ALA C 485 -10.82 13.41 -22.13
C ALA C 485 -12.21 13.77 -22.62
N ALA C 486 -12.49 15.06 -22.79
CA ALA C 486 -13.82 15.47 -23.23
C ALA C 486 -14.06 15.09 -24.69
N SER C 487 -13.05 15.28 -25.54
CA SER C 487 -13.18 14.88 -26.93
C SER C 487 -13.36 13.38 -27.06
N HIS C 488 -12.67 12.62 -26.20
CA HIS C 488 -12.89 11.18 -26.18
C HIS C 488 -14.30 10.84 -25.76
N TYR C 489 -14.78 11.47 -24.68
CA TYR C 489 -16.09 11.14 -24.14
C TYR C 489 -17.20 11.39 -25.15
N VAL C 490 -17.17 12.55 -25.82
CA VAL C 490 -18.30 12.91 -26.67
C VAL C 490 -18.39 12.01 -27.90
N SER C 491 -17.41 11.14 -28.08
CA SER C 491 -17.39 10.25 -29.24
C SER C 491 -17.86 8.84 -28.92
N GLN C 492 -18.15 8.53 -27.66
CA GLN C 492 -18.54 7.20 -27.26
C GLN C 492 -20.00 6.92 -27.50
N PHE C 493 -20.70 7.74 -28.28
CA PHE C 493 -22.13 7.58 -28.51
C PHE C 493 -22.41 7.50 -30.01
N PRO C 494 -22.05 6.40 -30.64
CA PRO C 494 -22.28 6.26 -32.08
C PRO C 494 -23.73 5.87 -32.35
N ASP C 495 -24.10 5.96 -33.62
CA ASP C 495 -25.46 5.63 -34.06
C ASP C 495 -25.39 4.29 -34.78
N PHE C 496 -25.71 3.22 -34.05
CA PHE C 496 -25.54 1.89 -34.59
C PHE C 496 -26.49 1.63 -35.76
N ASN C 497 -27.71 2.14 -35.68
CA ASN C 497 -28.66 1.97 -36.78
C ASN C 497 -28.22 2.73 -38.03
N MET C 498 -27.30 3.68 -37.90
CA MET C 498 -26.74 4.40 -39.04
C MET C 498 -25.41 3.80 -39.49
N ILE C 499 -24.60 3.32 -38.54
CA ILE C 499 -23.40 2.57 -38.89
C ILE C 499 -23.76 1.36 -39.73
N ARG C 500 -24.84 0.67 -39.36
CA ARG C 500 -25.25 -0.50 -40.11
C ARG C 500 -25.68 -0.14 -41.53
N LEU C 501 -26.45 0.95 -41.68
CA LEU C 501 -26.87 1.37 -43.00
C LEU C 501 -25.67 1.74 -43.87
N PHE C 502 -24.71 2.46 -43.31
CA PHE C 502 -23.56 2.84 -44.13
C PHE C 502 -22.67 1.64 -44.43
N LYS C 503 -22.62 0.66 -43.53
CA LYS C 503 -21.92 -0.59 -43.85
C LYS C 503 -22.58 -1.28 -45.04
N TYR C 504 -23.91 -1.32 -45.05
CA TYR C 504 -24.63 -1.92 -46.18
C TYR C 504 -24.35 -1.18 -47.48
N ILE C 505 -24.40 0.15 -47.43
CA ILE C 505 -24.18 0.94 -48.64
C ILE C 505 -22.76 0.75 -49.15
N SER C 506 -21.79 0.75 -48.25
CA SER C 506 -20.41 0.48 -48.63
C SER C 506 -20.28 -0.89 -49.27
N PHE C 507 -21.02 -1.88 -48.76
CA PHE C 507 -20.97 -3.22 -49.34
C PHE C 507 -21.51 -3.21 -50.77
N ILE C 508 -22.63 -2.55 -50.98
CA ILE C 508 -23.21 -2.46 -52.33
C ILE C 508 -22.23 -1.82 -53.29
N LEU C 509 -21.73 -0.63 -52.92
CA LEU C 509 -20.83 0.09 -53.81
C LEU C 509 -19.53 -0.68 -54.03
N GLY C 510 -19.07 -1.44 -53.03
CA GLY C 510 -17.89 -2.24 -53.22
C GLY C 510 -18.11 -3.39 -54.17
N SER C 511 -19.31 -3.99 -54.14
CA SER C 511 -19.62 -5.02 -55.12
C SER C 511 -19.64 -4.44 -56.53
N PHE C 512 -20.29 -3.29 -56.70
CA PHE C 512 -20.29 -2.64 -58.01
C PHE C 512 -18.88 -2.34 -58.47
N THR C 513 -18.05 -1.78 -57.60
CA THR C 513 -16.69 -1.42 -57.97
C THR C 513 -15.87 -2.65 -58.29
N ALA C 514 -16.07 -3.74 -57.55
CA ALA C 514 -15.36 -4.98 -57.86
C ALA C 514 -15.70 -5.47 -59.26
N ILE C 515 -16.99 -5.47 -59.60
CA ILE C 515 -17.37 -5.89 -60.94
C ILE C 515 -16.77 -4.96 -61.99
N LEU C 516 -16.79 -3.66 -61.75
CA LEU C 516 -16.28 -2.72 -62.75
C LEU C 516 -14.79 -2.88 -62.95
N VAL C 517 -14.03 -3.05 -61.86
CA VAL C 517 -12.58 -3.20 -62.00
C VAL C 517 -12.24 -4.52 -62.65
N ILE C 518 -12.98 -5.59 -62.31
CA ILE C 518 -12.71 -6.88 -62.93
C ILE C 518 -13.18 -6.96 -64.37
N ILE C 519 -14.03 -6.02 -64.81
CA ILE C 519 -14.43 -5.97 -66.20
C ILE C 519 -13.60 -4.99 -67.03
N THR C 520 -12.95 -4.01 -66.39
CA THR C 520 -12.09 -3.09 -67.13
C THR C 520 -10.69 -3.66 -67.35
N VAL C 521 -10.31 -4.70 -66.59
CA VAL C 521 -9.05 -5.40 -66.88
C VAL C 521 -9.18 -6.36 -68.03
N PHE C 522 -10.37 -6.47 -68.62
CA PHE C 522 -10.56 -7.22 -69.86
C PHE C 522 -11.09 -6.35 -71.00
N ASP C 523 -11.58 -5.15 -70.71
CA ASP C 523 -12.07 -4.22 -71.73
C ASP C 523 -11.62 -2.81 -71.36
N PRO C 524 -10.32 -2.52 -71.52
CA PRO C 524 -9.79 -1.19 -71.16
C PRO C 524 -10.35 -0.08 -72.03
N SER C 537 -19.27 5.66 -69.76
CA SER C 537 -18.59 6.47 -68.76
C SER C 537 -18.33 5.68 -67.50
N VAL C 538 -17.70 4.52 -67.64
CA VAL C 538 -17.47 3.65 -66.50
C VAL C 538 -16.46 4.24 -65.54
N LEU C 539 -15.52 5.06 -66.05
CA LEU C 539 -14.54 5.68 -65.17
C LEU C 539 -15.19 6.72 -64.28
N PHE C 540 -16.20 7.44 -64.78
CA PHE C 540 -16.96 8.36 -63.94
C PHE C 540 -17.63 7.61 -62.79
N TYR C 541 -18.26 6.48 -63.10
CA TYR C 541 -18.90 5.69 -62.04
C TYR C 541 -17.87 5.14 -61.06
N LEU C 542 -16.71 4.72 -61.56
CA LEU C 542 -15.68 4.20 -60.68
C LEU C 542 -15.19 5.29 -59.72
N GLY C 543 -14.98 6.49 -60.23
CA GLY C 543 -14.57 7.59 -59.37
C GLY C 543 -15.63 7.97 -58.36
N LEU C 544 -16.89 8.04 -58.81
CA LEU C 544 -17.98 8.38 -57.89
C LEU C 544 -18.11 7.33 -56.79
N PHE C 545 -18.00 6.05 -57.14
CA PHE C 545 -18.13 5.01 -56.14
C PHE C 545 -16.94 5.01 -55.19
N GLY C 546 -15.73 5.27 -55.71
CA GLY C 546 -14.59 5.43 -54.83
C GLY C 546 -14.80 6.55 -53.83
N SER C 547 -15.34 7.68 -54.30
CA SER C 547 -15.60 8.80 -53.41
C SER C 547 -16.62 8.42 -52.34
N LEU C 548 -17.72 7.79 -52.75
CA LEU C 548 -18.76 7.43 -51.80
C LEU C 548 -18.27 6.40 -50.79
N ILE C 549 -17.43 5.45 -51.22
CA ILE C 549 -16.89 4.45 -50.31
C ILE C 549 -15.92 5.09 -49.34
N ALA C 550 -15.11 6.04 -49.81
CA ALA C 550 -14.23 6.77 -48.90
C ALA C 550 -15.03 7.57 -47.90
N VAL C 551 -16.18 8.10 -48.30
CA VAL C 551 -17.06 8.79 -47.37
C VAL C 551 -17.59 7.82 -46.32
N SER C 552 -18.02 6.63 -46.76
CA SER C 552 -18.65 5.68 -45.86
C SER C 552 -17.65 5.12 -44.85
N ARG C 553 -16.41 4.85 -45.28
CA ARG C 553 -15.42 4.29 -44.38
C ARG C 553 -15.12 5.21 -43.20
N SER C 554 -15.39 6.51 -43.33
CA SER C 554 -15.10 7.43 -42.24
C SER C 554 -16.12 7.32 -41.12
N ILE C 555 -17.38 7.02 -41.47
CA ILE C 555 -18.42 6.90 -40.45
C ILE C 555 -18.27 5.60 -39.69
N ILE C 556 -18.06 4.50 -40.42
CA ILE C 556 -17.95 3.16 -39.85
C ILE C 556 -16.74 3.10 -38.92
N PRO C 557 -16.93 2.90 -37.62
CA PRO C 557 -15.78 2.84 -36.72
C PRO C 557 -14.99 1.56 -36.94
N ASP C 558 -13.85 1.49 -36.27
CA ASP C 558 -13.04 0.29 -36.33
C ASP C 558 -13.79 -0.87 -35.69
N GLU C 559 -13.47 -2.09 -36.13
CA GLU C 559 -14.07 -3.26 -35.52
C GLU C 559 -13.62 -3.42 -34.08
N THR C 560 -12.31 -3.39 -33.85
CA THR C 560 -11.76 -3.62 -32.52
C THR C 560 -11.78 -2.34 -31.69
N LEU C 561 -12.93 -1.69 -31.63
CA LEU C 561 -13.09 -0.46 -30.87
C LEU C 561 -14.14 -0.70 -29.80
N VAL C 562 -13.79 -0.40 -28.56
CA VAL C 562 -14.65 -0.66 -27.42
C VAL C 562 -15.19 0.67 -26.94
N PHE C 563 -16.51 0.85 -27.04
CA PHE C 563 -17.17 2.05 -26.59
C PHE C 563 -17.58 1.89 -25.13
N ALA C 564 -17.14 2.82 -24.29
CA ALA C 564 -17.45 2.78 -22.86
C ALA C 564 -17.67 4.20 -22.38
N PRO C 565 -18.90 4.71 -22.49
CA PRO C 565 -19.14 6.10 -22.11
C PRO C 565 -18.95 6.39 -20.63
N GLU C 566 -19.21 5.44 -19.74
CA GLU C 566 -19.16 5.75 -18.32
C GLU C 566 -17.73 5.98 -17.84
N LYS C 567 -16.78 5.18 -18.29
CA LYS C 567 -15.41 5.40 -17.83
C LYS C 567 -14.77 6.57 -18.53
N ALA C 568 -15.19 6.88 -19.76
CA ALA C 568 -14.78 8.14 -20.39
C ALA C 568 -15.29 9.33 -19.59
N LEU C 569 -16.54 9.26 -19.14
CA LEU C 569 -17.09 10.35 -18.35
C LEU C 569 -16.37 10.48 -17.02
N ARG C 570 -16.03 9.37 -16.38
CA ARG C 570 -15.28 9.46 -15.13
C ARG C 570 -13.89 10.03 -15.37
N ARG C 571 -13.26 9.67 -16.49
CA ARG C 571 -11.97 10.27 -16.85
C ARG C 571 -12.09 11.76 -17.06
N VAL C 572 -13.21 12.23 -17.59
CA VAL C 572 -13.43 13.68 -17.72
C VAL C 572 -13.61 14.31 -16.34
N ILE C 573 -14.43 13.70 -15.50
CA ILE C 573 -14.77 14.27 -14.21
C ILE C 573 -13.55 14.33 -13.31
N THR C 574 -12.56 13.47 -13.51
CA THR C 574 -11.34 13.60 -12.73
C THR C 574 -10.62 14.92 -13.00
N PHE C 575 -10.98 15.61 -14.08
CA PHE C 575 -10.43 16.93 -14.39
C PHE C 575 -11.41 18.05 -14.11
N THR C 576 -12.64 17.93 -14.59
CA THR C 576 -13.58 19.02 -14.38
C THR C 576 -14.09 19.08 -12.94
N HIS C 577 -13.99 17.99 -12.20
CA HIS C 577 -14.46 17.91 -10.82
C HIS C 577 -15.94 18.24 -10.69
N TYR C 578 -16.70 18.14 -11.77
CA TYR C 578 -18.09 18.58 -11.79
C TYR C 578 -18.96 17.40 -12.20
N MET C 579 -19.67 16.83 -11.22
CA MET C 579 -20.66 15.79 -11.47
C MET C 579 -21.91 16.15 -10.70
N PRO C 580 -22.94 16.66 -11.36
CA PRO C 580 -24.20 16.93 -10.68
C PRO C 580 -24.75 15.72 -9.94
N GLY C 581 -25.71 15.95 -9.05
CA GLY C 581 -26.24 14.85 -8.27
C GLY C 581 -26.92 13.80 -9.12
N TRP C 582 -27.67 14.24 -10.11
CA TRP C 582 -28.48 13.32 -10.91
C TRP C 582 -27.67 12.62 -11.99
N TRP C 583 -26.39 12.93 -12.14
CA TRP C 583 -25.54 12.12 -13.02
C TRP C 583 -25.23 10.78 -12.37
N SER C 584 -25.07 10.74 -11.06
CA SER C 584 -24.58 9.55 -10.37
C SER C 584 -25.48 8.34 -10.57
N ASP C 585 -26.72 8.55 -11.01
CA ASP C 585 -27.56 7.42 -11.39
C ASP C 585 -27.09 6.81 -12.71
N ASN C 586 -27.12 7.60 -13.78
CA ASN C 586 -26.88 7.11 -15.13
C ASN C 586 -25.76 7.92 -15.79
N MET C 587 -24.52 7.53 -15.53
CA MET C 587 -23.39 8.15 -16.21
C MET C 587 -23.15 7.56 -17.59
N HIS C 588 -23.80 6.45 -17.91
CA HIS C 588 -23.83 5.88 -19.25
C HIS C 588 -24.86 6.56 -20.13
N SER C 589 -25.64 7.49 -19.59
CA SER C 589 -26.85 7.92 -20.23
C SER C 589 -26.55 8.80 -21.44
N LYS C 590 -27.60 9.05 -22.23
CA LYS C 590 -27.53 10.00 -23.31
C LYS C 590 -27.95 11.38 -22.88
N ALA C 591 -28.82 11.49 -21.88
CA ALA C 591 -29.18 12.80 -21.33
C ALA C 591 -27.98 13.46 -20.67
N VAL C 592 -27.16 12.66 -19.98
CA VAL C 592 -25.93 13.20 -19.40
C VAL C 592 -25.03 13.74 -20.49
N GLN C 593 -24.98 13.06 -21.64
CA GLN C 593 -24.15 13.56 -22.73
C GLN C 593 -24.74 14.82 -23.34
N GLN C 594 -26.06 14.93 -23.40
CA GLN C 594 -26.68 16.16 -23.89
C GLN C 594 -26.33 17.33 -22.99
N GLU C 595 -26.37 17.11 -21.67
CA GLU C 595 -26.01 18.18 -20.74
C GLU C 595 -24.53 18.54 -20.89
N PHE C 596 -23.65 17.54 -20.92
CA PHE C 596 -22.23 17.83 -21.04
C PHE C 596 -21.90 18.51 -22.35
N CYS C 597 -22.68 18.25 -23.41
CA CYS C 597 -22.47 18.98 -24.64
C CYS C 597 -23.11 20.36 -24.61
N SER C 598 -24.02 20.61 -23.67
CA SER C 598 -24.39 21.99 -23.40
C SER C 598 -23.27 22.74 -22.69
N LEU C 599 -22.47 22.03 -21.88
CA LEU C 599 -21.32 22.66 -21.24
C LEU C 599 -20.11 22.76 -22.17
N TYR C 600 -19.95 21.81 -23.09
CA TYR C 600 -18.78 21.67 -23.93
C TYR C 600 -19.23 21.84 -25.37
N SER C 601 -19.28 23.08 -25.84
CA SER C 601 -19.95 23.42 -27.09
C SER C 601 -18.94 23.58 -28.21
N TYR C 602 -19.45 23.91 -29.40
CA TYR C 602 -18.59 24.24 -30.52
C TYR C 602 -18.03 25.64 -30.34
N ARG C 603 -16.83 25.86 -30.85
CA ARG C 603 -16.22 27.18 -30.70
C ARG C 603 -16.99 28.24 -31.49
N ILE C 604 -17.57 27.88 -32.63
CA ILE C 604 -18.31 28.85 -33.41
C ILE C 604 -19.61 29.21 -32.71
N VAL C 605 -20.25 28.25 -32.05
CA VAL C 605 -21.43 28.56 -31.25
C VAL C 605 -21.05 29.46 -30.08
N ASN C 606 -19.88 29.20 -29.48
CA ASN C 606 -19.41 30.08 -28.42
C ASN C 606 -19.20 31.49 -28.92
N LEU C 607 -18.72 31.65 -30.16
CA LEU C 607 -18.56 32.99 -30.71
C LEU C 607 -19.90 33.67 -30.93
N LEU C 608 -20.85 32.94 -31.53
CA LEU C 608 -22.18 33.51 -31.75
C LEU C 608 -22.79 33.96 -30.42
N TRP C 609 -22.62 33.17 -29.37
CA TRP C 609 -23.20 33.54 -28.09
C TRP C 609 -22.42 34.65 -27.39
N GLU C 610 -21.09 34.68 -27.54
CA GLU C 610 -20.32 35.78 -26.99
C GLU C 610 -20.60 37.09 -27.69
N ILE C 611 -21.18 37.03 -28.90
CA ILE C 611 -21.61 38.24 -29.58
C ILE C 611 -23.05 38.60 -29.22
N LEU C 612 -23.93 37.60 -29.10
CA LEU C 612 -25.32 37.89 -28.75
C LEU C 612 -25.45 38.29 -27.29
N GLY C 613 -24.55 37.82 -26.43
CA GLY C 613 -24.63 38.18 -25.02
C GLY C 613 -24.23 39.61 -24.77
N ILE C 614 -23.28 40.14 -25.54
CA ILE C 614 -22.94 41.55 -25.41
C ILE C 614 -24.16 42.41 -25.72
N LEU C 615 -25.05 41.91 -26.58
CA LEU C 615 -26.27 42.64 -26.88
C LEU C 615 -27.33 42.43 -25.79
N LEU C 616 -27.44 41.22 -25.27
CA LEU C 616 -28.50 40.90 -24.33
C LEU C 616 -28.16 41.18 -22.88
N THR C 617 -26.95 41.65 -22.57
CA THR C 617 -26.64 41.94 -21.18
C THR C 617 -27.42 43.13 -20.62
N PRO C 618 -27.73 44.17 -21.40
CA PRO C 618 -28.64 45.19 -20.89
C PRO C 618 -29.99 44.65 -20.48
N VAL C 619 -30.48 43.60 -21.14
CA VAL C 619 -31.73 42.97 -20.70
C VAL C 619 -31.58 42.47 -19.27
N LEU C 620 -30.46 41.82 -18.97
CA LEU C 620 -30.20 41.38 -17.59
C LEU C 620 -30.10 42.58 -16.65
N LEU C 621 -29.27 43.56 -17.00
CA LEU C 621 -29.04 44.70 -16.11
C LEU C 621 -30.28 45.54 -15.91
N PHE C 622 -31.31 45.37 -16.74
CA PHE C 622 -32.55 46.12 -16.56
C PHE C 622 -33.66 45.33 -15.92
N PHE C 623 -33.73 44.02 -16.14
CA PHE C 623 -34.93 43.30 -15.74
C PHE C 623 -34.67 42.18 -14.75
N THR C 624 -33.59 41.41 -14.89
CA THR C 624 -33.35 40.30 -13.98
C THR C 624 -32.44 40.66 -12.82
N PHE C 625 -31.48 41.58 -13.03
CA PHE C 625 -30.54 41.89 -11.95
C PHE C 625 -31.17 42.73 -10.85
N PRO C 626 -31.92 43.80 -11.14
CA PRO C 626 -32.51 44.57 -10.02
C PRO C 626 -33.40 43.74 -9.12
N SER C 627 -34.23 42.87 -9.70
CA SER C 627 -35.09 42.01 -8.91
C SER C 627 -34.30 41.11 -7.98
N CYS C 628 -33.03 40.86 -8.29
CA CYS C 628 -32.16 40.03 -7.47
C CYS C 628 -31.19 40.85 -6.63
N SER C 629 -31.42 42.15 -6.49
CA SER C 629 -30.48 42.99 -5.76
C SER C 629 -30.51 42.69 -4.27
N GLN C 630 -31.71 42.65 -3.69
CA GLN C 630 -31.86 42.39 -2.26
C GLN C 630 -31.06 41.16 -1.84
N ASP C 631 -31.36 40.02 -2.47
CA ASP C 631 -30.65 38.78 -2.18
C ASP C 631 -29.15 38.99 -2.15
N ILE C 632 -28.63 39.68 -3.16
CA ILE C 632 -27.19 39.88 -3.24
C ILE C 632 -26.67 40.52 -1.96
N VAL C 633 -27.31 41.60 -1.53
CA VAL C 633 -26.90 42.24 -0.27
C VAL C 633 -26.92 41.23 0.86
N ASP C 634 -28.03 40.49 0.99
CA ASP C 634 -28.12 39.50 2.05
C ASP C 634 -27.03 38.46 1.92
N PHE C 635 -26.69 38.08 0.69
CA PHE C 635 -25.64 37.10 0.50
C PHE C 635 -24.33 37.57 1.10
N PHE C 636 -24.05 38.87 0.98
CA PHE C 636 -22.79 39.35 1.52
C PHE C 636 -22.81 39.49 3.03
N ARG C 637 -23.98 39.42 3.65
CA ARG C 637 -24.11 39.48 5.09
C ARG C 637 -24.18 38.09 5.72
N GLU C 638 -25.01 37.22 5.15
CA GLU C 638 -25.14 35.87 5.69
C GLU C 638 -23.85 35.08 5.49
N HIS C 639 -23.34 35.03 4.26
CA HIS C 639 -22.31 34.08 3.88
C HIS C 639 -20.91 34.67 3.89
N THR C 640 -20.63 35.57 4.83
CA THR C 640 -19.29 36.11 5.04
C THR C 640 -18.76 35.62 6.37
N ILE C 641 -17.55 35.07 6.38
CA ILE C 641 -16.95 34.57 7.59
C ILE C 641 -15.58 35.20 7.74
N ASN C 642 -15.17 35.46 8.98
CA ASN C 642 -13.89 36.09 9.26
C ASN C 642 -12.86 35.00 9.54
N VAL C 643 -11.92 34.82 8.63
CA VAL C 643 -10.82 33.91 8.82
C VAL C 643 -9.64 34.71 9.38
N GLU C 644 -9.07 34.25 10.49
CA GLU C 644 -8.11 35.04 11.23
C GLU C 644 -6.81 35.15 10.46
N GLY C 645 -6.33 36.39 10.27
CA GLY C 645 -5.14 36.66 9.51
C GLY C 645 -5.39 36.97 8.05
N VAL C 646 -6.57 36.60 7.52
CA VAL C 646 -6.94 36.93 6.17
C VAL C 646 -7.92 38.09 6.19
N GLY C 647 -9.06 37.89 6.83
CA GLY C 647 -10.07 38.92 6.85
C GLY C 647 -11.44 38.33 6.62
N TYR C 648 -12.36 39.11 6.07
CA TYR C 648 -13.69 38.63 5.75
C TYR C 648 -13.66 37.97 4.38
N VAL C 649 -13.87 36.66 4.35
CA VAL C 649 -13.90 35.90 3.12
C VAL C 649 -15.31 35.35 2.94
N CYS C 650 -15.56 34.79 1.76
CA CYS C 650 -16.81 34.10 1.53
C CYS C 650 -16.89 32.88 2.43
N SER C 651 -18.09 32.58 2.93
CA SER C 651 -18.23 31.42 3.78
C SER C 651 -18.20 30.12 3.00
N TYR C 652 -18.33 30.16 1.67
CA TYR C 652 -18.23 28.95 0.88
C TYR C 652 -16.78 28.59 0.60
N ALA C 653 -15.90 29.59 0.56
CA ALA C 653 -14.50 29.33 0.29
C ALA C 653 -13.86 28.51 1.40
N VAL C 654 -14.40 28.59 2.62
CA VAL C 654 -13.81 27.88 3.74
C VAL C 654 -14.32 26.45 3.88
N PHE C 655 -15.43 26.11 3.23
CA PHE C 655 -15.87 24.72 3.20
C PHE C 655 -15.13 23.93 2.12
N GLN C 656 -15.28 24.33 0.86
CA GLN C 656 -14.62 23.64 -0.23
C GLN C 656 -13.92 24.62 -1.17
N TRP D 177 7.87 -47.50 -0.68
CA TRP D 177 6.50 -47.03 -0.69
C TRP D 177 5.96 -46.92 -2.11
N ALA D 178 6.76 -47.37 -3.08
CA ALA D 178 6.32 -47.35 -4.46
C ALA D 178 5.23 -48.38 -4.74
N ASN D 179 4.97 -49.30 -3.81
CA ASN D 179 3.98 -50.36 -3.99
C ASN D 179 2.84 -50.21 -3.01
N VAL D 180 2.45 -48.97 -2.68
CA VAL D 180 1.41 -48.75 -1.68
C VAL D 180 0.04 -49.13 -2.24
N GLU D 181 -0.36 -48.49 -3.34
CA GLU D 181 -1.67 -48.66 -3.97
C GLU D 181 -2.82 -48.36 -3.03
N ASN D 182 -2.53 -47.79 -1.86
CA ASN D 182 -3.51 -47.36 -0.85
C ASN D 182 -3.12 -45.99 -0.34
N LEU D 183 -2.88 -45.06 -1.27
CA LEU D 183 -2.26 -43.78 -0.95
C LEU D 183 -2.99 -43.03 0.15
N ASP D 184 -4.31 -43.16 0.24
CA ASP D 184 -5.06 -42.38 1.22
C ASP D 184 -4.66 -42.77 2.65
N SER D 185 -4.69 -44.07 2.96
CA SER D 185 -4.33 -44.50 4.30
C SER D 185 -2.86 -44.27 4.58
N PHE D 186 -2.00 -44.37 3.57
CA PHE D 186 -0.59 -44.06 3.79
C PHE D 186 -0.40 -42.61 4.16
N LEU D 187 -1.08 -41.69 3.47
CA LEU D 187 -0.97 -40.28 3.80
C LEU D 187 -1.56 -39.99 5.16
N GLN D 188 -2.66 -40.67 5.51
CA GLN D 188 -3.24 -40.47 6.84
C GLN D 188 -2.28 -40.95 7.92
N GLN D 189 -1.55 -42.03 7.66
CA GLN D 189 -0.60 -42.51 8.65
C GLN D 189 0.61 -41.59 8.76
N VAL D 190 1.08 -41.07 7.62
CA VAL D 190 2.12 -40.04 7.67
C VAL D 190 1.67 -38.88 8.53
N TYR D 191 0.42 -38.44 8.35
CA TYR D 191 -0.07 -37.29 9.09
C TYR D 191 -0.22 -37.59 10.57
N THR D 192 -0.73 -38.75 10.93
CA THR D 192 -0.88 -39.06 12.34
C THR D 192 0.44 -39.39 13.01
N TYR D 193 1.45 -39.78 12.24
CA TYR D 193 2.79 -39.87 12.81
C TYR D 193 3.38 -38.49 13.01
N TYR D 194 3.05 -37.54 12.14
CA TYR D 194 3.48 -36.17 12.37
C TYR D 194 2.84 -35.57 13.61
N THR D 195 1.51 -35.63 13.70
CA THR D 195 0.83 -35.01 14.82
C THR D 195 1.07 -35.76 16.13
N GLY D 196 1.38 -37.04 16.07
CA GLY D 196 1.79 -37.72 17.28
C GLY D 196 3.18 -37.39 17.71
N LYS D 197 3.96 -36.74 16.85
CA LYS D 197 5.31 -36.28 17.14
C LYS D 197 6.26 -37.46 17.39
N GLY D 198 6.25 -38.40 16.47
CA GLY D 198 7.25 -39.44 16.45
C GLY D 198 6.87 -40.66 17.27
N LEU D 199 7.58 -41.75 16.99
CA LEU D 199 7.29 -43.01 17.67
C LEU D 199 7.47 -42.90 19.16
N SER D 200 8.48 -42.16 19.61
CA SER D 200 8.71 -42.00 21.04
C SER D 200 7.49 -41.40 21.73
N CYS D 201 7.04 -40.25 21.24
CA CYS D 201 5.92 -39.57 21.88
C CYS D 201 4.63 -40.38 21.75
N ILE D 202 4.43 -41.04 20.61
CA ILE D 202 3.22 -41.83 20.42
C ILE D 202 3.18 -42.98 21.42
N ILE D 203 4.29 -43.69 21.56
CA ILE D 203 4.35 -44.81 22.49
C ILE D 203 4.17 -44.34 23.92
N VAL D 204 4.80 -43.20 24.27
CA VAL D 204 4.67 -42.69 25.63
C VAL D 204 3.22 -42.33 25.94
N HIS D 205 2.55 -41.67 24.98
CA HIS D 205 1.17 -41.28 25.22
C HIS D 205 0.26 -42.48 25.35
N ARG D 206 0.43 -43.48 24.47
CA ARG D 206 -0.40 -44.67 24.58
C ARG D 206 -0.15 -45.41 25.89
N LEU D 207 1.12 -45.48 26.30
CA LEU D 207 1.46 -46.15 27.55
C LEU D 207 0.80 -45.45 28.73
N PHE D 208 0.93 -44.13 28.81
CA PHE D 208 0.30 -43.44 29.93
C PHE D 208 -1.21 -43.47 29.84
N GLN D 209 -1.77 -43.64 28.65
CA GLN D 209 -3.21 -43.77 28.53
C GLN D 209 -3.71 -45.08 29.14
N ILE D 210 -3.06 -46.19 28.78
CA ILE D 210 -3.46 -47.45 29.39
C ILE D 210 -3.12 -47.47 30.86
N LEU D 211 -2.06 -46.77 31.27
CA LEU D 211 -1.75 -46.70 32.70
C LEU D 211 -2.80 -45.92 33.46
N THR D 212 -3.30 -44.83 32.89
CA THR D 212 -4.36 -44.06 33.54
C THR D 212 -5.63 -44.89 33.66
N VAL D 213 -6.00 -45.58 32.59
CA VAL D 213 -7.19 -46.43 32.64
C VAL D 213 -7.04 -47.51 33.71
N SER D 214 -5.88 -48.17 33.73
CA SER D 214 -5.67 -49.25 34.69
C SER D 214 -5.62 -48.72 36.12
N PHE D 215 -5.06 -47.53 36.32
CA PHE D 215 -5.05 -46.97 37.66
C PHE D 215 -6.47 -46.65 38.12
N VAL D 216 -7.29 -46.07 37.25
CA VAL D 216 -8.67 -45.80 37.61
C VAL D 216 -9.36 -47.09 38.00
N ILE D 217 -9.18 -48.14 37.20
CA ILE D 217 -9.83 -49.41 37.48
C ILE D 217 -9.38 -49.98 38.82
N GLY D 218 -8.06 -50.05 39.03
CA GLY D 218 -7.55 -50.62 40.26
C GLY D 218 -7.91 -49.84 41.49
N PHE D 219 -7.81 -48.52 41.42
CA PHE D 219 -8.14 -47.70 42.58
C PHE D 219 -9.64 -47.76 42.90
N THR D 220 -10.49 -47.82 41.87
CA THR D 220 -11.92 -47.91 42.14
C THR D 220 -12.27 -49.27 42.71
N THR D 221 -11.62 -50.34 42.25
CA THR D 221 -11.88 -51.65 42.84
C THR D 221 -11.21 -51.82 44.19
N PHE D 222 -10.27 -50.95 44.55
CA PHE D 222 -9.64 -51.01 45.87
C PHE D 222 -10.44 -50.25 46.91
N ILE D 223 -10.75 -48.97 46.65
CA ILE D 223 -11.44 -48.17 47.66
C ILE D 223 -12.84 -48.70 47.94
N THR D 224 -13.37 -49.55 47.06
CA THR D 224 -14.65 -50.20 47.30
C THR D 224 -14.50 -51.63 47.81
N SER D 225 -13.29 -52.19 47.78
CA SER D 225 -13.05 -53.53 48.28
C SER D 225 -11.55 -53.76 48.54
N PRO D 252 -18.20 -62.56 42.61
CA PRO D 252 -19.62 -62.34 42.27
C PRO D 252 -19.81 -61.24 41.23
N ILE D 253 -20.72 -60.31 41.51
CA ILE D 253 -20.98 -59.22 40.58
C ILE D 253 -19.77 -58.31 40.47
N THR D 254 -19.14 -57.99 41.60
CA THR D 254 -17.92 -57.17 41.58
C THR D 254 -16.82 -57.84 40.78
N TYR D 255 -16.59 -59.14 41.03
CA TYR D 255 -15.57 -59.87 40.30
C TYR D 255 -15.87 -59.88 38.80
N LEU D 256 -17.14 -60.06 38.44
CA LEU D 256 -17.49 -60.14 37.02
C LEU D 256 -17.29 -58.80 36.32
N VAL D 257 -17.74 -57.71 36.94
CA VAL D 257 -17.58 -56.42 36.29
C VAL D 257 -16.11 -56.01 36.25
N LEU D 258 -15.33 -56.37 37.27
CA LEU D 258 -13.89 -56.12 37.23
C LEU D 258 -13.24 -56.91 36.10
N TRP D 259 -13.65 -58.16 35.91
CA TRP D 259 -13.13 -58.96 34.82
C TRP D 259 -13.47 -58.33 33.47
N LEU D 260 -14.69 -57.80 33.34
CA LEU D 260 -15.08 -57.13 32.10
C LEU D 260 -14.19 -55.92 31.84
N PHE D 261 -14.02 -55.05 32.84
CA PHE D 261 -13.19 -53.87 32.67
C PHE D 261 -11.76 -54.25 32.30
N LEU D 262 -11.18 -55.24 33.00
CA LEU D 262 -9.81 -55.60 32.71
C LEU D 262 -9.68 -56.30 31.36
N SER D 263 -10.73 -56.96 30.89
CA SER D 263 -10.68 -57.51 29.54
C SER D 263 -10.67 -56.41 28.50
N PHE D 264 -11.44 -55.35 28.72
CA PHE D 264 -11.37 -54.20 27.80
C PHE D 264 -9.99 -53.57 27.83
N LEU D 265 -9.41 -53.42 29.03
CA LEU D 265 -8.06 -52.89 29.15
C LEU D 265 -7.06 -53.77 28.40
N LEU D 266 -7.19 -55.09 28.52
CA LEU D 266 -6.27 -56.00 27.84
C LEU D 266 -6.46 -55.93 26.32
N ALA D 267 -7.69 -55.75 25.87
CA ALA D 267 -7.92 -55.54 24.43
C ALA D 267 -7.20 -54.28 23.95
N LEU D 268 -7.30 -53.19 24.71
CA LEU D 268 -6.58 -51.97 24.35
C LEU D 268 -5.08 -52.22 24.30
N TRP D 269 -4.54 -52.88 25.31
CA TRP D 269 -3.11 -53.18 25.34
C TRP D 269 -2.70 -54.01 24.12
N ILE D 270 -3.48 -55.04 23.81
CA ILE D 270 -3.14 -55.92 22.70
C ILE D 270 -3.18 -55.15 21.39
N TYR D 271 -4.15 -54.25 21.23
CA TYR D 271 -4.19 -53.45 20.01
C TYR D 271 -2.96 -52.57 19.89
N TYR D 272 -2.56 -51.91 20.98
CA TYR D 272 -1.38 -51.04 20.91
C TYR D 272 -0.14 -51.85 20.54
N LEU D 273 0.04 -53.01 21.18
CA LEU D 273 1.16 -53.87 20.85
C LEU D 273 1.10 -54.34 19.40
N THR D 274 -0.10 -54.54 18.87
CA THR D 274 -0.24 -54.94 17.48
C THR D 274 0.16 -53.80 16.55
N ASP D 275 -0.14 -52.57 16.94
CA ASP D 275 0.08 -51.44 16.03
C ASP D 275 1.53 -50.95 16.04
N ILE D 276 2.30 -51.26 17.08
CA ILE D 276 3.69 -50.81 17.15
C ILE D 276 4.49 -51.02 15.85
N PRO D 277 4.41 -52.18 15.18
CA PRO D 277 5.23 -52.35 13.96
C PRO D 277 4.93 -51.37 12.85
N ARG D 278 3.66 -51.00 12.66
CA ARG D 278 3.33 -49.99 11.66
C ARG D 278 3.97 -48.66 12.02
N LEU D 279 3.99 -48.33 13.32
CA LEU D 279 4.71 -47.13 13.76
C LEU D 279 6.18 -47.23 13.41
N TRP D 280 6.78 -48.42 13.54
CA TRP D 280 8.19 -48.53 13.19
C TRP D 280 8.41 -48.34 11.69
N GLN D 281 7.54 -48.91 10.88
CA GLN D 281 7.63 -48.70 9.43
C GLN D 281 7.56 -47.22 9.10
N MET D 282 6.64 -46.50 9.74
CA MET D 282 6.50 -45.07 9.44
C MET D 282 7.68 -44.27 9.96
N ARG D 283 8.25 -44.66 11.11
CA ARG D 283 9.44 -43.99 11.60
C ARG D 283 10.61 -44.17 10.63
N GLU D 284 10.76 -45.37 10.09
CA GLU D 284 11.78 -45.58 9.08
C GLU D 284 11.53 -44.73 7.85
N PHE D 285 10.29 -44.67 7.38
CA PHE D 285 9.98 -43.82 6.24
C PHE D 285 10.28 -42.36 6.53
N TYR D 286 10.11 -41.93 7.78
CA TYR D 286 10.37 -40.53 8.12
C TYR D 286 11.87 -40.25 8.14
N ILE D 287 12.65 -41.13 8.76
CA ILE D 287 14.08 -40.88 8.90
C ILE D 287 14.77 -41.03 7.56
N HIS D 288 14.55 -42.14 6.87
CA HIS D 288 15.30 -42.44 5.66
C HIS D 288 14.78 -41.66 4.46
N ALA D 289 13.52 -41.88 4.09
CA ALA D 289 13.00 -41.29 2.87
C ALA D 289 12.80 -39.79 3.01
N LEU D 290 12.15 -39.36 4.09
CA LEU D 290 11.89 -37.93 4.27
C LEU D 290 13.10 -37.17 4.78
N LYS D 291 14.06 -37.85 5.39
CA LYS D 291 15.24 -37.21 5.96
C LYS D 291 14.84 -36.14 6.98
N ILE D 292 13.99 -36.54 7.92
CA ILE D 292 13.60 -35.70 9.04
C ILE D 292 14.15 -36.36 10.30
N ALA D 293 14.97 -35.62 11.05
CA ALA D 293 15.66 -36.18 12.20
C ALA D 293 14.68 -36.55 13.30
N THR D 294 15.00 -37.62 14.03
CA THR D 294 14.18 -38.04 15.16
C THR D 294 14.09 -36.97 16.23
N ALA D 295 15.07 -36.08 16.30
CA ALA D 295 15.05 -34.99 17.27
C ALA D 295 14.30 -33.77 16.75
N ASP D 296 14.04 -33.71 15.44
CA ASP D 296 13.28 -32.62 14.85
C ASP D 296 11.78 -32.89 14.86
N MET D 297 11.35 -34.02 15.41
CA MET D 297 9.93 -34.37 15.32
C MET D 297 9.05 -33.43 16.14
N PRO D 298 9.32 -33.15 17.41
CA PRO D 298 8.38 -32.32 18.19
C PRO D 298 8.29 -30.89 17.70
N THR D 299 9.15 -30.45 16.79
CA THR D 299 9.17 -29.05 16.39
C THR D 299 9.08 -28.82 14.90
N VAL D 300 9.16 -29.85 14.06
CA VAL D 300 9.05 -29.64 12.63
C VAL D 300 7.60 -29.29 12.28
N SER D 301 7.44 -28.50 11.22
CA SER D 301 6.12 -28.08 10.79
C SER D 301 5.58 -29.04 9.72
N TRP D 302 4.29 -28.88 9.40
CA TRP D 302 3.70 -29.71 8.36
C TRP D 302 4.12 -29.25 6.98
N GLN D 303 4.39 -27.96 6.80
CA GLN D 303 4.86 -27.50 5.50
C GLN D 303 6.23 -28.07 5.18
N ARG D 304 7.08 -28.27 6.19
CA ARG D 304 8.39 -28.88 5.94
C ARG D 304 8.23 -30.34 5.55
N VAL D 305 7.31 -31.05 6.21
CA VAL D 305 7.05 -32.44 5.83
C VAL D 305 6.50 -32.50 4.42
N LEU D 306 5.62 -31.57 4.05
CA LEU D 306 5.10 -31.53 2.68
C LEU D 306 6.20 -31.25 1.68
N TYR D 307 7.11 -30.33 2.02
CA TYR D 307 8.25 -30.04 1.16
C TYR D 307 9.08 -31.30 0.91
N ARG D 308 9.46 -31.98 1.98
CA ARG D 308 10.23 -33.22 1.83
C ARG D 308 9.46 -34.25 1.04
N LEU D 309 8.15 -34.35 1.26
CA LEU D 309 7.37 -35.39 0.61
C LEU D 309 7.21 -35.12 -0.88
N LEU D 310 7.10 -33.86 -1.27
CA LEU D 310 7.07 -33.53 -2.69
C LEU D 310 8.44 -33.75 -3.32
N LYS D 311 9.51 -33.44 -2.59
CA LYS D 311 10.84 -33.75 -3.08
C LYS D 311 10.99 -35.24 -3.38
N LEU D 312 10.58 -36.09 -2.44
CA LEU D 312 10.71 -37.53 -2.62
C LEU D 312 9.98 -38.00 -3.87
N LYS D 313 8.81 -37.43 -4.15
CA LYS D 313 8.03 -37.84 -5.31
C LYS D 313 7.19 -36.70 -5.85
N LYS D 332 -1.26 -39.79 -8.13
CA LYS D 332 -1.02 -39.01 -9.35
C LYS D 332 -0.39 -37.68 -9.04
N ARG D 333 -0.89 -37.01 -8.00
CA ARG D 333 -0.41 -35.71 -7.59
C ARG D 333 -0.21 -35.69 -6.08
N LEU D 334 0.75 -34.90 -5.64
CA LEU D 334 1.05 -34.78 -4.21
C LEU D 334 1.23 -33.32 -3.83
N ASP D 335 0.38 -32.46 -4.37
CA ASP D 335 0.31 -31.08 -3.93
C ASP D 335 -0.11 -31.04 -2.45
N ALA D 336 0.03 -29.86 -1.84
CA ALA D 336 -0.48 -29.69 -0.48
C ALA D 336 -1.98 -29.87 -0.44
N TYR D 337 -2.69 -29.25 -1.38
CA TYR D 337 -4.15 -29.34 -1.41
C TYR D 337 -4.62 -30.75 -1.72
N ALA D 338 -3.90 -31.47 -2.59
CA ALA D 338 -4.28 -32.84 -2.88
C ALA D 338 -4.09 -33.73 -1.67
N ILE D 339 -3.00 -33.54 -0.94
CA ILE D 339 -2.76 -34.36 0.24
C ILE D 339 -3.77 -34.04 1.32
N ALA D 340 -4.16 -32.77 1.43
CA ALA D 340 -5.23 -32.43 2.38
C ALA D 340 -6.55 -33.07 1.98
N ASN D 341 -6.85 -33.12 0.68
CA ASN D 341 -8.08 -33.76 0.24
C ASN D 341 -8.05 -35.27 0.45
N ARG D 342 -6.87 -35.87 0.44
CA ARG D 342 -6.79 -37.31 0.64
C ARG D 342 -6.77 -37.68 2.12
N ILE D 343 -6.19 -36.83 2.97
CA ILE D 343 -6.22 -37.10 4.40
C ILE D 343 -7.61 -36.87 4.96
N MET D 344 -8.27 -35.79 4.54
CA MET D 344 -9.56 -35.41 5.06
C MET D 344 -10.70 -35.82 4.15
N ARG D 345 -10.58 -36.95 3.46
CA ARG D 345 -11.60 -37.30 2.48
C ARG D 345 -12.92 -37.65 3.15
N LYS D 346 -12.86 -38.32 4.31
CA LYS D 346 -14.06 -38.63 5.06
C LYS D 346 -14.44 -37.54 6.04
N ASP D 347 -13.46 -36.81 6.57
CA ASP D 347 -13.77 -35.70 7.46
C ASP D 347 -14.52 -34.61 6.74
N ASN D 348 -14.28 -34.44 5.45
CA ASN D 348 -15.04 -33.44 4.69
C ASN D 348 -16.50 -33.85 4.57
N TYR D 349 -16.75 -35.14 4.32
CA TYR D 349 -18.14 -35.60 4.31
C TYR D 349 -18.78 -35.46 5.67
N PHE D 350 -18.01 -35.64 6.75
CA PHE D 350 -18.56 -35.46 8.09
C PHE D 350 -18.91 -34.01 8.35
N ILE D 351 -18.01 -33.09 8.01
CA ILE D 351 -18.29 -31.67 8.15
C ILE D 351 -19.54 -31.29 7.37
N ALA D 352 -19.70 -31.86 6.18
CA ALA D 352 -20.84 -31.50 5.35
C ALA D 352 -22.14 -32.15 5.81
N LEU D 353 -22.06 -33.33 6.43
CA LEU D 353 -23.25 -33.92 7.02
C LEU D 353 -23.71 -33.14 8.24
N ILE D 354 -22.75 -32.76 9.09
CA ILE D 354 -23.11 -32.12 10.34
C ILE D 354 -23.56 -30.68 10.11
N ASN D 355 -22.83 -29.93 9.29
CA ASN D 355 -23.09 -28.51 9.13
C ASN D 355 -24.33 -28.26 8.29
N ASN D 356 -24.66 -29.16 7.38
CA ASN D 356 -25.79 -28.98 6.50
C ASN D 356 -27.03 -29.74 6.94
N GLY D 357 -27.01 -30.32 8.13
CA GLY D 357 -28.20 -30.96 8.66
C GLY D 357 -28.66 -32.18 7.89
N ILE D 358 -27.79 -32.80 7.09
CA ILE D 358 -28.18 -34.01 6.39
C ILE D 358 -28.54 -35.09 7.38
N ILE D 359 -27.82 -35.15 8.50
CA ILE D 359 -28.08 -36.12 9.56
C ILE D 359 -28.56 -35.34 10.78
N ASN D 360 -29.57 -35.88 11.46
CA ASN D 360 -30.23 -35.19 12.55
C ASN D 360 -29.64 -35.67 13.87
N ILE D 361 -28.90 -34.79 14.55
CA ILE D 361 -28.32 -35.11 15.84
C ILE D 361 -29.06 -34.39 16.96
N GLU D 362 -30.30 -34.01 16.74
CA GLU D 362 -31.10 -33.32 17.73
C GLU D 362 -31.93 -34.31 18.51
N LEU D 363 -31.84 -34.27 19.83
CA LEU D 363 -32.55 -35.23 20.65
C LEU D 363 -34.06 -35.04 20.49
N PRO D 364 -34.83 -36.13 20.48
CA PRO D 364 -36.27 -35.99 20.23
C PRO D 364 -37.00 -35.21 21.30
N LEU D 365 -36.64 -35.38 22.56
CA LEU D 365 -37.35 -34.75 23.67
C LEU D 365 -36.62 -33.54 24.23
N LEU D 366 -35.34 -33.70 24.57
CA LEU D 366 -34.58 -32.60 25.16
C LEU D 366 -34.40 -31.45 24.19
N HIS D 367 -34.52 -31.69 22.89
CA HIS D 367 -34.45 -30.65 21.87
C HIS D 367 -33.09 -29.96 21.87
N ARG D 368 -32.04 -30.77 21.73
CA ARG D 368 -30.68 -30.27 21.77
C ARG D 368 -29.81 -31.07 20.81
N ARG D 369 -28.97 -30.36 20.06
CA ARG D 369 -28.01 -31.00 19.17
C ARG D 369 -26.76 -31.34 19.98
N ILE D 370 -26.55 -32.63 20.22
CA ILE D 370 -25.38 -33.10 20.95
C ILE D 370 -24.52 -33.92 20.00
N LEU D 371 -23.21 -33.67 20.04
CA LEU D 371 -22.25 -34.41 19.25
C LEU D 371 -21.12 -34.82 20.19
N THR D 372 -21.31 -35.96 20.87
CA THR D 372 -20.29 -36.49 21.75
C THR D 372 -19.16 -37.09 20.92
N HIS D 373 -18.19 -37.71 21.59
CA HIS D 373 -17.19 -38.47 20.85
C HIS D 373 -17.72 -39.85 20.48
N THR D 374 -18.60 -40.42 21.30
CA THR D 374 -19.22 -41.69 20.91
C THR D 374 -20.19 -41.51 19.75
N THR D 375 -20.85 -40.35 19.68
CA THR D 375 -21.72 -40.08 18.53
C THR D 375 -20.92 -40.14 17.24
N GLU D 376 -19.76 -39.49 17.21
CA GLU D 376 -19.00 -39.47 15.97
C GLU D 376 -18.27 -40.79 15.73
N TRP D 377 -17.94 -41.54 16.78
CA TRP D 377 -17.46 -42.90 16.57
C TRP D 377 -18.53 -43.75 15.91
N ASN D 378 -19.77 -43.65 16.38
CA ASN D 378 -20.85 -44.43 15.79
C ASN D 378 -21.14 -43.99 14.37
N ILE D 379 -21.07 -42.69 14.10
CA ILE D 379 -21.26 -42.21 12.73
C ILE D 379 -20.16 -42.76 11.83
N ASN D 380 -18.93 -42.77 12.30
CA ASN D 380 -17.84 -43.26 11.46
C ASN D 380 -17.89 -44.76 11.28
N TRP D 381 -18.49 -45.49 12.22
CA TRP D 381 -18.58 -46.92 12.00
C TRP D 381 -19.78 -47.32 11.16
N CYS D 382 -20.94 -46.72 11.42
CA CYS D 382 -22.14 -47.08 10.68
C CYS D 382 -22.04 -46.61 9.23
N ILE D 383 -21.71 -45.35 9.01
CA ILE D 383 -21.77 -44.76 7.69
C ILE D 383 -20.45 -44.95 6.95
N PHE D 384 -19.36 -44.40 7.48
CA PHE D 384 -18.15 -44.33 6.70
C PHE D 384 -17.44 -45.67 6.54
N ASN D 385 -17.77 -46.67 7.34
CA ASN D 385 -17.30 -48.02 7.04
C ASN D 385 -18.16 -48.70 5.99
N PHE D 386 -19.39 -48.25 5.82
CA PHE D 386 -20.32 -48.83 4.86
C PHE D 386 -20.26 -48.12 3.52
N VAL D 387 -19.90 -46.85 3.51
CA VAL D 387 -19.93 -46.07 2.30
C VAL D 387 -18.60 -46.10 1.56
N PHE D 388 -17.50 -46.28 2.27
CA PHE D 388 -16.17 -46.19 1.69
C PHE D 388 -15.50 -47.55 1.62
N ASP D 389 -14.68 -47.73 0.59
CA ASP D 389 -13.98 -48.99 0.38
C ASP D 389 -13.07 -49.33 1.55
N GLU D 390 -12.58 -50.57 1.56
CA GLU D 390 -11.43 -50.87 2.40
C GLU D 390 -10.20 -50.12 1.90
N GLN D 391 -10.10 -49.91 0.59
CA GLN D 391 -9.04 -49.09 0.03
C GLN D 391 -9.28 -47.60 0.28
N GLY D 392 -10.43 -47.23 0.82
CA GLY D 392 -10.67 -45.87 1.27
C GLY D 392 -11.16 -44.93 0.19
N GLN D 393 -12.24 -45.30 -0.49
CA GLN D 393 -12.79 -44.42 -1.51
C GLN D 393 -14.26 -44.78 -1.72
N LEU D 394 -15.03 -43.79 -2.16
CA LEU D 394 -16.48 -43.95 -2.27
C LEU D 394 -16.82 -45.13 -3.14
N ARG D 395 -17.54 -46.10 -2.57
CA ARG D 395 -17.90 -47.29 -3.31
C ARG D 395 -18.73 -46.93 -4.55
N SER D 396 -18.68 -47.81 -5.54
CA SER D 396 -19.34 -47.52 -6.81
C SER D 396 -20.85 -47.50 -6.68
N ALA D 397 -21.40 -48.35 -5.82
CA ALA D 397 -22.84 -48.46 -5.69
C ALA D 397 -23.51 -47.21 -5.17
N PHE D 398 -22.75 -46.21 -4.74
CA PHE D 398 -23.31 -45.02 -4.13
C PHE D 398 -23.42 -43.85 -5.09
N ARG D 399 -23.11 -44.05 -6.36
CA ARG D 399 -23.44 -43.07 -7.39
C ARG D 399 -24.47 -43.58 -8.38
N ASN D 400 -24.85 -44.86 -8.29
CA ASN D 400 -25.88 -45.46 -9.11
C ASN D 400 -27.25 -45.12 -8.55
N PRO D 401 -28.05 -44.29 -9.23
CA PRO D 401 -29.32 -43.85 -8.64
C PRO D 401 -30.36 -44.94 -8.50
N ASN D 402 -30.15 -46.11 -9.11
CA ASN D 402 -31.14 -47.17 -9.01
C ASN D 402 -30.99 -47.98 -7.73
N SER D 403 -29.81 -47.97 -7.12
CA SER D 403 -29.56 -48.71 -5.90
C SER D 403 -29.85 -47.88 -4.65
N ARG D 404 -30.49 -46.72 -4.80
CA ARG D 404 -30.76 -45.85 -3.67
C ARG D 404 -31.75 -46.42 -2.69
N LYS D 405 -32.46 -47.48 -3.05
CA LYS D 405 -33.41 -48.10 -2.13
C LYS D 405 -32.83 -49.30 -1.41
N ARG D 406 -31.81 -49.95 -1.98
CA ARG D 406 -31.16 -51.06 -1.29
C ARG D 406 -30.17 -50.55 -0.26
N LEU D 407 -29.37 -49.56 -0.62
CA LEU D 407 -28.40 -49.02 0.31
C LEU D 407 -29.08 -48.29 1.46
N SER D 408 -30.11 -47.54 1.17
CA SER D 408 -30.84 -46.82 2.21
C SER D 408 -31.65 -47.70 3.08
N GLU D 409 -31.56 -49.02 2.92
CA GLU D 409 -32.15 -49.96 3.85
C GLU D 409 -31.14 -50.92 4.45
N GLU D 410 -29.97 -51.08 3.84
CA GLU D 410 -28.85 -51.73 4.50
C GLU D 410 -28.13 -50.77 5.43
N LEU D 411 -28.51 -49.50 5.46
CA LEU D 411 -27.93 -48.55 6.38
C LEU D 411 -28.72 -48.43 7.67
N ARG D 412 -30.04 -48.67 7.62
CA ARG D 412 -30.79 -48.72 8.87
C ARG D 412 -30.46 -49.99 9.65
N ARG D 413 -30.20 -51.09 8.94
CA ARG D 413 -29.79 -52.31 9.61
C ARG D 413 -28.37 -52.23 10.14
N ARG D 414 -27.69 -51.11 9.98
CA ARG D 414 -26.44 -50.82 10.68
C ARG D 414 -26.66 -49.89 11.87
N PHE D 415 -27.48 -48.87 11.70
CA PHE D 415 -27.86 -48.02 12.82
C PHE D 415 -28.48 -48.84 13.94
N ILE D 416 -29.28 -49.84 13.60
CA ILE D 416 -29.94 -50.64 14.63
C ILE D 416 -28.93 -51.49 15.38
N VAL D 417 -27.99 -52.11 14.67
CA VAL D 417 -26.97 -52.93 15.32
C VAL D 417 -26.09 -52.08 16.21
N ALA D 418 -25.72 -50.89 15.74
CA ALA D 418 -24.90 -50.00 16.56
C ALA D 418 -25.65 -49.53 17.78
N GLY D 419 -26.95 -49.26 17.65
CA GLY D 419 -27.74 -48.92 18.81
C GLY D 419 -27.81 -50.04 19.82
N PHE D 420 -27.91 -51.28 19.33
CA PHE D 420 -27.93 -52.42 20.25
C PHE D 420 -26.60 -52.55 20.98
N LEU D 421 -25.49 -52.40 20.27
CA LEU D 421 -24.19 -52.49 20.94
C LEU D 421 -23.96 -51.33 21.90
N ASN D 422 -24.49 -50.16 21.58
CA ASN D 422 -24.33 -49.03 22.48
C ASN D 422 -25.21 -49.17 23.72
N CYS D 423 -26.40 -49.73 23.58
CA CYS D 423 -27.22 -49.98 24.77
C CYS D 423 -26.57 -50.96 25.72
N LEU D 424 -25.48 -51.62 25.32
CA LEU D 424 -24.72 -52.50 26.19
C LEU D 424 -23.40 -51.92 26.65
N PHE D 425 -22.74 -51.12 25.81
CA PHE D 425 -21.44 -50.56 26.18
C PHE D 425 -21.48 -49.11 26.61
N ALA D 426 -22.66 -48.48 26.63
CA ALA D 426 -22.78 -47.09 27.03
C ALA D 426 -22.84 -46.92 28.54
N PRO D 427 -23.56 -47.76 29.29
CA PRO D 427 -23.48 -47.66 30.74
C PRO D 427 -22.07 -47.81 31.27
N ILE D 428 -21.35 -48.86 30.84
CA ILE D 428 -20.02 -49.12 31.36
C ILE D 428 -18.96 -48.23 30.76
N VAL D 429 -19.33 -47.30 29.90
CA VAL D 429 -18.42 -46.25 29.45
C VAL D 429 -18.73 -44.93 30.15
N ALA D 430 -20.01 -44.61 30.32
CA ALA D 430 -20.37 -43.42 31.07
C ALA D 430 -19.94 -43.55 32.53
N ILE D 431 -20.02 -44.76 33.09
CA ILE D 431 -19.56 -44.97 34.46
C ILE D 431 -18.07 -44.69 34.57
N TYR D 432 -17.27 -45.31 33.70
CA TYR D 432 -15.84 -45.05 33.73
C TYR D 432 -15.55 -43.59 33.51
N LEU D 433 -16.30 -42.93 32.64
CA LEU D 433 -16.00 -41.53 32.33
C LEU D 433 -16.29 -40.64 33.52
N VAL D 434 -17.41 -40.88 34.22
CA VAL D 434 -17.71 -40.05 35.37
C VAL D 434 -16.72 -40.32 36.49
N ILE D 435 -16.27 -41.56 36.64
CA ILE D 435 -15.26 -41.85 37.67
C ILE D 435 -13.95 -41.15 37.34
N HIS D 436 -13.51 -41.24 36.08
CA HIS D 436 -12.26 -40.61 35.67
C HIS D 436 -12.33 -39.11 35.84
N ASN D 437 -13.43 -38.49 35.42
CA ASN D 437 -13.54 -37.04 35.52
C ASN D 437 -13.64 -36.59 36.97
N PHE D 438 -14.34 -37.36 37.81
CA PHE D 438 -14.36 -37.05 39.24
C PHE D 438 -12.95 -37.07 39.81
N PHE D 439 -12.23 -38.18 39.61
CA PHE D 439 -10.87 -38.28 40.14
C PHE D 439 -9.99 -37.16 39.64
N ARG D 440 -10.14 -36.77 38.37
CA ARG D 440 -9.23 -35.78 37.82
C ARG D 440 -9.56 -34.37 38.27
N TYR D 441 -10.85 -34.03 38.40
CA TYR D 441 -11.23 -32.64 38.57
C TYR D 441 -11.78 -32.29 39.94
N PHE D 442 -11.95 -33.27 40.85
CA PHE D 442 -12.49 -32.92 42.16
C PHE D 442 -11.55 -32.00 42.92
N ASN D 443 -10.25 -32.28 42.88
CA ASN D 443 -9.28 -31.45 43.57
C ASN D 443 -9.37 -30.00 43.10
N GLU D 444 -9.35 -29.77 41.80
CA GLU D 444 -9.34 -28.41 41.28
C GLU D 444 -10.68 -27.72 41.46
N TYR D 445 -11.79 -28.46 41.35
CA TYR D 445 -13.10 -27.84 41.42
C TYR D 445 -13.66 -27.74 42.83
N HIS D 446 -12.93 -28.24 43.84
CA HIS D 446 -13.28 -27.95 45.21
C HIS D 446 -12.19 -27.23 45.98
N LYS D 447 -10.99 -27.08 45.43
CA LYS D 447 -9.93 -26.34 46.10
C LYS D 447 -9.37 -25.23 45.21
N ASN D 448 -10.03 -24.91 44.11
CA ASN D 448 -9.63 -23.81 43.23
C ASN D 448 -10.83 -23.41 42.38
N PRO D 449 -11.85 -22.76 42.97
CA PRO D 449 -13.02 -22.39 42.17
C PRO D 449 -12.73 -21.40 41.06
N GLY D 450 -11.57 -20.74 41.09
CA GLY D 450 -11.20 -19.88 39.97
C GLY D 450 -11.13 -20.62 38.66
N ALA D 451 -10.73 -21.89 38.70
CA ALA D 451 -10.73 -22.76 37.53
C ALA D 451 -12.02 -23.55 37.39
N LEU D 452 -13.12 -23.02 37.90
CA LEU D 452 -14.44 -23.59 37.63
C LEU D 452 -15.15 -22.88 36.49
N SER D 453 -14.83 -21.62 36.24
CA SER D 453 -15.39 -20.87 35.14
C SER D 453 -14.55 -20.95 33.87
N THR D 454 -13.68 -21.95 33.77
CA THR D 454 -12.91 -22.13 32.55
C THR D 454 -13.84 -22.59 31.44
N ARG D 455 -13.96 -21.78 30.40
CA ARG D 455 -14.86 -22.06 29.30
C ARG D 455 -14.10 -22.64 28.12
N ARG D 456 -14.76 -23.55 27.41
CA ARG D 456 -14.22 -24.22 26.24
C ARG D 456 -15.34 -24.37 25.24
N TYR D 457 -14.97 -24.60 23.98
CA TYR D 457 -15.96 -24.83 22.95
C TYR D 457 -16.53 -26.23 23.06
N THR D 458 -17.84 -26.35 22.92
CA THR D 458 -18.47 -27.66 22.95
C THR D 458 -18.03 -28.48 21.74
N PRO D 459 -18.06 -29.81 21.83
CA PRO D 459 -17.66 -30.63 20.69
C PRO D 459 -18.47 -30.37 19.43
N LEU D 460 -19.69 -29.86 19.55
CA LEU D 460 -20.44 -29.48 18.37
C LEU D 460 -20.03 -28.12 17.83
N ALA D 461 -19.50 -27.26 18.70
CA ALA D 461 -18.95 -25.99 18.22
C ALA D 461 -17.66 -26.19 17.46
N LEU D 462 -16.95 -27.28 17.73
CA LEU D 462 -15.70 -27.53 17.04
C LEU D 462 -15.89 -28.18 15.69
N TRP D 463 -17.09 -28.69 15.39
CA TRP D 463 -17.42 -29.13 14.05
C TRP D 463 -18.18 -28.08 13.27
N THR D 464 -18.72 -27.07 13.94
CA THR D 464 -19.31 -25.93 13.27
C THR D 464 -18.26 -24.96 12.79
N PHE D 465 -17.15 -24.84 13.50
CA PHE D 465 -16.09 -23.95 13.11
C PHE D 465 -15.16 -24.56 12.08
N ARG D 466 -15.17 -25.88 11.96
CA ARG D 466 -14.20 -26.56 11.11
C ARG D 466 -14.45 -26.24 9.65
N GLU D 467 -13.38 -26.00 8.92
CA GLU D 467 -13.42 -25.80 7.49
C GLU D 467 -13.00 -27.07 6.77
N TYR D 468 -13.33 -27.13 5.49
CA TYR D 468 -12.96 -28.28 4.69
C TYR D 468 -11.48 -28.26 4.39
N ASN D 469 -10.88 -29.44 4.35
CA ASN D 469 -9.46 -29.64 4.06
C ASN D 469 -8.55 -28.91 5.02
N GLU D 470 -9.08 -28.41 6.14
CA GLU D 470 -8.27 -27.82 7.20
C GLU D 470 -7.82 -28.95 8.11
N LEU D 471 -6.56 -29.32 8.01
CA LEU D 471 -6.04 -30.44 8.78
C LEU D 471 -6.17 -30.15 10.27
N GLN D 472 -6.15 -31.22 11.07
CA GLN D 472 -6.53 -31.09 12.47
C GLN D 472 -5.66 -30.11 13.22
N HIS D 473 -4.35 -30.11 12.97
CA HIS D 473 -3.48 -29.29 13.79
C HIS D 473 -3.58 -27.82 13.45
N PHE D 474 -3.87 -27.48 12.20
CA PHE D 474 -4.15 -26.08 11.87
C PHE D 474 -5.39 -25.60 12.59
N PHE D 475 -6.43 -26.42 12.61
CA PHE D 475 -7.65 -26.09 13.31
C PHE D 475 -7.41 -25.92 14.80
N ASP D 476 -6.58 -26.79 15.38
CA ASP D 476 -6.26 -26.68 16.78
C ASP D 476 -5.50 -25.39 17.08
N GLU D 477 -4.55 -25.03 16.24
CA GLU D 477 -3.84 -23.77 16.41
C GLU D 477 -4.79 -22.59 16.39
N ARG D 478 -5.64 -22.53 15.36
CA ARG D 478 -6.50 -21.35 15.24
C ARG D 478 -7.67 -21.35 16.20
N ILE D 479 -7.97 -22.48 16.84
CA ILE D 479 -8.98 -22.48 17.89
C ILE D 479 -8.37 -22.12 19.24
N ASN D 480 -7.18 -22.63 19.54
CA ASN D 480 -6.49 -22.23 20.76
C ASN D 480 -6.14 -20.74 20.73
N ASP D 481 -5.82 -20.21 19.56
CA ASP D 481 -5.54 -18.78 19.45
C ASP D 481 -6.80 -17.94 19.52
N SER D 482 -7.95 -18.52 19.83
CA SER D 482 -9.20 -17.80 19.89
C SER D 482 -9.78 -17.73 21.29
N TYR D 483 -9.24 -18.46 22.26
CA TYR D 483 -9.81 -18.47 23.59
C TYR D 483 -9.60 -17.15 24.30
N ALA D 484 -8.49 -16.46 24.02
CA ALA D 484 -8.30 -15.12 24.60
C ALA D 484 -9.36 -14.16 24.09
N ALA D 485 -9.61 -14.17 22.78
CA ALA D 485 -10.63 -13.31 22.21
C ALA D 485 -12.02 -13.67 22.74
N ALA D 486 -12.30 -14.96 22.91
CA ALA D 486 -13.63 -15.34 23.38
C ALA D 486 -13.83 -14.96 24.84
N SER D 487 -12.80 -15.16 25.67
CA SER D 487 -12.89 -14.76 27.07
C SER D 487 -13.07 -13.26 27.18
N HIS D 488 -12.40 -12.50 26.32
CA HIS D 488 -12.59 -11.06 26.30
C HIS D 488 -14.02 -10.72 25.90
N TYR D 489 -14.52 -11.35 24.84
CA TYR D 489 -15.85 -11.01 24.33
C TYR D 489 -16.93 -11.25 25.36
N VAL D 490 -16.90 -12.40 26.03
CA VAL D 490 -18.01 -12.76 26.91
C VAL D 490 -18.06 -11.85 28.13
N SER D 491 -17.07 -10.98 28.30
CA SER D 491 -17.03 -10.10 29.45
C SER D 491 -17.50 -8.68 29.13
N GLN D 492 -17.81 -8.38 27.88
CA GLN D 492 -18.21 -7.05 27.48
C GLN D 492 -19.67 -6.75 27.76
N PHE D 493 -20.34 -7.57 28.55
CA PHE D 493 -21.77 -7.41 28.82
C PHE D 493 -22.01 -7.33 30.32
N PRO D 494 -21.63 -6.22 30.94
CA PRO D 494 -21.84 -6.07 32.39
C PRO D 494 -23.27 -5.66 32.69
N ASP D 495 -23.62 -5.76 33.97
CA ASP D 495 -24.96 -5.42 34.44
C ASP D 495 -24.87 -4.07 35.14
N PHE D 496 -25.20 -3.00 34.42
CA PHE D 496 -25.01 -1.67 34.95
C PHE D 496 -25.94 -1.41 36.14
N ASN D 497 -27.17 -1.91 36.10
CA ASN D 497 -28.08 -1.74 37.22
C ASN D 497 -27.63 -2.49 38.46
N MET D 498 -26.71 -3.45 38.30
CA MET D 498 -26.12 -4.16 39.43
C MET D 498 -24.79 -3.57 39.85
N ILE D 499 -24.00 -3.10 38.89
CA ILE D 499 -22.78 -2.36 39.21
C ILE D 499 -23.12 -1.14 40.05
N ARG D 500 -24.21 -0.45 39.71
CA ARG D 500 -24.60 0.73 40.46
C ARG D 500 -24.99 0.37 41.89
N LEU D 501 -25.76 -0.70 42.06
CA LEU D 501 -26.15 -1.14 43.39
C LEU D 501 -24.94 -1.50 44.24
N PHE D 502 -23.99 -2.23 43.67
CA PHE D 502 -22.83 -2.60 44.44
C PHE D 502 -21.93 -1.43 44.73
N LYS D 503 -21.89 -0.43 43.83
CA LYS D 503 -21.18 0.81 44.12
C LYS D 503 -21.81 1.50 45.33
N TYR D 504 -23.14 1.55 45.37
CA TYR D 504 -23.82 2.17 46.50
C TYR D 504 -23.53 1.42 47.80
N ILE D 505 -23.59 0.09 47.76
CA ILE D 505 -23.35 -0.69 48.97
C ILE D 505 -21.92 -0.52 49.45
N SER D 506 -20.96 -0.52 48.52
CA SER D 506 -19.58 -0.26 48.88
C SER D 506 -19.42 1.12 49.50
N PHE D 507 -20.16 2.11 49.01
CA PHE D 507 -20.09 3.44 49.59
C PHE D 507 -20.59 3.44 51.02
N ILE D 508 -21.73 2.79 51.27
CA ILE D 508 -22.27 2.72 52.62
C ILE D 508 -21.28 2.06 53.57
N LEU D 509 -20.79 0.88 53.19
CA LEU D 509 -19.87 0.15 54.06
C LEU D 509 -18.57 0.91 54.24
N GLY D 510 -18.12 1.66 53.24
CA GLY D 510 -16.93 2.46 53.39
C GLY D 510 -17.13 3.62 54.35
N SER D 511 -18.32 4.22 54.34
CA SER D 511 -18.61 5.25 55.32
C SER D 511 -18.59 4.68 56.74
N PHE D 512 -19.26 3.54 56.93
CA PHE D 512 -19.24 2.89 58.25
C PHE D 512 -17.81 2.58 58.68
N THR D 513 -17.01 2.01 57.78
CA THR D 513 -15.64 1.65 58.12
C THR D 513 -14.79 2.87 58.43
N ALA D 514 -15.01 3.96 57.70
CA ALA D 514 -14.29 5.20 57.98
C ALA D 514 -14.60 5.70 59.38
N ILE D 515 -15.87 5.70 59.75
CA ILE D 515 -16.24 6.12 61.10
C ILE D 515 -15.60 5.20 62.14
N LEU D 516 -15.65 3.89 61.90
CA LEU D 516 -15.12 2.95 62.89
C LEU D 516 -13.62 3.12 63.05
N VAL D 517 -12.88 3.27 61.96
CA VAL D 517 -11.43 3.41 62.07
C VAL D 517 -11.07 4.74 62.69
N ILE D 518 -11.82 5.81 62.38
CA ILE D 518 -11.52 7.10 62.98
C ILE D 518 -11.95 7.18 64.43
N ILE D 519 -12.80 6.25 64.88
CA ILE D 519 -13.17 6.21 66.30
C ILE D 519 -12.33 5.22 67.10
N THR D 520 -11.70 4.23 66.45
CA THR D 520 -10.83 3.33 67.17
C THR D 520 -9.42 3.88 67.37
N VAL D 521 -9.05 4.91 66.60
CA VAL D 521 -7.79 5.60 66.85
C VAL D 521 -7.88 6.57 68.01
N PHE D 522 -9.06 6.70 68.62
CA PHE D 522 -9.22 7.44 69.87
C PHE D 522 -9.72 6.58 71.01
N ASP D 523 -10.24 5.39 70.74
CA ASP D 523 -10.71 4.45 71.77
C ASP D 523 -10.26 3.05 71.40
N PRO D 524 -8.96 2.74 71.53
CA PRO D 524 -8.46 1.42 71.16
C PRO D 524 -9.00 0.30 72.05
N SER D 537 -18.00 -5.39 69.99
CA SER D 537 -17.35 -6.21 68.98
C SER D 537 -17.12 -5.41 67.71
N VAL D 538 -16.46 -4.25 67.83
CA VAL D 538 -16.26 -3.39 66.68
C VAL D 538 -15.26 -4.00 65.70
N LEU D 539 -14.33 -4.81 66.20
CA LEU D 539 -13.37 -5.45 65.30
C LEU D 539 -14.05 -6.48 64.42
N PHE D 540 -15.06 -7.19 64.95
CA PHE D 540 -15.83 -8.11 64.13
C PHE D 540 -16.52 -7.37 62.99
N TYR D 541 -17.14 -6.22 63.30
CA TYR D 541 -17.79 -5.44 62.27
C TYR D 541 -16.79 -4.90 61.26
N LEU D 542 -15.62 -4.48 61.73
CA LEU D 542 -14.59 -3.97 60.82
C LEU D 542 -14.14 -5.06 59.86
N GLY D 543 -13.92 -6.28 60.37
CA GLY D 543 -13.53 -7.37 59.51
C GLY D 543 -14.62 -7.75 58.52
N LEU D 544 -15.87 -7.80 58.99
CA LEU D 544 -16.98 -8.14 58.11
C LEU D 544 -17.13 -7.11 57.00
N PHE D 545 -17.01 -5.82 57.35
CA PHE D 545 -17.15 -4.77 56.35
C PHE D 545 -15.98 -4.79 55.37
N GLY D 546 -14.76 -5.06 55.86
CA GLY D 546 -13.64 -5.22 54.95
C GLY D 546 -13.87 -6.35 53.97
N SER D 547 -14.42 -7.47 54.45
CA SER D 547 -14.70 -8.59 53.57
C SER D 547 -15.75 -8.21 52.52
N LEU D 548 -16.83 -7.57 52.96
CA LEU D 548 -17.89 -7.20 52.03
C LEU D 548 -17.41 -6.18 51.00
N ILE D 549 -16.57 -5.24 51.42
CA ILE D 549 -16.04 -4.25 50.49
C ILE D 549 -15.08 -4.89 49.50
N ALA D 550 -14.27 -5.84 49.96
CA ALA D 550 -13.42 -6.58 49.03
C ALA D 550 -14.25 -7.38 48.05
N VAL D 551 -15.40 -7.90 48.48
CA VAL D 551 -16.30 -8.58 47.56
C VAL D 551 -16.84 -7.61 46.52
N SER D 552 -17.26 -6.43 46.98
CA SER D 552 -17.89 -5.48 46.07
C SER D 552 -16.91 -4.92 45.05
N ARG D 553 -15.67 -4.65 45.46
CA ARG D 553 -14.69 -4.11 44.52
C ARG D 553 -14.43 -5.03 43.35
N SER D 554 -14.69 -6.33 43.49
CA SER D 554 -14.44 -7.26 42.40
C SER D 554 -15.48 -7.14 41.30
N ILE D 555 -16.73 -6.84 41.66
CA ILE D 555 -17.79 -6.72 40.67
C ILE D 555 -17.65 -5.41 39.91
N ILE D 556 -17.42 -4.32 40.62
CA ILE D 556 -17.32 -2.97 40.04
C ILE D 556 -16.13 -2.92 39.09
N PRO D 557 -16.34 -2.74 37.80
CA PRO D 557 -15.22 -2.67 36.86
C PRO D 557 -14.41 -1.40 37.07
N ASP D 558 -13.28 -1.33 36.38
CA ASP D 558 -12.47 -0.14 36.42
C ASP D 558 -13.23 1.03 35.79
N GLU D 559 -12.89 2.24 36.21
CA GLU D 559 -13.50 3.42 35.62
C GLU D 559 -13.08 3.56 34.16
N THR D 560 -11.77 3.53 33.91
CA THR D 560 -11.24 3.75 32.57
C THR D 560 -11.29 2.48 31.74
N LEU D 561 -12.44 1.83 31.71
CA LEU D 561 -12.63 0.59 30.97
C LEU D 561 -13.70 0.83 29.91
N VAL D 562 -13.39 0.53 28.66
CA VAL D 562 -14.27 0.80 27.54
C VAL D 562 -14.83 -0.53 27.07
N PHE D 563 -16.14 -0.70 27.21
CA PHE D 563 -16.83 -1.90 26.77
C PHE D 563 -17.25 -1.74 25.32
N ALA D 564 -16.84 -2.68 24.47
CA ALA D 564 -17.19 -2.64 23.05
C ALA D 564 -17.43 -4.06 22.58
N PRO D 565 -18.65 -4.57 22.72
CA PRO D 565 -18.91 -5.97 22.35
C PRO D 565 -18.75 -6.26 20.87
N GLU D 566 -19.02 -5.30 19.98
CA GLU D 566 -19.01 -5.62 18.56
C GLU D 566 -17.59 -5.86 18.05
N LYS D 567 -16.63 -5.05 18.47
CA LYS D 567 -15.27 -5.28 17.98
C LYS D 567 -14.62 -6.47 18.68
N ALA D 568 -15.02 -6.77 19.92
CA ALA D 568 -14.60 -8.02 20.54
C ALA D 568 -15.13 -9.21 19.76
N LEU D 569 -16.40 -9.14 19.33
CA LEU D 569 -16.97 -10.23 18.55
C LEU D 569 -16.28 -10.37 17.21
N ARG D 570 -15.94 -9.26 16.57
CA ARG D 570 -15.22 -9.36 15.30
C ARG D 570 -13.83 -9.92 15.50
N ARG D 571 -13.17 -9.58 16.62
CA ARG D 571 -11.88 -10.17 16.94
C ARG D 571 -12.00 -11.67 17.15
N VAL D 572 -13.11 -12.13 17.72
CA VAL D 572 -13.35 -13.58 17.86
C VAL D 572 -13.55 -14.22 16.49
N ILE D 573 -14.38 -13.59 15.66
CA ILE D 573 -14.75 -14.18 14.37
C ILE D 573 -13.55 -14.24 13.44
N THR D 574 -12.56 -13.38 13.63
CA THR D 574 -11.36 -13.52 12.82
C THR D 574 -10.65 -14.85 13.08
N PHE D 575 -10.98 -15.54 14.16
CA PHE D 575 -10.42 -16.85 14.46
C PHE D 575 -11.42 -17.97 14.21
N THR D 576 -12.64 -17.84 14.72
CA THR D 576 -13.59 -18.92 14.53
C THR D 576 -14.13 -18.98 13.11
N HIS D 577 -14.04 -17.90 12.36
CA HIS D 577 -14.55 -17.81 10.99
C HIS D 577 -16.02 -18.14 10.89
N TYR D 578 -16.76 -18.04 11.99
CA TYR D 578 -18.15 -18.46 12.04
C TYR D 578 -19.01 -17.29 12.47
N MET D 579 -19.73 -16.72 11.51
CA MET D 579 -20.71 -15.66 11.77
C MET D 579 -21.98 -16.01 11.03
N PRO D 580 -23.00 -16.52 11.72
CA PRO D 580 -24.28 -16.79 11.06
C PRO D 580 -24.84 -15.58 10.33
N GLY D 581 -25.81 -15.80 9.46
CA GLY D 581 -26.35 -14.70 8.68
C GLY D 581 -27.01 -13.66 9.55
N TRP D 582 -27.75 -14.08 10.56
CA TRP D 582 -28.52 -13.16 11.37
C TRP D 582 -27.70 -12.45 12.44
N TRP D 583 -26.41 -12.77 12.56
CA TRP D 583 -25.54 -11.96 13.42
C TRP D 583 -25.23 -10.62 12.76
N SER D 584 -25.11 -10.59 11.43
CA SER D 584 -24.62 -9.40 10.74
C SER D 584 -25.51 -8.20 10.96
N ASP D 585 -26.74 -8.39 11.43
CA ASP D 585 -27.57 -7.25 11.82
C ASP D 585 -27.07 -6.65 13.12
N ASN D 586 -27.08 -7.44 14.19
CA ASN D 586 -26.81 -6.95 15.54
C ASN D 586 -25.68 -7.75 16.17
N MET D 587 -24.44 -7.37 15.90
CA MET D 587 -23.30 -8.00 16.55
C MET D 587 -23.03 -7.41 17.92
N HIS D 588 -23.66 -6.28 18.25
CA HIS D 588 -23.66 -5.72 19.58
C HIS D 588 -24.68 -6.39 20.50
N SER D 589 -25.47 -7.31 19.97
CA SER D 589 -26.67 -7.75 20.64
C SER D 589 -26.35 -8.61 21.85
N LYS D 590 -27.37 -8.85 22.65
CA LYS D 590 -27.30 -9.80 23.75
C LYS D 590 -27.72 -11.19 23.32
N ALA D 591 -28.62 -11.29 22.34
CA ALA D 591 -29.00 -12.60 21.81
C ALA D 591 -27.82 -13.26 21.12
N VAL D 592 -27.01 -12.48 20.41
CA VAL D 592 -25.80 -13.03 19.81
C VAL D 592 -24.87 -13.57 20.88
N GLN D 593 -24.80 -12.89 22.02
CA GLN D 593 -23.94 -13.38 23.10
C GLN D 593 -24.53 -14.64 23.72
N GLN D 594 -25.86 -14.73 23.81
CA GLN D 594 -26.45 -15.96 24.32
C GLN D 594 -26.13 -17.14 23.42
N GLU D 595 -26.21 -16.92 22.10
CA GLU D 595 -25.86 -18.00 21.17
C GLU D 595 -24.39 -18.37 21.28
N PHE D 596 -23.51 -17.37 21.29
CA PHE D 596 -22.09 -17.67 21.38
C PHE D 596 -21.74 -18.34 22.68
N CYS D 597 -22.48 -18.08 23.75
CA CYS D 597 -22.25 -18.81 24.99
C CYS D 597 -22.90 -20.18 24.98
N SER D 598 -23.83 -20.44 24.06
CA SER D 598 -24.22 -21.81 23.79
C SER D 598 -23.11 -22.57 23.07
N LEU D 599 -22.33 -21.87 22.24
CA LEU D 599 -21.20 -22.50 21.58
C LEU D 599 -19.97 -22.60 22.47
N TYR D 600 -19.79 -21.66 23.38
CA TYR D 600 -18.59 -21.52 24.21
C TYR D 600 -19.02 -21.69 25.66
N SER D 601 -19.06 -22.93 26.13
CA SER D 601 -19.71 -23.25 27.39
C SER D 601 -18.68 -23.41 28.49
N TYR D 602 -19.16 -23.74 29.69
CA TYR D 602 -18.27 -24.07 30.79
C TYR D 602 -17.72 -25.48 30.60
N ARG D 603 -16.52 -25.70 31.09
CA ARG D 603 -15.92 -27.02 30.93
C ARG D 603 -16.67 -28.08 31.74
N ILE D 604 -17.23 -27.71 32.89
CA ILE D 604 -17.96 -28.68 33.69
C ILE D 604 -19.28 -29.04 33.02
N VAL D 605 -19.92 -28.07 32.38
CA VAL D 605 -21.13 -28.37 31.60
C VAL D 605 -20.77 -29.28 30.42
N ASN D 606 -19.62 -29.03 29.80
CA ASN D 606 -19.17 -29.91 28.73
C ASN D 606 -18.96 -31.33 29.23
N LEU D 607 -18.46 -31.48 30.46
CA LEU D 607 -18.29 -32.83 31.01
C LEU D 607 -19.64 -33.49 31.27
N LEU D 608 -20.56 -32.76 31.88
CA LEU D 608 -21.89 -33.32 32.12
C LEU D 608 -22.53 -33.77 30.82
N TRP D 609 -22.38 -32.99 29.76
CA TRP D 609 -22.99 -33.36 28.49
C TRP D 609 -22.22 -34.47 27.78
N GLU D 610 -20.91 -34.51 27.90
CA GLU D 610 -20.15 -35.61 27.33
C GLU D 610 -20.42 -36.92 28.05
N ILE D 611 -20.97 -36.86 29.26
CA ILE D 611 -21.40 -38.06 29.95
C ILE D 611 -22.84 -38.41 29.63
N LEU D 612 -23.71 -37.41 29.53
CA LEU D 612 -25.11 -37.69 29.22
C LEU D 612 -25.29 -38.10 27.76
N GLY D 613 -24.40 -37.64 26.87
CA GLY D 613 -24.51 -38.00 25.47
C GLY D 613 -24.12 -39.43 25.21
N ILE D 614 -23.16 -39.96 25.96
CA ILE D 614 -22.83 -41.37 25.83
C ILE D 614 -24.05 -42.22 26.18
N LEU D 615 -24.92 -41.73 27.05
CA LEU D 615 -26.14 -42.44 27.37
C LEU D 615 -27.21 -42.23 26.31
N LEU D 616 -27.32 -41.02 25.79
CA LEU D 616 -28.41 -40.69 24.87
C LEU D 616 -28.10 -40.97 23.41
N THR D 617 -26.90 -41.45 23.07
CA THR D 617 -26.63 -41.75 21.67
C THR D 617 -27.43 -42.94 21.14
N PRO D 618 -27.73 -43.98 21.94
CA PRO D 618 -28.65 -45.00 21.44
C PRO D 618 -30.01 -44.45 21.06
N VAL D 619 -30.47 -43.39 21.73
CA VAL D 619 -31.72 -42.75 21.32
C VAL D 619 -31.61 -42.27 19.88
N LEU D 620 -30.49 -41.62 19.55
CA LEU D 620 -30.25 -41.19 18.17
C LEU D 620 -30.19 -42.39 17.23
N LEU D 621 -29.35 -43.37 17.56
CA LEU D 621 -29.15 -44.51 16.68
C LEU D 621 -30.40 -45.35 16.51
N PHE D 622 -31.41 -45.17 17.36
CA PHE D 622 -32.65 -45.92 17.21
C PHE D 622 -33.78 -45.12 16.59
N PHE D 623 -33.83 -43.81 16.81
CA PHE D 623 -35.03 -43.08 16.43
C PHE D 623 -34.79 -41.96 15.43
N THR D 624 -33.70 -41.20 15.55
CA THR D 624 -33.49 -40.10 14.62
C THR D 624 -32.59 -40.46 13.45
N PHE D 625 -31.65 -41.39 13.63
CA PHE D 625 -30.73 -41.71 12.54
C PHE D 625 -31.38 -42.55 11.46
N PRO D 626 -32.13 -43.62 11.76
CA PRO D 626 -32.74 -44.38 10.66
C PRO D 626 -33.65 -43.55 9.79
N SER D 627 -34.48 -42.68 10.38
CA SER D 627 -35.35 -41.82 9.59
C SER D 627 -34.56 -40.91 8.65
N CYS D 628 -33.28 -40.68 8.93
CA CYS D 628 -32.44 -39.85 8.09
C CYS D 628 -31.48 -40.68 7.23
N SER D 629 -31.73 -41.98 7.10
CA SER D 629 -30.81 -42.82 6.35
C SER D 629 -30.87 -42.52 4.87
N GLN D 630 -32.09 -42.49 4.31
CA GLN D 630 -32.25 -42.24 2.89
C GLN D 630 -31.47 -41.01 2.45
N ASP D 631 -31.75 -39.85 3.08
CA ASP D 631 -31.04 -38.62 2.77
C ASP D 631 -29.54 -38.84 2.71
N ILE D 632 -28.99 -39.53 3.71
CA ILE D 632 -27.54 -39.75 3.76
C ILE D 632 -27.07 -40.39 2.47
N VAL D 633 -27.72 -41.47 2.04
CA VAL D 633 -27.35 -42.10 0.79
C VAL D 633 -27.39 -41.10 -0.35
N ASP D 634 -28.49 -40.35 -0.45
CA ASP D 634 -28.60 -39.36 -1.52
C ASP D 634 -27.50 -38.34 -1.41
N PHE D 635 -27.13 -37.95 -0.19
CA PHE D 635 -26.07 -36.97 -0.03
C PHE D 635 -24.77 -37.46 -0.64
N PHE D 636 -24.50 -38.76 -0.55
CA PHE D 636 -23.25 -39.25 -1.10
C PHE D 636 -23.30 -39.39 -2.61
N ARG D 637 -24.49 -39.33 -3.20
CA ARG D 637 -24.65 -39.38 -4.65
C ARG D 637 -24.74 -37.99 -5.27
N GLU D 638 -25.55 -37.12 -4.69
CA GLU D 638 -25.67 -35.76 -5.22
C GLU D 638 -24.37 -34.98 -5.06
N HIS D 639 -23.85 -34.94 -3.84
CA HIS D 639 -22.80 -33.98 -3.49
C HIS D 639 -21.41 -34.59 -3.52
N THR D 640 -21.15 -35.48 -4.47
CA THR D 640 -19.82 -36.04 -4.71
C THR D 640 -19.32 -35.55 -6.06
N ILE D 641 -18.10 -35.01 -6.09
CA ILE D 641 -17.52 -34.52 -7.32
C ILE D 641 -16.15 -35.15 -7.49
N ASN D 642 -15.79 -35.42 -8.74
CA ASN D 642 -14.51 -36.06 -9.04
C ASN D 642 -13.49 -34.97 -9.35
N VAL D 643 -12.53 -34.80 -8.46
CA VAL D 643 -11.41 -33.90 -8.69
C VAL D 643 -10.26 -34.70 -9.26
N GLU D 644 -9.71 -34.25 -10.39
CA GLU D 644 -8.77 -35.04 -11.14
C GLU D 644 -7.45 -35.17 -10.40
N GLY D 645 -6.98 -36.40 -10.22
CA GLY D 645 -5.78 -36.67 -9.49
C GLY D 645 -6.00 -36.98 -8.03
N VAL D 646 -7.15 -36.61 -7.47
CA VAL D 646 -7.49 -36.93 -6.10
C VAL D 646 -8.48 -38.08 -6.10
N GLY D 647 -9.63 -37.88 -6.72
CA GLY D 647 -10.66 -38.89 -6.71
C GLY D 647 -12.03 -38.30 -6.45
N TYR D 648 -12.93 -39.08 -5.88
CA TYR D 648 -14.26 -38.59 -5.52
C TYR D 648 -14.19 -37.93 -4.16
N VAL D 649 -14.39 -36.62 -4.13
CA VAL D 649 -14.39 -35.85 -2.91
C VAL D 649 -15.79 -35.29 -2.70
N CYS D 650 -16.02 -34.73 -1.51
CA CYS D 650 -17.26 -34.04 -1.26
C CYS D 650 -17.35 -32.81 -2.16
N SER D 651 -18.54 -32.51 -2.63
CA SER D 651 -18.71 -31.35 -3.49
C SER D 651 -18.65 -30.05 -2.71
N TYR D 652 -18.76 -30.09 -1.39
CA TYR D 652 -18.62 -28.88 -0.59
C TYR D 652 -17.17 -28.52 -0.34
N ALA D 653 -16.30 -29.52 -0.32
CA ALA D 653 -14.89 -29.27 -0.08
C ALA D 653 -14.27 -28.46 -1.21
N VAL D 654 -14.83 -28.53 -2.41
CA VAL D 654 -14.26 -27.83 -3.56
C VAL D 654 -14.77 -26.40 -3.68
N PHE D 655 -15.87 -26.05 -3.02
CA PHE D 655 -16.29 -24.66 -2.97
C PHE D 655 -15.52 -23.87 -1.91
N GLN D 656 -15.65 -24.27 -0.65
CA GLN D 656 -14.97 -23.58 0.43
C GLN D 656 -14.26 -24.57 1.35
N TRP E 177 36.13 25.57 19.21
CA TRP E 177 36.42 24.25 18.69
C TRP E 177 36.91 24.32 17.25
N ALA E 178 37.09 25.54 16.74
CA ALA E 178 37.61 25.70 15.40
C ALA E 178 39.07 25.30 15.26
N ASN E 179 39.77 25.09 16.38
CA ASN E 179 41.18 24.76 16.38
C ASN E 179 41.42 23.35 16.93
N VAL E 180 40.50 22.43 16.66
CA VAL E 180 40.62 21.08 17.22
C VAL E 180 41.73 20.31 16.53
N GLU E 181 41.64 20.15 15.21
CA GLU E 181 42.58 19.39 14.39
C GLU E 181 42.68 17.93 14.84
N ASN E 182 41.82 17.50 15.75
CA ASN E 182 41.73 16.12 16.24
C ASN E 182 40.26 15.70 16.28
N LEU E 183 39.58 15.90 15.16
CA LEU E 183 38.13 15.79 15.11
C LEU E 183 37.62 14.45 15.64
N ASP E 184 38.36 13.37 15.45
CA ASP E 184 37.86 12.06 15.86
C ASP E 184 37.69 12.00 17.37
N SER E 185 38.73 12.36 18.13
CA SER E 185 38.62 12.30 19.57
C SER E 185 37.63 13.32 20.10
N PHE E 186 37.50 14.47 19.44
CA PHE E 186 36.49 15.44 19.86
C PHE E 186 35.09 14.87 19.70
N LEU E 187 34.81 14.23 18.57
CA LEU E 187 33.50 13.63 18.36
C LEU E 187 33.26 12.48 19.33
N GLN E 188 34.30 11.71 19.62
CA GLN E 188 34.14 10.63 20.61
C GLN E 188 33.84 11.19 21.97
N GLN E 189 34.42 12.33 22.34
CA GLN E 189 34.13 12.92 23.63
C GLN E 189 32.74 13.52 23.67
N VAL E 190 32.32 14.15 22.58
CA VAL E 190 30.93 14.59 22.48
C VAL E 190 29.99 13.41 22.70
N TYR E 191 30.28 12.28 22.08
CA TYR E 191 29.39 11.14 22.18
C TYR E 191 29.40 10.55 23.59
N THR E 192 30.56 10.44 24.22
CA THR E 192 30.58 9.88 25.56
C THR E 192 30.06 10.86 26.60
N TYR E 193 30.04 12.15 26.30
CA TYR E 193 29.32 13.07 27.19
C TYR E 193 27.83 12.95 26.99
N TYR E 194 27.39 12.63 25.77
CA TYR E 194 25.97 12.38 25.56
C TYR E 194 25.52 11.11 26.29
N THR E 195 26.22 10.00 26.07
CA THR E 195 25.79 8.74 26.68
C THR E 195 26.01 8.72 28.18
N GLY E 196 26.96 9.51 28.69
CA GLY E 196 27.06 9.65 30.12
C GLY E 196 25.98 10.51 30.72
N LYS E 197 25.24 11.24 29.89
CA LYS E 197 24.11 12.07 30.32
C LYS E 197 24.57 13.22 31.20
N GLY E 198 25.57 13.95 30.73
CA GLY E 198 25.95 15.20 31.36
C GLY E 198 26.98 15.04 32.45
N LEU E 199 27.60 16.17 32.79
CA LEU E 199 28.67 16.17 33.79
C LEU E 199 28.16 15.67 35.13
N SER E 200 26.92 16.05 35.49
CA SER E 200 26.38 15.62 36.77
C SER E 200 26.33 14.10 36.87
N CYS E 201 25.69 13.46 35.89
CA CYS E 201 25.55 12.01 35.93
C CYS E 201 26.89 11.32 35.81
N ILE E 202 27.80 11.86 34.99
CA ILE E 202 29.11 11.23 34.82
C ILE E 202 29.87 11.25 36.14
N ILE E 203 29.88 12.41 36.80
CA ILE E 203 30.59 12.53 38.07
C ILE E 203 29.97 11.64 39.13
N VAL E 204 28.64 11.59 39.17
CA VAL E 204 27.97 10.74 40.16
C VAL E 204 28.32 9.27 39.95
N HIS E 205 28.31 8.83 38.68
CA HIS E 205 28.61 7.43 38.41
C HIS E 205 30.06 7.09 38.76
N ARG E 206 31.00 7.97 38.39
CA ARG E 206 32.39 7.71 38.73
C ARG E 206 32.60 7.70 40.24
N LEU E 207 31.94 8.62 40.95
CA LEU E 207 32.06 8.68 42.39
C LEU E 207 31.55 7.40 43.03
N PHE E 208 30.35 6.96 42.64
CA PHE E 208 29.84 5.73 43.23
C PHE E 208 30.64 4.51 42.80
N GLN E 209 31.32 4.58 41.66
CA GLN E 209 32.18 3.47 41.24
C GLN E 209 33.38 3.35 42.16
N ILE E 210 34.08 4.46 42.42
CA ILE E 210 35.21 4.38 43.34
C ILE E 210 34.73 4.09 44.75
N LEU E 211 33.52 4.54 45.11
CA LEU E 211 32.99 4.23 46.43
C LEU E 211 32.70 2.74 46.57
N THR E 212 32.15 2.11 45.53
CA THR E 212 31.91 0.68 45.57
C THR E 212 33.20 -0.10 45.66
N VAL E 213 34.22 0.29 44.88
CA VAL E 213 35.50 -0.40 44.96
C VAL E 213 36.09 -0.27 46.36
N SER E 214 36.07 0.95 46.91
CA SER E 214 36.66 1.17 48.23
C SER E 214 35.88 0.46 49.31
N PHE E 215 34.57 0.37 49.19
CA PHE E 215 33.80 -0.37 50.17
C PHE E 215 34.13 -1.84 50.13
N VAL E 216 34.24 -2.41 48.93
CA VAL E 216 34.62 -3.82 48.82
C VAL E 216 35.97 -4.04 49.48
N ILE E 217 36.93 -3.16 49.20
CA ILE E 217 38.27 -3.30 49.77
C ILE E 217 38.21 -3.24 51.29
N GLY E 218 37.57 -2.19 51.83
CA GLY E 218 37.54 -2.01 53.26
C GLY E 218 36.79 -3.11 53.99
N PHE E 219 35.65 -3.53 53.46
CA PHE E 219 34.88 -4.58 54.10
C PHE E 219 35.61 -5.90 54.05
N THR E 220 36.30 -6.20 52.94
CA THR E 220 37.04 -7.45 52.87
C THR E 220 38.23 -7.44 53.81
N THR E 221 38.89 -6.29 53.95
CA THR E 221 40.00 -6.23 54.91
C THR E 221 39.52 -6.13 56.35
N PHE E 222 38.24 -5.83 56.57
CA PHE E 222 37.69 -5.80 57.92
C PHE E 222 37.22 -7.17 58.38
N ILE E 223 36.35 -7.83 57.60
CA ILE E 223 35.82 -9.11 58.02
C ILE E 223 36.89 -10.17 58.13
N THR E 224 38.07 -9.94 57.54
CA THR E 224 39.19 -10.84 57.70
C THR E 224 40.21 -10.36 58.72
N SER E 225 40.08 -9.12 59.19
CA SER E 225 40.98 -8.58 60.20
C SER E 225 40.37 -7.35 60.88
N PRO E 252 52.36 -7.11 57.28
CA PRO E 252 52.95 -8.23 56.55
C PRO E 252 52.36 -8.42 55.16
N ILE E 253 51.96 -9.65 54.84
CA ILE E 253 51.39 -9.94 53.53
C ILE E 253 50.03 -9.24 53.38
N THR E 254 49.21 -9.29 54.43
CA THR E 254 47.92 -8.60 54.40
C THR E 254 48.11 -7.09 54.21
N TYR E 255 49.03 -6.50 54.97
CA TYR E 255 49.29 -5.08 54.83
C TYR E 255 49.77 -4.73 53.43
N LEU E 256 50.64 -5.57 52.86
CA LEU E 256 51.19 -5.28 51.55
C LEU E 256 50.12 -5.37 50.46
N VAL E 257 49.30 -6.41 50.49
CA VAL E 257 48.27 -6.54 49.46
C VAL E 257 47.21 -5.46 49.63
N LEU E 258 46.90 -5.07 50.87
CA LEU E 258 45.97 -3.95 51.07
C LEU E 258 46.55 -2.66 50.53
N TRP E 259 47.85 -2.43 50.74
CA TRP E 259 48.51 -1.25 50.19
C TRP E 259 48.43 -1.26 48.66
N LEU E 260 48.63 -2.43 48.05
CA LEU E 260 48.52 -2.54 46.60
C LEU E 260 47.12 -2.16 46.11
N PHE E 261 46.10 -2.76 46.73
CA PHE E 261 44.72 -2.47 46.34
C PHE E 261 44.40 -0.99 46.49
N LEU E 262 44.80 -0.39 47.62
CA LEU E 262 44.48 1.01 47.83
C LEU E 262 45.29 1.92 46.93
N SER E 263 46.48 1.49 46.50
CA SER E 263 47.21 2.27 45.51
C SER E 263 46.52 2.26 44.17
N PHE E 264 45.95 1.11 43.77
CA PHE E 264 45.16 1.07 42.55
C PHE E 264 43.92 1.97 42.67
N LEU E 265 43.26 1.91 43.82
CA LEU E 265 42.12 2.80 44.06
C LEU E 265 42.51 4.26 43.96
N LEU E 266 43.66 4.62 44.54
CA LEU E 266 44.11 6.00 44.48
C LEU E 266 44.48 6.41 43.07
N ALA E 267 45.04 5.50 42.28
CA ALA E 267 45.29 5.78 40.88
C ALA E 267 43.99 6.08 40.14
N LEU E 268 42.96 5.27 40.39
CA LEU E 268 41.65 5.52 39.79
C LEU E 268 41.12 6.90 40.18
N TRP E 269 41.19 7.21 41.48
CA TRP E 269 40.73 8.51 41.96
C TRP E 269 41.46 9.65 41.29
N ILE E 270 42.79 9.53 41.20
CA ILE E 270 43.60 10.59 40.61
C ILE E 270 43.26 10.77 39.14
N TYR E 271 43.03 9.68 38.43
CA TYR E 271 42.64 9.80 37.03
C TYR E 271 41.31 10.53 36.88
N TYR E 272 40.32 10.17 37.70
CA TYR E 272 39.02 10.84 37.61
C TYR E 272 39.16 12.33 37.88
N LEU E 273 39.91 12.68 38.94
CA LEU E 273 40.14 14.09 39.24
C LEU E 273 40.87 14.79 38.10
N THR E 274 41.77 14.07 37.42
CA THR E 274 42.47 14.66 36.28
C THR E 274 41.52 14.91 35.12
N ASP E 275 40.54 14.02 34.92
CA ASP E 275 39.69 14.12 33.76
C ASP E 275 38.55 15.12 33.93
N ILE E 276 38.20 15.47 35.16
CA ILE E 276 37.11 16.44 35.39
C ILE E 276 37.18 17.69 34.50
N PRO E 277 38.33 18.34 34.32
CA PRO E 277 38.34 19.57 33.49
C PRO E 277 37.90 19.36 32.05
N ARG E 278 38.27 18.24 31.44
CA ARG E 278 37.79 17.95 30.09
C ARG E 278 36.28 17.82 30.06
N LEU E 279 35.71 17.21 31.10
CA LEU E 279 34.26 17.16 31.23
C LEU E 279 33.68 18.57 31.30
N TRP E 280 34.35 19.48 32.01
CA TRP E 280 33.81 20.83 32.08
C TRP E 280 33.87 21.52 30.72
N GLN E 281 34.97 21.34 29.99
CA GLN E 281 35.06 21.90 28.65
C GLN E 281 33.92 21.39 27.78
N MET E 282 33.63 20.09 27.86
CA MET E 282 32.58 19.53 27.03
C MET E 282 31.19 19.99 27.48
N ARG E 283 30.99 20.17 28.78
CA ARG E 283 29.73 20.70 29.25
C ARG E 283 29.50 22.12 28.74
N GLU E 284 30.56 22.94 28.74
CA GLU E 284 30.44 24.27 28.17
C GLU E 284 30.12 24.21 26.68
N PHE E 285 30.80 23.32 25.94
CA PHE E 285 30.48 23.19 24.52
C PHE E 285 29.04 22.74 24.31
N TYR E 286 28.50 21.94 25.23
CA TYR E 286 27.12 21.48 25.06
C TYR E 286 26.14 22.61 25.34
N ILE E 287 26.35 23.35 26.42
CA ILE E 287 25.40 24.39 26.80
C ILE E 287 25.46 25.56 25.82
N HIS E 288 26.66 26.08 25.57
CA HIS E 288 26.79 27.29 24.78
C HIS E 288 26.66 27.02 23.29
N ALA E 289 27.56 26.20 22.73
CA ALA E 289 27.59 26.02 21.29
C ALA E 289 26.40 25.20 20.81
N LEU E 290 26.12 24.07 21.45
CA LEU E 290 25.03 23.22 21.01
C LEU E 290 23.66 23.72 21.47
N LYS E 291 23.63 24.56 22.51
CA LYS E 291 22.38 25.06 23.07
C LYS E 291 21.45 23.92 23.47
N ILE E 292 22.01 22.99 24.26
CA ILE E 292 21.26 21.90 24.87
C ILE E 292 21.26 22.13 26.37
N ALA E 293 20.07 22.22 26.95
CA ALA E 293 19.95 22.56 28.36
C ALA E 293 20.51 21.47 29.25
N THR E 294 21.08 21.88 30.38
CA THR E 294 21.60 20.91 31.35
C THR E 294 20.51 20.00 31.88
N ALA E 295 19.26 20.44 31.86
CA ALA E 295 18.14 19.61 32.30
C ALA E 295 17.61 18.71 31.19
N ASP E 296 17.96 18.98 29.95
CA ASP E 296 17.57 18.16 28.82
C ASP E 296 18.53 17.01 28.57
N MET E 297 19.59 16.88 29.36
CA MET E 297 20.61 15.86 29.09
C MET E 297 20.08 14.44 29.25
N PRO E 298 19.43 14.06 30.35
CA PRO E 298 19.03 12.66 30.51
C PRO E 298 17.99 12.21 29.51
N THR E 299 17.39 13.11 28.74
CA THR E 299 16.29 12.73 27.86
C THR E 299 16.47 13.14 26.41
N VAL E 300 17.47 13.95 26.07
CA VAL E 300 17.66 14.33 24.68
C VAL E 300 18.16 13.13 23.89
N SER E 301 17.82 13.08 22.61
CA SER E 301 18.22 12.00 21.74
C SER E 301 19.53 12.34 21.02
N TRP E 302 20.10 11.33 20.37
CA TRP E 302 21.31 11.58 19.60
C TRP E 302 21.02 12.28 18.29
N GLN E 303 19.85 12.07 17.72
CA GLN E 303 19.51 12.78 16.50
C GLN E 303 19.36 14.27 16.74
N ARG E 304 18.89 14.66 17.93
CA ARG E 304 18.81 16.08 18.26
C ARG E 304 20.20 16.69 18.43
N VAL E 305 21.11 15.95 19.06
CA VAL E 305 22.49 16.41 19.17
C VAL E 305 23.12 16.54 17.79
N LEU E 306 22.85 15.58 16.91
CA LEU E 306 23.38 15.66 15.55
C LEU E 306 22.81 16.87 14.81
N TYR E 307 21.52 17.14 14.99
CA TYR E 307 20.90 18.30 14.37
C TYR E 307 21.58 19.58 14.83
N ARG E 308 21.74 19.75 16.14
CA ARG E 308 22.42 20.93 16.66
C ARG E 308 23.85 21.01 16.15
N LEU E 309 24.53 19.87 16.07
CA LEU E 309 25.94 19.89 15.69
C LEU E 309 26.12 20.24 14.22
N LEU E 310 25.19 19.80 13.37
CA LEU E 310 25.25 20.20 11.97
C LEU E 310 24.88 21.67 11.81
N LYS E 311 23.93 22.16 12.62
CA LYS E 311 23.63 23.58 12.62
C LYS E 311 24.87 24.40 12.95
N LEU E 312 25.58 24.03 14.01
CA LEU E 312 26.77 24.77 14.41
C LEU E 312 27.80 24.84 13.29
N LYS E 313 27.97 23.74 12.55
CA LYS E 313 28.95 23.72 11.47
C LYS E 313 28.53 22.77 10.35
N LYS E 332 35.83 17.85 7.42
CA LYS E 332 35.34 18.23 6.11
C LYS E 332 33.82 18.10 6.04
N ARG E 333 33.30 17.02 6.59
CA ARG E 333 31.87 16.74 6.59
C ARG E 333 31.43 16.32 7.98
N LEU E 334 30.18 16.63 8.32
CA LEU E 334 29.63 16.28 9.62
C LEU E 334 28.23 15.70 9.46
N ASP E 335 28.04 14.87 8.44
CA ASP E 335 26.82 14.09 8.30
C ASP E 335 26.67 13.15 9.51
N ALA E 336 25.49 12.56 9.65
CA ALA E 336 25.30 11.55 10.67
C ALA E 336 26.20 10.34 10.41
N TYR E 337 26.24 9.88 9.17
CA TYR E 337 27.04 8.71 8.82
C TYR E 337 28.53 8.99 8.96
N ALA E 338 28.95 10.21 8.63
CA ALA E 338 30.37 10.55 8.79
C ALA E 338 30.75 10.59 10.25
N ILE E 339 29.89 11.15 11.10
CA ILE E 339 30.21 11.20 12.52
C ILE E 339 30.20 9.81 13.12
N ALA E 340 29.32 8.94 12.65
CA ALA E 340 29.35 7.55 13.11
C ALA E 340 30.64 6.86 12.67
N ASN E 341 31.11 7.13 11.45
CA ASN E 341 32.36 6.53 11.01
C ASN E 341 33.56 7.07 11.77
N ARG E 342 33.47 8.30 12.26
CA ARG E 342 34.61 8.85 13.01
C ARG E 342 34.58 8.44 14.47
N ILE E 343 33.40 8.25 15.06
CA ILE E 343 33.33 7.77 16.43
C ILE E 343 33.71 6.31 16.52
N MET E 344 33.23 5.51 15.57
CA MET E 344 33.43 4.07 15.58
C MET E 344 34.54 3.64 14.65
N ARG E 345 35.59 4.45 14.47
CA ARG E 345 36.60 4.13 13.48
C ARG E 345 37.40 2.91 13.90
N LYS E 346 37.69 2.76 15.20
CA LYS E 346 38.38 1.58 15.70
C LYS E 346 37.44 0.46 16.07
N ASP E 347 36.22 0.79 16.51
CA ASP E 347 35.26 -0.26 16.82
C ASP E 347 34.88 -1.03 15.58
N ASN E 348 34.89 -0.39 14.41
CA ASN E 348 34.60 -1.12 13.19
C ASN E 348 35.70 -2.12 12.87
N TYR E 349 36.95 -1.73 13.07
CA TYR E 349 38.04 -2.70 12.90
C TYR E 349 37.94 -3.82 13.91
N PHE E 350 37.47 -3.52 15.13
CA PHE E 350 37.31 -4.58 16.13
C PHE E 350 36.21 -5.55 15.73
N ILE E 351 35.06 -5.02 15.30
CA ILE E 351 33.98 -5.88 14.82
C ILE E 351 34.45 -6.76 13.68
N ALA E 352 35.27 -6.21 12.79
CA ALA E 352 35.72 -6.97 11.64
C ALA E 352 36.81 -7.97 11.98
N LEU E 353 37.62 -7.70 12.99
CA LEU E 353 38.59 -8.68 13.44
C LEU E 353 37.90 -9.84 14.15
N ILE E 354 36.92 -9.53 14.99
CA ILE E 354 36.27 -10.57 15.78
C ILE E 354 35.35 -11.41 14.93
N ASN E 355 34.53 -10.78 14.08
CA ASN E 355 33.51 -11.50 13.35
C ASN E 355 34.10 -12.30 12.20
N ASN E 356 35.22 -11.87 11.65
CA ASN E 356 35.81 -12.53 10.51
C ASN E 356 36.98 -13.44 10.90
N GLY E 357 37.21 -13.66 12.19
CA GLY E 357 38.22 -14.59 12.61
C GLY E 357 39.63 -14.20 12.28
N ILE E 358 39.89 -12.92 11.99
CA ILE E 358 41.25 -12.49 11.73
C ILE E 358 42.13 -12.75 12.94
N ILE E 359 41.57 -12.57 14.13
CA ILE E 359 42.28 -12.83 15.38
C ILE E 359 41.61 -14.00 16.06
N ASN E 360 42.41 -14.89 16.63
CA ASN E 360 41.92 -16.14 17.19
C ASN E 360 41.75 -15.98 18.69
N ILE E 361 40.51 -15.97 19.15
CA ILE E 361 40.20 -15.87 20.57
C ILE E 361 39.72 -17.20 21.12
N GLU E 362 40.07 -18.31 20.48
CA GLU E 362 39.66 -19.62 20.91
C GLU E 362 40.75 -20.24 21.78
N LEU E 363 40.37 -20.70 22.96
CA LEU E 363 41.36 -21.23 23.89
C LEU E 363 41.99 -22.49 23.30
N PRO E 364 43.29 -22.70 23.52
CA PRO E 364 43.95 -23.86 22.89
C PRO E 364 43.42 -25.19 23.38
N LEU E 365 43.12 -25.31 24.67
CA LEU E 365 42.70 -26.59 25.24
C LEU E 365 41.20 -26.67 25.47
N LEU E 366 40.62 -25.68 26.14
CA LEU E 366 39.20 -25.71 26.44
C LEU E 366 38.33 -25.63 25.18
N HIS E 367 38.89 -25.13 24.08
CA HIS E 367 38.20 -25.08 22.79
C HIS E 367 36.94 -24.22 22.86
N ARG E 368 37.13 -22.98 23.31
CA ARG E 368 36.02 -22.06 23.48
C ARG E 368 36.46 -20.65 23.13
N ARG E 369 35.62 -19.93 22.40
CA ARG E 369 35.86 -18.52 22.07
C ARG E 369 35.36 -17.67 23.23
N ILE E 370 36.28 -17.08 23.98
CA ILE E 370 35.94 -16.21 25.10
C ILE E 370 36.40 -14.80 24.76
N LEU E 371 35.52 -13.83 25.02
CA LEU E 371 35.84 -12.42 24.82
C LEU E 371 35.42 -11.69 26.09
N THR E 372 36.31 -11.67 27.08
CA THR E 372 36.06 -10.96 28.31
C THR E 372 36.19 -9.45 28.08
N HIS E 373 36.08 -8.66 29.14
CA HIS E 373 36.38 -7.25 29.01
C HIS E 373 37.86 -7.00 29.06
N THR E 374 38.62 -7.82 29.79
CA THR E 374 40.06 -7.69 29.78
C THR E 374 40.65 -8.12 28.44
N THR E 375 40.03 -9.09 27.78
CA THR E 375 40.48 -9.47 26.44
C THR E 375 40.41 -8.28 25.49
N GLU E 376 39.30 -7.56 25.51
CA GLU E 376 39.18 -6.45 24.58
C GLU E 376 39.98 -5.24 25.04
N TRP E 377 40.21 -5.07 26.34
CA TRP E 377 41.15 -4.06 26.77
C TRP E 377 42.55 -4.35 26.25
N ASN E 378 42.98 -5.61 26.33
CA ASN E 378 44.30 -5.97 25.84
C ASN E 378 44.38 -5.83 24.32
N ILE E 379 43.30 -6.17 23.61
CA ILE E 379 43.32 -5.99 22.17
C ILE E 379 43.42 -4.50 21.82
N ASN E 380 42.70 -3.65 22.56
CA ASN E 380 42.75 -2.24 22.25
C ASN E 380 44.08 -1.61 22.63
N TRP E 381 44.79 -2.19 23.61
CA TRP E 381 46.09 -1.61 23.93
C TRP E 381 47.20 -2.14 23.03
N CYS E 382 47.21 -3.44 22.77
CA CYS E 382 48.27 -4.00 21.94
C CYS E 382 48.16 -3.53 20.50
N ILE E 383 46.98 -3.67 19.91
CA ILE E 383 46.79 -3.43 18.49
C ILE E 383 46.46 -1.98 18.22
N PHE E 384 45.34 -1.50 18.75
CA PHE E 384 44.84 -0.20 18.31
C PHE E 384 45.65 0.97 18.84
N ASN E 385 46.48 0.78 19.86
CA ASN E 385 47.44 1.81 20.21
C ASN E 385 48.66 1.79 19.32
N PHE E 386 48.94 0.64 18.70
CA PHE E 386 50.10 0.48 17.84
C PHE E 386 49.78 0.77 16.39
N VAL E 387 48.53 0.57 15.99
CA VAL E 387 48.14 0.71 14.60
C VAL E 387 47.67 2.12 14.28
N PHE E 388 47.12 2.84 15.25
CA PHE E 388 46.51 4.13 15.02
C PHE E 388 47.33 5.25 15.63
N ASP E 389 47.29 6.41 14.98
CA ASP E 389 48.04 7.57 15.41
C ASP E 389 47.62 7.99 16.82
N GLU E 390 48.42 8.88 17.41
CA GLU E 390 47.91 9.63 18.55
C GLU E 390 46.78 10.56 18.12
N GLN E 391 46.84 11.07 16.90
CA GLN E 391 45.74 11.85 16.34
C GLN E 391 44.56 10.97 15.95
N GLY E 392 44.71 9.66 16.02
CA GLY E 392 43.59 8.74 15.85
C GLY E 392 43.27 8.39 14.41
N GLN E 393 44.27 7.90 13.68
CA GLN E 393 44.03 7.49 12.30
C GLN E 393 45.11 6.50 11.90
N LEU E 394 44.76 5.64 10.95
CA LEU E 394 45.63 4.54 10.55
C LEU E 394 47.00 5.07 10.14
N ARG E 395 48.04 4.63 10.84
CA ARG E 395 49.39 5.07 10.53
C ARG E 395 49.76 4.73 9.10
N SER E 396 50.69 5.49 8.55
CA SER E 396 51.05 5.34 7.14
C SER E 396 51.76 4.02 6.89
N ALA E 397 52.56 3.55 7.85
CA ALA E 397 53.35 2.35 7.65
C ALA E 397 52.51 1.10 7.48
N PHE E 398 51.20 1.18 7.68
CA PHE E 398 50.34 0.00 7.64
C PHE E 398 49.63 -0.18 6.32
N ARG E 399 49.92 0.65 5.32
CA ARG E 399 49.50 0.40 3.96
C ARG E 399 50.66 0.13 3.02
N ASN E 400 51.89 0.28 3.48
CA ASN E 400 53.09 -0.01 2.73
C ASN E 400 53.36 -1.51 2.77
N PRO E 401 53.21 -2.23 1.66
CA PRO E 401 53.35 -3.70 1.71
C PRO E 401 54.76 -4.18 1.99
N ASN E 402 55.76 -3.32 1.94
CA ASN E 402 57.12 -3.76 2.19
C ASN E 402 57.45 -3.82 3.68
N SER E 403 56.74 -3.07 4.50
CA SER E 403 56.95 -3.05 5.93
C SER E 403 56.13 -4.11 6.67
N ARG E 404 55.51 -5.04 5.93
CA ARG E 404 54.66 -6.04 6.55
C ARG E 404 55.43 -7.04 7.41
N LYS E 405 56.75 -7.07 7.32
CA LYS E 405 57.54 -7.97 8.14
C LYS E 405 58.10 -7.30 9.38
N ARG E 406 58.27 -5.98 9.36
CA ARG E 406 58.72 -5.27 10.55
C ARG E 406 57.59 -5.04 11.52
N LEU E 407 56.43 -4.62 11.03
CA LEU E 407 55.28 -4.39 11.89
C LEU E 407 54.76 -5.70 12.48
N SER E 408 54.71 -6.75 11.68
CA SER E 408 54.24 -8.04 12.16
C SER E 408 55.19 -8.70 13.08
N GLU E 409 56.28 -8.05 13.46
CA GLU E 409 57.17 -8.53 14.50
C GLU E 409 57.33 -7.55 15.64
N GLU E 410 57.03 -6.27 15.43
CA GLU E 410 56.87 -5.35 16.54
C GLU E 410 55.51 -5.48 17.19
N LEU E 411 54.62 -6.31 16.64
CA LEU E 411 53.33 -6.56 17.25
C LEU E 411 53.35 -7.78 18.16
N ARG E 412 54.21 -8.76 17.89
CA ARG E 412 54.37 -9.85 18.85
C ARG E 412 55.09 -9.38 20.10
N ARG E 413 56.04 -8.45 19.94
CA ARG E 413 56.71 -7.88 21.10
C ARG E 413 55.83 -6.94 21.90
N ARG E 414 54.57 -6.76 21.49
CA ARG E 414 53.55 -6.11 22.31
C ARG E 414 52.63 -7.11 22.97
N PHE E 415 52.22 -8.15 22.24
CA PHE E 415 51.45 -9.22 22.83
C PHE E 415 52.20 -9.86 23.99
N ILE E 416 53.52 -10.00 23.86
CA ILE E 416 54.29 -10.63 24.93
C ILE E 416 54.33 -9.75 26.17
N VAL E 417 54.55 -8.44 25.98
CA VAL E 417 54.59 -7.53 27.13
C VAL E 417 53.23 -7.48 27.82
N ALA E 418 52.16 -7.45 27.03
CA ALA E 418 50.82 -7.44 27.64
C ALA E 418 50.53 -8.73 28.36
N GLY E 419 51.00 -9.86 27.82
CA GLY E 419 50.85 -11.12 28.55
C GLY E 419 51.61 -11.12 29.86
N PHE E 420 52.80 -10.54 29.86
CA PHE E 420 53.56 -10.45 31.11
C PHE E 420 52.85 -9.58 32.14
N LEU E 421 52.33 -8.43 31.71
CA LEU E 421 51.60 -7.57 32.66
C LEU E 421 50.31 -8.22 33.13
N ASN E 422 49.66 -9.02 32.28
CA ASN E 422 48.44 -9.67 32.71
C ASN E 422 48.72 -10.83 33.64
N CYS E 423 49.83 -11.55 33.45
CA CYS E 423 50.18 -12.59 34.40
C CYS E 423 50.47 -12.03 35.79
N LEU E 424 50.56 -10.71 35.93
CA LEU E 424 50.74 -10.08 37.23
C LEU E 424 49.49 -9.38 37.74
N PHE E 425 48.68 -8.81 36.85
CA PHE E 425 47.48 -8.10 37.29
C PHE E 425 46.18 -8.88 37.10
N ALA E 426 46.25 -10.11 36.61
CA ALA E 426 45.05 -10.91 36.42
C ALA E 426 44.61 -11.61 37.69
N PRO E 427 45.52 -12.18 38.49
CA PRO E 427 45.06 -12.73 39.79
C PRO E 427 44.37 -11.70 40.66
N ILE E 428 44.99 -10.52 40.83
CA ILE E 428 44.43 -9.51 41.73
C ILE E 428 43.29 -8.74 41.11
N VAL E 429 42.88 -9.08 39.89
CA VAL E 429 41.64 -8.56 39.32
C VAL E 429 40.54 -9.61 39.38
N ALA E 430 40.88 -10.88 39.10
CA ALA E 430 39.89 -11.94 39.24
C ALA E 430 39.47 -12.09 40.70
N ILE E 431 40.39 -11.89 41.64
CA ILE E 431 40.05 -11.98 43.05
C ILE E 431 39.05 -10.89 43.41
N TYR E 432 39.36 -9.64 43.05
CA TYR E 432 38.42 -8.56 43.33
C TYR E 432 37.09 -8.81 42.65
N LEU E 433 37.11 -9.36 41.44
CA LEU E 433 35.86 -9.53 40.72
C LEU E 433 34.99 -10.60 41.37
N VAL E 434 35.60 -11.70 41.81
CA VAL E 434 34.79 -12.73 42.46
C VAL E 434 34.29 -12.24 43.80
N ILE E 435 35.07 -11.43 44.51
CA ILE E 435 34.59 -10.88 45.78
C ILE E 435 33.41 -9.94 45.54
N HIS E 436 33.56 -9.04 44.56
CA HIS E 436 32.49 -8.09 44.25
C HIS E 436 31.22 -8.81 43.84
N ASN E 437 31.35 -9.80 42.96
CA ASN E 437 30.17 -10.50 42.48
C ASN E 437 29.53 -11.33 43.57
N PHE E 438 30.33 -11.94 44.45
CA PHE E 438 29.77 -12.63 45.60
C PHE E 438 28.97 -11.67 46.46
N PHE E 439 29.58 -10.56 46.87
CA PHE E 439 28.87 -9.60 47.71
C PHE E 439 27.59 -9.11 47.05
N ARG E 440 27.63 -8.89 45.74
CA ARG E 440 26.45 -8.31 45.10
C ARG E 440 25.34 -9.32 44.90
N TYR E 441 25.67 -10.57 44.57
CA TYR E 441 24.66 -11.50 44.10
C TYR E 441 24.35 -12.63 45.06
N PHE E 442 25.05 -12.75 46.20
CA PHE E 442 24.74 -13.84 47.11
C PHE E 442 23.33 -13.72 47.68
N ASN E 443 22.93 -12.51 48.05
CA ASN E 443 21.59 -12.30 48.60
C ASN E 443 20.53 -12.77 47.62
N GLU E 444 20.61 -12.32 46.37
CA GLU E 444 19.57 -12.65 45.40
C GLU E 444 19.63 -14.11 44.98
N TYR E 445 20.82 -14.69 44.88
CA TYR E 445 20.95 -16.06 44.39
C TYR E 445 20.83 -17.10 45.49
N HIS E 446 20.67 -16.70 46.74
CA HIS E 446 20.31 -17.64 47.78
C HIS E 446 18.98 -17.33 48.47
N LYS E 447 18.39 -16.18 48.21
CA LYS E 447 17.08 -15.84 48.79
C LYS E 447 16.06 -15.46 47.72
N ASN E 448 16.37 -15.71 46.45
CA ASN E 448 15.45 -15.46 45.35
C ASN E 448 15.88 -16.29 44.14
N PRO E 449 15.73 -17.62 44.18
CA PRO E 449 16.17 -18.44 43.04
C PRO E 449 15.43 -18.14 41.75
N GLY E 450 14.30 -17.45 41.80
CA GLY E 450 13.63 -17.05 40.57
C GLY E 450 14.50 -16.18 39.69
N ALA E 451 15.36 -15.36 40.30
CA ALA E 451 16.34 -14.57 39.58
C ALA E 451 17.68 -15.27 39.45
N LEU E 452 17.68 -16.61 39.43
CA LEU E 452 18.86 -17.38 39.09
C LEU E 452 18.88 -17.78 37.64
N SER E 453 17.71 -17.92 37.01
CA SER E 453 17.60 -18.25 35.60
C SER E 453 17.53 -17.03 34.71
N THR E 454 17.96 -15.87 35.20
CA THR E 454 17.98 -14.67 34.36
C THR E 454 19.08 -14.85 33.32
N ARG E 455 18.68 -14.85 32.06
CA ARG E 455 19.61 -15.07 30.96
C ARG E 455 19.97 -13.74 30.31
N ARG E 456 21.22 -13.66 29.86
CA ARG E 456 21.76 -12.49 29.19
C ARG E 456 22.67 -12.97 28.07
N TYR E 457 22.95 -12.08 27.13
CA TYR E 457 23.86 -12.41 26.04
C TYR E 457 25.30 -12.38 26.55
N THR E 458 26.08 -13.36 26.14
CA THR E 458 27.49 -13.38 26.51
C THR E 458 28.22 -12.21 25.84
N PRO E 459 29.32 -11.76 26.43
CA PRO E 459 30.07 -10.66 25.80
C PRO E 459 30.52 -10.94 24.38
N LEU E 460 30.67 -12.21 24.00
CA LEU E 460 31.00 -12.52 22.62
C LEU E 460 29.76 -12.51 21.73
N ALA E 461 28.59 -12.74 22.31
CA ALA E 461 27.36 -12.59 21.54
C ALA E 461 27.04 -11.14 21.25
N LEU E 462 27.54 -10.22 22.07
CA LEU E 462 27.28 -8.82 21.85
C LEU E 462 28.22 -8.19 20.83
N TRP E 463 29.30 -8.88 20.47
CA TRP E 463 30.13 -8.45 19.36
C TRP E 463 29.79 -9.19 18.07
N THR E 464 29.08 -10.30 18.18
CA THR E 464 28.57 -10.99 17.00
C THR E 464 27.33 -10.30 16.45
N PHE E 465 26.53 -9.70 17.32
CA PHE E 465 25.33 -9.02 16.88
C PHE E 465 25.60 -7.60 16.43
N ARG E 466 26.75 -7.04 16.80
CA ARG E 466 27.00 -5.64 16.54
C ARG E 466 27.18 -5.40 15.05
N GLU E 467 26.60 -4.31 14.57
CA GLU E 467 26.76 -3.87 13.19
C GLU E 467 27.77 -2.75 13.13
N TYR E 468 28.27 -2.49 11.93
CA TYR E 468 29.23 -1.42 11.75
C TYR E 468 28.54 -0.07 11.82
N ASN E 469 29.23 0.91 12.37
CA ASN E 469 28.77 2.27 12.53
C ASN E 469 27.48 2.36 13.35
N GLU E 470 27.09 1.29 14.03
CA GLU E 470 25.96 1.33 14.94
C GLU E 470 26.48 1.78 16.30
N LEU E 471 26.19 3.02 16.66
CA LEU E 471 26.69 3.59 17.89
C LEU E 471 26.20 2.78 19.08
N GLN E 472 26.90 2.91 20.20
CA GLN E 472 26.70 2.00 21.31
C GLN E 472 25.27 2.05 21.84
N HIS E 473 24.67 3.23 21.93
CA HIS E 473 23.37 3.32 22.56
C HIS E 473 22.25 2.77 21.68
N PHE E 474 22.39 2.90 20.36
CA PHE E 474 21.42 2.24 19.47
C PHE E 474 21.48 0.74 19.63
N PHE E 475 22.69 0.19 19.71
CA PHE E 475 22.87 -1.24 19.91
C PHE E 475 22.28 -1.67 21.24
N ASP E 476 22.47 -0.88 22.29
CA ASP E 476 21.91 -1.20 23.59
C ASP E 476 20.38 -1.19 23.56
N GLU E 477 19.80 -0.21 22.89
CA GLU E 477 18.35 -0.18 22.74
C GLU E 477 17.84 -1.43 22.05
N ARG E 478 18.42 -1.76 20.90
CA ARG E 478 17.89 -2.89 20.14
C ARG E 478 18.28 -4.24 20.71
N ILE E 479 19.23 -4.30 21.64
CA ILE E 479 19.50 -5.55 22.34
C ILE E 479 18.61 -5.70 23.55
N ASN E 480 18.38 -4.63 24.31
CA ASN E 480 17.42 -4.70 25.41
C ASN E 480 16.02 -4.98 24.91
N ASP E 481 15.66 -4.46 23.75
CA ASP E 481 14.35 -4.75 23.18
C ASP E 481 14.25 -6.15 22.61
N SER E 482 15.25 -7.00 22.83
CA SER E 482 15.25 -8.35 22.32
C SER E 482 15.19 -9.42 23.39
N TYR E 483 15.31 -9.05 24.67
CA TYR E 483 15.31 -10.04 25.72
C TYR E 483 13.95 -10.66 25.91
N ALA E 484 12.87 -9.91 25.69
CA ALA E 484 11.54 -10.49 25.73
C ALA E 484 11.38 -11.56 24.66
N ALA E 485 11.79 -11.26 23.44
CA ALA E 485 11.70 -12.22 22.35
C ALA E 485 12.57 -13.43 22.62
N ALA E 486 13.76 -13.24 23.20
CA ALA E 486 14.64 -14.36 23.44
C ALA E 486 14.11 -15.25 24.56
N SER E 487 13.58 -14.64 25.62
CA SER E 487 12.98 -15.43 26.70
C SER E 487 11.79 -16.21 26.19
N HIS E 488 11.01 -15.61 25.29
CA HIS E 488 9.90 -16.34 24.69
C HIS E 488 10.41 -17.50 23.86
N TYR E 489 11.42 -17.26 23.02
CA TYR E 489 11.91 -18.29 22.12
C TYR E 489 12.43 -19.50 22.88
N VAL E 490 13.23 -19.28 23.91
CA VAL E 490 13.89 -20.42 24.55
C VAL E 490 12.90 -21.30 25.30
N SER E 491 11.64 -20.88 25.37
CA SER E 491 10.62 -21.64 26.08
C SER E 491 9.73 -22.46 25.14
N GLN E 492 9.91 -22.35 23.83
CA GLN E 492 9.07 -23.05 22.88
C GLN E 492 9.50 -24.49 22.66
N PHE E 493 10.34 -25.04 23.52
CA PHE E 493 10.86 -26.39 23.35
C PHE E 493 10.59 -27.21 24.60
N PRO E 494 9.33 -27.58 24.84
CA PRO E 494 9.00 -28.37 26.02
C PRO E 494 9.31 -29.85 25.79
N ASP E 495 9.29 -30.59 26.88
CA ASP E 495 9.57 -32.02 26.86
C ASP E 495 8.24 -32.76 27.00
N PHE E 496 7.67 -33.17 25.87
CA PHE E 496 6.33 -33.75 25.89
C PHE E 496 6.31 -35.08 26.64
N ASN E 497 7.36 -35.89 26.48
CA ASN E 497 7.43 -37.16 27.20
C ASN E 497 7.57 -36.96 28.70
N MET E 498 7.94 -35.77 29.15
CA MET E 498 8.00 -35.44 30.57
C MET E 498 6.75 -34.72 31.05
N ILE E 499 6.17 -33.87 30.20
CA ILE E 499 4.89 -33.28 30.51
C ILE E 499 3.85 -34.37 30.71
N ARG E 500 3.88 -35.41 29.89
CA ARG E 500 2.91 -36.49 30.01
C ARG E 500 3.10 -37.24 31.33
N LEU E 501 4.36 -37.52 31.70
CA LEU E 501 4.62 -38.20 32.96
C LEU E 501 4.13 -37.39 34.14
N PHE E 502 4.40 -36.08 34.14
CA PHE E 502 3.97 -35.27 35.27
C PHE E 502 2.46 -35.10 35.30
N LYS E 503 1.82 -35.10 34.13
CA LYS E 503 0.36 -35.12 34.10
C LYS E 503 -0.18 -36.37 34.76
N TYR E 504 0.43 -37.53 34.46
CA TYR E 504 0.01 -38.78 35.07
C TYR E 504 0.20 -38.75 36.58
N ILE E 505 1.37 -38.26 37.04
CA ILE E 505 1.64 -38.22 38.47
C ILE E 505 0.67 -37.28 39.18
N SER E 506 0.40 -36.13 38.58
CA SER E 506 -0.58 -35.22 39.14
C SER E 506 -1.96 -35.87 39.22
N PHE E 507 -2.31 -36.69 38.22
CA PHE E 507 -3.59 -37.38 38.26
C PHE E 507 -3.65 -38.36 39.42
N ILE E 508 -2.58 -39.15 39.61
CA ILE E 508 -2.55 -40.10 40.71
C ILE E 508 -2.70 -39.37 42.05
N LEU E 509 -1.87 -38.36 42.28
CA LEU E 509 -1.91 -37.65 43.54
C LEU E 509 -3.24 -36.94 43.75
N GLY E 510 -3.87 -36.47 42.67
CA GLY E 510 -5.17 -35.86 42.80
C GLY E 510 -6.25 -36.85 43.16
N SER E 511 -6.16 -38.07 42.64
CA SER E 511 -7.09 -39.11 43.07
C SER E 511 -6.94 -39.42 44.55
N PHE E 512 -5.68 -39.59 44.99
CA PHE E 512 -5.43 -39.83 46.41
C PHE E 512 -5.99 -38.69 47.26
N THR E 513 -5.71 -37.45 46.87
CA THR E 513 -6.16 -36.30 47.65
C THR E 513 -7.68 -36.20 47.66
N ALA E 514 -8.32 -36.53 46.54
CA ALA E 514 -9.78 -36.52 46.50
C ALA E 514 -10.35 -37.51 47.50
N ILE E 515 -9.79 -38.73 47.52
CA ILE E 515 -10.27 -39.72 48.48
C ILE E 515 -10.04 -39.24 49.90
N LEU E 516 -8.86 -38.67 50.17
CA LEU E 516 -8.55 -38.25 51.54
C LEU E 516 -9.48 -37.12 51.99
N VAL E 517 -9.73 -36.15 51.13
CA VAL E 517 -10.59 -35.03 51.52
C VAL E 517 -12.04 -35.50 51.67
N ILE E 518 -12.48 -36.42 50.81
CA ILE E 518 -13.85 -36.91 50.93
C ILE E 518 -14.01 -37.88 52.09
N ILE E 519 -12.91 -38.39 52.65
CA ILE E 519 -13.00 -39.24 53.84
C ILE E 519 -12.77 -38.46 55.13
N THR E 520 -12.11 -37.30 55.07
CA THR E 520 -11.93 -36.50 56.27
C THR E 520 -13.14 -35.62 56.58
N VAL E 521 -14.03 -35.42 55.59
CA VAL E 521 -15.30 -34.74 55.86
C VAL E 521 -16.31 -35.65 56.51
N PHE E 522 -15.96 -36.91 56.73
CA PHE E 522 -16.78 -37.83 57.52
C PHE E 522 -16.05 -38.36 58.75
N ASP E 523 -14.74 -38.20 58.84
CA ASP E 523 -13.94 -38.63 59.99
C ASP E 523 -12.90 -37.57 60.29
N PRO E 524 -13.32 -36.42 60.84
CA PRO E 524 -12.39 -35.33 61.13
C PRO E 524 -11.37 -35.69 62.21
N SER E 537 -1.66 -40.13 60.33
CA SER E 537 -1.07 -38.87 59.89
C SER E 537 -1.58 -38.49 58.51
N VAL E 538 -2.91 -38.46 58.34
CA VAL E 538 -3.49 -38.18 57.04
C VAL E 538 -3.26 -36.73 56.64
N LEU E 539 -3.15 -35.83 57.62
CA LEU E 539 -2.90 -34.43 57.27
C LEU E 539 -1.50 -34.23 56.71
N PHE E 540 -0.52 -35.00 57.21
CA PHE E 540 0.81 -34.97 56.64
C PHE E 540 0.79 -35.39 55.17
N TYR E 541 0.06 -36.48 54.87
CA TYR E 541 -0.05 -36.93 53.49
C TYR E 541 -0.77 -35.91 52.63
N LEU E 542 -1.82 -35.29 53.18
CA LEU E 542 -2.56 -34.28 52.42
C LEU E 542 -1.66 -33.09 52.08
N GLY E 543 -0.86 -32.63 53.04
CA GLY E 543 0.05 -31.54 52.78
C GLY E 543 1.13 -31.91 51.78
N LEU E 544 1.70 -33.12 51.91
CA LEU E 544 2.73 -33.56 50.98
C LEU E 544 2.17 -33.66 49.57
N PHE E 545 0.96 -34.20 49.42
CA PHE E 545 0.37 -34.34 48.10
C PHE E 545 0.01 -32.98 47.52
N GLY E 546 -0.48 -32.06 48.35
CA GLY E 546 -0.71 -30.71 47.88
C GLY E 546 0.56 -30.06 47.36
N SER E 547 1.67 -30.26 48.08
CA SER E 547 2.95 -29.71 47.64
C SER E 547 3.39 -30.33 46.31
N LEU E 548 3.28 -31.66 46.19
CA LEU E 548 3.72 -32.31 44.97
C LEU E 548 2.84 -31.91 43.78
N ILE E 549 1.54 -31.74 44.01
CA ILE E 549 0.65 -31.34 42.93
C ILE E 549 0.93 -29.90 42.51
N ALA E 550 1.21 -29.02 43.48
CA ALA E 550 1.61 -27.67 43.14
C ALA E 550 2.91 -27.65 42.36
N VAL E 551 3.82 -28.57 42.67
CA VAL E 551 5.04 -28.69 41.88
C VAL E 551 4.73 -29.13 40.46
N SER E 552 3.85 -30.11 40.32
CA SER E 552 3.56 -30.67 38.99
C SER E 552 2.83 -29.67 38.11
N ARG E 553 1.90 -28.90 38.68
CA ARG E 553 1.15 -27.94 37.88
C ARG E 553 2.05 -26.89 37.23
N SER E 554 3.25 -26.66 37.79
CA SER E 554 4.13 -25.66 37.21
C SER E 554 4.79 -26.15 35.93
N ILE E 555 5.08 -27.45 35.84
CA ILE E 555 5.72 -27.98 34.65
C ILE E 555 4.72 -28.08 33.51
N ILE E 556 3.53 -28.60 33.81
CA ILE E 556 2.49 -28.82 32.80
C ILE E 556 2.06 -27.47 32.22
N PRO E 557 2.29 -27.22 30.94
CA PRO E 557 1.87 -25.95 30.35
C PRO E 557 0.36 -25.86 30.26
N ASP E 558 -0.11 -24.68 29.88
CA ASP E 558 -1.53 -24.48 29.67
C ASP E 558 -1.98 -25.33 28.49
N GLU E 559 -3.27 -25.69 28.49
CA GLU E 559 -3.82 -26.43 27.36
C GLU E 559 -3.84 -25.57 26.12
N THR E 560 -4.41 -24.37 26.21
CA THR E 560 -4.56 -23.50 25.06
C THR E 560 -3.29 -22.71 24.79
N LEU E 561 -2.16 -23.39 24.72
CA LEU E 561 -0.87 -22.78 24.47
C LEU E 561 -0.31 -23.36 23.19
N VAL E 562 0.05 -22.47 22.26
CA VAL E 562 0.52 -22.88 20.94
C VAL E 562 2.02 -22.64 20.89
N PHE E 563 2.78 -23.72 20.76
CA PHE E 563 4.23 -23.65 20.64
C PHE E 563 4.62 -23.50 19.19
N ALA E 564 5.38 -22.46 18.87
CA ALA E 564 5.84 -22.20 17.51
C ALA E 564 7.25 -21.66 17.56
N PRO E 565 8.25 -22.53 17.58
CA PRO E 565 9.63 -22.05 17.71
C PRO E 565 10.12 -21.23 16.54
N GLU E 566 9.65 -21.48 15.32
CA GLU E 566 10.22 -20.79 14.17
C GLU E 566 9.83 -19.32 14.14
N LYS E 567 8.57 -19.00 14.46
CA LYS E 567 8.19 -17.59 14.43
C LYS E 567 8.71 -16.85 15.66
N ALA E 568 8.90 -17.56 16.78
CA ALA E 568 9.60 -16.95 17.90
C ALA E 568 11.04 -16.62 17.53
N LEU E 569 11.70 -17.54 16.81
CA LEU E 569 13.07 -17.28 16.39
C LEU E 569 13.13 -16.12 15.41
N ARG E 570 12.17 -16.02 14.50
CA ARG E 570 12.18 -14.89 13.58
C ARG E 570 11.91 -13.59 14.31
N ARG E 571 11.06 -13.62 15.33
CA ARG E 571 10.84 -12.44 16.16
C ARG E 571 12.11 -12.03 16.88
N VAL E 572 12.93 -13.00 17.30
CA VAL E 572 14.22 -12.68 17.90
C VAL E 572 15.15 -12.06 16.87
N ILE E 573 15.24 -12.68 15.69
CA ILE E 573 16.18 -12.25 14.67
C ILE E 573 15.85 -10.86 14.16
N THR E 574 14.59 -10.45 14.24
CA THR E 574 14.27 -9.07 13.86
C THR E 574 14.98 -8.05 14.76
N PHE E 575 15.48 -8.49 15.91
CA PHE E 575 16.25 -7.63 16.80
C PHE E 575 17.73 -7.91 16.76
N THR E 576 18.13 -9.18 16.87
CA THR E 576 19.55 -9.48 16.88
C THR E 576 20.18 -9.35 15.50
N HIS E 577 19.39 -9.41 14.43
CA HIS E 577 19.87 -9.32 13.06
C HIS E 577 20.91 -10.38 12.74
N TYR E 578 20.94 -11.46 13.51
CA TYR E 578 21.98 -12.48 13.38
C TYR E 578 21.33 -13.82 13.10
N MET E 579 21.42 -14.27 11.85
CA MET E 579 20.97 -15.60 11.46
C MET E 579 22.06 -16.24 10.61
N PRO E 580 22.84 -17.15 11.17
CA PRO E 580 23.85 -17.85 10.38
C PRO E 580 23.27 -18.50 9.14
N GLY E 581 24.13 -18.89 8.22
CA GLY E 581 23.65 -19.47 6.97
C GLY E 581 22.91 -20.77 7.19
N TRP E 582 23.42 -21.62 8.07
CA TRP E 582 22.85 -22.93 8.27
C TRP E 582 21.62 -22.95 9.16
N TRP E 583 21.22 -21.79 9.70
CA TRP E 583 19.92 -21.72 10.37
C TRP E 583 18.78 -21.73 9.36
N SER E 584 18.98 -21.12 8.19
CA SER E 584 17.90 -20.92 7.24
C SER E 584 17.27 -22.22 6.77
N ASP E 585 17.96 -23.35 6.96
CA ASP E 585 17.32 -24.64 6.68
C ASP E 585 16.28 -24.97 7.74
N ASN E 586 16.72 -25.09 8.99
CA ASN E 586 15.88 -25.57 10.08
C ASN E 586 15.86 -24.58 11.22
N MET E 587 14.97 -23.58 11.13
CA MET E 587 14.79 -22.65 12.23
C MET E 587 13.86 -23.19 13.29
N HIS E 588 13.16 -24.28 13.02
CA HIS E 588 12.41 -25.03 14.00
C HIS E 588 13.27 -25.96 14.82
N SER E 589 14.56 -26.05 14.50
CA SER E 589 15.37 -27.15 14.98
C SER E 589 15.68 -27.01 16.46
N LYS E 590 16.22 -28.08 17.02
CA LYS E 590 16.74 -28.07 18.38
C LYS E 590 18.21 -27.71 18.41
N ALA E 591 18.95 -28.03 17.35
CA ALA E 591 20.35 -27.62 17.28
C ALA E 591 20.47 -26.11 17.19
N VAL E 592 19.57 -25.47 16.46
CA VAL E 592 19.55 -24.02 16.43
C VAL E 592 19.31 -23.45 17.82
N GLN E 593 18.45 -24.10 18.60
CA GLN E 593 18.21 -23.62 19.95
C GLN E 593 19.42 -23.85 20.84
N GLN E 594 20.14 -24.95 20.64
CA GLN E 594 21.35 -25.17 21.41
C GLN E 594 22.38 -24.09 21.10
N GLU E 595 22.53 -23.71 19.84
CA GLU E 595 23.46 -22.64 19.49
C GLU E 595 23.01 -21.32 20.10
N PHE E 596 21.73 -20.97 19.93
CA PHE E 596 21.25 -19.71 20.47
C PHE E 596 21.36 -19.66 21.99
N CYS E 597 21.28 -20.81 22.66
CA CYS E 597 21.51 -20.81 24.09
C CYS E 597 22.99 -20.80 24.44
N SER E 598 23.86 -21.12 23.48
CA SER E 598 25.27 -20.80 23.67
C SER E 598 25.50 -19.30 23.58
N LEU E 599 24.71 -18.60 22.76
CA LEU E 599 24.81 -17.15 22.68
C LEU E 599 24.10 -16.44 23.82
N TYR E 600 23.01 -17.02 24.33
CA TYR E 600 22.13 -16.39 25.30
C TYR E 600 22.17 -17.25 26.55
N SER E 601 23.12 -16.98 27.44
CA SER E 601 23.44 -17.88 28.53
C SER E 601 22.82 -17.40 29.83
N TYR E 602 23.07 -18.13 30.90
CA TYR E 602 22.67 -17.69 32.23
C TYR E 602 23.62 -16.62 32.72
N ARG E 603 23.10 -15.70 33.54
CA ARG E 603 23.95 -14.62 34.03
C ARG E 603 25.04 -15.15 34.96
N ILE E 604 24.75 -16.21 35.72
CA ILE E 604 25.75 -16.76 36.63
C ILE E 604 26.86 -17.45 35.84
N VAL E 605 26.51 -18.11 34.74
CA VAL E 605 27.53 -18.69 33.87
C VAL E 605 28.36 -17.58 33.25
N ASN E 606 27.73 -16.48 32.87
CA ASN E 606 28.47 -15.34 32.36
C ASN E 606 29.44 -14.80 33.39
N LEU E 607 29.06 -14.80 34.67
CA LEU E 607 29.97 -14.35 35.71
C LEU E 607 31.16 -15.30 35.86
N LEU E 608 30.87 -16.61 35.91
CA LEU E 608 31.95 -17.58 36.02
C LEU E 608 32.93 -17.43 34.87
N TRP E 609 32.42 -17.20 33.66
CA TRP E 609 33.33 -17.07 32.52
C TRP E 609 34.02 -15.72 32.48
N GLU E 610 33.37 -14.65 32.93
CA GLU E 610 34.04 -13.35 33.01
C GLU E 610 35.12 -13.35 34.08
N ILE E 611 35.08 -14.31 35.01
CA ILE E 611 36.15 -14.46 35.98
C ILE E 611 37.23 -15.40 35.47
N LEU E 612 36.85 -16.48 34.79
CA LEU E 612 37.85 -17.41 34.28
C LEU E 612 38.59 -16.83 33.07
N GLY E 613 37.96 -15.93 32.33
CA GLY E 613 38.62 -15.33 31.19
C GLY E 613 39.69 -14.33 31.59
N ILE E 614 39.48 -13.63 32.69
CA ILE E 614 40.54 -12.75 33.18
C ILE E 614 41.78 -13.54 33.52
N LEU E 615 41.61 -14.81 33.89
CA LEU E 615 42.75 -15.67 34.16
C LEU E 615 43.34 -16.23 32.88
N LEU E 616 42.49 -16.60 31.92
CA LEU E 616 42.97 -17.28 30.73
C LEU E 616 43.36 -16.34 29.59
N THR E 617 43.23 -15.02 29.76
CA THR E 617 43.66 -14.13 28.69
C THR E 617 45.17 -14.12 28.46
N PRO E 618 46.01 -14.27 29.49
CA PRO E 618 47.44 -14.44 29.21
C PRO E 618 47.75 -15.65 28.34
N VAL E 619 46.94 -16.71 28.42
CA VAL E 619 47.11 -17.83 27.51
C VAL E 619 46.96 -17.37 26.07
N LEU E 620 45.93 -16.57 25.80
CA LEU E 620 45.75 -16.00 24.47
C LEU E 620 46.93 -15.11 24.10
N LEU E 621 47.27 -14.15 24.95
CA LEU E 621 48.31 -13.19 24.65
C LEU E 621 49.68 -13.84 24.51
N PHE E 622 49.85 -15.07 24.96
CA PHE E 622 51.13 -15.76 24.80
C PHE E 622 51.16 -16.77 23.67
N PHE E 623 50.04 -17.42 23.37
CA PHE E 623 50.10 -18.55 22.46
C PHE E 623 49.27 -18.40 21.21
N THR E 624 48.06 -17.84 21.29
CA THR E 624 47.23 -17.73 20.10
C THR E 624 47.34 -16.38 19.40
N PHE E 625 47.60 -15.31 20.14
CA PHE E 625 47.65 -13.98 19.51
C PHE E 625 48.92 -13.78 18.69
N PRO E 626 50.12 -14.10 19.19
CA PRO E 626 51.30 -13.88 18.35
C PRO E 626 51.25 -14.63 17.03
N SER E 627 50.81 -15.88 17.03
CA SER E 627 50.69 -16.63 15.80
C SER E 627 49.74 -15.97 14.81
N CYS E 628 48.85 -15.11 15.27
CA CYS E 628 47.91 -14.40 14.41
C CYS E 628 48.32 -12.95 14.19
N SER E 629 49.56 -12.59 14.51
CA SER E 629 49.97 -11.20 14.37
C SER E 629 50.07 -10.79 12.92
N GLN E 630 50.77 -11.59 12.11
CA GLN E 630 50.95 -11.28 10.69
C GLN E 630 49.62 -10.94 10.04
N ASP E 631 48.66 -11.87 10.10
CA ASP E 631 47.34 -11.64 9.54
C ASP E 631 46.79 -10.28 9.93
N ILE E 632 46.89 -9.95 11.21
CA ILE E 632 46.33 -8.68 11.69
C ILE E 632 46.90 -7.53 10.89
N VAL E 633 48.23 -7.48 10.76
CA VAL E 633 48.85 -6.43 9.97
C VAL E 633 48.28 -6.42 8.56
N ASP E 634 48.23 -7.58 7.92
CA ASP E 634 47.68 -7.64 6.57
C ASP E 634 46.24 -7.18 6.54
N PHE E 635 45.47 -7.50 7.58
CA PHE E 635 44.08 -7.06 7.62
C PHE E 635 43.99 -5.55 7.56
N PHE E 636 44.91 -4.85 8.21
CA PHE E 636 44.83 -3.40 8.19
C PHE E 636 45.29 -2.81 6.88
N ARG E 637 45.97 -3.59 6.04
CA ARG E 637 46.40 -3.13 4.73
C ARG E 637 45.43 -3.51 3.64
N GLU E 638 44.96 -4.75 3.62
CA GLU E 638 44.01 -5.18 2.61
C GLU E 638 42.67 -4.48 2.78
N HIS E 639 42.10 -4.53 3.98
CA HIS E 639 40.70 -4.17 4.19
C HIS E 639 40.52 -2.76 4.72
N THR E 640 41.35 -1.82 4.28
CA THR E 640 41.20 -0.40 4.60
C THR E 640 40.83 0.35 3.32
N ILE E 641 39.78 1.15 3.39
CA ILE E 641 39.35 1.93 2.24
C ILE E 641 39.24 3.39 2.66
N ASN E 642 39.54 4.28 1.73
CA ASN E 642 39.51 5.71 2.01
C ASN E 642 38.16 6.26 1.57
N VAL E 643 37.34 6.65 2.54
CA VAL E 643 36.08 7.31 2.27
C VAL E 643 36.30 8.81 2.34
N GLU E 644 35.89 9.51 1.29
CA GLU E 644 36.26 10.92 1.14
C GLU E 644 35.52 11.77 2.17
N GLY E 645 36.30 12.58 2.90
CA GLY E 645 35.77 13.40 3.96
C GLY E 645 35.82 12.76 5.33
N VAL E 646 35.96 11.45 5.40
CA VAL E 646 36.10 10.75 6.67
C VAL E 646 37.56 10.38 6.86
N GLY E 647 38.10 9.58 5.95
CA GLY E 647 39.47 9.13 6.09
C GLY E 647 39.59 7.66 5.77
N TYR E 648 40.57 6.98 6.36
CA TYR E 648 40.74 5.55 6.17
C TYR E 648 39.86 4.81 7.15
N VAL E 649 38.85 4.11 6.64
CA VAL E 649 37.95 3.34 7.45
C VAL E 649 38.13 1.87 7.08
N CYS E 650 37.51 1.00 7.88
CA CYS E 650 37.49 -0.40 7.54
C CYS E 650 36.70 -0.61 6.26
N SER E 651 37.16 -1.54 5.43
CA SER E 651 36.44 -1.81 4.19
C SER E 651 35.16 -2.58 4.40
N TYR E 652 34.95 -3.16 5.58
CA TYR E 652 33.70 -3.84 5.88
C TYR E 652 32.63 -2.87 6.32
N ALA E 653 33.02 -1.75 6.92
CA ALA E 653 32.06 -0.77 7.38
C ALA E 653 31.31 -0.13 6.22
N VAL E 654 31.92 -0.11 5.03
CA VAL E 654 31.30 0.54 3.88
C VAL E 654 30.37 -0.40 3.10
N PHE E 655 30.49 -1.70 3.31
CA PHE E 655 29.53 -2.63 2.73
C PHE E 655 28.25 -2.71 3.56
N GLN E 656 28.37 -3.15 4.80
CA GLN E 656 27.20 -3.27 5.68
C GLN E 656 27.49 -2.66 7.05
N TRP F 177 -43.68 12.39 16.28
CA TRP F 177 -42.60 13.36 16.38
C TRP F 177 -42.59 14.31 15.19
N ALA F 178 -43.60 14.17 14.32
CA ALA F 178 -43.69 15.06 13.18
C ALA F 178 -44.06 16.49 13.56
N ASN F 179 -44.47 16.71 14.81
CA ASN F 179 -44.90 18.02 15.28
C ASN F 179 -43.96 18.56 16.35
N VAL F 180 -42.66 18.27 16.24
CA VAL F 180 -41.72 18.68 17.27
C VAL F 180 -41.48 20.18 17.21
N GLU F 181 -41.01 20.68 16.07
CA GLU F 181 -40.65 22.08 15.86
C GLU F 181 -39.59 22.57 16.83
N ASN F 182 -38.99 21.66 17.60
CA ASN F 182 -37.90 21.93 18.53
C ASN F 182 -36.83 20.87 18.38
N LEU F 183 -36.41 20.66 17.13
CA LEU F 183 -35.58 19.51 16.78
C LEU F 183 -34.32 19.40 17.63
N ASP F 184 -33.74 20.53 18.05
CA ASP F 184 -32.48 20.47 18.79
C ASP F 184 -32.67 19.77 20.13
N SER F 185 -33.66 20.19 20.91
CA SER F 185 -33.87 19.55 22.21
C SER F 185 -34.35 18.12 22.05
N PHE F 186 -35.10 17.82 21.00
CA PHE F 186 -35.51 16.44 20.77
C PHE F 186 -34.30 15.56 20.50
N LEU F 187 -33.37 16.02 19.66
CA LEU F 187 -32.17 15.25 19.39
C LEU F 187 -31.30 15.12 20.63
N GLN F 188 -31.23 16.18 21.44
CA GLN F 188 -30.46 16.08 22.67
C GLN F 188 -31.08 15.07 23.62
N GLN F 189 -32.40 14.97 23.65
CA GLN F 189 -33.04 13.99 24.52
C GLN F 189 -32.86 12.58 23.99
N VAL F 190 -32.93 12.40 22.68
CA VAL F 190 -32.59 11.12 22.09
C VAL F 190 -31.18 10.71 22.50
N TYR F 191 -30.24 11.65 22.45
CA TYR F 191 -28.86 11.32 22.76
C TYR F 191 -28.67 11.00 24.24
N THR F 192 -29.30 11.77 25.12
CA THR F 192 -29.13 11.48 26.54
C THR F 192 -29.92 10.26 26.98
N TYR F 193 -30.93 9.85 26.22
CA TYR F 193 -31.54 8.55 26.48
C TYR F 193 -30.65 7.43 26.00
N TYR F 194 -29.90 7.66 24.92
CA TYR F 194 -28.93 6.66 24.49
C TYR F 194 -27.81 6.50 25.50
N THR F 195 -27.17 7.60 25.89
CA THR F 195 -26.04 7.51 26.81
C THR F 195 -26.46 7.12 28.21
N GLY F 196 -27.70 7.39 28.60
CA GLY F 196 -28.18 6.86 29.86
C GLY F 196 -28.51 5.39 29.81
N LYS F 197 -28.55 4.81 28.61
CA LYS F 197 -28.79 3.39 28.41
C LYS F 197 -30.17 2.97 28.87
N GLY F 198 -31.18 3.69 28.42
CA GLY F 198 -32.55 3.27 28.60
C GLY F 198 -33.17 3.77 29.89
N LEU F 199 -34.50 3.72 29.93
CA LEU F 199 -35.25 4.20 31.07
C LEU F 199 -34.87 3.45 32.34
N SER F 200 -34.65 2.14 32.22
CA SER F 200 -34.31 1.35 33.39
C SER F 200 -33.02 1.87 34.04
N CYS F 201 -31.95 1.98 33.25
CA CYS F 201 -30.68 2.41 33.80
C CYS F 201 -30.73 3.85 34.28
N ILE F 202 -31.46 4.71 33.55
CA ILE F 202 -31.55 6.11 33.96
C ILE F 202 -32.24 6.22 35.32
N ILE F 203 -33.36 5.52 35.47
CA ILE F 203 -34.10 5.57 36.73
C ILE F 203 -33.27 4.99 37.86
N VAL F 204 -32.56 3.89 37.60
CA VAL F 204 -31.74 3.28 38.65
C VAL F 204 -30.64 4.24 39.09
N HIS F 205 -29.99 4.89 38.12
CA HIS F 205 -28.91 5.80 38.48
C HIS F 205 -29.42 6.99 39.27
N ARG F 206 -30.54 7.58 38.84
CA ARG F 206 -31.09 8.72 39.57
C ARG F 206 -31.52 8.30 40.97
N LEU F 207 -32.12 7.11 41.10
CA LEU F 207 -32.54 6.63 42.41
C LEU F 207 -31.35 6.45 43.34
N PHE F 208 -30.29 5.78 42.86
CA PHE F 208 -29.14 5.61 43.73
C PHE F 208 -28.43 6.93 43.99
N GLN F 209 -28.57 7.91 43.11
CA GLN F 209 -27.98 9.23 43.37
C GLN F 209 -28.68 9.92 44.53
N ILE F 210 -30.02 9.96 44.50
CA ILE F 210 -30.72 10.57 45.63
C ILE F 210 -30.53 9.74 46.89
N LEU F 211 -30.40 8.41 46.74
CA LEU F 211 -30.15 7.58 47.92
C LEU F 211 -28.79 7.88 48.53
N THR F 212 -27.77 8.08 47.70
CA THR F 212 -26.45 8.42 48.22
C THR F 212 -26.46 9.77 48.91
N VAL F 213 -27.12 10.75 48.31
CA VAL F 213 -27.21 12.07 48.94
C VAL F 213 -27.92 11.96 50.29
N SER F 214 -29.05 11.25 50.32
CA SER F 214 -29.82 11.14 51.55
C SER F 214 -29.07 10.36 52.60
N PHE F 215 -28.30 9.34 52.20
CA PHE F 215 -27.52 8.60 53.19
C PHE F 215 -26.43 9.48 53.78
N VAL F 216 -25.75 10.26 52.94
CA VAL F 216 -24.74 11.18 53.47
C VAL F 216 -25.37 12.14 54.47
N ILE F 217 -26.53 12.70 54.12
CA ILE F 217 -27.20 13.64 55.01
C ILE F 217 -27.57 12.97 56.33
N GLY F 218 -28.23 11.82 56.26
CA GLY F 218 -28.69 11.17 57.47
C GLY F 218 -27.55 10.70 58.36
N PHE F 219 -26.51 10.12 57.75
CA PHE F 219 -25.39 9.63 58.55
C PHE F 219 -24.62 10.78 59.18
N THR F 220 -24.49 11.91 58.47
CA THR F 220 -23.78 13.05 59.04
C THR F 220 -24.60 13.67 60.17
N THR F 221 -25.92 13.71 60.02
CA THR F 221 -26.73 14.24 61.12
C THR F 221 -26.88 13.23 62.25
N PHE F 222 -26.55 11.96 62.04
CA PHE F 222 -26.60 10.97 63.09
C PHE F 222 -25.31 10.94 63.91
N ILE F 223 -24.16 10.78 63.25
CA ILE F 223 -22.91 10.68 63.98
C ILE F 223 -22.58 11.94 64.75
N THR F 224 -23.22 13.06 64.41
CA THR F 224 -23.07 14.30 65.15
C THR F 224 -24.21 14.55 66.13
N SER F 225 -25.28 13.77 66.06
CA SER F 225 -26.41 13.91 66.98
C SER F 225 -27.28 12.66 66.97
N PRO F 252 -32.68 23.94 66.55
CA PRO F 252 -31.87 25.17 66.46
C PRO F 252 -31.12 25.28 65.15
N ILE F 253 -29.81 25.57 65.23
CA ILE F 253 -29.00 25.71 64.02
C ILE F 253 -28.89 24.37 63.30
N THR F 254 -28.67 23.28 64.06
CA THR F 254 -28.59 21.96 63.46
C THR F 254 -29.90 21.60 62.77
N TYR F 255 -31.03 21.84 63.45
CA TYR F 255 -32.32 21.54 62.85
C TYR F 255 -32.54 22.35 61.58
N LEU F 256 -32.15 23.63 61.60
CA LEU F 256 -32.37 24.48 60.45
C LEU F 256 -31.54 24.05 59.25
N VAL F 257 -30.25 23.76 59.47
CA VAL F 257 -29.41 23.36 58.35
C VAL F 257 -29.82 21.98 57.84
N LEU F 258 -30.28 21.09 58.73
CA LEU F 258 -30.79 19.80 58.28
C LEU F 258 -32.05 19.99 57.44
N TRP F 259 -32.93 20.90 57.85
CA TRP F 259 -34.12 21.19 57.07
C TRP F 259 -33.75 21.73 55.69
N LEU F 260 -32.73 22.59 55.63
CA LEU F 260 -32.27 23.11 54.35
C LEU F 260 -31.77 21.99 53.44
N PHE F 261 -30.90 21.14 53.97
CA PHE F 261 -30.37 20.03 53.17
C PHE F 261 -31.49 19.12 52.68
N LEU F 262 -32.43 18.78 53.56
CA LEU F 262 -33.49 17.87 53.15
C LEU F 262 -34.46 18.54 52.19
N SER F 263 -34.60 19.87 52.25
CA SER F 263 -35.41 20.55 51.25
C SER F 263 -34.75 20.50 49.88
N PHE F 264 -33.43 20.64 49.84
CA PHE F 264 -32.73 20.46 48.56
C PHE F 264 -32.89 19.04 48.04
N LEU F 265 -32.77 18.05 48.92
CA LEU F 265 -32.99 16.66 48.53
C LEU F 265 -34.40 16.46 47.99
N LEU F 266 -35.40 17.05 48.65
CA LEU F 266 -36.77 16.90 48.17
C LEU F 266 -36.99 17.60 46.84
N ALA F 267 -36.32 18.73 46.62
CA ALA F 267 -36.39 19.37 45.31
C ALA F 267 -35.83 18.46 44.24
N LEU F 268 -34.70 17.82 44.51
CA LEU F 268 -34.12 16.87 43.56
C LEU F 268 -35.08 15.73 43.27
N TRP F 269 -35.67 15.16 44.33
CA TRP F 269 -36.62 14.07 44.17
C TRP F 269 -37.81 14.51 43.31
N ILE F 270 -38.35 15.70 43.59
CA ILE F 270 -39.52 16.17 42.87
C ILE F 270 -39.18 16.39 41.41
N TYR F 271 -37.99 16.90 41.12
CA TYR F 271 -37.59 17.09 39.73
C TYR F 271 -37.51 15.75 39.01
N TYR F 272 -36.89 14.74 39.64
CA TYR F 272 -36.79 13.43 38.99
C TYR F 272 -38.17 12.86 38.71
N LEU F 273 -39.06 12.93 39.70
CA LEU F 273 -40.43 12.46 39.48
C LEU F 273 -41.13 13.23 38.38
N THR F 274 -40.83 14.52 38.26
CA THR F 274 -41.42 15.31 37.19
C THR F 274 -40.90 14.89 35.83
N ASP F 275 -39.63 14.50 35.76
CA ASP F 275 -39.02 14.20 34.47
C ASP F 275 -39.34 12.79 33.97
N ILE F 276 -39.73 11.89 34.85
CA ILE F 276 -40.04 10.51 34.43
C ILE F 276 -40.93 10.41 33.19
N PRO F 277 -42.01 11.19 33.05
CA PRO F 277 -42.87 11.03 31.85
C PRO F 277 -42.16 11.32 30.54
N ARG F 278 -41.26 12.30 30.50
CA ARG F 278 -40.49 12.55 29.28
C ARG F 278 -39.62 11.35 28.95
N LEU F 279 -39.04 10.71 29.97
CA LEU F 279 -38.31 9.47 29.75
C LEU F 279 -39.22 8.41 29.15
N TRP F 280 -40.47 8.32 29.59
CA TRP F 280 -41.35 7.32 29.02
C TRP F 280 -41.67 7.62 27.57
N GLN F 281 -41.90 8.89 27.24
CA GLN F 281 -42.12 9.27 25.85
C GLN F 281 -40.94 8.86 24.99
N MET F 282 -39.72 9.11 25.48
CA MET F 282 -38.54 8.77 24.69
C MET F 282 -38.34 7.27 24.59
N ARG F 283 -38.67 6.52 25.64
CA ARG F 283 -38.59 5.07 25.56
C ARG F 283 -39.56 4.53 24.52
N GLU F 284 -40.76 5.09 24.46
CA GLU F 284 -41.70 4.68 23.42
C GLU F 284 -41.16 5.02 22.04
N PHE F 285 -40.60 6.22 21.87
CA PHE F 285 -40.01 6.57 20.58
C PHE F 285 -38.88 5.62 20.20
N TYR F 286 -38.13 5.13 21.19
CA TYR F 286 -37.03 4.23 20.89
C TYR F 286 -37.54 2.85 20.47
N ILE F 287 -38.51 2.32 21.22
CA ILE F 287 -38.98 0.96 20.93
C ILE F 287 -39.78 0.94 19.63
N HIS F 288 -40.77 1.84 19.51
CA HIS F 288 -41.67 1.78 18.38
C HIS F 288 -41.05 2.35 17.11
N ALA F 289 -40.70 3.64 17.14
CA ALA F 289 -40.24 4.30 15.92
C ALA F 289 -38.85 3.81 15.50
N LEU F 290 -37.91 3.78 16.45
CA LEU F 290 -36.55 3.37 16.12
C LEU F 290 -36.41 1.87 16.00
N LYS F 291 -37.31 1.09 16.61
CA LYS F 291 -37.22 -0.36 16.62
C LYS F 291 -35.89 -0.82 17.19
N ILE F 292 -35.57 -0.32 18.37
CA ILE F 292 -34.42 -0.75 19.14
C ILE F 292 -34.93 -1.42 20.41
N ALA F 293 -34.55 -2.67 20.61
CA ALA F 293 -35.08 -3.46 21.70
C ALA F 293 -34.63 -2.90 23.05
N THR F 294 -35.51 -3.03 24.04
CA THR F 294 -35.17 -2.59 25.40
C THR F 294 -33.98 -3.34 25.96
N ALA F 295 -33.71 -4.55 25.47
CA ALA F 295 -32.57 -5.33 25.90
C ALA F 295 -31.31 -4.99 25.13
N ASP F 296 -31.43 -4.31 23.99
CA ASP F 296 -30.29 -3.87 23.20
C ASP F 296 -29.75 -2.52 23.64
N MET F 297 -30.36 -1.91 24.66
CA MET F 297 -29.95 -0.55 25.03
C MET F 297 -28.53 -0.49 25.59
N PRO F 298 -28.13 -1.31 26.57
CA PRO F 298 -26.79 -1.16 27.13
C PRO F 298 -25.66 -1.45 26.17
N THR F 299 -25.95 -2.00 24.98
CA THR F 299 -24.89 -2.43 24.08
C THR F 299 -25.01 -1.88 22.67
N VAL F 300 -26.12 -1.23 22.30
CA VAL F 300 -26.23 -0.68 20.96
C VAL F 300 -25.29 0.52 20.83
N SER F 301 -24.82 0.75 19.62
CA SER F 301 -23.91 1.85 19.35
C SER F 301 -24.69 3.09 18.88
N TRP F 302 -23.99 4.21 18.81
CA TRP F 302 -24.63 5.42 18.33
C TRP F 302 -24.79 5.42 16.83
N GLN F 303 -23.90 4.73 16.10
CA GLN F 303 -24.07 4.66 14.66
C GLN F 303 -25.31 3.85 14.30
N ARG F 304 -25.65 2.84 15.09
CA ARG F 304 -26.87 2.08 14.83
C ARG F 304 -28.10 2.94 15.09
N VAL F 305 -28.08 3.75 16.15
CA VAL F 305 -29.18 4.66 16.41
C VAL F 305 -29.31 5.68 15.28
N LEU F 306 -28.17 6.18 14.78
CA LEU F 306 -28.20 7.11 13.66
C LEU F 306 -28.78 6.45 12.42
N TYR F 307 -28.39 5.20 12.16
CA TYR F 307 -28.92 4.46 11.03
C TYR F 307 -30.44 4.35 11.12
N ARG F 308 -30.94 3.90 12.26
CA ARG F 308 -32.39 3.80 12.44
C ARG F 308 -33.07 5.16 12.31
N LEU F 309 -32.43 6.21 12.83
CA LEU F 309 -33.06 7.53 12.82
C LEU F 309 -33.12 8.11 11.42
N LEU F 310 -32.10 7.84 10.60
CA LEU F 310 -32.16 8.28 9.21
C LEU F 310 -33.18 7.46 8.43
N LYS F 311 -33.29 6.16 8.73
CA LYS F 311 -34.33 5.34 8.13
C LYS F 311 -35.71 5.93 8.41
N LEU F 312 -35.98 6.25 9.68
CA LEU F 312 -37.29 6.79 10.04
C LEU F 312 -37.62 8.06 9.26
N LYS F 313 -36.62 8.92 9.04
CA LYS F 313 -36.85 10.17 8.33
C LYS F 313 -35.60 10.62 7.59
N LYS F 332 -34.48 19.78 8.58
CA LYS F 332 -34.26 19.73 7.13
C LYS F 332 -33.39 18.55 6.75
N ARG F 333 -32.34 18.32 7.54
CA ARG F 333 -31.39 17.25 7.29
C ARG F 333 -31.12 16.51 8.59
N LEU F 334 -30.83 15.21 8.46
CA LEU F 334 -30.54 14.38 9.63
C LEU F 334 -29.33 13.51 9.37
N ASP F 335 -28.31 14.07 8.73
CA ASP F 335 -27.02 13.43 8.61
C ASP F 335 -26.42 13.21 10.00
N ALA F 336 -25.37 12.39 10.06
CA ALA F 336 -24.65 12.24 11.32
C ALA F 336 -24.03 13.55 11.75
N TYR F 337 -23.39 14.26 10.81
CA TYR F 337 -22.73 15.52 11.14
C TYR F 337 -23.75 16.59 11.52
N ALA F 338 -24.90 16.60 10.87
CA ALA F 338 -25.93 17.57 11.22
C ALA F 338 -26.48 17.31 12.61
N ILE F 339 -26.70 16.05 12.95
CA ILE F 339 -27.21 15.74 14.27
C ILE F 339 -26.17 16.04 15.34
N ALA F 340 -24.90 15.83 15.04
CA ALA F 340 -23.85 16.23 15.97
C ALA F 340 -23.82 17.74 16.15
N ASN F 341 -24.02 18.50 15.08
CA ASN F 341 -24.04 19.96 15.20
C ASN F 341 -25.26 20.44 15.96
N ARG F 342 -26.35 19.70 15.94
CA ARG F 342 -27.54 20.13 16.67
C ARG F 342 -27.50 19.70 18.12
N ILE F 343 -26.89 18.56 18.43
CA ILE F 343 -26.76 18.15 19.82
C ILE F 343 -25.73 19.03 20.54
N MET F 344 -24.61 19.30 19.88
CA MET F 344 -23.50 20.03 20.47
C MET F 344 -23.50 21.50 20.07
N ARG F 345 -24.66 22.10 19.87
CA ARG F 345 -24.68 23.46 19.35
C ARG F 345 -24.14 24.45 20.38
N LYS F 346 -24.45 24.24 21.65
CA LYS F 346 -23.92 25.09 22.71
C LYS F 346 -22.59 24.60 23.24
N ASP F 347 -22.35 23.29 23.22
CA ASP F 347 -21.07 22.77 23.65
C ASP F 347 -19.94 23.24 22.74
N ASN F 348 -20.23 23.45 21.46
CA ASN F 348 -19.21 23.98 20.57
C ASN F 348 -18.85 25.41 20.94
N TYR F 349 -19.84 26.23 21.27
CA TYR F 349 -19.55 27.58 21.74
C TYR F 349 -18.77 27.54 23.04
N PHE F 350 -19.06 26.56 23.90
CA PHE F 350 -18.31 26.45 25.15
C PHE F 350 -16.86 26.08 24.90
N ILE F 351 -16.63 25.08 24.03
CA ILE F 351 -15.27 24.69 23.68
C ILE F 351 -14.52 25.88 23.10
N ALA F 352 -15.20 26.70 22.29
CA ALA F 352 -14.53 27.82 21.65
C ALA F 352 -14.32 28.99 22.60
N LEU F 353 -15.17 29.17 23.59
CA LEU F 353 -14.92 30.18 24.60
C LEU F 353 -13.77 29.79 25.50
N ILE F 354 -13.72 28.52 25.90
CA ILE F 354 -12.70 28.09 26.85
C ILE F 354 -11.33 27.99 26.18
N ASN F 355 -11.29 27.38 24.99
CA ASN F 355 -10.00 27.10 24.37
C ASN F 355 -9.38 28.36 23.77
N ASN F 356 -10.19 29.33 23.38
CA ASN F 356 -9.67 30.54 22.77
C ASN F 356 -9.58 31.70 23.73
N GLY F 357 -9.78 31.48 25.02
CA GLY F 357 -9.59 32.53 25.99
C GLY F 357 -10.56 33.68 25.88
N ILE F 358 -11.70 33.50 25.22
CA ILE F 358 -12.69 34.57 25.15
C ILE F 358 -13.17 34.94 26.54
N ILE F 359 -13.30 33.94 27.40
CA ILE F 359 -13.71 34.13 28.79
C ILE F 359 -12.54 33.77 29.68
N ASN F 360 -12.32 34.58 30.72
CA ASN F 360 -11.15 34.43 31.57
C ASN F 360 -11.53 33.65 32.81
N ILE F 361 -11.01 32.42 32.91
CA ILE F 361 -11.25 31.58 34.06
C ILE F 361 -10.01 31.49 34.95
N GLU F 362 -9.13 32.48 34.87
CA GLU F 362 -7.91 32.47 35.66
C GLU F 362 -8.13 33.29 36.93
N LEU F 363 -7.82 32.70 38.07
CA LEU F 363 -8.06 33.36 39.34
C LEU F 363 -7.20 34.62 39.44
N PRO F 364 -7.71 35.69 40.02
CA PRO F 364 -6.93 36.94 40.06
C PRO F 364 -5.66 36.84 40.88
N LEU F 365 -5.68 36.13 42.00
CA LEU F 365 -4.53 36.06 42.88
C LEU F 365 -3.76 34.76 42.76
N LEU F 366 -4.45 33.62 42.85
CA LEU F 366 -3.78 32.33 42.78
C LEU F 366 -3.14 32.08 41.42
N HIS F 367 -3.60 32.77 40.38
CA HIS F 367 -3.02 32.68 39.04
C HIS F 367 -3.13 31.27 38.48
N ARG F 368 -4.36 30.75 38.45
CA ARG F 368 -4.62 29.40 37.99
C ARG F 368 -5.95 29.35 37.26
N ARG F 369 -5.97 28.65 36.14
CA ARG F 369 -7.19 28.43 35.38
C ARG F 369 -7.91 27.23 35.97
N ILE F 370 -9.03 27.46 36.63
CA ILE F 370 -9.83 26.40 37.22
C ILE F 370 -11.17 26.36 36.51
N LEU F 371 -11.60 25.15 36.16
CA LEU F 371 -12.90 24.94 35.53
C LEU F 371 -13.57 23.80 36.30
N THR F 372 -14.26 24.15 37.38
CA THR F 372 -15.00 23.18 38.15
C THR F 372 -16.27 22.79 37.41
N HIS F 373 -17.11 21.97 38.03
CA HIS F 373 -18.41 21.71 37.45
C HIS F 373 -19.39 22.83 37.77
N THR F 374 -19.23 23.49 38.92
CA THR F 374 -20.05 24.66 39.20
C THR F 374 -19.70 25.83 38.31
N THR F 375 -18.43 25.96 37.93
CA THR F 375 -18.04 27.01 36.99
C THR F 375 -18.79 26.85 35.68
N GLU F 376 -18.85 25.64 35.15
CA GLU F 376 -19.51 25.45 33.87
C GLU F 376 -21.03 25.46 34.01
N TRP F 377 -21.57 25.08 35.17
CA TRP F 377 -22.99 25.30 35.41
C TRP F 377 -23.32 26.78 35.39
N ASN F 378 -22.50 27.60 36.03
CA ASN F 378 -22.76 29.03 36.04
C ASN F 378 -22.58 29.64 34.66
N ILE F 379 -21.60 29.16 33.89
CA ILE F 379 -21.45 29.66 32.53
C ILE F 379 -22.66 29.29 31.69
N ASN F 380 -23.19 28.08 31.85
CA ASN F 380 -24.33 27.67 31.06
C ASN F 380 -25.60 28.38 31.49
N TRP F 381 -25.68 28.82 32.74
CA TRP F 381 -26.88 29.55 33.13
C TRP F 381 -26.80 31.03 32.80
N CYS F 382 -25.66 31.67 33.05
CA CYS F 382 -25.54 33.10 32.77
C CYS F 382 -25.56 33.37 31.28
N ILE F 383 -24.72 32.67 30.52
CA ILE F 383 -24.52 32.98 29.11
C ILE F 383 -25.52 32.23 28.25
N PHE F 384 -25.47 30.91 28.27
CA PHE F 384 -26.21 30.14 27.28
C PHE F 384 -27.72 30.16 27.50
N ASN F 385 -28.20 30.53 28.69
CA ASN F 385 -29.62 30.78 28.84
C ASN F 385 -30.01 32.15 28.35
N PHE F 386 -29.06 33.08 28.29
CA PHE F 386 -29.30 34.45 27.87
C PHE F 386 -29.08 34.63 26.38
N VAL F 387 -28.19 33.82 25.80
CA VAL F 387 -27.82 33.99 24.41
C VAL F 387 -28.69 33.16 23.47
N PHE F 388 -29.23 32.05 23.94
CA PHE F 388 -29.96 31.11 23.10
C PHE F 388 -31.44 31.12 23.42
N ASP F 389 -32.26 30.89 22.39
CA ASP F 389 -33.70 30.89 22.54
C ASP F 389 -34.15 29.82 23.53
N GLU F 390 -35.43 29.89 23.91
CA GLU F 390 -36.05 28.74 24.53
C GLU F 390 -36.17 27.60 23.53
N GLN F 391 -36.36 27.92 22.25
CA GLN F 391 -36.34 26.93 21.19
C GLN F 391 -34.93 26.43 20.89
N GLY F 392 -33.92 27.05 21.48
CA GLY F 392 -32.56 26.54 21.41
C GLY F 392 -31.79 26.98 20.18
N GLN F 393 -31.71 28.29 19.94
CA GLN F 393 -30.95 28.79 18.82
C GLN F 393 -30.56 30.23 19.08
N LEU F 394 -29.47 30.65 18.48
CA LEU F 394 -28.89 31.97 18.74
C LEU F 394 -29.93 33.06 18.50
N ARG F 395 -30.22 33.83 19.54
CA ARG F 395 -31.21 34.89 19.43
C ARG F 395 -30.79 35.90 18.36
N SER F 396 -31.79 36.58 17.80
CA SER F 396 -31.52 37.49 16.69
C SER F 396 -30.72 38.70 17.13
N ALA F 397 -30.93 39.17 18.35
CA ALA F 397 -30.28 40.38 18.83
C ALA F 397 -28.78 40.24 18.94
N PHE F 398 -28.23 39.05 18.77
CA PHE F 398 -26.81 38.80 18.97
C PHE F 398 -26.01 38.80 17.69
N ARG F 399 -26.64 39.10 16.55
CA ARG F 399 -25.91 39.37 15.33
C ARG F 399 -26.05 40.82 14.86
N ASN F 400 -26.90 41.60 15.52
CA ASN F 400 -27.08 43.02 15.24
C ASN F 400 -25.98 43.83 15.92
N PRO F 401 -25.05 44.41 15.16
CA PRO F 401 -23.90 45.08 15.79
C PRO F 401 -24.26 46.33 16.56
N ASN F 402 -25.49 46.85 16.43
CA ASN F 402 -25.84 48.06 17.16
C ASN F 402 -26.28 47.78 18.57
N SER F 403 -26.73 46.56 18.86
CA SER F 403 -27.16 46.18 20.20
C SER F 403 -26.03 45.62 21.04
N ARG F 404 -24.78 45.77 20.59
CA ARG F 404 -23.65 45.21 21.32
C ARG F 404 -23.39 45.91 22.64
N LYS F 405 -24.00 47.05 22.89
CA LYS F 405 -23.82 47.75 24.16
C LYS F 405 -24.94 47.46 25.14
N ARG F 406 -26.12 47.10 24.67
CA ARG F 406 -27.21 46.73 25.57
C ARG F 406 -27.03 45.31 26.10
N LEU F 407 -26.70 44.37 25.20
CA LEU F 407 -26.51 43.00 25.62
C LEU F 407 -25.29 42.85 26.51
N SER F 408 -24.21 43.52 26.18
CA SER F 408 -22.99 43.46 26.97
C SER F 408 -23.11 44.16 28.29
N GLU F 409 -24.29 44.67 28.63
CA GLU F 409 -24.54 45.18 29.96
C GLU F 409 -25.70 44.49 30.66
N GLU F 410 -26.58 43.82 29.91
CA GLU F 410 -27.52 42.88 30.51
C GLU F 410 -26.88 41.55 30.83
N LEU F 411 -25.61 41.35 30.43
CA LEU F 411 -24.89 40.14 30.76
C LEU F 411 -24.09 40.27 32.04
N ARG F 412 -23.63 41.47 32.38
CA ARG F 412 -23.00 41.68 33.67
C ARG F 412 -24.03 41.61 34.79
N ARG F 413 -25.24 42.08 34.54
CA ARG F 413 -26.31 41.97 35.52
C ARG F 413 -26.83 40.56 35.67
N ARG F 414 -26.28 39.59 34.93
CA ARG F 414 -26.48 38.17 35.17
C ARG F 414 -25.32 37.54 35.91
N PHE F 415 -24.10 37.90 35.55
CA PHE F 415 -22.93 37.44 36.30
C PHE F 415 -23.03 37.87 37.76
N ILE F 416 -23.54 39.07 38.02
CA ILE F 416 -23.63 39.55 39.39
C ILE F 416 -24.66 38.75 40.18
N VAL F 417 -25.82 38.49 39.58
CA VAL F 417 -26.86 37.72 40.27
C VAL F 417 -26.38 36.30 40.54
N ALA F 418 -25.69 35.69 39.57
CA ALA F 418 -25.18 34.35 39.78
C ALA F 418 -24.09 34.34 40.85
N GLY F 419 -23.27 35.37 40.91
CA GLY F 419 -22.30 35.46 41.99
C GLY F 419 -22.95 35.58 43.34
N PHE F 420 -24.05 36.35 43.42
CA PHE F 420 -24.76 36.46 44.69
C PHE F 420 -25.36 35.12 45.10
N LEU F 421 -25.97 34.41 44.16
CA LEU F 421 -26.54 33.10 44.51
C LEU F 421 -25.45 32.09 44.87
N ASN F 422 -24.28 32.19 44.24
CA ASN F 422 -23.21 31.27 44.58
C ASN F 422 -22.60 31.59 45.92
N CYS F 423 -22.49 32.88 46.29
CA CYS F 423 -22.01 33.21 47.62
C CYS F 423 -22.92 32.70 48.72
N LEU F 424 -24.11 32.19 48.37
CA LEU F 424 -25.01 31.58 49.34
C LEU F 424 -25.08 30.06 49.23
N PHE F 425 -24.95 29.51 48.03
CA PHE F 425 -25.05 28.07 47.86
C PHE F 425 -23.71 27.37 47.69
N ALA F 426 -22.60 28.09 47.72
CA ALA F 426 -21.29 27.49 47.55
C ALA F 426 -20.76 26.90 48.85
N PRO F 427 -20.91 27.56 50.01
CA PRO F 427 -20.51 26.90 51.25
C PRO F 427 -21.22 25.58 51.48
N ILE F 428 -22.55 25.56 51.35
CA ILE F 428 -23.32 24.35 51.63
C ILE F 428 -23.26 23.34 50.50
N VAL F 429 -22.50 23.60 49.45
CA VAL F 429 -22.19 22.60 48.46
C VAL F 429 -20.77 22.07 48.62
N ALA F 430 -19.83 22.95 48.94
CA ALA F 430 -18.47 22.50 49.23
C ALA F 430 -18.44 21.64 50.48
N ILE F 431 -19.28 21.97 51.46
CA ILE F 431 -19.35 21.15 52.68
C ILE F 431 -19.85 19.76 52.35
N TYR F 432 -20.97 19.66 51.64
CA TYR F 432 -21.46 18.36 51.26
C TYR F 432 -20.44 17.61 50.42
N LEU F 433 -19.73 18.30 49.54
CA LEU F 433 -18.80 17.61 48.66
C LEU F 433 -17.62 17.06 49.45
N VAL F 434 -17.09 17.82 50.40
CA VAL F 434 -15.97 17.31 51.17
C VAL F 434 -16.42 16.17 52.06
N ILE F 435 -17.64 16.23 52.60
CA ILE F 435 -18.13 15.11 53.40
C ILE F 435 -18.30 13.86 52.54
N HIS F 436 -18.90 14.00 51.36
CA HIS F 436 -19.10 12.86 50.48
C HIS F 436 -17.78 12.26 50.06
N ASN F 437 -16.81 13.10 49.69
CA ASN F 437 -15.53 12.57 49.23
C ASN F 437 -14.76 11.94 50.38
N PHE F 438 -14.84 12.51 51.58
CA PHE F 438 -14.23 11.87 52.74
C PHE F 438 -14.81 10.48 52.95
N PHE F 439 -16.15 10.40 53.06
CA PHE F 439 -16.78 9.10 53.28
C PHE F 439 -16.41 8.11 52.19
N ARG F 440 -16.32 8.56 50.94
CA ARG F 440 -16.09 7.60 49.87
C ARG F 440 -14.64 7.15 49.79
N TYR F 441 -13.69 8.03 50.05
CA TYR F 441 -12.30 7.75 49.74
C TYR F 441 -11.40 7.56 50.96
N PHE F 442 -11.90 7.75 52.18
CA PHE F 442 -11.03 7.57 53.34
C PHE F 442 -10.55 6.13 53.45
N ASN F 443 -11.45 5.17 53.25
CA ASN F 443 -11.08 3.77 53.33
C ASN F 443 -9.94 3.44 52.38
N GLU F 444 -10.08 3.82 51.10
CA GLU F 444 -9.08 3.46 50.11
C GLU F 444 -7.79 4.25 50.29
N TYR F 445 -7.87 5.51 50.72
CA TYR F 445 -6.69 6.34 50.82
C TYR F 445 -5.99 6.23 52.17
N HIS F 446 -6.52 5.44 53.11
CA HIS F 446 -5.78 5.12 54.31
C HIS F 446 -5.53 3.62 54.47
N LYS F 447 -6.14 2.77 53.66
CA LYS F 447 -5.91 1.33 53.73
C LYS F 447 -5.47 0.74 52.40
N ASN F 448 -5.14 1.59 51.42
CA ASN F 448 -4.65 1.16 50.13
C ASN F 448 -3.91 2.31 49.46
N PRO F 449 -2.73 2.69 49.95
CA PRO F 449 -2.01 3.83 49.36
C PRO F 449 -1.61 3.60 47.91
N GLY F 450 -1.64 2.36 47.42
CA GLY F 450 -1.38 2.13 46.01
C GLY F 450 -2.34 2.86 45.11
N ALA F 451 -3.58 3.02 45.56
CA ALA F 451 -4.59 3.80 44.84
C ALA F 451 -4.63 5.24 45.31
N LEU F 452 -3.51 5.77 45.81
CA LEU F 452 -3.39 7.19 46.07
C LEU F 452 -2.73 7.94 44.92
N SER F 453 -1.90 7.26 44.14
CA SER F 453 -1.26 7.85 42.98
C SER F 453 -2.05 7.66 41.70
N THR F 454 -3.34 7.36 41.80
CA THR F 454 -4.18 7.24 40.62
C THR F 454 -4.35 8.62 40.00
N ARG F 455 -3.87 8.80 38.78
CA ARG F 455 -3.92 10.08 38.12
C ARG F 455 -5.07 10.11 37.11
N ARG F 456 -5.66 11.29 36.99
CA ARG F 456 -6.76 11.54 36.07
C ARG F 456 -6.57 12.92 35.47
N TYR F 457 -7.26 13.17 34.36
CA TYR F 457 -7.19 14.49 33.73
C TYR F 457 -8.06 15.46 34.52
N THR F 458 -7.53 16.67 34.71
CA THR F 458 -8.29 17.70 35.38
C THR F 458 -9.49 18.11 34.53
N PRO F 459 -10.55 18.63 35.14
CA PRO F 459 -11.71 19.05 34.35
C PRO F 459 -11.39 20.09 33.30
N LEU F 460 -10.32 20.87 33.46
CA LEU F 460 -9.91 21.80 32.42
C LEU F 460 -9.12 21.11 31.33
N ALA F 461 -8.46 20.00 31.65
CA ALA F 461 -7.81 19.22 30.61
C ALA F 461 -8.80 18.50 29.74
N LEU F 462 -10.00 18.23 30.23
CA LEU F 462 -11.00 17.55 29.44
C LEU F 462 -11.77 18.48 28.54
N TRP F 463 -11.66 19.78 28.73
CA TRP F 463 -12.18 20.75 27.77
C TRP F 463 -11.11 21.26 26.83
N THR F 464 -9.85 21.06 27.15
CA THR F 464 -8.76 21.36 26.24
C THR F 464 -8.60 20.28 25.20
N PHE F 465 -8.89 19.03 25.55
CA PHE F 465 -8.77 17.93 24.61
C PHE F 465 -10.00 17.78 23.74
N ARG F 466 -11.12 18.36 24.14
CA ARG F 466 -12.37 18.14 23.44
C ARG F 466 -12.33 18.77 22.06
N GLU F 467 -12.85 18.05 21.08
CA GLU F 467 -13.00 18.54 19.73
C GLU F 467 -14.43 18.96 19.49
N TYR F 468 -14.63 19.74 18.44
CA TYR F 468 -15.97 20.19 18.11
C TYR F 468 -16.77 19.06 17.49
N ASN F 469 -18.06 19.04 17.79
CA ASN F 469 -19.01 18.04 17.30
C ASN F 469 -18.62 16.62 17.69
N GLU F 470 -17.68 16.46 18.60
CA GLU F 470 -17.34 15.14 19.14
C GLU F 470 -18.27 14.87 20.31
N LEU F 471 -19.25 14.00 20.09
CA LEU F 471 -20.25 13.72 21.10
C LEU F 471 -19.58 13.16 22.36
N GLN F 472 -20.29 13.26 23.47
CA GLN F 472 -19.65 13.01 24.76
C GLN F 472 -19.10 11.59 24.87
N HIS F 473 -19.81 10.60 24.36
CA HIS F 473 -19.38 9.23 24.59
C HIS F 473 -18.17 8.87 23.73
N PHE F 474 -18.05 9.44 22.53
CA PHE F 474 -16.83 9.24 21.75
C PHE F 474 -15.63 9.82 22.48
N PHE F 475 -15.79 11.01 23.05
CA PHE F 475 -14.73 11.65 23.81
C PHE F 475 -14.36 10.81 25.02
N ASP F 476 -15.35 10.25 25.70
CA ASP F 476 -15.08 9.40 26.85
C ASP F 476 -14.33 8.15 26.45
N GLU F 477 -14.71 7.52 25.34
CA GLU F 477 -13.98 6.36 24.86
C GLU F 477 -12.52 6.71 24.58
N ARG F 478 -12.28 7.76 23.82
CA ARG F 478 -10.92 8.07 23.43
C ARG F 478 -10.10 8.69 24.55
N ILE F 479 -10.73 9.15 25.63
CA ILE F 479 -9.97 9.60 26.78
C ILE F 479 -9.65 8.44 27.72
N ASN F 480 -10.61 7.53 27.93
CA ASN F 480 -10.31 6.34 28.71
C ASN F 480 -9.26 5.47 28.04
N ASP F 481 -9.26 5.42 26.71
CA ASP F 481 -8.25 4.67 26.00
C ASP F 481 -6.90 5.36 26.00
N SER F 482 -6.73 6.43 26.75
CA SER F 482 -5.49 7.17 26.80
C SER F 482 -4.80 7.12 28.15
N TYR F 483 -5.46 6.57 29.18
CA TYR F 483 -4.84 6.56 30.50
C TYR F 483 -3.68 5.59 30.58
N ALA F 484 -3.73 4.50 29.82
CA ALA F 484 -2.58 3.59 29.77
C ALA F 484 -1.38 4.30 29.17
N ALA F 485 -1.57 4.99 28.06
CA ALA F 485 -0.48 5.72 27.43
C ALA F 485 0.04 6.83 28.34
N ALA F 486 -0.85 7.51 29.06
CA ALA F 486 -0.39 8.59 29.92
C ALA F 486 0.38 8.06 31.13
N SER F 487 -0.09 6.97 31.72
CA SER F 487 0.62 6.36 32.84
C SER F 487 1.98 5.87 32.39
N HIS F 488 2.07 5.33 31.17
CA HIS F 488 3.36 4.94 30.64
C HIS F 488 4.27 6.15 30.45
N TYR F 489 3.74 7.22 29.86
CA TYR F 489 4.56 8.37 29.56
C TYR F 489 5.15 8.99 30.81
N VAL F 490 4.34 9.17 31.85
CA VAL F 490 4.82 9.92 33.01
C VAL F 490 5.89 9.14 33.77
N SER F 491 6.15 7.91 33.37
CA SER F 491 7.15 7.09 34.05
C SER F 491 8.48 7.03 33.30
N GLN F 492 8.58 7.64 32.13
CA GLN F 492 9.80 7.59 31.34
C GLN F 492 10.84 8.59 31.80
N PHE F 493 10.69 9.19 32.97
CA PHE F 493 11.60 10.23 33.45
C PHE F 493 12.16 9.83 34.81
N PRO F 494 13.04 8.83 34.86
CA PRO F 494 13.61 8.41 36.14
C PRO F 494 14.74 9.33 36.56
N ASP F 495 15.14 9.19 37.82
CA ASP F 495 16.21 9.99 38.40
C ASP F 495 17.45 9.12 38.48
N PHE F 496 18.33 9.25 37.49
CA PHE F 496 19.48 8.36 37.41
C PHE F 496 20.45 8.58 38.57
N ASN F 497 20.63 9.83 38.99
CA ASN F 497 21.51 10.10 40.13
C ASN F 497 20.95 9.55 41.42
N MET F 498 19.66 9.22 41.47
CA MET F 498 19.05 8.60 42.63
C MET F 498 18.96 7.08 42.48
N ILE F 499 18.72 6.60 41.27
CA ILE F 499 18.80 5.17 41.01
C ILE F 499 20.19 4.65 41.36
N ARG F 500 21.22 5.41 41.01
CA ARG F 500 22.59 4.99 41.30
C ARG F 500 22.83 4.92 42.81
N LEU F 501 22.36 5.94 43.55
CA LEU F 501 22.53 5.93 45.00
C LEU F 501 21.82 4.73 45.63
N PHE F 502 20.60 4.46 45.20
CA PHE F 502 19.89 3.33 45.80
C PHE F 502 20.49 2.00 45.40
N LYS F 503 21.08 1.92 44.19
CA LYS F 503 21.82 0.73 43.82
C LYS F 503 23.00 0.51 44.76
N TYR F 504 23.72 1.59 45.07
CA TYR F 504 24.85 1.50 45.99
C TYR F 504 24.40 1.06 47.38
N ILE F 505 23.31 1.65 47.87
CA ILE F 505 22.82 1.31 49.21
C ILE F 505 22.37 -0.14 49.26
N SER F 506 21.67 -0.60 48.22
CA SER F 506 21.27 -1.99 48.14
C SER F 506 22.50 -2.90 48.13
N PHE F 507 23.57 -2.48 47.46
CA PHE F 507 24.78 -3.30 47.44
C PHE F 507 25.38 -3.41 48.84
N ILE F 508 25.46 -2.29 49.56
CA ILE F 508 26.00 -2.31 50.92
C ILE F 508 25.18 -3.24 51.80
N LEU F 509 23.87 -3.04 51.82
CA LEU F 509 23.01 -3.85 52.68
C LEU F 509 23.05 -5.31 52.27
N GLY F 510 23.20 -5.60 50.98
CA GLY F 510 23.30 -6.97 50.55
C GLY F 510 24.58 -7.63 51.00
N SER F 511 25.68 -6.87 51.01
CA SER F 511 26.93 -7.40 51.55
C SER F 511 26.78 -7.72 53.04
N PHE F 512 26.21 -6.79 53.80
CA PHE F 512 25.96 -7.03 55.22
C PHE F 512 25.12 -8.28 55.42
N THR F 513 24.01 -8.38 54.67
CA THR F 513 23.11 -9.51 54.82
C THR F 513 23.78 -10.82 54.43
N ALA F 514 24.62 -10.79 53.40
CA ALA F 514 25.34 -12.00 53.01
C ALA F 514 26.25 -12.46 54.14
N ILE F 515 26.99 -11.54 54.74
CA ILE F 515 27.85 -11.91 55.86
C ILE F 515 27.02 -12.47 57.01
N LEU F 516 25.89 -11.81 57.33
CA LEU F 516 25.08 -12.25 58.46
C LEU F 516 24.50 -13.64 58.23
N VAL F 517 24.00 -13.91 57.02
CA VAL F 517 23.41 -15.21 56.75
C VAL F 517 24.49 -16.28 56.71
N ILE F 518 25.67 -15.97 56.18
CA ILE F 518 26.74 -16.96 56.14
C ILE F 518 27.38 -17.17 57.50
N ILE F 519 27.14 -16.26 58.46
CA ILE F 519 27.63 -16.46 59.82
C ILE F 519 26.58 -17.07 60.74
N THR F 520 25.29 -16.97 60.41
CA THR F 520 24.27 -17.60 61.22
C THR F 520 24.08 -19.07 60.86
N VAL F 521 24.56 -19.51 59.70
CA VAL F 521 24.56 -20.93 59.38
C VAL F 521 25.69 -21.68 60.06
N PHE F 522 26.53 -20.97 60.82
CA PHE F 522 27.53 -21.60 61.67
C PHE F 522 27.35 -21.26 63.15
N ASP F 523 26.54 -20.27 63.48
CA ASP F 523 26.26 -19.89 64.87
C ASP F 523 24.77 -19.56 64.99
N PRO F 524 23.90 -20.57 64.94
CA PRO F 524 22.46 -20.33 65.02
C PRO F 524 22.01 -19.77 66.36
N SER F 537 21.31 -9.21 68.69
CA SER F 537 20.05 -9.05 67.97
C SER F 537 20.29 -9.07 66.47
N VAL F 538 20.97 -10.13 65.99
CA VAL F 538 21.30 -10.20 64.57
C VAL F 538 20.06 -10.44 63.73
N LEU F 539 19.03 -11.08 64.29
CA LEU F 539 17.80 -11.29 63.52
C LEU F 539 17.07 -9.98 63.28
N PHE F 540 17.12 -9.06 64.25
CA PHE F 540 16.55 -7.73 64.05
C PHE F 540 17.23 -7.03 62.89
N TYR F 541 18.57 -7.08 62.85
CA TYR F 541 19.31 -6.46 61.76
C TYR F 541 19.00 -7.13 60.43
N LEU F 542 18.88 -8.47 60.43
CA LEU F 542 18.57 -9.17 59.19
C LEU F 542 17.20 -8.76 58.67
N GLY F 543 16.21 -8.65 59.54
CA GLY F 543 14.89 -8.21 59.12
C GLY F 543 14.89 -6.78 58.62
N LEU F 544 15.58 -5.89 59.33
CA LEU F 544 15.65 -4.50 58.92
C LEU F 544 16.32 -4.36 57.55
N PHE F 545 17.41 -5.11 57.33
CA PHE F 545 18.10 -5.04 56.06
C PHE F 545 17.27 -5.64 54.95
N GLY F 546 16.56 -6.74 55.22
CA GLY F 546 15.64 -7.27 54.24
C GLY F 546 14.58 -6.26 53.84
N SER F 547 14.04 -5.55 54.83
CA SER F 547 13.04 -4.52 54.52
C SER F 547 13.62 -3.40 53.68
N LEU F 548 14.81 -2.92 54.05
CA LEU F 548 15.42 -1.82 53.30
C LEU F 548 15.78 -2.25 51.88
N ILE F 549 16.24 -3.49 51.70
CA ILE F 549 16.58 -3.97 50.37
C ILE F 549 15.32 -4.14 49.53
N ALA F 550 14.23 -4.62 50.13
CA ALA F 550 12.97 -4.69 49.41
C ALA F 550 12.49 -3.31 49.02
N VAL F 551 12.74 -2.31 49.86
CA VAL F 551 12.40 -0.93 49.50
C VAL F 551 13.23 -0.48 48.31
N SER F 552 14.52 -0.77 48.35
CA SER F 552 15.42 -0.27 47.30
C SER F 552 15.15 -0.93 45.95
N ARG F 553 14.83 -2.22 45.95
CA ARG F 553 14.58 -2.91 44.69
C ARG F 553 13.40 -2.33 43.93
N SER F 554 12.49 -1.65 44.63
CA SER F 554 11.33 -1.08 43.95
C SER F 554 11.68 0.16 43.16
N ILE F 555 12.65 0.96 43.64
CA ILE F 555 13.04 2.17 42.92
C ILE F 555 13.87 1.81 41.71
N ILE F 556 14.84 0.92 41.87
CA ILE F 556 15.75 0.52 40.81
C ILE F 556 14.97 -0.13 39.68
N PRO F 557 14.93 0.45 38.49
CA PRO F 557 14.20 -0.16 37.39
C PRO F 557 14.89 -1.42 36.91
N ASP F 558 14.21 -2.13 36.02
CA ASP F 558 14.81 -3.31 35.41
C ASP F 558 16.00 -2.89 34.56
N GLU F 559 16.95 -3.82 34.39
CA GLU F 559 18.08 -3.55 33.53
C GLU F 559 17.65 -3.43 32.07
N THR F 560 16.91 -4.40 31.57
CA THR F 560 16.50 -4.43 30.18
C THR F 560 15.26 -3.58 29.95
N LEU F 561 15.29 -2.33 30.42
CA LEU F 561 14.18 -1.40 30.27
C LEU F 561 14.67 -0.22 29.48
N VAL F 562 13.95 0.11 28.40
CA VAL F 562 14.34 1.17 27.48
C VAL F 562 13.41 2.35 27.70
N PHE F 563 13.96 3.46 28.18
CA PHE F 563 13.20 4.67 28.40
C PHE F 563 13.21 5.52 27.13
N ALA F 564 12.02 5.86 26.66
CA ALA F 564 11.88 6.66 25.45
C ALA F 564 10.70 7.60 25.62
N PRO F 565 10.94 8.78 26.21
CA PRO F 565 9.81 9.69 26.48
C PRO F 565 9.13 10.22 25.24
N GLU F 566 9.85 10.40 24.13
CA GLU F 566 9.24 11.06 22.98
C GLU F 566 8.20 10.16 22.31
N LYS F 567 8.49 8.87 22.16
CA LYS F 567 7.50 8.01 21.52
C LYS F 567 6.36 7.67 22.46
N ALA F 568 6.61 7.66 23.78
CA ALA F 568 5.51 7.57 24.73
C ALA F 568 4.59 8.79 24.61
N LEU F 569 5.19 9.98 24.48
CA LEU F 569 4.38 11.18 24.33
C LEU F 569 3.60 11.16 23.03
N ARG F 570 4.19 10.68 21.95
CA ARG F 570 3.45 10.59 20.70
C ARG F 570 2.31 9.57 20.80
N ARG F 571 2.55 8.47 21.52
CA ARG F 571 1.49 7.50 21.76
C ARG F 571 0.35 8.11 22.56
N VAL F 572 0.66 9.02 23.50
CA VAL F 572 -0.39 9.73 24.23
C VAL F 572 -1.14 10.67 23.30
N ILE F 573 -0.40 11.44 22.50
CA ILE F 573 -1.01 12.46 21.65
C ILE F 573 -1.90 11.84 20.59
N THR F 574 -1.63 10.59 20.20
CA THR F 574 -2.55 9.93 19.27
C THR F 574 -3.94 9.78 19.86
N PHE F 575 -4.09 9.92 21.18
CA PHE F 575 -5.39 9.86 21.84
C PHE F 575 -5.88 11.23 22.26
N THR F 576 -5.05 12.01 22.93
CA THR F 576 -5.50 13.31 23.39
C THR F 576 -5.63 14.32 22.27
N HIS F 577 -4.95 14.10 21.14
CA HIS F 577 -4.96 15.00 19.99
C HIS F 577 -4.52 16.40 20.35
N TYR F 578 -3.80 16.57 21.46
CA TYR F 578 -3.43 17.88 21.97
C TYR F 578 -1.92 17.98 22.08
N MET F 579 -1.32 18.71 21.16
CA MET F 579 0.11 19.02 21.19
C MET F 579 0.28 20.50 20.94
N PRO F 580 0.53 21.30 21.97
CA PRO F 580 0.79 22.72 21.76
C PRO F 580 1.90 22.98 20.76
N GLY F 581 2.00 24.22 20.29
CA GLY F 581 2.99 24.52 19.27
C GLY F 581 4.41 24.33 19.78
N TRP F 582 4.67 24.74 21.02
CA TRP F 582 6.02 24.72 21.54
C TRP F 582 6.44 23.35 22.04
N TRP F 583 5.57 22.34 22.00
CA TRP F 583 6.00 20.98 22.26
C TRP F 583 6.80 20.43 21.09
N SER F 584 6.44 20.82 19.87
CA SER F 584 7.02 20.20 18.67
C SER F 584 8.53 20.37 18.59
N ASP F 585 9.10 21.31 19.36
CA ASP F 585 10.55 21.40 19.43
C ASP F 585 11.11 20.26 20.26
N ASN F 586 10.72 20.18 21.53
CA ASN F 586 11.32 19.24 22.48
C ASN F 586 10.23 18.39 23.12
N MET F 587 9.86 17.29 22.46
CA MET F 587 8.93 16.35 23.03
C MET F 587 9.61 15.37 23.97
N HIS F 588 10.94 15.33 23.97
CA HIS F 588 11.73 14.61 24.95
C HIS F 588 11.91 15.38 26.24
N SER F 589 11.41 16.60 26.30
CA SER F 589 11.82 17.54 27.33
C SER F 589 11.22 17.16 28.67
N LYS F 590 11.73 17.81 29.72
CA LYS F 590 11.16 17.70 31.05
C LYS F 590 10.12 18.78 31.30
N ALA F 591 10.25 19.93 30.66
CA ALA F 591 9.23 20.97 30.77
C ALA F 591 7.92 20.51 30.16
N VAL F 592 7.99 19.78 29.05
CA VAL F 592 6.80 19.21 28.45
C VAL F 592 6.13 18.25 29.43
N GLN F 593 6.93 17.48 30.17
CA GLN F 593 6.35 16.57 31.14
C GLN F 593 5.75 17.32 32.31
N GLN F 594 6.36 18.42 32.72
CA GLN F 594 5.77 19.23 33.78
C GLN F 594 4.42 19.77 33.36
N GLU F 595 4.31 20.25 32.11
CA GLU F 595 3.02 20.74 31.62
C GLU F 595 1.99 19.60 31.56
N PHE F 596 2.39 18.47 30.97
CA PHE F 596 1.45 17.36 30.86
C PHE F 596 1.02 16.85 32.23
N CYS F 597 1.87 16.96 33.24
CA CYS F 597 1.45 16.59 34.58
C CYS F 597 0.64 17.69 35.24
N SER F 598 0.67 18.91 34.72
CA SER F 598 -0.34 19.88 35.11
C SER F 598 -1.70 19.52 34.51
N LEU F 599 -1.71 18.90 33.34
CA LEU F 599 -2.97 18.46 32.74
C LEU F 599 -3.46 17.14 33.32
N TYR F 600 -2.54 16.26 33.73
CA TYR F 600 -2.82 14.89 34.15
C TYR F 600 -2.41 14.78 35.60
N SER F 601 -3.30 15.13 36.52
CA SER F 601 -2.94 15.32 37.91
C SER F 601 -3.32 14.10 38.74
N TYR F 602 -3.06 14.19 40.04
CA TYR F 602 -3.53 13.16 40.96
C TYR F 602 -5.01 13.34 41.23
N ARG F 603 -5.69 12.23 41.49
CA ARG F 603 -7.12 12.31 41.73
C ARG F 603 -7.42 13.06 43.02
N ILE F 604 -6.56 12.95 44.03
CA ILE F 604 -6.80 13.65 45.29
C ILE F 604 -6.61 15.14 45.11
N VAL F 605 -5.63 15.54 44.30
CA VAL F 605 -5.46 16.96 43.98
C VAL F 605 -6.68 17.46 43.21
N ASN F 606 -7.20 16.64 42.30
CA ASN F 606 -8.42 17.01 41.59
C ASN F 606 -9.58 17.21 42.55
N LEU F 607 -9.66 16.39 43.59
CA LEU F 607 -10.73 16.57 44.58
C LEU F 607 -10.56 17.87 45.36
N LEU F 608 -9.33 18.13 45.82
CA LEU F 608 -9.07 19.37 46.54
C LEU F 608 -9.43 20.57 45.70
N TRP F 609 -9.11 20.53 44.40
CA TRP F 609 -9.42 21.67 43.56
C TRP F 609 -10.90 21.74 43.18
N GLU F 610 -11.57 20.60 43.02
CA GLU F 610 -13.01 20.62 42.77
C GLU F 610 -13.78 21.09 44.00
N ILE F 611 -13.16 21.07 45.17
CA ILE F 611 -13.78 21.65 46.35
C ILE F 611 -13.42 23.12 46.51
N LEU F 612 -12.17 23.49 46.22
CA LEU F 612 -11.78 24.89 46.35
C LEU F 612 -12.37 25.75 45.24
N GLY F 613 -12.65 25.16 44.08
CA GLY F 613 -13.24 25.92 43.00
C GLY F 613 -14.69 26.26 43.24
N ILE F 614 -15.43 25.37 43.90
CA ILE F 614 -16.80 25.72 44.27
C ILE F 614 -16.81 26.94 45.16
N LEU F 615 -15.76 27.14 45.94
CA LEU F 615 -15.66 28.33 46.77
C LEU F 615 -15.20 29.54 45.97
N LEU F 616 -14.27 29.35 45.06
CA LEU F 616 -13.67 30.48 44.35
C LEU F 616 -14.40 30.88 43.07
N THR F 617 -15.48 30.19 42.71
CA THR F 617 -16.21 30.61 41.51
C THR F 617 -16.93 31.94 41.68
N PRO F 618 -17.45 32.31 42.86
CA PRO F 618 -17.95 33.68 43.00
C PRO F 618 -16.90 34.74 42.76
N VAL F 619 -15.63 34.46 43.04
CA VAL F 619 -14.58 35.40 42.69
C VAL F 619 -14.57 35.66 41.18
N LEU F 620 -14.68 34.59 40.39
CA LEU F 620 -14.77 34.74 38.95
C LEU F 620 -16.03 35.51 38.56
N LEU F 621 -17.18 35.07 39.05
CA LEU F 621 -18.44 35.69 38.67
C LEU F 621 -18.55 37.14 39.12
N PHE F 622 -17.69 37.59 40.02
CA PHE F 622 -17.72 38.98 40.45
C PHE F 622 -16.64 39.84 39.82
N PHE F 623 -15.48 39.29 39.53
CA PHE F 623 -14.36 40.15 39.16
C PHE F 623 -13.79 39.87 37.77
N THR F 624 -13.68 38.62 37.34
CA THR F 624 -13.10 38.35 36.04
C THR F 624 -14.14 38.18 34.94
N PHE F 625 -15.33 37.69 35.27
CA PHE F 625 -16.32 37.46 34.22
C PHE F 625 -16.95 38.74 33.72
N PRO F 626 -17.39 39.68 34.56
CA PRO F 626 -17.98 40.91 34.01
C PRO F 626 -17.04 41.68 33.09
N SER F 627 -15.76 41.79 33.47
CA SER F 627 -14.81 42.47 32.62
C SER F 627 -14.67 41.81 31.25
N CYS F 628 -15.05 40.54 31.13
CA CYS F 628 -14.99 39.82 29.87
C CYS F 628 -16.36 39.67 29.22
N SER F 629 -17.35 40.44 29.67
CA SER F 629 -18.70 40.29 29.12
C SER F 629 -18.77 40.78 27.69
N GLN F 630 -18.27 41.99 27.44
CA GLN F 630 -18.31 42.57 26.11
C GLN F 630 -17.80 41.59 25.07
N ASP F 631 -16.55 41.13 25.24
CA ASP F 631 -15.95 40.16 24.33
C ASP F 631 -16.90 39.01 24.03
N ILE F 632 -17.52 38.45 25.08
CA ILE F 632 -18.40 37.31 24.90
C ILE F 632 -19.48 37.64 23.88
N VAL F 633 -20.15 38.78 24.07
CA VAL F 633 -21.17 39.20 23.12
C VAL F 633 -20.59 39.25 21.71
N ASP F 634 -19.44 39.92 21.56
CA ASP F 634 -18.83 40.02 20.26
C ASP F 634 -18.49 38.65 19.70
N PHE F 635 -18.06 37.73 20.58
CA PHE F 635 -17.74 36.39 20.10
C PHE F 635 -18.96 35.74 19.46
N PHE F 636 -20.14 35.98 20.00
CA PHE F 636 -21.32 35.35 19.43
C PHE F 636 -21.76 36.01 18.14
N ARG F 637 -21.26 37.20 17.84
CA ARG F 637 -21.58 37.89 16.60
C ARG F 637 -20.53 37.65 15.52
N GLU F 638 -19.25 37.77 15.87
CA GLU F 638 -18.19 37.54 14.90
C GLU F 638 -18.16 36.08 14.46
N HIS F 639 -18.10 35.16 15.42
CA HIS F 639 -17.74 33.77 15.14
C HIS F 639 -18.95 32.86 15.03
N THR F 640 -20.05 33.35 14.48
CA THR F 640 -21.23 32.55 14.20
C THR F 640 -21.40 32.44 12.70
N ILE F 641 -21.57 31.23 12.20
CA ILE F 641 -21.75 31.01 10.77
C ILE F 641 -23.01 30.17 10.56
N ASN F 642 -23.72 30.44 9.48
CA ASN F 642 -24.95 29.73 9.18
C ASN F 642 -24.65 28.57 8.26
N VAL F 643 -24.78 27.36 8.78
CA VAL F 643 -24.63 26.15 7.99
C VAL F 643 -26.02 25.72 7.54
N GLU F 644 -26.18 25.51 6.24
CA GLU F 644 -27.51 25.31 5.66
C GLU F 644 -28.09 23.97 6.09
N GLY F 645 -29.30 24.02 6.62
CA GLY F 645 -29.95 22.83 7.13
C GLY F 645 -29.76 22.59 8.61
N VAL F 646 -28.73 23.20 9.20
CA VAL F 646 -28.50 23.10 10.64
C VAL F 646 -28.96 24.39 11.29
N GLY F 647 -28.36 25.51 10.91
CA GLY F 647 -28.69 26.76 11.54
C GLY F 647 -27.44 27.57 11.83
N TYR F 648 -27.50 28.42 12.85
CA TYR F 648 -26.34 29.20 13.26
C TYR F 648 -25.50 28.37 14.21
N VAL F 649 -24.30 28.01 13.76
CA VAL F 649 -23.37 27.25 14.56
C VAL F 649 -22.15 28.12 14.83
N CYS F 650 -21.29 27.65 15.72
CA CYS F 650 -20.02 28.31 15.95
C CYS F 650 -19.18 28.24 14.69
N SER F 651 -18.45 29.30 14.40
CA SER F 651 -17.60 29.29 13.22
C SER F 651 -16.36 28.43 13.40
N TYR F 652 -16.03 28.04 14.62
CA TYR F 652 -14.89 27.16 14.83
C TYR F 652 -15.27 25.70 14.61
N ALA F 653 -16.53 25.37 14.83
CA ALA F 653 -16.98 23.99 14.62
C ALA F 653 -16.89 23.58 13.17
N VAL F 654 -16.95 24.53 12.24
CA VAL F 654 -16.93 24.21 10.82
C VAL F 654 -15.52 24.11 10.26
N PHE F 655 -14.52 24.63 10.97
CA PHE F 655 -13.13 24.44 10.55
C PHE F 655 -12.61 23.08 11.02
N GLN F 656 -12.57 22.86 12.33
CA GLN F 656 -12.08 21.61 12.89
C GLN F 656 -13.04 21.06 13.95
C1 LMN G . 36.34 -1.53 -30.02
O1 LMN G . 37.32 -1.69 -30.87
C2 LMN G . 35.16 -2.47 -30.33
O2 LMN G . 35.63 -3.81 -30.36
C3 LMN G . 34.11 -2.35 -29.28
O3 LMN G . 32.99 -3.23 -29.63
C4 LMN G . 33.61 -0.97 -29.12
O4 LMN G . 32.83 -0.91 -27.84
C5 LMN G . 34.67 0.06 -29.05
O5 LMN G . 35.74 -0.10 -30.08
C6 LMN G . 34.06 1.45 -29.22
O6 LMN G . 32.93 1.38 -30.05
CAA LMN G . 43.96 3.58 -40.00
CAB LMN G . 45.31 4.82 -34.90
OAI LMN G . 28.29 2.64 -27.54
OAJ LMN G . 31.95 1.66 -24.52
OAL LMN G . 39.13 -4.09 -23.71
OAN LMN G . 37.90 0.66 -25.26
OAP LMN G . 39.88 -0.36 -26.40
OAQ LMN G . 27.38 -0.47 -27.78
OAR LMN G . 31.75 -0.26 -22.51
OAS LMN G . 28.55 -2.96 -28.03
OAT LMN G . 31.65 -2.80 -24.08
OAU LMN G . 31.36 -2.57 -26.49
OAV LMN G . 35.02 -2.99 -23.40
CAW LMN G . 43.18 2.34 -39.51
CAX LMN G . 44.06 4.79 -33.99
CAY LMN G . 42.22 2.76 -38.37
CAZ LMN G . 44.52 4.74 -32.51
CBA LMN G . 42.41 1.82 -37.15
CBB LMN G . 44.11 3.39 -31.88
CBC LMN G . 41.90 2.55 -35.87
CBD LMN G . 45.11 3.10 -30.72
CBE LMN G . 42.23 1.69 -34.62
CBF LMN G . 45.08 1.57 -30.37
CBG LMN G . 41.86 0.20 -34.89
CBH LMN G . 43.62 1.07 -30.43
CBI LMN G . 41.93 -0.59 -33.54
CBJ LMN G . 43.61 -0.47 -30.22
CBK LMN G . 40.54 -0.53 -32.82
CBL LMN G . 42.22 -0.90 -29.63
CBM LMN G . 29.22 1.84 -28.23
CBN LMN G . 33.36 1.53 -24.52
CBP LMN G . 38.36 -2.90 -23.84
CBQ LMN G . 40.36 -1.80 -31.92
CBR LMN G . 40.77 -0.32 -29.87
CBS LMN G . 38.36 -0.71 -30.73
CBT LMN G . 39.68 -2.69 -29.58
OBV LMN G . 39.93 -2.37 -28.20
OBX LMN G . 38.93 -2.99 -26.20
OBY LMN G . 30.99 0.43 -27.34
OBZ LMN G . 34.96 -0.28 -24.36
OCB LMN G . 35.68 -1.93 -25.94
CCC LMN G . 29.52 0.62 -27.42
CCD LMN G . 33.76 0.31 -23.73
CCF LMN G . 37.81 -2.83 -25.24
CCH LMN G . 37.51 -0.42 -26.18
CCJ LMN G . 38.78 -2.21 -27.42
CCL LMN G . 38.67 -0.73 -27.06
CCM LMN G . 39.79 -1.39 -30.51
CCN LMN G . 28.79 -0.58 -28.03
CCO LMN G . 32.54 -0.63 -23.66
CCQ LMN G . 36.97 -1.54 -25.37
CCR LMN G . 31.48 -0.76 -28.09
CCS LMN G . 34.61 -1.44 -25.21
CCT LMN G . 29.29 -1.84 -27.44
CCU LMN G . 32.83 -2.08 -23.58
CCV LMN G . 30.75 -2.05 -27.69
CCW LMN G . 34.02 -2.54 -24.34
C1 LMN H . 33.97 2.09 -33.94
O1 LMN H . 34.34 0.84 -34.09
C2 LMN H . 32.47 2.17 -33.57
O2 LMN H . 32.32 1.70 -32.23
C3 LMN H . 31.88 3.55 -33.65
O3 LMN H . 30.42 3.38 -33.66
C4 LMN H . 32.28 4.36 -34.82
O4 LMN H . 31.98 5.80 -34.55
C5 LMN H . 33.73 4.26 -35.13
O5 LMN H . 34.15 2.85 -35.27
C6 LMN H . 34.06 4.98 -36.42
O6 LMN H . 35.41 4.77 -36.74
CAA LMN H . 40.77 2.40 -43.97
CAB LMN H . 45.35 -6.15 -35.84
OAI LMN H . 28.03 6.61 -38.22
OAJ LMN H . 28.79 -6.36 -29.90
OAL LMN H . 30.65 0.12 -35.74
OAN LMN H . 30.74 -4.58 -31.93
OAP LMN H . 32.49 -4.44 -34.00
OAQ LMN H . 27.35 8.34 -35.99
OAR LMN H . 25.18 -5.89 -31.87
OAS LMN H . 27.55 7.17 -33.46
OAT LMN H . 24.59 -3.53 -33.23
OAU LMN H . 30.59 7.10 -32.82
OAV LMN H . 27.27 -2.54 -34.44
CAW LMN H . 39.50 2.45 -43.09
CAX LMN H . 44.09 -5.39 -35.40
CAY LMN H . 39.74 3.43 -41.91
CAZ LMN H . 43.13 -5.24 -36.62
CBA LMN H . 38.67 3.22 -40.80
CBB LMN H . 41.85 -4.46 -36.18
CBC LMN H . 37.93 1.86 -40.98
CBD LMN H . 41.05 -5.31 -35.15
CBE LMN H . 36.51 1.96 -40.33
CBF LMN H . 39.53 -5.02 -35.35
CBG LMN H . 36.64 2.59 -38.91
CBH LMN H . 39.03 -4.00 -34.30
CBI LMN H . 37.01 1.46 -37.88
CBJ LMN H . 38.55 -2.71 -35.05
CBK LMN H . 35.84 0.42 -37.82
CBL LMN H . 37.42 -2.01 -34.20
CBM LMN H . 29.39 6.67 -37.85
CBN LMN H . 27.80 -5.38 -30.14
CBP LMN H . 30.02 -0.93 -35.06
CBQ LMN H . 36.28 -0.80 -36.93
CBR LMN H . 36.60 -0.67 -34.38
CBS LMN H . 34.55 0.47 -35.46
CBT LMN H . 34.66 -2.12 -35.38
OBV LMN H . 34.44 -2.42 -33.98
OBX LMN H . 32.25 -1.70 -34.55
OBY LMN H . 30.86 7.26 -36.01
OBZ LMN H . 28.53 -4.45 -32.25
OCB LMN H . 29.14 -2.12 -32.51
CCC LMN H . 29.55 7.56 -36.65
CCD LMN H . 27.52 -5.32 -31.61
CCF LMN H . 30.92 -1.42 -33.97
CCH LMN H . 31.26 -3.27 -32.34
CCJ LMN H . 33.15 -2.19 -33.49
CCL LMN H . 32.60 -3.48 -32.93
CCM LMN H . 35.53 -0.78 -35.53
CCN LMN H . 28.36 7.35 -35.71
CCO LMN H . 26.09 -4.79 -31.81
CCQ LMN H . 30.29 -2.64 -33.26
CCR LMN H . 30.74 6.14 -35.04
CCS LMN H . 28.11 -3.02 -32.21
CCT LMN H . 28.73 7.45 -34.28
CCU LMN H . 25.97 -3.98 -33.07
CCV LMN H . 29.81 6.51 -33.88
CCW LMN H . 26.87 -2.80 -33.08
C1 LMN I . -26.57 -18.51 -33.96
O1 LMN I . -27.41 -18.96 -34.87
C2 LMN I . -26.82 -17.02 -33.63
O2 LMN I . -28.18 -16.87 -33.25
C3 LMN I . -25.93 -16.58 -32.52
O3 LMN I . -26.19 -15.16 -32.26
C4 LMN I . -24.50 -16.78 -32.80
O4 LMN I . -23.75 -16.63 -31.52
C5 LMN I . -24.17 -18.13 -33.37
O5 LMN I . -25.10 -18.56 -34.44
C6 LMN I . -22.75 -18.11 -33.93
O6 LMN I . -22.45 -16.83 -34.41
CAA LMN I . -28.61 -23.31 -46.47
CAB LMN I . -27.04 -26.81 -42.65
OAI LMN I . -18.44 -14.38 -31.69
OAJ LMN I . -20.38 -18.16 -29.35
OAL LMN I . -28.58 -22.13 -27.88
OAN LMN I . -24.41 -22.45 -30.86
OAP LMN I . -26.54 -23.29 -31.89
OAQ LMN I . -20.61 -12.28 -30.50
OAR LMN I . -21.39 -17.94 -26.76
OAS LMN I . -23.34 -12.15 -30.01
OAT LMN I . -23.82 -16.26 -27.16
OAU LMN I . -24.05 -15.22 -29.36
OAV LMN I . -25.51 -19.24 -27.18
CAW LMN I . -29.12 -22.32 -45.40
CAX LMN I . -26.22 -26.09 -41.57
CAY LMN I . -28.01 -22.11 -44.34
CAZ LMN I . -26.13 -26.99 -40.32
CBA LMN I . -28.59 -22.33 -42.92
CBB LMN I . -26.89 -26.34 -39.14
CBC LMN I . -27.42 -22.68 -41.95
CBD LMN I . -27.36 -27.47 -38.19
CBE LMN I . -28.01 -23.07 -40.55
CBF LMN I . -28.52 -26.96 -37.28
CBG LMN I . -29.11 -22.06 -40.14
CBH LMN I . -28.21 -25.51 -36.84
CBI LMN I . -29.48 -22.27 -38.64
CBJ LMN I . -29.43 -24.96 -36.04
CBK LMN I . -28.54 -21.41 -37.74
CBL LMN I . -28.94 -23.83 -35.07
CBM LMN I . -19.74 -14.59 -32.20
CBN LMN I . -21.21 -19.28 -29.59
CBP LMN I . -27.25 -21.92 -28.30
CBQ LMN I . -29.29 -21.07 -36.41
CBR LMN I . -27.78 -22.77 -35.22
CBS LMN I . -27.09 -20.28 -35.32
CBT LMN I . -29.12 -21.00 -33.81
OBV LMN I . -28.65 -21.84 -32.73
OBX LMN I . -28.18 -21.51 -30.50
OBY LMN I . -21.59 -15.81 -31.22
OBZ LMN I . -23.48 -19.95 -29.07
OCB LMN I . -25.58 -19.30 -30.02
CCC LMN I . -20.70 -14.64 -31.06
CCD LMN I . -22.23 -19.41 -28.49
CCF LMN I . -27.24 -20.98 -29.47
CCH LMN I . -25.33 -21.36 -31.18
CCJ LMN I . -27.74 -21.24 -31.86
CCL LMN I . -26.39 -21.87 -32.10
CCM LMN I . -28.33 -21.28 -35.17
CCN LMN I . -21.47 -13.32 -30.99
CCO LMN I . -22.37 -18.03 -27.82
CCQ LMN I . -25.78 -20.75 -29.91
CCR LMN I . -23.00 -15.47 -31.53
CCS LMN I . -24.46 -18.87 -29.32
CCT LMN I . -22.64 -13.44 -30.08
CCU LMN I . -23.70 -17.72 -27.23
CCV LMN I . -23.60 -14.48 -30.51
CCW LMN I . -24.87 -18.24 -27.99
C1 LMN J . -23.31 -16.57 -38.40
O1 LMN J . -24.57 -16.31 -38.12
C2 LMN J . -22.39 -15.48 -37.79
O2 LMN J . -22.39 -15.65 -36.37
C3 LMN J . -20.97 -15.52 -38.27
O3 LMN J . -20.38 -14.22 -37.93
C4 LMN J . -20.79 -15.75 -39.72
O4 LMN J . -19.38 -16.19 -39.98
C5 LMN J . -21.68 -16.81 -40.25
O5 LMN J . -23.10 -16.54 -39.93
C6 LMN J . -21.56 -16.90 -41.77
O6 LMN J . -22.50 -17.83 -42.25
CAA LMN J . -28.93 -18.70 -48.93
CAB LMN J . -36.37 -22.04 -39.27
OAI LMN J . -17.58 -11.86 -42.77
OAJ LMN J . -26.71 -10.28 -30.42
OAL LMN J . -23.70 -12.33 -38.58
OAN LMN J . -26.71 -11.88 -33.34
OAP LMN J . -27.98 -12.66 -35.63
OAQ LMN J . -15.27 -12.82 -41.31
OAR LMN J . -24.96 -6.72 -31.63
OAS LMN J . -15.75 -13.43 -38.62
OAT LMN J . -23.03 -6.70 -33.66
OAU LMN J . -17.18 -16.17 -38.63
OAV LMN J . -23.87 -8.90 -35.67
CAW LMN J . -28.02 -17.98 -47.91
CAX LMN J . -34.99 -21.45 -38.90
CAY LMN J . -27.05 -19.01 -47.28
CAZ LMN J . -34.68 -20.26 -39.85
CBA LMN J . -26.41 -18.44 -45.96
CBB LMN J . -33.28 -19.68 -39.50
CBC LMN J . -27.20 -17.20 -45.45
CBD LMN J . -33.32 -19.03 -38.08
CBE LMN J . -26.25 -16.30 -44.61
CBF LMN J . -32.37 -17.80 -38.06
CBG LMN J . -25.45 -17.18 -43.60
CBH LMN J . -31.00 -18.19 -37.41
CBI LMN J . -26.33 -17.40 -42.33
CBJ LMN J . -29.87 -18.04 -38.48
CBK LMN J . -26.57 -16.03 -41.63
CBL LMN J . -28.53 -17.69 -37.75
CBM LMN J . -18.13 -13.16 -42.75
CBN LMN J . -25.46 -9.76 -30.82
CBP LMN J . -24.08 -11.62 -37.42
CBQ LMN J . -27.60 -16.23 -40.44
CBR LMN J . -27.05 -17.48 -38.27
CBS LMN J . -25.32 -15.83 -39.26
CBT LMN J . -27.49 -14.91 -38.20
OBV LMN J . -27.30 -15.11 -36.78
OBX LMN J . -25.74 -13.37 -37.12
OBY LMN J . -17.96 -15.30 -41.62
OBZ LMN J . -25.55 -9.98 -33.23
OCB LMN J . -24.01 -11.34 -34.49
CCC LMN J . -17.20 -14.10 -42.05
CCD LMN J . -25.61 -9.01 -32.11
CCF LMN J . -24.68 -12.58 -36.43
CCH LMN J . -25.98 -12.70 -34.33
CCJ LMN J . -26.33 -14.30 -36.18
CCL LMN J . -26.99 -13.53 -35.05
CCM LMN J . -26.87 -16.12 -39.05
CCN LMN J . -16.54 -13.37 -40.88
CCO LMN J . -24.50 -7.96 -32.21
CCQ LMN J . -25.19 -11.82 -35.20
CCR LMN J . -18.59 -15.10 -40.30
CCS LMN J . -24.16 -10.23 -33.65
CCT LMN J . -16.30 -14.24 -39.70
CCU LMN J . -24.08 -7.73 -33.62
CCV LMN J . -17.54 -14.90 -39.19
CCW LMN J . -23.55 -8.96 -34.27
C1 LMN K . -10.12 42.27 -17.16
O1 LMN K . -10.31 43.48 -17.63
C2 LMN K . -8.67 41.79 -17.40
O2 LMN K . -7.78 42.75 -16.81
C3 LMN K . -8.46 40.47 -16.74
O3 LMN K . -7.07 40.04 -17.01
C4 LMN K . -9.38 39.42 -17.22
O4 LMN K . -9.30 38.27 -16.29
C5 LMN K . -10.81 39.87 -17.28
O5 LMN K . -11.00 41.22 -17.88
C6 LMN K . -11.63 38.86 -18.09
O6 LMN K . -10.82 38.29 -19.10
CAA LMN K . -16.22 50.39 -26.14
CAB LMN K . -18.99 49.02 -21.68
OAI LMN K . -10.05 32.96 -18.43
OAJ LMN K . -11.70 35.21 -14.47
OAL LMN K . -10.69 43.15 -9.88
OAN LMN K . -13.72 40.82 -13.32
OAP LMN K . -13.63 43.32 -13.48
OAQ LMN K . -6.93 33.55 -17.72
OAR LMN K . -10.39 35.03 -12.01
OAS LMN K . -5.38 35.64 -16.75
OAT LMN K . -7.90 36.59 -12.51
OAU LMN K . -7.45 37.20 -14.83
OAV LMN K . -9.58 39.18 -11.01
CAW LMN K . -14.88 50.06 -25.43
CAX LMN K . -18.51 47.65 -21.17
CAY LMN K . -14.99 48.64 -24.80
CAZ LMN K . -19.01 47.47 -19.71
CBA LMN K . -14.55 48.71 -23.31
CBB LMN K . -17.81 47.43 -18.73
CBC LMN K . -15.16 47.50 -22.55
CBD LMN K . -18.30 47.92 -17.35
CBE LMN K . -14.87 47.64 -21.04
CBF LMN K . -17.08 48.37 -16.49
CBG LMN K . -13.38 48.03 -20.83
CBH LMN K . -15.90 47.39 -16.71
CBI LMN K . -13.02 47.89 -19.30
CBJ LMN K . -14.65 47.93 -15.96
CBK LMN K . -12.52 46.42 -19.02
CBL LMN K . -13.70 46.72 -15.61
CBM LMN K . -9.70 34.33 -18.54
CBN LMN K . -12.29 36.42 -14.07
CBP LMN K . -11.26 42.09 -10.62
CBQ LMN K . -11.54 46.46 -17.80
CBR LMN K . -13.41 45.39 -16.40
CBS LMN K . -11.68 43.88 -17.60
CBT LMN K . -10.94 45.33 -15.53
OBV LMN K . -11.60 44.86 -14.35
OBX LMN K . -11.00 43.52 -12.56
OBY LMN K . -9.59 36.01 -16.79
OBZ LMN K . -11.63 38.42 -12.87
OCB LMN K . -10.29 40.29 -13.52
CCC LMN K . -9.00 34.75 -17.29
CCD LMN K . -11.63 36.94 -12.81
CCF LMN K . -10.77 42.15 -12.04
CCH LMN K . -12.42 41.29 -13.83
CCJ LMN K . -11.33 43.55 -13.99
CCL LMN K . -12.58 42.72 -14.23
CCM LMN K . -11.89 45.26 -16.82
CCN LMN K . -7.50 34.86 -17.57
CCO LMN K . -10.25 36.28 -12.72
CCQ LMN K . -11.38 40.98 -12.83
CCR LMN K . -8.70 37.18 -16.90
CCS LMN K . -10.30 38.92 -13.31
CCT LMN K . -6.81 35.57 -16.46
CCU LMN K . -9.20 37.08 -12.03
CCV LMN K . -7.33 36.95 -16.25
CCW LMN K . -9.25 38.54 -12.26
C1 LMN L . -11.15 40.37 -22.59
O1 LMN L . -10.26 41.24 -22.18
C2 LMN L . -10.53 38.95 -22.65
O2 LMN L . -10.33 38.49 -21.32
C3 LMN L . -11.38 37.94 -23.37
O3 LMN L . -10.49 36.81 -23.69
C4 LMN L . -12.02 38.40 -24.63
O4 LMN L . -13.13 37.46 -24.98
C5 LMN L . -12.60 39.76 -24.51
O5 LMN L . -11.60 40.73 -24.02
C6 LMN L . -13.12 40.24 -25.86
O6 LMN L . -13.55 41.58 -25.74
CAA LMN L . -12.80 49.79 -30.04
CAB LMN L . -9.62 53.86 -18.50
OAI LMN L . -11.06 35.29 -29.53
OAJ LMN L . -2.28 37.94 -17.12
OAL LMN L . -7.45 39.13 -24.30
OAN LMN L . -4.34 39.62 -19.13
OAP LMN L . -4.92 41.82 -20.61
OAQ LMN L . -12.61 33.17 -28.34
OAR LMN L . -0.43 35.53 -19.94
OAS LMN L . -12.25 32.82 -25.59
OAT LMN L . -1.84 34.62 -22.17
OAU LMN L . -13.86 35.10 -24.25
OAV LMN L . -3.77 36.90 -22.97
CAW LMN L . -12.38 48.37 -29.59
CAX LMN L . -9.71 52.33 -18.69
CAY LMN L . -13.57 47.71 -28.84
CAZ LMN L . -9.10 51.96 -20.06
CBA LMN L . -13.08 46.48 -28.01
CBB LMN L . -9.20 50.42 -20.28
CBC LMN L . -11.54 46.48 -27.86
CBD LMN L . -8.30 49.69 -19.24
CBE LMN L . -11.03 45.02 -27.66
CBF LMN L . -7.71 48.41 -19.90
CBG LMN L . -11.91 44.32 -26.58
CBH LMN L . -8.54 47.16 -19.45
CBI LMN L . -11.36 44.69 -25.16
CBJ LMN L . -9.23 46.54 -20.71
CBK LMN L . -9.90 44.11 -25.00
CBL LMN L . -9.41 44.99 -20.48
CBM LMN L . -11.87 36.26 -28.90
CBN LMN L . -2.53 36.82 -17.93
CBP LMN L . -6.39 38.76 -23.44
CBQ LMN L . -9.30 44.62 -23.65
CBR LMN L . -10.08 43.84 -21.33
CBS LMN L . -9.78 42.10 -23.22
CBT LMN L . -7.68 43.21 -22.17
OBV LMN L . -7.60 42.61 -20.86
OBX LMN L . -6.98 40.73 -22.16
OBY LMN L . -13.48 36.52 -27.10
OBZ LMN L . -3.26 37.86 -20.00
OCB LMN L . -5.47 37.52 -20.94
CCC LMN L . -12.94 35.56 -28.11
CCD LMN L . -2.16 37.13 -19.36
CCF LMN L . -6.66 39.28 -22.06
CCH LMN L . -5.61 39.67 -19.85
CCJ LMN L . -7.24 41.25 -20.82
CCL LMN L . -5.99 41.11 -19.97
CCM LMN L . -9.21 43.45 -22.59
CCN LMN L . -12.36 34.30 -27.47
CCO LMN L . -1.83 35.82 -20.08
CCQ LMN L . -5.47 38.98 -21.14
CCR LMN L . -12.67 36.48 -25.85
CCS LMN L . -4.25 36.93 -20.58
CCT LMN L . -12.93 34.00 -26.13
CCU LMN L . -2.19 35.88 -21.53
CCV LMN L . -12.75 35.11 -25.17
CCW LMN L . -3.64 36.15 -21.76
C1 LMN M . -10.59 -42.26 17.58
O1 LMN M . -10.75 -43.48 18.04
C2 LMN M . -9.13 -41.78 17.76
O2 LMN M . -8.26 -42.72 17.14
C3 LMN M . -8.95 -40.45 17.12
O3 LMN M . -7.56 -40.02 17.33
C4 LMN M . -9.86 -39.42 17.64
O4 LMN M . -9.82 -38.24 16.71
C5 LMN M . -11.28 -39.87 17.74
O5 LMN M . -11.44 -41.22 18.34
C6 LMN M . -12.08 -38.87 18.60
O6 LMN M . -11.23 -38.30 19.57
CAA LMN M . -16.34 -50.48 26.69
CAB LMN M . -19.27 -49.09 22.34
OAI LMN M . -10.51 -32.96 18.92
OAJ LMN M . -12.29 -35.18 15.00
OAL LMN M . -11.40 -43.09 10.30
OAN LMN M . -14.32 -40.80 13.87
OAP LMN M . -14.22 -43.29 14.01
OAQ LMN M . -7.42 -33.54 18.09
OAR LMN M . -11.06 -34.99 12.49
OAS LMN M . -5.90 -35.61 17.05
OAT LMN M . -8.56 -36.54 12.89
OAU LMN M . -8.03 -37.16 15.20
OAV LMN M . -10.27 -39.12 11.44
CAW LMN M . -15.03 -50.14 25.94
CAX LMN M . -18.81 -47.71 21.82
CAY LMN M . -15.16 -48.72 25.33
CAZ LMN M . -19.36 -47.53 20.39
CBA LMN M . -14.76 -48.78 23.83
CBB LMN M . -18.19 -47.47 19.37
CBC LMN M . -15.42 -47.56 23.10
CBD LMN M . -18.73 -47.96 18.00
CBE LMN M . -15.17 -47.68 21.57
CBF LMN M . -17.54 -48.40 17.10
CBG LMN M . -13.69 -48.07 21.30
CBH LMN M . -16.35 -47.40 17.28
CBI LMN M . -13.38 -47.91 19.77
CBJ LMN M . -15.13 -47.94 16.48
CBK LMN M . -12.90 -46.45 19.49
CBL LMN M . -14.20 -46.73 16.11
CBM LMN M . -10.16 -34.32 19.00
CBN LMN M . -12.89 -36.41 14.61
CBP LMN M . -11.95 -42.04 11.07
CBQ LMN M . -11.97 -46.46 18.22
CBR LMN M . -13.89 -45.39 16.90
CBS LMN M . -12.12 -43.90 18.05
CBT LMN M . -11.44 -45.31 15.95
OBV LMN M . -12.15 -44.84 14.79
OBX LMN M . -11.62 -43.48 13.00
OBY LMN M . -10.10 -36.00 17.23
OBZ LMN M . -12.25 -38.38 13.37
OCB LMN M . -10.90 -40.26 13.96
CCC LMN M . -9.49 -34.74 17.72
CCD LMN M . -12.28 -36.91 13.33
CCF LMN M . -11.41 -42.10 12.47
CCH LMN M . -13.01 -41.27 14.33
CCJ LMN M . -11.89 -43.52 14.43
CCL LMN M . -13.13 -42.71 14.73
CCM LMN M . -12.35 -45.26 17.27
CCN LMN M . -7.98 -34.86 17.95
CCO LMN M . -10.90 -36.24 13.19
CCQ LMN M . -12.01 -40.95 13.31
CCR LMN M . -9.19 -37.17 17.31
CCS LMN M . -10.92 -38.89 13.75
CCT LMN M . -7.34 -35.54 16.82
CCU LMN M . -9.86 -37.03 12.46
CCV LMN M . -7.85 -36.92 16.61
CCW LMN M . -9.91 -38.50 12.67
C1 LMN N . -11.44 -40.41 23.05
O1 LMN N . -10.56 -41.27 22.60
C2 LMN N . -10.83 -38.99 23.11
O2 LMN N . -10.67 -38.53 21.77
C3 LMN N . -11.65 -37.99 23.85
O3 LMN N . -10.76 -36.85 24.15
C4 LMN N . -12.23 -38.46 25.13
O4 LMN N . -13.34 -37.53 25.53
C5 LMN N . -12.82 -39.82 25.02
O5 LMN N . -11.84 -40.79 24.49
C6 LMN N . -13.28 -40.32 26.39
O6 LMN N . -13.71 -41.65 26.27
CAA LMN N . -12.79 -49.89 30.48
CAB LMN N . -9.99 -53.87 18.80
OAI LMN N . -11.13 -35.39 30.03
OAJ LMN N . -2.77 -37.89 17.29
OAL LMN N . -7.68 -39.17 24.64
OAN LMN N . -4.75 -39.60 19.36
OAP LMN N . -5.28 -41.82 20.85
OAQ LMN N . -12.73 -33.26 28.91
OAR LMN N . -0.84 -35.50 20.08
OAS LMN N . -12.46 -32.89 26.15
OAT LMN N . -2.17 -34.61 22.36
OAU LMN N . -14.10 -35.18 24.85
OAV LMN N . -4.07 -36.92 23.20
CAW LMN N . -12.39 -48.47 30.02
CAX LMN N . -10.08 -52.34 19.01
CAY LMN N . -13.59 -47.81 29.31
CAZ LMN N . -9.42 -51.96 20.37
CBA LMN N . -13.14 -46.57 28.49
CBB LMN N . -9.52 -50.44 20.59
CBC LMN N . -11.60 -46.57 28.28
CBD LMN N . -8.66 -49.69 19.53
CBE LMN N . -11.11 -45.10 28.08
CBF LMN N . -8.06 -48.41 20.18
CBG LMN N . -12.03 -44.39 27.03
CBH LMN N . -8.92 -47.17 19.77
CBI LMN N . -11.53 -44.75 25.59
CBJ LMN N . -9.55 -46.55 21.06
CBK LMN N . -10.09 -44.16 25.39
CBL LMN N . -9.75 -45.01 20.84
CBM LMN N . -11.95 -36.34 29.41
CBN LMN N . -3.00 -36.78 18.13
CBP LMN N . -6.66 -38.79 23.76
CBQ LMN N . -9.52 -44.66 24.01
CBR LMN N . -10.40 -43.87 21.73
CBS LMN N . -10.03 -42.14 23.62
CBT LMN N . -7.97 -43.23 22.49
OBV LMN N . -7.93 -42.62 21.18
OBX LMN N . -7.28 -40.75 22.48
OBY LMN N . -13.62 -36.60 27.68
OBZ LMN N . -3.66 -37.85 20.22
OCB LMN N . -5.83 -37.53 21.23
CCC LMN N . -13.05 -35.65 28.67
CCD LMN N . -2.57 -37.10 19.53
CCF LMN N . -6.98 -39.30 22.39
CCH LMN N . -6.00 -39.67 20.13
CCJ LMN N . -7.59 -41.26 21.15
CCL LMN N . -6.37 -41.11 20.26
CCM LMN N . -9.48 -43.48 22.96
CCN LMN N . -12.50 -34.38 28.03
CCO LMN N . -2.23 -35.80 20.26
CCQ LMN N . -5.82 -38.98 21.42
CCR LMN N . -12.87 -36.57 26.40
CCS LMN N . -4.63 -36.92 20.83
CCT LMN N . -13.12 -34.08 26.71
CCU LMN N . -2.54 -35.88 21.71
CCV LMN N . -12.97 -35.18 25.73
CCW LMN N . -3.97 -36.15 21.99
C1 LMN O . 36.68 1.13 28.91
O1 LMN O . 37.69 1.33 29.74
C2 LMN O . 35.48 2.05 29.27
O2 LMN O . 35.92 3.40 29.28
C3 LMN O . 34.41 1.89 28.25
O3 LMN O . 33.28 2.75 28.65
C4 LMN O . 33.93 0.50 28.11
O4 LMN O . 33.11 0.42 26.86
C5 LMN O . 35.02 -0.51 28.01
O5 LMN O . 36.13 -0.30 28.99
C6 LMN O . 34.46 -1.91 28.20
O6 LMN O . 33.35 -1.86 29.07
CAA LMN O . 44.80 -3.74 38.61
CAB LMN O . 46.00 -4.95 33.46
OAI LMN O . 28.67 -3.27 26.73
OAJ LMN O . 32.20 -2.19 23.58
OAL LMN O . 39.17 3.75 22.50
OAN LMN O . 38.13 -1.01 24.11
OAP LMN O . 40.12 0.07 25.17
OAQ LMN O . 27.68 -0.18 26.99
OAR LMN O . 31.86 -0.26 21.58
OAS LMN O . 28.79 2.35 27.20
OAT LMN O . 31.75 2.27 23.15
OAU LMN O . 31.54 2.02 25.57
OAV LMN O . 35.07 2.55 22.35
CAW LMN O . 43.97 -2.53 38.15
CAX LMN O . 44.72 -4.95 32.61
CAY LMN O . 42.98 -2.98 37.04
CAZ LMN O . 45.13 -4.90 31.11
CBA LMN O . 43.10 -2.04 35.83
CBB LMN O . 44.65 -3.56 30.49
CBC LMN O . 42.57 -2.78 34.56
CBD LMN O . 45.60 -3.24 29.29
CBE LMN O . 42.83 -1.91 33.29
CBF LMN O . 45.52 -1.73 28.95
CBG LMN O . 42.42 -0.43 33.58
CBH LMN O . 44.04 -1.26 29.05
CBI LMN O . 42.42 0.36 32.23
CBJ LMN O . 43.98 0.28 28.85
CBK LMN O . 41.01 0.26 31.56
CBL LMN O . 42.55 0.67 28.31
CBM LMN O . 29.61 -2.44 27.39
CBN LMN O . 33.59 -2.01 23.52
CBP LMN O . 38.44 2.56 22.66
CBQ LMN O . 40.77 1.52 30.68
CBR LMN O . 41.14 0.05 28.61
CBS LMN O . 38.76 0.38 29.55
CBT LMN O . 39.97 2.38 28.36
OBV LMN O . 40.17 2.08 26.97
OBX LMN O . 39.09 2.66 25.00
OBY LMN O . 31.30 -0.98 26.44
OBZ LMN O . 35.14 -0.15 23.30
OCB LMN O . 35.86 1.50 24.86
CCC LMN O . 29.83 -1.21 26.56
CCD LMN O . 33.93 -0.78 22.72
CCF LMN O . 37.94 2.46 24.08
CCH LMN O . 37.75 0.06 25.03
CCJ LMN O . 39.01 1.87 26.22
CCL LMN O . 38.93 0.41 25.87
CCM LMN O . 40.16 1.10 29.28
CCN LMN O . 29.09 -0.03 27.20
CCO LMN O . 32.68 0.12 22.70
CCQ LMN O . 37.14 1.15 24.25
CCR LMN O . 31.77 0.22 27.16
CCS LMN O . 34.78 0.99 24.17
CCT LMN O . 29.54 1.25 26.60
CCU LMN O . 32.92 1.58 22.60
CCV LMN O . 30.99 1.49 26.79
CCW LMN O . 34.13 2.08 23.32
C1 LMN P . 34.56 -2.55 32.92
O1 LMN P . 34.90 -1.29 33.05
C2 LMN P . 33.05 -2.67 32.60
O2 LMN P . 32.83 -2.20 31.28
C3 LMN P . 32.51 -4.07 32.70
O3 LMN P . 31.04 -3.94 32.77
C4 LMN P . 32.97 -4.86 33.86
O4 LMN P . 32.70 -6.31 33.60
C5 LMN P . 34.42 -4.71 34.11
O5 LMN P . 34.82 -3.30 34.25
C6 LMN P . 34.81 -5.44 35.40
O6 LMN P . 36.17 -5.18 35.67
CAA LMN P . 41.72 -2.64 42.70
CAB LMN P . 45.76 6.01 34.41
OAI LMN P . 28.90 -7.24 37.40
OAJ LMN P . 29.01 5.75 29.06
OAL LMN P . 31.25 -0.67 34.84
OAN LMN P . 31.07 4.03 31.02
OAP LMN P . 32.91 3.94 33.04
OAQ LMN P . 28.20 -8.98 35.21
OAR LMN P . 25.49 5.19 31.16
OAS LMN P . 28.27 -7.80 32.68
OAT LMN P . 25.01 2.81 32.54
OAU LMN P . 31.27 -7.65 31.93
OAV LMN P . 27.75 1.90 33.66
CAW LMN P . 40.43 -2.74 41.86
CAX LMN P . 44.50 5.22 34.02
CAY LMN P . 40.65 -3.71 40.68
CAZ LMN P . 43.60 5.05 35.26
CBA LMN P . 39.54 -3.53 39.60
CBB LMN P . 42.33 4.23 34.87
CBC LMN P . 38.76 -2.19 39.80
CBD LMN P . 41.47 5.05 33.87
CBE LMN P . 37.33 -2.33 39.21
CBF LMN P . 39.97 4.73 34.14
CBG LMN P . 37.43 -2.96 37.79
CBH LMN P . 39.46 3.68 33.10
CBI LMN P . 37.72 -1.83 36.75
CBJ LMN P . 39.04 2.38 33.86
CBK LMN P . 36.52 -0.81 36.73
CBL LMN P . 37.90 1.65 33.05
CBM LMN P . 30.26 -7.24 36.99
CBN LMN P . 28.05 4.75 29.34
CBP LMN P . 30.57 0.37 34.18
CBQ LMN P . 36.90 0.41 35.83
CBR LMN P . 37.13 0.29 33.26
CBS LMN P . 35.14 -0.91 34.42
CBT LMN P . 35.18 1.68 34.33
OBV LMN P . 34.91 1.98 32.95
OBX LMN P . 32.76 1.19 33.59
OBY LMN P . 31.67 -7.79 35.10
OBZ LMN P . 28.88 3.83 31.43
OCB LMN P . 29.56 1.53 31.67
CCC LMN P . 30.40 -8.13 35.78
CCD LMN P . 27.82 4.67 30.82
CCF LMN P . 31.42 0.87 33.06
CCH LMN P . 31.64 2.73 31.42
CCJ LMN P . 33.60 1.70 32.51
CCL LMN P . 33.00 2.99 31.97
CCM LMN P . 36.10 0.38 34.46
CCN LMN P . 29.17 -7.96 34.89
CCO LMN P . 26.42 4.10 31.08
CCQ LMN P . 30.73 2.07 32.37
CCR LMN P . 31.48 -6.69 34.14
CCS LMN P . 28.50 2.40 31.40
CCT LMN P . 29.50 -8.06 33.45
CCU LMN P . 26.37 3.30 32.34
CCV LMN P . 30.53 -7.08 33.01
CCW LMN P . 27.30 2.14 32.32
C1 LMN Q . -25.54 18.81 34.84
O1 LMN Q . -26.37 19.25 35.76
C2 LMN Q . -25.82 17.33 34.51
O2 LMN Q . -27.19 17.19 34.12
C3 LMN Q . -24.94 16.88 33.39
O3 LMN Q . -25.23 15.46 33.12
C4 LMN Q . -23.50 17.05 33.66
O4 LMN Q . -22.76 16.89 32.38
C5 LMN Q . -23.15 18.38 34.25
O5 LMN Q . -24.07 18.83 35.32
C6 LMN Q . -21.73 18.33 34.80
O6 LMN Q . -21.44 17.05 35.27
CAA LMN Q . -27.47 23.54 47.40
CAB LMN Q . -25.85 27.05 43.59
OAI LMN Q . -17.49 14.55 32.52
OAJ LMN Q . -19.36 18.38 30.22
OAL LMN Q . -27.51 22.51 28.79
OAN LMN Q . -23.31 22.73 31.76
OAP LMN Q . -25.42 23.59 32.81
OAQ LMN Q . -19.69 12.48 31.33
OAR LMN Q . -20.38 18.20 27.63
OAS LMN Q . -22.43 12.42 30.84
OAT LMN Q . -22.84 16.55 28.03
OAU LMN Q . -23.09 15.50 30.22
OAV LMN Q . -24.49 19.56 28.06
CAW LMN Q . -28.00 22.58 46.31
CAX LMN Q . -25.03 26.31 42.51
CAY LMN Q . -26.89 22.35 45.25
CAZ LMN Q . -24.94 27.23 41.27
CBA LMN Q . -27.48 22.59 43.83
CBB LMN Q . -25.71 26.60 40.07
CBC LMN Q . -26.31 22.93 42.87
CBD LMN Q . -26.17 27.74 39.14
CBE LMN Q . -26.89 23.34 41.47
CBF LMN Q . -27.34 27.26 38.24
CBG LMN Q . -28.00 22.34 41.06
CBH LMN Q . -27.05 25.81 37.77
CBI LMN Q . -28.38 22.59 39.55
CBJ LMN Q . -28.29 25.28 36.98
CBK LMN Q . -27.45 21.71 38.64
CBL LMN Q . -27.82 24.15 36.00
CBM LMN Q . -18.78 14.77 33.04
CBN LMN Q . -20.18 19.51 30.46
CBP LMN Q . -26.18 22.26 29.20
CBQ LMN Q . -28.22 21.39 37.30
CBR LMN Q . -26.68 23.07 36.13
CBS LMN Q . -26.03 20.57 36.22
CBT LMN Q . -28.04 21.33 34.72
OBV LMN Q . -27.56 22.18 33.65
OBX LMN Q . -27.10 21.85 31.41
OBY LMN Q . -20.62 16.04 32.07
OBZ LMN Q . -22.44 20.22 29.97
OCB LMN Q . -24.55 19.60 30.90
CCC LMN Q . -19.75 14.84 31.90
CCD LMN Q . -21.20 19.67 29.37
CCF LMN Q . -26.18 21.31 30.37
CCH LMN Q . -24.26 21.64 32.08
CCJ LMN Q . -26.67 21.57 32.77
CCL LMN Q . -25.30 22.17 33.00
CCM LMN Q . -27.25 21.59 36.08
CCN LMN Q . -20.55 13.53 31.82
CCO LMN Q . -21.36 18.29 28.69
CCQ LMN Q . -24.72 21.06 30.80
CCR LMN Q . -22.03 15.72 32.37
CCS LMN Q . -23.44 19.15 30.20
CCT LMN Q . -21.71 13.69 30.91
CCU LMN Q . -22.69 18.00 28.10
CCV LMN Q . -22.65 14.74 31.36
CCW LMN Q . -23.86 18.55 28.86
C1 LMN R . -22.31 16.76 39.26
O1 LMN R . -23.57 16.53 38.99
C2 LMN R . -21.41 15.67 38.64
O2 LMN R . -21.41 15.85 37.23
C3 LMN R . -19.99 15.69 39.12
O3 LMN R . -19.41 14.38 38.76
C4 LMN R . -19.80 15.90 40.57
O4 LMN R . -18.39 16.30 40.82
C5 LMN R . -20.67 16.96 41.11
O5 LMN R . -22.10 16.72 40.79
C6 LMN R . -20.54 17.04 42.63
O6 LMN R . -21.47 17.98 43.13
CAA LMN R . -27.87 18.92 49.81
CAB LMN R . -35.26 22.46 40.19
OAI LMN R . -16.65 11.93 43.59
OAJ LMN R . -25.83 10.60 31.25
OAL LMN R . -22.76 12.53 39.41
OAN LMN R . -25.80 12.19 34.17
OAP LMN R . -27.05 12.96 36.47
OAQ LMN R . -14.33 12.86 42.12
OAR LMN R . -24.15 7.00 32.42
OAS LMN R . -14.80 13.50 39.44
OAT LMN R . -22.21 6.93 34.44
OAU LMN R . -16.19 16.27 39.48
OAV LMN R . -23.01 9.12 36.48
CAW LMN R . -26.98 18.19 48.78
CAX LMN R . -33.90 21.85 39.82
CAY LMN R . -25.98 19.20 48.16
CAZ LMN R . -33.60 20.65 40.76
CBA LMN R . -25.36 18.65 46.85
CBB LMN R . -32.21 20.04 40.41
CBC LMN R . -26.18 17.42 46.33
CBD LMN R . -32.27 19.41 38.98
CBE LMN R . -25.24 16.50 45.48
CBF LMN R . -31.34 18.17 38.95
CBG LMN R . -24.43 17.38 44.48
CBH LMN R . -29.97 18.54 38.30
CBI LMN R . -25.30 17.63 43.20
CBJ LMN R . -28.85 18.35 39.37
CBK LMN R . -25.58 16.26 42.49
CBL LMN R . -27.51 17.99 38.63
CBM LMN R . -17.20 13.24 43.57
CBN LMN R . -24.59 10.06 31.63
CBP LMN R . -23.17 11.84 38.25
CBQ LMN R . -26.59 16.48 41.31
CBR LMN R . -26.02 17.75 39.14
CBS LMN R . -24.32 16.05 40.12
CBT LMN R . -26.52 15.18 39.06
OBV LMN R . -26.32 15.39 37.65
OBX LMN R . -24.78 13.62 37.96
OBY LMN R . -16.97 15.38 42.45
OBZ LMN R . -24.67 10.25 34.05
OCB LMN R . -23.10 11.58 35.31
CCC LMN R . -16.24 14.16 42.87
CCD LMN R . -24.75 9.30 32.92
CCF LMN R . -23.75 12.82 37.27
CCH LMN R . -25.06 12.99 35.16
CCJ LMN R . -25.38 14.57 37.02
CCL LMN R . -26.05 13.82 35.90
CCM LMN R . -25.87 16.37 39.91
CCN LMN R . -15.59 13.43 41.70
CCO LMN R . -23.66 8.23 33.00
CCQ LMN R . -24.28 12.08 36.04
CCR LMN R . -17.61 15.20 41.14
CCS LMN R . -23.27 10.48 34.47
CCT LMN R . -15.33 14.32 40.53
CCU LMN R . -23.23 7.98 34.41
CCV LMN R . -16.56 15.00 40.03
CCW LMN R . -22.68 9.19 35.08
#